data_7PW8
#
_entry.id   7PW8
#
_cell.length_a   1.00
_cell.length_b   1.00
_cell.length_c   1.00
_cell.angle_alpha   90.00
_cell.angle_beta   90.00
_cell.angle_gamma   90.00
#
_symmetry.space_group_name_H-M   'P 1'
#
loop_
_entity.id
_entity.type
_entity.pdbx_description
1 polymer 'SMG1,Serine/threonine-protein kinase SMG1,SMG1,Serine/threonine-protein kinase SMG1,SMG1'
2 polymer 'Protein SMG8'
3 polymer 'Protein SMG9'
4 non-polymer 'INOSITOL HEXAKISPHOSPHATE'
5 non-polymer 'PHOSPHOAMINOPHOSPHONIC ACID-ADENYLATE ESTER'
6 non-polymer "ADENOSINE-5'-TRIPHOSPHATE"
7 non-polymer 'MAGNESIUM ION'
#
loop_
_entity_poly.entity_id
_entity_poly.type
_entity_poly.pdbx_seq_one_letter_code
_entity_poly.pdbx_strand_id
1 'polypeptide(L)'
;(UNK)(UNK)(UNK)(UNK)(UNK)(UNK)(UNK)(UNK)(UNK)(UNK)(UNK)(UNK)(UNK)(UNK)(UNK)(UNK)
(UNK)(UNK)(UNK)(UNK)(UNK)(UNK)(UNK)(UNK)(UNK)(UNK)(UNK)(UNK)(UNK)(UNK)(UNK)(UNK)
(UNK)(UNK)(UNK)(UNK)(UNK)(UNK)(UNK)(UNK)(UNK)(UNK)(UNK)(UNK)(UNK)(UNK)(UNK)(UNK)
(UNK)(UNK)(UNK)(UNK)(UNK)(UNK)(UNK)(UNK)(UNK)(UNK)(UNK)(UNK)(UNK)(UNK)(UNK)(UNK)
(UNK)(UNK)(UNK)(UNK)(UNK)(UNK)(UNK)(UNK)(UNK)(UNK)(UNK)(UNK)(UNK)(UNK)(UNK)(UNK)
(UNK)(UNK)(UNK)(UNK)(UNK)(UNK)(UNK)(UNK)(UNK)(UNK)(UNK)(UNK)(UNK)(UNK)(UNK)(UNK)
(UNK)(UNK)(UNK)(UNK)(UNK)(UNK)(UNK)(UNK)(UNK)(UNK)(UNK)(UNK)(UNK)(UNK)(UNK)(UNK)
(UNK)(UNK)(UNK)(UNK)(UNK)(UNK)(UNK)(UNK)(UNK)(UNK)(UNK)(UNK)(UNK)(UNK)(UNK)(UNK)
(UNK)(UNK)(UNK)(UNK)(UNK)(UNK)(UNK)(UNK)(UNK)(UNK)(UNK)(UNK)(UNK)(UNK)(UNK)(UNK)
(UNK)(UNK)(UNK)(UNK)(UNK)(UNK)(UNK)(UNK)(UNK)(UNK)(UNK)(UNK)(UNK)(UNK)(UNK)(UNK)
(UNK)(UNK)(UNK)(UNK)(UNK)(UNK)(UNK)(UNK)(UNK)(UNK)(UNK)(UNK)(UNK)(UNK)(UNK)(UNK)
(UNK)(UNK)(UNK)(UNK)(UNK)(UNK)(UNK)(UNK)(UNK)(UNK)(UNK)(UNK)(UNK)(UNK)(UNK)(UNK)
(UNK)(UNK)(UNK)(UNK)(UNK)(UNK)(UNK)(UNK)(UNK)(UNK)(UNK)(UNK)(UNK)(UNK)(UNK)(UNK)
(UNK)(UNK)(UNK)(UNK)(UNK)(UNK)(UNK)(UNK)(UNK)(UNK)(UNK)(UNK)(UNK)(UNK)(UNK)(UNK)
(UNK)(UNK)(UNK)(UNK)(UNK)(UNK)(UNK)(UNK)(UNK)(UNK)(UNK)(UNK)(UNK)(UNK)(UNK)(UNK)
(UNK)(UNK)(UNK)(UNK)(UNK)(UNK)(UNK)(UNK)(UNK)(UNK)(UNK)(UNK)(UNK)(UNK)(UNK)(UNK)
(UNK)(UNK)(UNK)(UNK)(UNK)(UNK)(UNK)(UNK)(UNK)(UNK)(UNK)(UNK)(UNK)(UNK)(UNK)(UNK)
(UNK)(UNK)(UNK)(UNK)(UNK)(UNK)(UNK)(UNK)(UNK)(UNK)(UNK)(UNK)(UNK)(UNK)(UNK)(UNK)
(UNK)(UNK)(UNK)(UNK)(UNK)(UNK)(UNK)(UNK)(UNK)(UNK)(UNK)(UNK)(UNK)(UNK)(UNK)(UNK)
(UNK)(UNK)FSTNFRDTVDILVGWHIDHTQKPSLTQQVSGWLQSLEPFWVADLAFSTTLLGQFLEDMEAYAEDLSHVAS
GESVDEDVPPPSVSLPKLAALLRVFSTVVRSIGERFSPIRGPPITEAYVTDVLYRVMRCVTAANQVFFSEAVLTAANECV
GVLLGSLDPSMTIHCDMVITYGLDQLENCQTCGTDYIISVLNLLTLIVEQINTKLPSSFVEKLFIPSSKLLFLRYHKEKE
VVAVAHAVYQAVLSLKNIPVLETAYKLILGEMTCALNNLLHSLQLPEACSEIKHEAFKNHVFNVDNAKFVVIFDLSALTT
IGNAKNSLIGMWALSPTVFALLSKNLMIVHSDLAVHFPAIQYAVLYTLYSHCTRHDHFISSSLSSSSPSLFDGAVISTVT
TATKKHFSIILNLLGILLKKDNLNQDTRKLLMTWALEAAVLMRKSETYAPLFSLPSFHKFCKGLLANTLVEDVNICLQAC
SSLHALSSSLPDDLLQRCVDVCRVQLVHSGTRIRQAFGKLLKSIPLDVVLSNNNHTEIQEISLALRSHMSKAPSNTFHPQ
DFSDVISFILYGNSHRTGKDNWLERLFYSCQRLDKRDQSTIPRNLLKTDAVLWQWAIWEAAQFTVLSKLRTPLGRAQDTF
QTIEGIIRSLAAHTLNPDQDVSQWTTADNDEGHGNNQLRLVLLLQYLENLEKLMYNAYEGCANALTSPPKVIRTFFYTNR
QTCQDWLTRIRLSIMRVGLLAGQPAVTVRHGFDLLTEMKTTSLSQGNELEVTIMMVVEALCELHCPEAIQGIAVWSSSIV
GKNLLWINSVAQQAEGRFEKASVEYQEHLCAMTGVDCCISSFDKSVLTLANAGRNSASPKHSLNGESRKTVLSKPTDSSP
EVINYLGNKACECYISIADWAAVQEWQNSIHDLKKSTSSTSLNLKADFNYIKSLSSFESGKFVECTEQLELLPGENINLL
AGGSKEKIDMKKLLPNMLSPDPRELQKSIEVQLLRSSVCLATALNPIEQDQKWQSITENVVKYLKQTSRIAIGPLRLSTL
TVSQSLPVLSTLQLYCSSALENTVSNRLSTEDCLIPLFSEALRSCKQHDVRPWMQALRYTMYQNQLLEKIKEQTVPIRSH
LMELGLTAAKFARKRGNVSLATRLLAQCSEVQLGKTTTAQDLVQHFKKLSTQGQVDEKWGPELDIEKTKLLYTAGQSTHA
MEMLSSCAISFCKSVKAEYAVAKSILTLAKWIQAEWKEISGQLKQVYRAQHQQNFTGLSTLSKNILTLIELPSVNTMEEE
YPRIESESTVHIGVGEPDFILGQLYHLSSVQAPEVAKSWAALASWAYRWGRKVVDNAS(UNK)(UNK)(UNK)(UNK)
(UNK)(UNK)(UNK)(UNK)(UNK)(UNK)(UNK)(UNK)(UNK)(UNK)(UNK)(UNK)(UNK)(UNK)(UNK)(UNK)
(UNK)(UNK)(UNK)(UNK)(UNK)(UNK)(UNK)(UNK)(UNK)(UNK)(UNK)(UNK)(UNK)(UNK)(UNK)(UNK)
(UNK)(UNK)(UNK)(UNK)(UNK)(UNK)(UNK)(UNK)(UNK)(UNK)(UNK)(UNK)(UNK)(UNK)(UNK)(UNK)
(UNK)(UNK)(UNK)(UNK)(UNK)(UNK)(UNK)(UNK)(UNK)(UNK)(UNK)(UNK)(UNK)(UNK)(UNK)(UNK)
(UNK)(UNK)(UNK)(UNK)(UNK)(UNK)(UNK)(UNK)(UNK)(UNK)(UNK)(UNK)(UNK)(UNK)(UNK)(UNK)
(UNK)(UNK)(UNK)(UNK)EGVIKVWRKVVDRIFSLYKLSCSAYFTFLKLNAGQIPLDEDDPRLHLSHRVEQSTDDMIV
MATLRLLRLLVKHAGELRQYLEHGLETTPTAPWRGIIPQLFSRLNHPEVYVRQSICNLLCRVAQDSPHLILYPAIVGTIS
LSSESQASGNKFSTAIPTLLGNIQGEELLVSECEGGSPPASQDSNKDEPKSGLNEDQAMMQDCYSKIVDKLSSANPTMVL
QVQMLVAELRRVTVLWDELWLGVLLQQHMYVL(UNK)(UNK)(UNK)(UNK)(UNK)(UNK)(UNK)(UNK)(UNK)
(UNK)(UNK)(UNK)(UNK)(UNK)(UNK)(UNK)(UNK)(UNK)(UNK)(UNK)(UNK)(UNK)(UNK)(UNK)(UNK)
(UNK)(UNK)(UNK)(UNK)(UNK)(UNK)(UNK)(UNK)(UNK)(UNK)(UNK)(UNK)(UNK)(UNK)(UNK)(UNK)
(UNK)(UNK)(UNK)(UNK)(UNK)(UNK)(UNK)(UNK)(UNK)(UNK)(UNK)(UNK)(UNK)(UNK)(UNK)PHEKW
FQDNYGDAIENALEKLK(UNK)(UNK)(UNK)(UNK)(UNK)(UNK)(UNK)(UNK)(UNK)(UNK)(UNK)(UNK)
(UNK)(UNK)(UNK)(UNK)(UNK)(UNK)(UNK)(UNK)(UNK)(UNK)(UNK)(UNK)(UNK)(UNK)(UNK)(UNK)
(UNK)(UNK)(UNK)YILRLEEISPWLAAMTNTEIALPGEVSARDTVTIHSVGGTITILPTKTKPKKLLFLGSDGKSYPY
LFKGLEDLHLDERIMQFLSIVNTMFATINRQETPRFHARHYSVTPLGTRSGLIQWVDGATPLFGLYKRWQQREAALQAQK
AQDSYQTPQNPGIVPRPSELYYSKIGPALKTVGLSLDVSRRDWPLHVMKAVLEELMEATPPNLLAKELWSSCTTPDEWWR
VTQSYARSTAVMSMVGYIIGLGDRHLDNVLIDMTTGEVVHIDYNVCFEKGKSLRVPEKVPFRMTQNIETALGVTGVEGVF
RLSCEQVLHIMRRGRETLLTLLEAFVYDPLVDWTAGGEAGFAGAVYGGGGQQAESKQSKREMEREITRSLFSSRVAEIKV
NWFKNRDEMLVVLPKLDGSLDEYLSLQEQLTDVEKLQGKLLEEIEFLEGAEGVDHPSHTLQHRYSEHTQLQTQQRAVQEA
IQVKLNEFEQWITHYQAAFNNLEATQLASLLQEISTQMDLGPPSYVPATAFLQNAGQAHLISQCEQLEGEVGALLQQRRS
VLRGCLEQLHHYATVALQYPKAIFQKHRIEQWKTWMEELICNTTVERCQELYRKYEMQYAPQPPPTVCQFITATEMTLQR
YAADINSRLIRQVERLKQEAVTVPVCEDQLKEIERCIKVFLHENGEEGSLSLASVIISALCTLTRRNLMMEGAASSAGEQ
LVDLTSRDGAWFLEELCSMSGNVTCLVQLLKQCHLVPQDLDIPNPMEASETVHLANGVYTSLQELNSNFRQIIFPEALRC
LMKGEYTLESMLHELDGLIEQTTDGVPLQTLVESLQAYLRNAAMGLEEETHAHYIDVARLLHAQYGELIQPRNGSVDETP
KMSAGQMLLVAFDGMFAQVETAFSLLVEKLNKMEIPIAWRKIDIIREARSTQVNFFDDDNHRQVLEEIFFLKRLQTIKEF
FRLCGTFSKTLSGSSSLEDQNTVNGPVQIVNVKTLFRNSCFSEDQMAKPIKAFTADFVRQLLIGLPNQALGLTLCSFISA
LGVDIIAQVEAKDFGAESKVSVDDLCKKAVEHNIQIGKFSQLVMNRATVLASSYDTAWKKHDLVRRLETSISSCKTSLQR
VQLHIAMFQWQHEDLLINRPQAMSVTPPPRSAILTSMKKKLHTLSQIETSIATVQEKLAALESSIEQRLKWAGGANPALA
PVLQDFEATIAERRNLVLKESQRASQVTFLCSNIIHFESLRTRTAEALNLDAALFELIKRCQQMCSFASQFNSSVSELEL
RLLQRVDTGLEHPIGSSEWLLSAHKQLTQDMSTQRAIQTEKEQQIETVCETIQNLVDNIKTVLTGHNRQLGDVKHLLKAM
AKDEEAALADGEDVPYENSVRQFLGEYKSWQDNIQTVLFTLVQAMGQVRSQEHVEMLQEITPTLKELKTQSQSIYNNLVS
FASPLVTDATNECSSPTSSATYQPSFAAAVRSNTGQKTQPDVMSQNARKLIQKNLATSADTPPSTVPGTGKSVACSPKKA
VRDPKTGKAVQERNSYAVSVWKRVKAKLEGRDVDPNRRMSVAEQVDYVIKEATNLDNLAQLYEGWTAWV
;
A
2 'polypeptide(L)'
;MAGPVSLRDLLMGASAWMGSESPGGSPTEGGGSAAGGPEPPWREDEICVVGIFGKTALRLNSEKFSLVNTVCDRQVFPLF
RHQDPGDPGPGIRTEAGAVGEAGGAEDPGAAAGGSVRGSGAVAEGNRTEAGSQDYSLLQAYYSQESKVLYLLLTSICDNS
QLLRACRALQSGEAGGGLSLPHAEAHEFWKHQEKLQCLSLLYLFSVCHILLLVHPTCSFDITYDRVFRALDGLRQKVLPL
LKTAIKDCPVGKDWKLNCRPCPPRLLFLFQLNGALKVEPPRNQDPAHPDKPKKHSPKRRLQHALEDQIYRIFRKSRVLTN
QSINCLFTVPANQAFVYIVPGSQEEDPVGMLLDQLRSHCTVKDPESLLVPAPLSGPRRYQVMRQHSRQQLSFHIDSSSSS
SSGQLVDFTLREFLWQHVELVLSKKGFDDSVGRNPQPSHFELPTYQKWISAASKLYEVAIDGKEEDLGSPTGELTSKILS
SIKVLEGFLDIDTKFSENRCQKALPMAHSAYQSNLPHNYTMTVHKNQLAQALRVYSQHARGPAFHKYAMQLHEDCYKFWS
NGHQLCEERSLTDQHCVHKFHSLPKSGEKPEADRNPPVLYHNSRARSTGACNCGRKQAPRDDPFDIKAANYDFYQLLEEK
CCGKLDHINFPVFEPSTPDPAPAKNESSPAPPDSDADKLKEKEPQTQGESTSLSLALSLGQSTDSLGTYPADPQAGGDNP
EVHGQVEVKTEKRPNFVDRQASTVEYLPGMLHSNCPKGLLPKFSSWSLVKLGPAKSYNFHTGLDQQGFIPGTNYLMPWDI
VIRTRAEDEGDLDTNSWPAPNKAIPGKRSAVVMGRGRRRDDIARAFVGFEYEDSRGRRFMCSGPDKVMKVMGSGPKESAL
KALNSDMPLYILSSSQGRGLKPHYAQLMRLFVVVPDAPLQIILMPQVQPGPPPCPVFYPEKQEITLPPDGLWVLRFPYAY
VTERGPCFPPKENVQLMSYKVLRGVLKAVTQ
;
B
3 'polypeptide(L)'
;MSESGHSQPGLYGIERRRRWKEPGSGGPQNLSGPGGRERDYIAPWERERRDASEETSTSVMQKTPIILSKPPAERSKQPP
PPTAPAAPPAPAPLEKPIVLMKPREEGKGPVAVTGASTPEGTAPPPPAAPAPPKGEKEGQRPTQPVYQIQNRGMGTAAPA
AMDPVVGQAKLLPPERMKHSIKLVDDQMNWCDSAIEYLLDQTDVLVVGVLGLQGTGKSMVMSLLSANTPEEDQRTYVFRA
QSAEMKERGGNQTSGIDFFITQERIVFLDTQPILSPSILDHLINNDRKLPPEYNLPHTYVEMQSLQIAAFLFTVCHVVIV
VQDWFTDLSLYRFLQTAEMVKPSTPSPSHESSSSSGSDEGTEYYPHLVFLQNKARREDFCPRKLRQMHLMIDQLMAHSHL
RYKGTLSMLQCNVFPGLPPDFLDSEVNLFLVPFMDSEAESENPPRAGPGSSPLFSLLPGYRGHPSFQSLVSKLRSQVMSM
ARPQLSHTILTEKNWFHYAARIWDGVRKSSALAEYSRLLA
;
C
#
loop_
_chem_comp.id
_chem_comp.type
_chem_comp.name
_chem_comp.formula
ANP non-polymer 'PHOSPHOAMINOPHOSPHONIC ACID-ADENYLATE ESTER' 'C10 H17 N6 O12 P3'
ATP non-polymer ADENOSINE-5'-TRIPHOSPHATE 'C10 H16 N5 O13 P3'
IHP non-polymer 'INOSITOL HEXAKISPHOSPHATE' 'C6 H18 O24 P6'
MG non-polymer 'MAGNESIUM ION' 'Mg 2'
#
# COMPACT_ATOMS: atom_id res chain seq x y z
N UNK A 147 15.97 38.65 -84.03
CA UNK A 147 16.62 37.73 -84.93
C UNK A 147 17.20 36.54 -84.19
N UNK A 148 17.78 36.81 -83.01
CA UNK A 148 18.36 35.74 -82.20
C UNK A 148 17.30 34.76 -81.73
N UNK A 149 16.15 35.28 -81.30
CA UNK A 149 15.07 34.40 -80.82
C UNK A 149 14.58 33.50 -81.94
N UNK A 150 14.39 34.06 -83.14
CA UNK A 150 13.92 33.24 -84.26
C UNK A 150 14.93 32.18 -84.64
N UNK A 151 16.22 32.53 -84.65
CA UNK A 151 17.25 31.57 -85.00
C UNK A 151 17.36 30.46 -83.95
N UNK A 152 17.23 30.81 -82.68
CA UNK A 152 17.32 29.82 -81.62
C UNK A 152 16.03 29.02 -81.45
N UNK A 153 14.93 29.48 -82.04
CA UNK A 153 13.66 28.75 -81.91
C UNK A 153 13.72 27.40 -82.62
N UNK A 154 14.40 27.33 -83.76
CA UNK A 154 14.48 26.06 -84.48
C UNK A 154 15.23 25.01 -83.67
N UNK A 155 16.33 25.40 -83.02
CA UNK A 155 17.09 24.44 -82.22
C UNK A 155 16.34 24.09 -80.94
N UNK A 156 15.68 25.07 -80.32
CA UNK A 156 14.94 24.84 -79.09
C UNK A 156 13.56 24.29 -79.38
N UNK A 162 17.44 20.52 -71.11
CA UNK A 162 17.16 21.87 -70.66
C UNK A 162 17.62 22.90 -71.70
N UNK A 163 18.34 22.41 -72.72
CA UNK A 163 18.82 23.30 -73.77
C UNK A 163 17.71 23.78 -74.68
N UNK A 164 16.54 23.15 -74.64
CA UNK A 164 15.42 23.54 -75.48
C UNK A 164 14.58 24.65 -74.86
N UNK A 165 14.93 25.14 -73.68
CA UNK A 165 14.19 26.19 -73.01
C UNK A 165 14.97 27.48 -72.83
N UNK A 166 16.25 27.52 -73.23
CA UNK A 166 17.04 28.74 -73.08
C UNK A 166 16.49 29.87 -73.94
N UNK A 167 16.05 29.55 -75.16
CA UNK A 167 15.52 30.58 -76.06
C UNK A 167 14.26 31.21 -75.46
N UNK A 168 13.36 30.39 -74.91
CA UNK A 168 12.14 30.92 -74.33
C UNK A 168 12.44 31.79 -73.12
N UNK A 169 13.38 31.39 -72.28
CA UNK A 169 13.72 32.18 -71.10
C UNK A 169 14.38 33.50 -71.49
N UNK A 170 15.23 33.47 -72.52
CA UNK A 170 15.90 34.68 -72.96
C UNK A 170 14.99 35.60 -73.76
N UNK A 171 13.89 35.08 -74.32
CA UNK A 171 12.99 35.92 -75.09
C UNK A 171 12.36 37.01 -74.24
N UNK A 172 12.17 36.76 -72.94
CA UNK A 172 11.58 37.76 -72.07
C UNK A 172 12.45 39.01 -71.98
N UNK A 173 13.76 38.84 -71.85
CA UNK A 173 14.70 39.96 -71.77
C UNK A 173 15.22 40.39 -73.13
N UNK A 174 14.93 39.65 -74.20
CA UNK A 174 15.41 40.02 -75.53
C UNK A 174 14.82 41.36 -75.97
N UNK A 175 13.53 41.56 -75.72
CA UNK A 175 12.86 42.80 -76.11
C UNK A 175 12.56 43.65 -74.88
N UNK A 191 6.23 33.83 -84.81
CA UNK A 191 6.58 32.43 -84.77
C UNK A 191 5.49 31.62 -84.06
N UNK A 192 4.24 31.92 -84.37
CA UNK A 192 3.13 31.21 -83.75
C UNK A 192 3.06 29.75 -84.20
N UNK A 193 3.47 29.48 -85.45
CA UNK A 193 3.43 28.10 -85.95
C UNK A 193 4.36 27.20 -85.15
N UNK A 194 5.56 27.69 -84.82
CA UNK A 194 6.50 26.89 -84.05
C UNK A 194 5.97 26.58 -82.66
N UNK A 195 5.34 27.57 -82.01
CA UNK A 195 4.80 27.36 -80.68
C UNK A 195 3.53 26.53 -80.69
N UNK A 196 2.81 26.48 -81.81
CA UNK A 196 1.58 25.71 -81.90
C UNK A 196 1.76 24.33 -82.51
N UNK A 197 2.95 24.03 -83.06
CA UNK A 197 3.22 22.74 -83.66
C UNK A 197 4.27 21.92 -82.93
N UNK A 198 5.06 22.52 -82.05
CA UNK A 198 6.08 21.77 -81.33
C UNK A 198 5.47 20.80 -80.33
N UNK A 199 4.26 21.08 -79.84
CA UNK A 199 3.59 20.23 -78.88
C UNK A 199 2.70 19.17 -79.54
N UNK A 200 2.71 19.08 -80.88
CA UNK A 200 1.88 18.10 -81.56
C UNK A 200 2.34 16.67 -81.27
N UNK A 201 3.61 16.48 -80.96
CA UNK A 201 4.14 15.16 -80.66
C UNK A 201 3.69 14.69 -79.28
N UNK A 207 7.85 13.52 -78.40
CA UNK A 207 7.23 12.65 -77.41
C UNK A 207 6.41 13.46 -76.40
N UNK A 208 5.93 12.79 -75.36
CA UNK A 208 5.14 13.46 -74.33
C UNK A 208 5.98 14.50 -73.60
N UNK A 209 7.20 14.13 -73.21
CA UNK A 209 8.07 15.05 -72.49
C UNK A 209 8.42 16.27 -73.35
N UNK A 210 8.75 16.03 -74.63
CA UNK A 210 9.09 17.13 -75.52
C UNK A 210 7.90 18.07 -75.71
N UNK A 211 6.71 17.50 -75.91
CA UNK A 211 5.52 18.33 -76.09
C UNK A 211 5.23 19.14 -74.84
N UNK A 212 5.35 18.52 -73.67
CA UNK A 212 5.09 19.24 -72.41
C UNK A 212 6.09 20.37 -72.24
N UNK A 213 7.37 20.12 -72.52
CA UNK A 213 8.39 21.14 -72.38
C UNK A 213 8.13 22.29 -73.35
N UNK A 214 7.76 21.95 -74.59
CA UNK A 214 7.49 22.98 -75.59
C UNK A 214 6.30 23.84 -75.16
N UNK A 215 5.24 23.21 -74.65
CA UNK A 215 4.07 23.96 -74.21
C UNK A 215 4.42 24.87 -73.05
N UNK A 216 5.19 24.36 -72.08
CA UNK A 216 5.58 25.16 -70.93
C UNK A 216 6.42 26.35 -71.36
N UNK A 217 7.34 26.14 -72.30
CA UNK A 217 8.18 27.22 -72.77
C UNK A 217 7.38 28.26 -73.56
N UNK A 218 6.42 27.81 -74.37
CA UNK A 218 5.60 28.72 -75.15
C UNK A 218 4.55 29.42 -74.31
N UNK A 219 4.28 28.93 -73.10
CA UNK A 219 3.29 29.57 -72.24
C UNK A 219 3.63 31.01 -71.90
N UNK A 220 4.91 31.39 -71.98
CA UNK A 220 5.34 32.75 -71.69
C UNK A 220 5.42 33.63 -72.93
N UNK A 221 5.01 33.12 -74.09
CA UNK A 221 5.07 33.92 -75.32
C UNK A 221 4.13 35.11 -75.23
N UNK A 222 2.93 34.91 -74.68
CA UNK A 222 1.95 35.98 -74.55
C UNK A 222 2.16 36.84 -73.30
N UNK A 223 3.17 36.53 -72.49
CA UNK A 223 3.45 37.28 -71.28
C UNK A 223 4.73 38.09 -71.35
N UNK A 224 5.55 37.91 -72.37
CA UNK A 224 6.81 38.65 -72.50
C UNK A 224 6.62 39.89 -73.36
N UNK A 229 -0.29 42.24 -76.07
CA UNK A 229 -1.63 42.26 -76.63
C UNK A 229 -1.68 41.53 -77.97
N UNK A 230 -0.65 41.75 -78.79
CA UNK A 230 -0.59 41.11 -80.10
C UNK A 230 -0.48 39.60 -79.99
N UNK A 231 0.33 39.11 -79.03
CA UNK A 231 0.49 37.68 -78.86
C UNK A 231 -0.78 37.00 -78.34
N UNK A 232 -1.64 37.74 -77.64
CA UNK A 232 -2.87 37.16 -77.12
C UNK A 232 -3.77 36.70 -78.26
N UNK A 233 -3.89 37.52 -79.31
CA UNK A 233 -4.73 37.15 -80.45
C UNK A 233 -4.20 35.90 -81.13
N UNK A 234 -2.87 35.83 -81.30
CA UNK A 234 -2.28 34.66 -81.95
C UNK A 234 -2.51 33.41 -81.10
N UNK A 235 -2.34 33.52 -79.78
CA UNK A 235 -2.56 32.38 -78.91
C UNK A 235 -4.00 31.92 -78.97
N UNK A 236 -4.94 32.86 -78.94
CA UNK A 236 -6.35 32.49 -79.00
C UNK A 236 -6.68 31.81 -80.33
N UNK A 237 -6.15 32.34 -81.43
CA UNK A 237 -6.40 31.74 -82.73
C UNK A 237 -5.83 30.33 -82.80
N UNK A 238 -4.62 30.14 -82.28
CA UNK A 238 -4.01 28.81 -82.28
C UNK A 238 -4.82 27.83 -81.44
N UNK A 239 -5.29 28.29 -80.27
CA UNK A 239 -6.08 27.41 -79.42
C UNK A 239 -7.39 27.04 -80.09
N UNK A 240 -8.04 27.99 -80.75
CA UNK A 240 -9.30 27.70 -81.43
C UNK A 240 -9.10 26.77 -82.62
N UNK A 241 -8.00 26.94 -83.36
CA UNK A 241 -7.74 26.08 -84.51
C UNK A 241 -7.34 24.67 -84.08
N UNK A 242 -6.65 24.55 -82.94
CA UNK A 242 -6.23 23.23 -82.47
C UNK A 242 -7.42 22.34 -82.14
N UNK A 243 -8.46 22.91 -81.52
CA UNK A 243 -9.64 22.14 -81.17
C UNK A 243 -10.45 21.72 -82.39
N UNK A 244 -10.32 22.44 -83.50
CA UNK A 244 -11.06 22.11 -84.71
C UNK A 244 -10.33 21.03 -85.52
N UNK A 248 -7.37 15.48 -78.43
CA UNK A 248 -6.80 16.73 -78.91
C UNK A 248 -6.06 17.46 -77.77
N UNK A 249 -4.87 16.98 -77.45
CA UNK A 249 -4.07 17.58 -76.39
C UNK A 249 -3.54 18.95 -76.76
N UNK A 250 -3.47 19.27 -78.06
CA UNK A 250 -2.97 20.58 -78.47
C UNK A 250 -3.88 21.71 -77.98
N UNK A 251 -5.20 21.52 -78.09
CA UNK A 251 -6.12 22.56 -77.64
C UNK A 251 -6.00 22.79 -76.15
N UNK A 252 -5.92 21.72 -75.36
CA UNK A 252 -5.80 21.86 -73.92
C UNK A 252 -4.50 22.57 -73.54
N UNK A 253 -3.40 22.19 -74.19
CA UNK A 253 -2.12 22.82 -73.90
C UNK A 253 -2.15 24.30 -74.26
N UNK A 254 -2.72 24.64 -75.41
CA UNK A 254 -2.80 26.04 -75.82
C UNK A 254 -3.66 26.83 -74.86
N UNK A 255 -4.79 26.27 -74.42
CA UNK A 255 -5.66 26.97 -73.49
C UNK A 255 -4.95 27.20 -72.16
N UNK A 256 -4.25 26.17 -71.67
CA UNK A 256 -3.53 26.31 -70.41
C UNK A 256 -2.44 27.37 -70.52
N UNK A 257 -1.72 27.38 -71.64
CA UNK A 257 -0.66 28.37 -71.84
C UNK A 257 -1.24 29.78 -71.88
N UNK A 258 -2.36 29.95 -72.58
CA UNK A 258 -2.98 31.27 -72.66
C UNK A 258 -3.46 31.73 -71.30
N UNK A 259 -4.06 30.82 -70.52
CA UNK A 259 -4.54 31.17 -69.20
C UNK A 259 -3.38 31.57 -68.29
N UNK A 260 -2.28 30.80 -68.34
CA UNK A 260 -1.12 31.11 -67.50
C UNK A 260 -0.53 32.46 -67.89
N UNK A 261 -0.44 32.73 -69.19
CA UNK A 261 0.11 34.01 -69.64
C UNK A 261 -0.76 35.16 -69.20
N UNK A 262 -2.09 35.00 -69.29
CA UNK A 262 -3.00 36.07 -68.89
C UNK A 262 -2.96 36.29 -67.39
N UNK A 263 -2.83 35.22 -66.60
CA UNK A 263 -2.79 35.36 -65.16
C UNK A 263 -1.42 35.80 -64.65
N UNK A 264 -0.38 35.71 -65.48
CA UNK A 264 0.95 36.11 -65.05
C UNK A 264 1.04 37.60 -64.77
N UNK A 265 0.19 38.41 -65.38
CA UNK A 265 0.20 39.85 -65.16
C UNK A 265 -0.32 40.21 -63.78
N UNK A 267 -4.25 43.28 -73.32
CA UNK A 267 -4.37 42.73 -71.97
C UNK A 267 -5.30 43.58 -71.12
N UNK A 268 -4.89 44.84 -70.89
CA UNK A 268 -5.71 45.74 -70.08
C UNK A 268 -7.04 46.04 -70.76
N UNK A 269 -7.02 46.26 -72.07
CA UNK A 269 -8.24 46.55 -72.82
C UNK A 269 -8.75 45.38 -73.64
N UNK A 270 -7.92 44.35 -73.84
CA UNK A 270 -8.31 43.18 -74.61
C UNK A 270 -8.96 42.10 -73.76
N UNK A 271 -9.34 42.42 -72.51
CA UNK A 271 -9.97 41.42 -71.65
C UNK A 271 -11.33 41.00 -72.17
N UNK A 272 -12.08 41.94 -72.76
CA UNK A 272 -13.41 41.62 -73.28
C UNK A 272 -13.32 40.58 -74.39
N UNK A 273 -12.37 40.75 -75.31
CA UNK A 273 -12.23 39.80 -76.41
C UNK A 273 -11.86 38.41 -75.89
N UNK A 274 -10.93 38.35 -74.93
CA UNK A 274 -10.53 37.06 -74.37
C UNK A 274 -11.70 36.39 -73.66
N UNK A 275 -12.47 37.16 -72.89
CA UNK A 275 -13.60 36.60 -72.18
C UNK A 275 -14.65 36.08 -73.15
N UNK A 276 -14.92 36.83 -74.22
CA UNK A 276 -15.90 36.39 -75.20
C UNK A 276 -15.44 35.12 -75.89
N UNK A 277 -14.15 35.05 -76.26
CA UNK A 277 -13.63 33.87 -76.92
C UNK A 277 -13.71 32.66 -76.01
N UNK A 278 -13.35 32.83 -74.72
CA UNK A 278 -13.41 31.73 -73.78
C UNK A 278 -14.85 31.25 -73.59
N UNK A 279 -15.80 32.19 -73.49
CA UNK A 279 -17.19 31.82 -73.31
C UNK A 279 -17.72 31.07 -74.53
N UNK A 280 -17.34 31.53 -75.72
CA UNK A 280 -17.80 30.86 -76.94
C UNK A 280 -17.20 29.46 -77.06
N UNK A 281 -15.92 29.31 -76.72
CA UNK A 281 -15.27 28.01 -76.80
C UNK A 281 -15.86 27.04 -75.78
N UNK A 282 -16.13 27.52 -74.57
CA UNK A 282 -16.69 26.67 -73.52
C UNK A 282 -18.18 26.43 -73.70
N UNK A 283 -18.84 27.14 -74.62
CA UNK A 283 -20.27 26.95 -74.84
C UNK A 283 -20.59 25.57 -75.43
N UNK A 284 -19.62 24.92 -76.06
CA UNK A 284 -19.82 23.61 -76.66
C UNK A 284 -19.19 22.49 -75.84
N UNK A 285 -17.93 22.63 -75.46
CA UNK A 285 -17.24 21.60 -74.68
C UNK A 285 -16.94 22.12 -73.27
N UNK A 290 -13.93 17.46 -72.76
CA UNK A 290 -14.90 18.49 -72.37
C UNK A 290 -14.63 18.97 -70.95
N UNK A 291 -14.34 18.02 -70.05
CA UNK A 291 -14.06 18.37 -68.66
C UNK A 291 -12.82 19.25 -68.55
N UNK A 292 -11.76 18.87 -69.27
CA UNK A 292 -10.53 19.65 -69.22
C UNK A 292 -10.74 21.07 -69.77
N UNK A 293 -11.47 21.17 -70.89
CA UNK A 293 -11.72 22.48 -71.48
C UNK A 293 -12.55 23.35 -70.53
N UNK A 294 -13.57 22.75 -69.91
CA UNK A 294 -14.40 23.50 -68.97
C UNK A 294 -13.59 23.97 -67.77
N UNK A 295 -12.74 23.09 -67.23
CA UNK A 295 -11.92 23.46 -66.09
C UNK A 295 -10.97 24.59 -66.44
N UNK A 296 -10.34 24.51 -67.62
CA UNK A 296 -9.41 25.55 -68.04
C UNK A 296 -10.14 26.87 -68.23
N UNK A 297 -11.32 26.84 -68.85
CA UNK A 297 -12.09 28.06 -69.07
C UNK A 297 -12.49 28.68 -67.74
N UNK A 298 -12.93 27.86 -66.78
CA UNK A 298 -13.33 28.38 -65.48
C UNK A 298 -12.13 28.99 -64.75
N UNK A 299 -10.99 28.32 -64.80
CA UNK A 299 -9.79 28.85 -64.14
C UNK A 299 -9.36 30.16 -64.76
N UNK A 300 -9.42 30.27 -66.09
CA UNK A 300 -9.03 31.50 -66.76
C UNK A 300 -10.01 32.63 -66.47
N UNK A 301 -11.30 32.34 -66.42
CA UNK A 301 -12.30 33.36 -66.14
C UNK A 301 -12.36 33.75 -64.68
N UNK A 302 -11.82 32.92 -63.78
CA UNK A 302 -11.84 33.25 -62.36
C UNK A 302 -11.05 34.51 -62.05
N UNK A 303 -10.07 34.85 -62.90
CA UNK A 303 -9.26 36.04 -62.68
C UNK A 303 -10.08 37.33 -62.85
N UNK A 304 -11.18 37.27 -63.58
CA UNK A 304 -12.02 38.45 -63.80
C UNK A 304 -12.77 38.84 -62.54
N PHE A 307 -22.97 36.98 -66.98
CA PHE A 307 -22.90 35.89 -66.01
C PHE A 307 -24.28 35.28 -65.79
N SER A 308 -25.32 36.01 -66.18
CA SER A 308 -26.68 35.53 -66.00
C SER A 308 -26.98 34.31 -66.87
N THR A 309 -26.26 34.13 -67.98
CA THR A 309 -26.48 33.00 -68.86
C THR A 309 -25.32 31.99 -68.86
N ASN A 310 -24.14 32.40 -68.40
CA ASN A 310 -23.00 31.48 -68.37
C ASN A 310 -23.19 30.38 -67.34
N PHE A 311 -23.90 30.69 -66.24
CA PHE A 311 -24.11 29.68 -65.20
C PHE A 311 -25.09 28.60 -65.64
N ARG A 312 -25.85 28.86 -66.72
CA ARG A 312 -26.80 27.86 -67.19
C ARG A 312 -26.09 26.59 -67.65
N ASP A 313 -24.98 26.75 -68.37
CA ASP A 313 -24.24 25.58 -68.84
C ASP A 313 -23.70 24.77 -67.68
N THR A 314 -23.15 25.44 -66.66
CA THR A 314 -22.63 24.75 -65.50
C THR A 314 -23.73 24.03 -64.75
N VAL A 315 -24.89 24.67 -64.59
CA VAL A 315 -26.00 24.04 -63.89
C VAL A 315 -26.49 22.82 -64.64
N ASP A 316 -26.58 22.91 -65.98
CA ASP A 316 -27.04 21.78 -66.77
C ASP A 316 -26.02 20.63 -66.72
N ILE A 317 -24.72 20.95 -66.73
CA ILE A 317 -23.71 19.91 -66.67
C ILE A 317 -23.64 19.27 -65.29
N LEU A 318 -24.00 20.01 -64.24
CA LEU A 318 -23.96 19.48 -62.88
C LEU A 318 -25.11 18.52 -62.59
N VAL A 319 -26.06 18.36 -63.51
CA VAL A 319 -27.19 17.46 -63.31
C VAL A 319 -26.95 16.10 -63.98
N GLY A 320 -25.70 15.78 -64.28
CA GLY A 320 -25.37 14.52 -64.92
C GLY A 320 -25.45 13.33 -63.98
N SER A 330 -17.59 11.95 -60.81
CA SER A 330 -17.45 12.35 -59.41
C SER A 330 -17.05 13.82 -59.30
N LEU A 331 -17.35 14.59 -60.34
CA LEU A 331 -17.02 16.01 -60.38
C LEU A 331 -18.07 16.88 -59.68
N THR A 332 -18.95 16.27 -58.87
CA THR A 332 -19.97 17.06 -58.18
C THR A 332 -19.33 18.07 -57.23
N GLN A 333 -18.32 17.66 -56.48
CA GLN A 333 -17.67 18.57 -55.55
C GLN A 333 -16.99 19.71 -56.29
N GLN A 334 -16.32 19.39 -57.41
CA GLN A 334 -15.64 20.43 -58.18
C GLN A 334 -16.63 21.44 -58.77
N VAL A 335 -17.73 20.94 -59.35
CA VAL A 335 -18.71 21.86 -59.92
C VAL A 335 -19.37 22.69 -58.82
N SER A 336 -19.61 22.09 -57.66
CA SER A 336 -20.23 22.83 -56.56
C SER A 336 -19.30 23.93 -56.09
N GLY A 337 -18.01 23.62 -55.96
CA GLY A 337 -17.05 24.63 -55.51
C GLY A 337 -16.92 25.76 -56.52
N TRP A 338 -16.89 25.40 -57.81
CA TRP A 338 -16.78 26.42 -58.85
C TRP A 338 -18.00 27.34 -58.84
N LEU A 339 -19.19 26.75 -58.70
CA LEU A 339 -20.41 27.56 -58.68
C LEU A 339 -20.45 28.45 -57.46
N GLN A 340 -20.02 27.94 -56.30
CA GLN A 340 -20.02 28.74 -55.09
C GLN A 340 -19.03 29.89 -55.19
N SER A 341 -17.84 29.63 -55.75
CA SER A 341 -16.84 30.68 -55.89
C SER A 341 -17.18 31.67 -57.00
N LEU A 342 -18.05 31.28 -57.93
CA LEU A 342 -18.42 32.19 -59.02
C LEU A 342 -19.17 33.41 -58.51
N GLU A 343 -19.85 33.27 -57.38
CA GLU A 343 -20.61 34.38 -56.81
C GLU A 343 -19.98 34.87 -55.51
N ALA A 351 -33.23 38.17 -56.94
CA ALA A 351 -32.78 38.48 -58.29
C ALA A 351 -33.02 37.30 -59.23
N PHE A 352 -31.95 36.83 -59.87
CA PHE A 352 -32.06 35.71 -60.80
C PHE A 352 -32.30 34.40 -60.06
N SER A 353 -31.78 34.27 -58.84
CA SER A 353 -31.98 33.05 -58.06
C SER A 353 -33.44 32.81 -57.73
N THR A 354 -34.17 33.89 -57.41
CA THR A 354 -35.59 33.75 -57.08
C THR A 354 -36.36 33.12 -58.24
N THR A 355 -36.12 33.59 -59.45
CA THR A 355 -36.80 33.06 -60.62
C THR A 355 -36.23 31.71 -61.04
N LEU A 356 -34.97 31.42 -60.70
CA LEU A 356 -34.35 30.16 -61.06
C LEU A 356 -34.88 29.01 -60.22
N LEU A 357 -35.09 29.24 -58.91
CA LEU A 357 -35.60 28.18 -58.06
C LEU A 357 -37.00 27.75 -58.45
N GLY A 358 -37.78 28.63 -59.08
CA GLY A 358 -39.13 28.25 -59.47
C GLY A 358 -39.13 27.10 -60.45
N GLN A 359 -38.21 27.13 -61.42
CA GLN A 359 -38.12 26.05 -62.40
C GLN A 359 -37.78 24.73 -61.73
N PHE A 360 -36.85 24.76 -60.78
CA PHE A 360 -36.46 23.54 -60.08
C PHE A 360 -37.64 22.98 -59.30
N LEU A 361 -38.38 23.86 -58.61
CA LEU A 361 -39.54 23.41 -57.84
C LEU A 361 -40.58 22.81 -58.76
N GLU A 362 -40.84 23.44 -59.90
CA GLU A 362 -41.83 22.93 -60.84
C GLU A 362 -41.40 21.57 -61.37
N ASP A 363 -40.10 21.42 -61.69
CA ASP A 363 -39.61 20.15 -62.20
C ASP A 363 -39.76 19.05 -61.14
N MET A 364 -39.46 19.37 -59.88
CA MET A 364 -39.60 18.38 -58.82
C MET A 364 -41.05 17.96 -58.67
N GLU A 365 -41.96 18.95 -58.72
CA GLU A 365 -43.38 18.65 -58.58
C GLU A 365 -43.85 17.76 -59.73
N ALA A 366 -43.39 18.05 -60.95
CA ALA A 366 -43.78 17.24 -62.10
C ALA A 366 -43.25 15.82 -61.96
N TYR A 367 -41.99 15.69 -61.50
CA TYR A 367 -41.40 14.37 -61.33
C TYR A 367 -42.19 13.56 -60.31
N ALA A 368 -42.59 14.18 -59.20
CA ALA A 368 -43.36 13.47 -58.20
C ALA A 368 -44.75 13.11 -58.71
N GLU A 369 -45.37 14.01 -59.47
CA GLU A 369 -46.71 13.74 -60.00
C GLU A 369 -46.66 12.63 -61.04
N ASP A 370 -45.53 12.47 -61.73
CA ASP A 370 -45.40 11.43 -62.75
C ASP A 370 -45.37 10.02 -62.16
N LEU A 371 -45.39 9.89 -60.83
CA LEU A 371 -45.36 8.56 -60.22
C LEU A 371 -46.60 7.76 -60.59
N SER A 372 -47.77 8.40 -60.57
CA SER A 372 -49.02 7.73 -60.92
C SER A 372 -49.39 8.00 -62.37
N SER A 388 -39.50 3.64 -63.41
CA SER A 388 -38.93 4.14 -62.17
C SER A 388 -37.43 4.42 -62.34
N VAL A 389 -37.09 5.20 -63.37
CA VAL A 389 -35.71 5.55 -63.68
C VAL A 389 -35.47 7.05 -63.48
N SER A 390 -36.51 7.81 -63.16
CA SER A 390 -36.40 9.24 -62.95
C SER A 390 -35.83 9.61 -61.58
N LEU A 391 -35.60 8.63 -60.70
CA LEU A 391 -35.07 8.94 -59.38
C LEU A 391 -33.71 9.64 -59.43
N PRO A 392 -32.72 9.19 -60.21
CA PRO A 392 -31.43 9.91 -60.23
C PRO A 392 -31.61 11.36 -60.65
N LYS A 393 -32.54 11.64 -61.56
CA LYS A 393 -32.75 13.02 -61.99
C LYS A 393 -33.23 13.87 -60.82
N LEU A 394 -34.15 13.34 -60.02
CA LEU A 394 -34.66 14.07 -58.88
C LEU A 394 -33.55 14.30 -57.86
N ALA A 395 -32.72 13.28 -57.64
CA ALA A 395 -31.62 13.41 -56.69
C ALA A 395 -30.65 14.50 -57.14
N ALA A 396 -30.30 14.50 -58.43
CA ALA A 396 -29.39 15.50 -58.96
C ALA A 396 -30.01 16.89 -58.85
N LEU A 397 -31.32 16.98 -59.09
CA LEU A 397 -32.00 18.28 -58.99
C LEU A 397 -31.94 18.79 -57.57
N LEU A 398 -32.16 17.91 -56.59
CA LEU A 398 -32.12 18.33 -55.20
C LEU A 398 -30.71 18.78 -54.82
N ARG A 399 -29.69 18.06 -55.29
CA ARG A 399 -28.32 18.44 -54.97
C ARG A 399 -27.96 19.79 -55.59
N VAL A 400 -28.31 20.01 -56.85
CA VAL A 400 -27.99 21.30 -57.47
C VAL A 400 -28.77 22.41 -56.78
N PHE A 401 -30.02 22.13 -56.36
CA PHE A 401 -30.79 23.15 -55.69
C PHE A 401 -30.14 23.54 -54.37
N SER A 402 -29.65 22.54 -53.63
CA SER A 402 -28.99 22.81 -52.35
C SER A 402 -27.72 23.61 -52.58
N THR A 403 -26.95 23.25 -53.62
CA THR A 403 -25.72 23.99 -53.90
C THR A 403 -26.02 25.43 -54.26
N VAL A 404 -27.07 25.65 -55.06
CA VAL A 404 -27.44 27.01 -55.45
C VAL A 404 -27.87 27.80 -54.22
N VAL A 405 -28.64 27.17 -53.33
CA VAL A 405 -29.09 27.85 -52.12
C VAL A 405 -27.92 28.25 -51.24
N ARG A 406 -26.96 27.34 -51.06
CA ARG A 406 -25.80 27.66 -50.23
C ARG A 406 -24.78 28.55 -50.95
N SER A 407 -24.94 28.76 -52.25
CA SER A 407 -24.01 29.61 -52.98
C SER A 407 -24.03 31.05 -52.52
N ILE A 408 -25.15 31.52 -51.97
CA ILE A 408 -25.26 32.89 -51.50
C ILE A 408 -24.44 33.08 -50.23
N ALA A 423 -38.58 37.33 -46.30
CA ALA A 423 -38.22 36.18 -45.45
C ALA A 423 -39.43 35.32 -45.18
N TYR A 424 -40.46 35.44 -46.02
CA TYR A 424 -41.69 34.68 -45.87
C TYR A 424 -41.83 33.55 -46.87
N VAL A 425 -41.05 33.55 -47.95
CA VAL A 425 -41.13 32.50 -48.96
C VAL A 425 -40.34 31.25 -48.56
N THR A 426 -39.42 31.39 -47.59
CA THR A 426 -38.63 30.23 -47.17
C THR A 426 -39.52 29.15 -46.58
N ASP A 427 -40.50 29.53 -45.76
CA ASP A 427 -41.39 28.55 -45.14
C ASP A 427 -42.22 27.81 -46.20
N VAL A 428 -42.80 28.54 -47.15
CA VAL A 428 -43.61 27.88 -48.18
C VAL A 428 -42.75 26.98 -49.05
N LEU A 429 -41.55 27.43 -49.44
CA LEU A 429 -40.72 26.57 -50.28
C LEU A 429 -40.27 25.32 -49.51
N TYR A 430 -39.93 25.48 -48.23
CA TYR A 430 -39.52 24.31 -47.44
C TYR A 430 -40.66 23.32 -47.31
N ARG A 431 -41.87 23.83 -47.05
CA ARG A 431 -43.02 22.94 -46.92
C ARG A 431 -43.30 22.23 -48.23
N VAL A 432 -43.18 22.95 -49.35
CA VAL A 432 -43.42 22.34 -50.66
C VAL A 432 -42.40 21.24 -50.92
N MET A 433 -41.13 21.50 -50.59
CA MET A 433 -40.09 20.50 -50.79
C MET A 433 -40.34 19.27 -49.92
N ARG A 434 -40.72 19.48 -48.65
CA ARG A 434 -40.98 18.36 -47.78
C ARG A 434 -42.15 17.53 -48.28
N CYS A 435 -43.22 18.20 -48.75
CA CYS A 435 -44.38 17.48 -49.26
C CYS A 435 -44.05 16.71 -50.53
N VAL A 436 -43.30 17.33 -51.46
CA VAL A 436 -42.95 16.65 -52.69
C VAL A 436 -42.04 15.47 -52.41
N THR A 437 -41.18 15.57 -51.39
CA THR A 437 -40.29 14.46 -51.07
C THR A 437 -41.05 13.32 -50.40
N ALA A 438 -41.94 13.65 -49.47
CA ALA A 438 -42.72 12.63 -48.77
C ALA A 438 -43.76 11.99 -49.67
N ALA A 439 -44.14 12.65 -50.77
CA ALA A 439 -45.14 12.09 -51.67
C ALA A 439 -44.66 10.78 -52.29
N ASN A 440 -43.38 10.74 -52.69
CA ASN A 440 -42.81 9.54 -53.29
C ASN A 440 -42.54 8.49 -52.23
N GLN A 441 -43.58 7.79 -51.79
CA GLN A 441 -43.48 6.75 -50.78
C GLN A 441 -43.72 5.36 -51.38
N VAL A 442 -43.24 5.15 -52.61
CA VAL A 442 -43.39 3.88 -53.31
C VAL A 442 -42.05 3.27 -53.65
N PHE A 443 -41.12 4.05 -54.19
CA PHE A 443 -39.80 3.54 -54.55
C PHE A 443 -38.87 3.44 -53.35
N PHE A 444 -38.93 4.41 -52.44
CA PHE A 444 -38.09 4.44 -51.23
C PHE A 444 -36.61 4.40 -51.61
N SER A 445 -36.18 5.46 -52.29
CA SER A 445 -34.80 5.61 -52.72
C SER A 445 -33.99 6.33 -51.65
N GLU A 446 -32.86 5.74 -51.27
CA GLU A 446 -32.02 6.35 -50.26
C GLU A 446 -31.22 7.52 -50.80
N ALA A 447 -30.82 7.45 -52.08
CA ALA A 447 -30.05 8.53 -52.69
C ALA A 447 -30.84 9.83 -52.68
N VAL A 448 -32.12 9.79 -53.03
CA VAL A 448 -32.91 11.02 -53.03
C VAL A 448 -33.18 11.47 -51.59
N LEU A 449 -33.29 10.51 -50.67
CA LEU A 449 -33.55 10.86 -49.27
C LEU A 449 -32.39 11.63 -48.67
N THR A 450 -31.15 11.22 -48.96
CA THR A 450 -30.01 11.96 -48.41
C THR A 450 -29.97 13.38 -48.93
N ALA A 451 -30.21 13.56 -50.23
CA ALA A 451 -30.20 14.90 -50.82
C ALA A 451 -31.32 15.74 -50.23
N ALA A 452 -32.50 15.13 -50.02
CA ALA A 452 -33.62 15.86 -49.45
C ALA A 452 -33.29 16.29 -48.03
N ASN A 453 -32.69 15.41 -47.24
CA ASN A 453 -32.34 15.77 -45.87
C ASN A 453 -31.34 16.91 -45.87
N GLU A 454 -30.35 16.86 -46.76
CA GLU A 454 -29.35 17.92 -46.81
C GLU A 454 -29.98 19.26 -47.20
N CYS A 455 -30.87 19.26 -48.22
CA CYS A 455 -31.49 20.50 -48.63
C CYS A 455 -32.40 21.05 -47.53
N VAL A 456 -33.15 20.18 -46.85
CA VAL A 456 -34.03 20.64 -45.78
C VAL A 456 -33.20 21.24 -44.65
N GLY A 457 -32.07 20.60 -44.33
CA GLY A 457 -31.23 21.12 -43.26
C GLY A 457 -30.66 22.49 -43.61
N VAL A 458 -30.20 22.63 -44.86
CA VAL A 458 -29.65 23.91 -45.29
C VAL A 458 -30.72 25.00 -45.26
N LEU A 459 -31.93 24.66 -45.72
CA LEU A 459 -33.03 25.61 -45.73
C LEU A 459 -33.44 26.02 -44.32
N LEU A 460 -33.48 25.06 -43.40
CA LEU A 460 -33.86 25.36 -42.02
C LEU A 460 -32.79 26.16 -41.29
N GLY A 461 -31.51 25.94 -41.65
CA GLY A 461 -30.44 26.67 -41.01
C GLY A 461 -30.27 28.11 -41.44
N SER A 462 -30.99 28.54 -42.47
CA SER A 462 -30.87 29.92 -42.94
C SER A 462 -31.53 30.89 -41.97
N LEU A 463 -32.73 30.56 -41.49
CA LEU A 463 -33.44 31.43 -40.56
C LEU A 463 -32.93 31.23 -39.14
N ASP A 464 -33.33 32.13 -38.26
CA ASP A 464 -32.94 32.11 -36.85
C ASP A 464 -34.07 31.57 -35.98
N PRO A 465 -33.75 30.98 -34.82
CA PRO A 465 -34.80 30.44 -33.95
C PRO A 465 -35.63 31.52 -33.26
N SER A 466 -36.26 32.38 -34.05
CA SER A 466 -37.10 33.46 -33.53
C SER A 466 -38.37 33.59 -34.35
N MET A 467 -38.91 32.45 -34.79
CA MET A 467 -40.13 32.42 -35.59
C MET A 467 -41.07 31.39 -34.99
N THR A 468 -42.18 31.14 -35.69
CA THR A 468 -43.19 30.17 -35.28
C THR A 468 -43.60 29.29 -36.46
N ILE A 469 -42.60 28.76 -37.17
CA ILE A 469 -42.87 27.91 -38.32
C ILE A 469 -43.54 26.61 -37.85
N HIS A 470 -44.11 25.88 -38.81
CA HIS A 470 -44.79 24.62 -38.52
C HIS A 470 -43.83 23.62 -37.90
N CYS A 471 -44.06 23.29 -36.62
CA CYS A 471 -43.20 22.35 -35.92
C CYS A 471 -43.66 20.90 -36.11
N ASP A 472 -44.97 20.70 -36.26
CA ASP A 472 -45.49 19.35 -36.45
C ASP A 472 -45.02 18.73 -37.75
N MET A 473 -44.95 19.52 -38.82
CA MET A 473 -44.51 19.00 -40.12
C MET A 473 -43.07 18.49 -40.06
N VAL A 474 -42.15 19.31 -39.56
CA VAL A 474 -40.75 18.89 -39.49
C VAL A 474 -40.56 17.74 -38.51
N ILE A 475 -41.26 17.77 -37.37
CA ILE A 475 -41.13 16.69 -36.40
C ILE A 475 -41.59 15.37 -37.01
N THR A 476 -42.74 15.38 -37.68
CA THR A 476 -43.22 14.15 -38.31
C THR A 476 -42.29 13.69 -39.42
N TYR A 477 -41.77 14.63 -40.21
CA TYR A 477 -40.87 14.28 -41.30
C TYR A 477 -39.60 13.61 -40.76
N GLY A 478 -39.07 14.12 -39.66
CA GLY A 478 -37.87 13.55 -39.07
C GLY A 478 -38.12 12.20 -38.43
N LEU A 479 -39.22 12.08 -37.68
CA LEU A 479 -39.53 10.82 -37.03
C LEU A 479 -39.84 9.73 -38.04
N ASP A 480 -40.47 10.06 -39.17
CA ASP A 480 -40.77 9.05 -40.17
C ASP A 480 -39.50 8.40 -40.69
N GLN A 481 -38.46 9.22 -40.93
CA GLN A 481 -37.20 8.68 -41.43
C GLN A 481 -36.43 7.98 -40.34
N LEU A 482 -36.52 8.47 -39.10
CA LEU A 482 -35.79 7.83 -38.00
C LEU A 482 -36.35 6.45 -37.68
N GLU A 483 -37.68 6.30 -37.74
CA GLU A 483 -38.31 5.01 -37.45
C GLU A 483 -38.03 3.95 -38.50
N ASN A 484 -37.47 4.31 -39.65
CA ASN A 484 -37.17 3.35 -40.71
C ASN A 484 -35.74 3.52 -41.21
N CYS A 485 -34.78 3.61 -40.30
CA CYS A 485 -33.38 3.79 -40.63
C CYS A 485 -32.52 2.80 -39.88
N GLN A 486 -32.97 1.55 -39.76
CA GLN A 486 -32.20 0.54 -39.04
C GLN A 486 -31.17 -0.12 -39.96
N THR A 487 -31.64 -0.76 -41.03
CA THR A 487 -30.76 -1.43 -41.98
C THR A 487 -30.51 -0.52 -43.18
N CYS A 488 -29.84 0.59 -42.91
CA CYS A 488 -29.51 1.57 -43.93
C CYS A 488 -28.00 1.79 -44.00
N GLY A 489 -27.56 2.45 -45.08
CA GLY A 489 -26.15 2.70 -45.25
C GLY A 489 -25.64 3.76 -44.29
N THR A 490 -24.31 3.84 -44.19
CA THR A 490 -23.69 4.81 -43.30
C THR A 490 -23.93 6.25 -43.74
N ASP A 491 -24.05 6.50 -45.04
CA ASP A 491 -24.28 7.85 -45.53
C ASP A 491 -25.68 8.37 -45.25
N TYR A 492 -26.67 7.48 -45.07
CA TYR A 492 -28.03 7.90 -44.80
C TYR A 492 -28.28 8.13 -43.32
N ILE A 493 -27.71 7.27 -42.46
CA ILE A 493 -27.89 7.40 -41.02
C ILE A 493 -27.30 8.72 -40.54
N ILE A 494 -26.13 9.09 -41.08
CA ILE A 494 -25.50 10.33 -40.68
C ILE A 494 -26.38 11.52 -41.04
N SER A 495 -26.97 11.49 -42.24
CA SER A 495 -27.84 12.58 -42.66
C SER A 495 -29.08 12.67 -41.78
N VAL A 496 -29.66 11.52 -41.44
CA VAL A 496 -30.86 11.50 -40.59
C VAL A 496 -30.54 12.08 -39.22
N LEU A 497 -29.41 11.67 -38.63
CA LEU A 497 -29.03 12.18 -37.32
C LEU A 497 -28.74 13.68 -37.38
N ASN A 498 -28.07 14.13 -38.45
CA ASN A 498 -27.77 15.56 -38.56
C ASN A 498 -29.06 16.35 -38.67
N LEU A 499 -30.02 15.83 -39.44
CA LEU A 499 -31.30 16.52 -39.58
C LEU A 499 -32.01 16.59 -38.24
N LEU A 500 -31.95 15.50 -37.45
CA LEU A 500 -32.60 15.51 -36.15
C LEU A 500 -31.97 16.55 -35.25
N THR A 501 -30.63 16.63 -35.27
CA THR A 501 -29.93 17.62 -34.44
C THR A 501 -30.33 19.03 -34.86
N LEU A 502 -30.41 19.28 -36.16
CA LEU A 502 -30.79 20.60 -36.64
C LEU A 502 -32.23 20.93 -36.25
N ILE A 503 -33.11 19.94 -36.29
CA ILE A 503 -34.51 20.16 -35.93
C ILE A 503 -34.61 20.53 -34.45
N VAL A 504 -33.87 19.81 -33.61
CA VAL A 504 -33.90 20.11 -32.17
C VAL A 504 -33.32 21.48 -31.89
N GLU A 505 -32.24 21.85 -32.57
CA GLU A 505 -31.62 23.16 -32.34
C GLU A 505 -32.49 24.29 -32.86
N GLN A 506 -33.15 24.11 -34.00
CA GLN A 506 -34.00 25.15 -34.56
C GLN A 506 -35.23 25.41 -33.72
N ILE A 507 -35.92 24.35 -33.29
CA ILE A 507 -37.12 24.49 -32.46
C ILE A 507 -36.63 24.55 -31.03
N ASN A 508 -36.36 25.76 -30.57
CA ASN A 508 -35.88 26.00 -29.21
C ASN A 508 -37.05 26.35 -28.30
N THR A 509 -37.19 25.60 -27.21
CA THR A 509 -38.22 25.74 -26.18
C THR A 509 -39.62 25.52 -26.71
N LYS A 510 -39.81 25.14 -27.97
CA LYS A 510 -41.12 24.92 -28.55
C LYS A 510 -41.37 23.44 -28.88
N LEU A 511 -40.52 22.56 -28.35
CA LEU A 511 -40.67 21.13 -28.60
C LEU A 511 -41.53 20.50 -27.52
N PRO A 512 -42.58 19.76 -27.89
CA PRO A 512 -43.42 19.13 -26.88
C PRO A 512 -42.70 18.00 -26.18
N SER A 513 -43.22 17.63 -24.99
CA SER A 513 -42.61 16.56 -24.23
C SER A 513 -42.68 15.23 -24.97
N SER A 514 -43.62 15.09 -25.90
CA SER A 514 -43.75 13.85 -26.66
C SER A 514 -42.53 13.56 -27.51
N PHE A 515 -41.89 14.58 -28.08
CA PHE A 515 -40.70 14.37 -28.91
C PHE A 515 -39.60 13.70 -28.10
N VAL A 516 -39.13 14.37 -27.03
CA VAL A 516 -38.08 13.80 -26.20
C VAL A 516 -38.53 12.50 -25.57
N GLU A 517 -39.83 12.37 -25.27
CA GLU A 517 -40.31 11.14 -24.66
C GLU A 517 -40.16 9.96 -25.61
N LYS A 518 -40.51 10.14 -26.88
CA LYS A 518 -40.39 9.07 -27.87
C LYS A 518 -38.97 8.90 -28.37
N LEU A 519 -38.09 9.85 -28.09
CA LEU A 519 -36.70 9.74 -28.55
C LEU A 519 -35.78 9.01 -27.58
N PHE A 520 -36.24 8.67 -26.38
CA PHE A 520 -35.39 7.98 -25.41
C PHE A 520 -36.10 6.81 -24.73
N ILE A 521 -36.76 5.97 -25.50
CA ILE A 521 -37.47 4.81 -24.96
C ILE A 521 -36.78 3.54 -25.46
N PRO A 522 -36.98 2.40 -24.80
CA PRO A 522 -36.32 1.16 -25.25
C PRO A 522 -36.58 0.81 -26.71
N SER A 523 -37.77 1.09 -27.23
CA SER A 523 -38.09 0.79 -28.61
C SER A 523 -37.66 1.88 -29.58
N SER A 524 -37.10 2.98 -29.08
CA SER A 524 -36.67 4.05 -29.96
C SER A 524 -35.47 3.62 -30.80
N LYS A 525 -35.45 4.04 -32.06
CA LYS A 525 -34.37 3.69 -32.96
C LYS A 525 -33.08 4.43 -32.65
N LEU A 526 -33.14 5.54 -31.91
CA LEU A 526 -31.93 6.28 -31.58
C LEU A 526 -31.05 5.52 -30.60
N LEU A 527 -31.64 4.76 -29.68
CA LEU A 527 -30.86 3.99 -28.72
C LEU A 527 -30.11 2.86 -29.38
N PHE A 528 -30.59 2.36 -30.51
CA PHE A 528 -29.92 1.26 -31.22
C PHE A 528 -28.95 1.75 -32.28
N LEU A 529 -28.96 3.04 -32.60
CA LEU A 529 -28.05 3.58 -33.61
C LEU A 529 -26.65 3.85 -33.07
N ARG A 530 -26.47 3.83 -31.75
CA ARG A 530 -25.16 4.08 -31.16
C ARG A 530 -24.28 2.83 -31.13
N TYR A 531 -24.81 1.68 -31.57
CA TYR A 531 -24.07 0.42 -31.58
C TYR A 531 -23.32 0.23 -32.90
N HIS A 532 -23.20 1.27 -33.70
CA HIS A 532 -22.49 1.18 -34.96
C HIS A 532 -20.99 1.00 -34.73
N LYS A 533 -20.32 0.49 -35.75
CA LYS A 533 -18.87 0.25 -35.68
C LYS A 533 -18.06 1.49 -36.00
N GLU A 534 -18.50 2.30 -36.95
CA GLU A 534 -17.77 3.51 -37.31
C GLU A 534 -17.91 4.57 -36.22
N LYS A 535 -16.83 5.32 -35.98
CA LYS A 535 -16.83 6.36 -34.98
C LYS A 535 -17.68 7.55 -35.38
N GLU A 536 -17.84 7.80 -36.69
CA GLU A 536 -18.64 8.92 -37.17
C GLU A 536 -20.10 8.81 -36.75
N VAL A 537 -20.69 7.62 -36.83
CA VAL A 537 -22.08 7.45 -36.43
C VAL A 537 -22.24 7.69 -34.93
N VAL A 538 -21.28 7.19 -34.14
CA VAL A 538 -21.36 7.39 -32.70
C VAL A 538 -21.23 8.88 -32.36
N ALA A 539 -20.40 9.60 -33.12
CA ALA A 539 -20.22 11.03 -32.87
C ALA A 539 -21.53 11.79 -33.07
N VAL A 540 -22.22 11.55 -34.18
CA VAL A 540 -23.49 12.25 -34.42
C VAL A 540 -24.54 11.77 -33.42
N ALA A 541 -24.51 10.50 -33.05
CA ALA A 541 -25.48 10.00 -32.09
C ALA A 541 -25.31 10.72 -30.77
N HIS A 542 -24.06 10.96 -30.38
CA HIS A 542 -23.77 11.68 -29.14
C HIS A 542 -24.15 13.14 -29.28
N ALA A 543 -23.99 13.68 -30.50
CA ALA A 543 -24.34 15.08 -30.74
C ALA A 543 -25.83 15.28 -30.53
N VAL A 544 -26.64 14.29 -30.91
CA VAL A 544 -28.09 14.41 -30.71
C VAL A 544 -28.39 14.53 -29.23
N TYR A 545 -27.73 13.69 -28.42
CA TYR A 545 -27.93 13.73 -26.97
C TYR A 545 -27.52 15.08 -26.42
N GLN A 546 -26.39 15.60 -26.90
CA GLN A 546 -25.91 16.90 -26.45
C GLN A 546 -26.90 18.01 -26.80
N ALA A 547 -27.46 17.97 -28.00
CA ALA A 547 -28.42 18.99 -28.40
C ALA A 547 -29.69 18.92 -27.55
N VAL A 548 -30.17 17.71 -27.28
CA VAL A 548 -31.38 17.58 -26.46
C VAL A 548 -31.12 18.02 -25.03
N LEU A 549 -29.92 17.74 -24.51
CA LEU A 549 -29.57 18.11 -23.15
C LEU A 549 -29.14 19.57 -23.01
N SER A 550 -29.13 20.32 -24.11
CA SER A 550 -28.73 21.73 -24.10
C SER A 550 -29.93 22.67 -24.24
N LEU A 551 -31.14 22.19 -24.02
CA LEU A 551 -32.33 23.02 -24.14
C LEU A 551 -32.56 23.83 -22.86
N LYS A 552 -33.17 24.99 -23.03
CA LYS A 552 -33.47 25.90 -21.92
C LYS A 552 -34.86 25.67 -21.34
N ASN A 553 -35.61 24.71 -21.86
CA ASN A 553 -36.95 24.41 -21.38
C ASN A 553 -36.83 23.35 -20.29
N ILE A 554 -36.96 23.77 -19.04
CA ILE A 554 -36.84 22.84 -17.92
C ILE A 554 -37.89 21.74 -17.96
N PRO A 555 -39.18 21.99 -18.22
CA PRO A 555 -40.15 20.87 -18.23
C PRO A 555 -39.81 19.75 -19.19
N VAL A 556 -39.29 20.03 -20.39
CA VAL A 556 -38.97 18.95 -21.32
C VAL A 556 -37.60 18.33 -21.07
N LEU A 557 -36.66 19.08 -20.47
CA LEU A 557 -35.35 18.54 -20.20
C LEU A 557 -35.40 17.46 -19.13
N GLU A 558 -36.30 17.61 -18.16
CA GLU A 558 -36.44 16.63 -17.09
C GLU A 558 -36.85 15.27 -17.62
N THR A 559 -37.72 15.24 -18.64
CA THR A 559 -38.15 13.96 -19.20
C THR A 559 -36.97 13.17 -19.74
N ALA A 560 -36.13 13.83 -20.56
CA ALA A 560 -34.96 13.15 -21.10
C ALA A 560 -33.98 12.76 -20.01
N TYR A 561 -33.81 13.64 -19.01
CA TYR A 561 -32.89 13.35 -17.91
C TYR A 561 -33.34 12.09 -17.17
N LYS A 562 -34.63 12.00 -16.85
CA LYS A 562 -35.15 10.84 -16.15
C LYS A 562 -35.04 9.58 -17.00
N LEU A 563 -35.29 9.70 -18.31
CA LEU A 563 -35.18 8.52 -19.17
C LEU A 563 -33.74 8.00 -19.20
N ILE A 564 -32.77 8.91 -19.31
CA ILE A 564 -31.37 8.50 -19.33
C ILE A 564 -30.99 7.86 -18.00
N LEU A 565 -31.41 8.46 -16.89
CA LEU A 565 -31.08 7.88 -15.59
C LEU A 565 -31.73 6.51 -15.43
N GLY A 566 -32.95 6.34 -15.96
CA GLY A 566 -33.62 5.06 -15.86
C GLY A 566 -32.86 3.99 -16.63
N GLU A 567 -32.40 4.33 -17.84
CA GLU A 567 -31.66 3.35 -18.62
C GLU A 567 -30.36 2.99 -17.89
N MET A 568 -29.72 3.98 -17.28
CA MET A 568 -28.48 3.72 -16.55
C MET A 568 -28.74 2.78 -15.39
N THR A 569 -29.84 3.02 -14.67
CA THR A 569 -30.19 2.17 -13.54
C THR A 569 -30.48 0.75 -14.00
N CYS A 570 -31.17 0.61 -15.13
CA CYS A 570 -31.48 -0.72 -15.63
C CYS A 570 -30.19 -1.48 -15.98
N ALA A 571 -29.26 -0.80 -16.65
CA ALA A 571 -27.99 -1.45 -17.01
C ALA A 571 -27.21 -1.84 -15.76
N LEU A 572 -27.16 -0.94 -14.77
CA LEU A 572 -26.44 -1.23 -13.54
C LEU A 572 -27.07 -2.41 -12.82
N ASN A 573 -28.40 -2.48 -12.81
CA ASN A 573 -29.09 -3.58 -12.15
C ASN A 573 -28.77 -4.89 -12.85
N ASN A 574 -28.73 -4.88 -14.19
CA ASN A 574 -28.41 -6.10 -14.91
C ASN A 574 -27.00 -6.56 -14.59
N LEU A 575 -26.05 -5.61 -14.55
CA LEU A 575 -24.68 -5.97 -14.23
C LEU A 575 -24.57 -6.53 -12.82
N LEU A 576 -25.29 -5.93 -11.86
CA LEU A 576 -25.25 -6.42 -10.49
C LEU A 576 -25.85 -7.82 -10.40
N HIS A 577 -26.94 -8.06 -11.14
CA HIS A 577 -27.57 -9.38 -11.12
C HIS A 577 -26.66 -10.44 -11.73
N SER A 578 -25.84 -10.04 -12.71
CA SER A 578 -24.94 -10.99 -13.35
C SER A 578 -23.96 -11.60 -12.36
N LEU A 579 -23.66 -10.90 -11.26
CA LEU A 579 -22.73 -11.38 -10.23
C LEU A 579 -23.45 -11.97 -9.03
N GLN A 580 -24.78 -12.10 -9.12
CA GLN A 580 -25.61 -12.64 -8.05
C GLN A 580 -25.60 -11.73 -6.82
N LEU A 581 -25.97 -10.47 -7.04
CA LEU A 581 -26.03 -9.43 -6.03
C LEU A 581 -27.40 -8.77 -6.09
N PRO A 582 -27.86 -8.20 -4.98
CA PRO A 582 -29.18 -7.54 -4.99
C PRO A 582 -29.17 -6.25 -5.81
N GLU A 583 -30.36 -5.80 -6.16
CA GLU A 583 -30.54 -4.60 -6.94
C GLU A 583 -30.23 -3.36 -6.10
N ALA A 584 -30.04 -2.23 -6.78
CA ALA A 584 -29.74 -0.96 -6.12
C ALA A 584 -30.20 0.18 -7.01
N CYS A 585 -30.05 1.40 -6.50
CA CYS A 585 -30.43 2.63 -7.21
C CYS A 585 -31.92 2.62 -7.56
N SER A 586 -32.75 2.36 -6.56
CA SER A 586 -34.19 2.31 -6.72
C SER A 586 -34.85 3.69 -6.66
N GLU A 587 -34.09 4.74 -6.35
CA GLU A 587 -34.62 6.10 -6.25
C GLU A 587 -34.59 6.83 -7.59
N ILE A 588 -33.98 6.26 -8.62
CA ILE A 588 -33.90 6.92 -9.92
C ILE A 588 -34.40 5.98 -11.01
N LYS A 589 -35.04 4.88 -10.60
CA LYS A 589 -35.55 3.91 -11.56
C LYS A 589 -36.71 4.51 -12.35
N HIS A 590 -36.89 4.01 -13.57
CA HIS A 590 -37.94 4.47 -14.47
C HIS A 590 -38.86 3.32 -14.82
N GLU A 591 -40.11 3.66 -15.13
CA GLU A 591 -41.10 2.65 -15.49
C GLU A 591 -40.90 2.13 -16.90
N ALA A 592 -40.34 2.93 -17.80
CA ALA A 592 -40.12 2.49 -19.17
C ALA A 592 -39.17 1.29 -19.25
N PHE A 593 -38.33 1.11 -18.24
CA PHE A 593 -37.37 0.01 -18.19
C PHE A 593 -37.73 -0.95 -17.06
N LYS A 594 -39.02 -1.22 -16.90
CA LYS A 594 -39.49 -2.12 -15.85
C LYS A 594 -38.94 -3.53 -16.02
N ASN A 595 -38.95 -4.04 -17.25
CA ASN A 595 -38.44 -5.40 -17.49
C ASN A 595 -37.66 -5.41 -18.80
N HIS A 596 -36.35 -5.22 -18.70
CA HIS A 596 -35.46 -5.21 -19.85
C HIS A 596 -34.18 -5.94 -19.44
N VAL A 597 -33.63 -6.70 -20.38
CA VAL A 597 -32.41 -7.47 -20.14
C VAL A 597 -31.31 -6.98 -21.06
N PHE A 598 -30.18 -6.60 -20.46
CA PHE A 598 -29.01 -6.12 -21.18
C PHE A 598 -27.86 -7.09 -20.96
N ASN A 599 -27.12 -7.37 -22.02
CA ASN A 599 -25.99 -8.27 -21.88
C ASN A 599 -24.87 -7.55 -21.12
N VAL A 600 -23.88 -8.31 -20.66
CA VAL A 600 -22.79 -7.70 -19.92
C VAL A 600 -22.10 -6.65 -20.77
N ASP A 601 -21.76 -7.01 -22.02
CA ASP A 601 -21.10 -6.07 -22.91
C ASP A 601 -22.01 -4.90 -23.28
N ASN A 602 -23.31 -5.15 -23.42
CA ASN A 602 -24.26 -4.10 -23.78
C ASN A 602 -24.45 -3.12 -22.63
N ALA A 603 -24.65 -3.64 -21.40
CA ALA A 603 -24.84 -2.76 -20.25
C ALA A 603 -23.58 -1.97 -19.96
N LYS A 604 -22.42 -2.62 -20.05
CA LYS A 604 -21.15 -1.95 -19.80
C LYS A 604 -20.94 -0.81 -20.79
N PHE A 605 -21.47 -0.95 -22.01
CA PHE A 605 -21.34 0.05 -23.05
C PHE A 605 -22.31 1.21 -22.84
N VAL A 606 -23.57 0.90 -22.55
CA VAL A 606 -24.56 1.95 -22.35
C VAL A 606 -24.27 2.79 -21.11
N VAL A 607 -23.72 2.19 -20.05
CA VAL A 607 -23.42 2.98 -18.85
C VAL A 607 -22.40 4.07 -19.17
N ILE A 608 -21.31 3.70 -19.85
CA ILE A 608 -20.28 4.67 -20.20
C ILE A 608 -20.81 5.68 -21.20
N PHE A 609 -21.63 5.23 -22.16
CA PHE A 609 -22.19 6.16 -23.14
C PHE A 609 -23.06 7.20 -22.46
N ASP A 610 -23.89 6.77 -21.52
CA ASP A 610 -24.77 7.70 -20.81
C ASP A 610 -23.95 8.66 -19.94
N LEU A 611 -22.87 8.17 -19.32
CA LEU A 611 -22.05 9.07 -18.50
C LEU A 611 -21.44 10.14 -19.39
N SER A 612 -20.92 9.74 -20.55
CA SER A 612 -20.33 10.70 -21.47
C SER A 612 -21.37 11.71 -21.91
N ALA A 613 -22.60 11.25 -22.12
CA ALA A 613 -23.67 12.16 -22.54
C ALA A 613 -23.99 13.15 -21.42
N LEU A 614 -24.00 12.68 -20.18
CA LEU A 614 -24.28 13.54 -19.03
C LEU A 614 -23.19 14.59 -18.85
N THR A 615 -21.98 14.31 -19.34
CA THR A 615 -20.92 15.30 -19.20
C THR A 615 -21.28 16.61 -19.88
N THR A 616 -22.24 16.60 -20.82
CA THR A 616 -22.65 17.83 -21.49
C THR A 616 -23.12 18.86 -20.47
N ILE A 617 -24.02 18.45 -19.57
CA ILE A 617 -24.53 19.36 -18.55
C ILE A 617 -23.57 19.40 -17.37
N GLY A 618 -22.77 18.35 -17.16
CA GLY A 618 -21.83 18.36 -16.06
C GLY A 618 -20.72 19.36 -16.23
N ASN A 619 -20.36 19.66 -17.49
CA ASN A 619 -19.30 20.60 -17.82
C ASN A 619 -19.87 21.94 -18.29
N ALA A 620 -21.03 22.34 -17.78
CA ALA A 620 -21.65 23.59 -18.15
C ALA A 620 -21.17 24.73 -17.27
N LYS A 621 -21.14 25.94 -17.84
CA LYS A 621 -20.70 27.13 -17.13
C LYS A 621 -21.88 28.01 -16.71
N ASN A 622 -23.01 27.40 -16.38
CA ASN A 622 -24.21 28.13 -15.95
C ASN A 622 -24.66 29.14 -17.00
N TRP A 628 -29.91 24.89 -14.75
CA TRP A 628 -30.27 23.48 -14.70
C TRP A 628 -30.49 23.03 -13.25
N ALA A 629 -31.72 23.20 -12.78
CA ALA A 629 -32.11 22.83 -11.42
C ALA A 629 -32.97 21.56 -11.50
N LEU A 630 -32.30 20.41 -11.51
CA LEU A 630 -32.96 19.12 -11.58
C LEU A 630 -33.05 18.53 -10.18
N SER A 631 -33.88 17.49 -10.02
CA SER A 631 -34.00 16.89 -8.70
C SER A 631 -32.65 16.24 -8.38
N PRO A 632 -32.21 15.18 -9.09
CA PRO A 632 -30.90 14.60 -8.76
C PRO A 632 -29.81 15.39 -9.47
N THR A 633 -29.05 16.20 -8.74
CA THR A 633 -27.99 16.97 -9.37
C THR A 633 -26.87 16.05 -9.81
N VAL A 634 -26.10 16.52 -10.81
CA VAL A 634 -24.98 15.74 -11.33
C VAL A 634 -23.99 15.42 -10.22
N PHE A 635 -23.64 16.43 -9.41
CA PHE A 635 -22.70 16.20 -8.32
C PHE A 635 -23.24 15.19 -7.32
N ALA A 636 -24.48 15.39 -6.87
CA ALA A 636 -25.07 14.45 -5.92
C ALA A 636 -25.21 13.07 -6.52
N LEU A 637 -25.59 12.98 -7.79
CA LEU A 637 -25.74 11.68 -8.43
C LEU A 637 -24.43 10.91 -8.46
N LEU A 638 -23.37 11.54 -9.00
CA LEU A 638 -22.07 10.89 -9.07
C LEU A 638 -21.39 10.70 -7.72
N SER A 639 -21.81 11.43 -6.68
CA SER A 639 -21.17 11.27 -5.39
C SER A 639 -21.91 10.36 -4.41
N LYS A 640 -23.23 10.21 -4.53
CA LYS A 640 -23.94 9.35 -3.61
C LYS A 640 -24.89 8.36 -4.27
N ASN A 641 -25.44 8.69 -5.43
CA ASN A 641 -26.36 7.77 -6.09
C ASN A 641 -25.63 6.58 -6.70
N LEU A 642 -24.46 6.81 -7.30
CA LEU A 642 -23.68 5.74 -7.91
C LEU A 642 -22.55 5.25 -7.02
N MET A 643 -22.74 5.28 -5.71
CA MET A 643 -21.71 4.83 -4.78
C MET A 643 -21.54 3.30 -4.79
N ILE A 644 -22.49 2.57 -5.38
CA ILE A 644 -22.40 1.11 -5.42
C ILE A 644 -21.29 0.62 -6.34
N VAL A 645 -20.86 1.43 -7.32
CA VAL A 645 -19.81 1.02 -8.24
C VAL A 645 -18.45 0.86 -7.57
N HIS A 646 -18.30 1.27 -6.31
CA HIS A 646 -17.04 1.16 -5.59
C HIS A 646 -16.97 -0.04 -4.66
N SER A 647 -18.08 -0.74 -4.43
CA SER A 647 -18.06 -1.90 -3.53
C SER A 647 -17.58 -3.17 -4.22
N ASP A 648 -18.33 -3.65 -5.21
CA ASP A 648 -17.96 -4.87 -5.93
C ASP A 648 -17.91 -4.69 -7.44
N LEU A 649 -18.56 -3.66 -7.98
CA LEU A 649 -18.53 -3.45 -9.42
C LEU A 649 -17.16 -2.99 -9.90
N ALA A 650 -16.33 -2.44 -9.00
CA ALA A 650 -15.01 -1.97 -9.36
C ALA A 650 -14.04 -3.11 -9.64
N VAL A 651 -14.16 -4.22 -8.92
CA VAL A 651 -13.27 -5.37 -9.13
C VAL A 651 -13.54 -6.05 -10.47
N HIS A 652 -14.81 -6.23 -10.84
CA HIS A 652 -15.17 -6.88 -12.08
C HIS A 652 -15.30 -5.92 -13.27
N PHE A 653 -15.69 -4.66 -13.02
CA PHE A 653 -15.86 -3.67 -14.08
C PHE A 653 -15.22 -2.36 -13.65
N PRO A 654 -13.88 -2.29 -13.63
CA PRO A 654 -13.21 -1.04 -13.21
C PRO A 654 -13.46 0.13 -14.15
N ALA A 655 -13.84 -0.12 -15.41
CA ALA A 655 -14.09 0.96 -16.35
C ALA A 655 -15.24 1.85 -15.89
N ILE A 656 -16.29 1.26 -15.31
CA ILE A 656 -17.42 2.06 -14.85
C ILE A 656 -16.98 3.00 -13.73
N GLN A 657 -16.22 2.48 -12.77
CA GLN A 657 -15.74 3.31 -11.68
C GLN A 657 -14.85 4.42 -12.20
N TYR A 658 -13.98 4.10 -13.17
CA TYR A 658 -13.10 5.11 -13.72
C TYR A 658 -13.89 6.20 -14.42
N ALA A 659 -14.91 5.81 -15.20
CA ALA A 659 -15.73 6.80 -15.91
C ALA A 659 -16.46 7.70 -14.94
N VAL A 660 -17.03 7.13 -13.88
CA VAL A 660 -17.77 7.93 -12.90
C VAL A 660 -16.83 8.92 -12.22
N LEU A 661 -15.66 8.43 -11.78
CA LEU A 661 -14.70 9.31 -11.13
C LEU A 661 -14.18 10.39 -12.06
N TYR A 662 -13.94 10.04 -13.33
CA TYR A 662 -13.45 11.02 -14.30
C TYR A 662 -14.48 12.11 -14.52
N THR A 663 -15.76 11.72 -14.65
CA THR A 663 -16.80 12.72 -14.85
C THR A 663 -16.91 13.63 -13.64
N LEU A 664 -16.87 13.05 -12.43
CA LEU A 664 -16.97 13.87 -11.23
C LEU A 664 -15.78 14.82 -11.11
N TYR A 665 -14.58 14.34 -11.42
CA TYR A 665 -13.39 15.19 -11.35
C TYR A 665 -13.48 16.32 -12.37
N SER A 666 -13.94 16.01 -13.58
CA SER A 666 -14.05 17.03 -14.61
C SER A 666 -15.07 18.09 -14.22
N HIS A 667 -16.17 17.68 -13.57
CA HIS A 667 -17.18 18.65 -13.18
C HIS A 667 -16.74 19.48 -11.97
N CYS A 668 -15.97 18.87 -11.07
CA CYS A 668 -15.50 19.57 -9.87
C CYS A 668 -14.34 20.53 -10.15
N THR A 669 -13.45 20.18 -11.08
CA THR A 669 -12.32 21.06 -11.38
C THR A 669 -12.73 22.36 -12.06
N ARG A 670 -13.92 22.41 -12.67
CA ARG A 670 -14.34 23.64 -13.33
C ARG A 670 -14.81 24.71 -12.35
N HIS A 671 -15.16 24.34 -11.12
CA HIS A 671 -15.61 25.30 -10.11
C HIS A 671 -14.64 25.39 -8.94
N ASP A 672 -13.35 25.15 -9.19
CA ASP A 672 -12.31 25.21 -8.15
C ASP A 672 -12.65 24.28 -6.97
N HIS A 673 -13.27 23.14 -7.29
CA HIS A 673 -13.66 22.14 -6.30
C HIS A 673 -14.61 22.69 -5.24
N PHE A 674 -15.38 23.73 -5.61
CA PHE A 674 -16.35 24.37 -4.71
C PHE A 674 -15.72 24.77 -3.38
N ILE A 675 -14.55 25.41 -3.46
CA ILE A 675 -13.86 25.85 -2.25
C ILE A 675 -14.29 27.25 -1.83
N SER A 676 -14.73 28.09 -2.77
CA SER A 676 -15.15 29.44 -2.43
C SER A 676 -16.44 29.48 -1.61
N SER A 677 -17.36 28.53 -1.84
CA SER A 677 -18.60 28.51 -1.10
C SER A 677 -18.48 27.81 0.25
N SER A 678 -17.33 27.23 0.55
CA SER A 678 -17.14 26.54 1.82
C SER A 678 -16.55 27.47 2.88
N THR A 694 -27.95 32.42 -4.15
CA THR A 694 -28.77 31.33 -4.67
C THR A 694 -27.92 30.10 -4.95
N VAL A 695 -26.85 30.29 -5.72
CA VAL A 695 -25.96 29.18 -6.05
C VAL A 695 -24.95 28.90 -4.94
N THR A 696 -24.47 29.95 -4.26
CA THR A 696 -23.49 29.76 -3.19
C THR A 696 -24.08 28.94 -2.05
N THR A 697 -25.32 29.23 -1.66
CA THR A 697 -25.95 28.49 -0.56
C THR A 697 -26.20 27.03 -0.93
N ALA A 698 -26.30 26.72 -2.22
CA ALA A 698 -26.56 25.34 -2.63
C ALA A 698 -25.26 24.52 -2.66
N THR A 699 -24.13 25.17 -2.91
CA THR A 699 -22.83 24.51 -2.98
C THR A 699 -22.00 24.77 -1.73
N LYS A 700 -22.64 24.88 -0.57
CA LYS A 700 -21.93 25.13 0.68
C LYS A 700 -21.42 23.87 1.36
N LYS A 701 -21.64 22.68 0.81
CA LYS A 701 -21.17 21.47 1.45
C LYS A 701 -20.58 20.48 0.45
N HIS A 702 -20.03 20.96 -0.66
CA HIS A 702 -19.47 20.03 -1.63
C HIS A 702 -17.99 19.74 -1.39
N PHE A 703 -17.24 20.70 -0.85
CA PHE A 703 -15.82 20.47 -0.60
C PHE A 703 -15.61 19.37 0.43
N SER A 704 -16.41 19.38 1.50
CA SER A 704 -16.28 18.34 2.53
C SER A 704 -16.58 16.97 1.95
N ILE A 705 -17.61 16.88 1.10
CA ILE A 705 -17.96 15.60 0.50
C ILE A 705 -16.82 15.12 -0.40
N ILE A 706 -16.19 16.04 -1.13
CA ILE A 706 -15.09 15.66 -2.01
C ILE A 706 -13.93 15.10 -1.19
N LEU A 707 -13.57 15.80 -0.11
CA LEU A 707 -12.47 15.35 0.73
C LEU A 707 -12.80 14.00 1.36
N ASN A 708 -14.03 13.83 1.84
CA ASN A 708 -14.43 12.56 2.46
C ASN A 708 -14.38 11.42 1.46
N LEU A 709 -14.86 11.65 0.24
CA LEU A 709 -14.83 10.60 -0.77
C LEU A 709 -13.40 10.23 -1.13
N LEU A 710 -12.54 11.23 -1.30
CA LEU A 710 -11.14 10.95 -1.64
C LEU A 710 -10.48 10.15 -0.53
N GLY A 711 -10.68 10.56 0.73
CA GLY A 711 -10.08 9.85 1.84
C GLY A 711 -10.60 8.43 2.01
N ILE A 712 -11.89 8.22 1.78
CA ILE A 712 -12.46 6.88 1.92
C ILE A 712 -11.96 5.97 0.81
N LEU A 713 -11.94 6.46 -0.42
CA LEU A 713 -11.48 5.64 -1.53
C LEU A 713 -9.98 5.38 -1.50
N LEU A 714 -9.20 6.31 -0.95
CA LEU A 714 -7.76 6.10 -0.91
C LEU A 714 -7.32 5.07 0.12
N LYS A 715 -8.08 4.92 1.21
CA LYS A 715 -7.70 3.95 2.22
C LYS A 715 -7.86 2.51 1.74
N LYS A 716 -8.62 2.28 0.68
CA LYS A 716 -8.81 0.93 0.17
C LYS A 716 -7.50 0.35 -0.34
N ASP A 717 -7.23 -0.90 0.06
CA ASP A 717 -6.01 -1.59 -0.34
C ASP A 717 -6.19 -2.45 -1.58
N ASN A 718 -7.36 -2.39 -2.22
CA ASN A 718 -7.65 -3.17 -3.43
C ASN A 718 -8.10 -2.24 -4.55
N LEU A 719 -7.35 -1.16 -4.76
CA LEU A 719 -7.66 -0.19 -5.79
C LEU A 719 -6.94 -0.52 -7.10
N ASN A 720 -7.53 -0.07 -8.20
CA ASN A 720 -6.98 -0.28 -9.52
C ASN A 720 -5.82 0.69 -9.75
N GLN A 721 -4.88 0.28 -10.61
CA GLN A 721 -3.73 1.13 -10.90
C GLN A 721 -4.15 2.42 -11.59
N ASP A 722 -5.06 2.37 -12.55
CA ASP A 722 -5.51 3.58 -13.24
C ASP A 722 -6.29 4.51 -12.33
N THR A 723 -7.16 3.95 -11.47
CA THR A 723 -7.95 4.75 -10.55
C THR A 723 -7.09 5.43 -9.49
N ARG A 724 -6.09 4.72 -8.96
CA ARG A 724 -5.22 5.30 -7.93
C ARG A 724 -4.47 6.50 -8.47
N LYS A 725 -4.02 6.43 -9.73
CA LYS A 725 -3.28 7.57 -10.30
C LYS A 725 -4.19 8.79 -10.39
N LEU A 726 -5.44 8.58 -10.82
CA LEU A 726 -6.38 9.69 -10.93
C LEU A 726 -6.65 10.28 -9.55
N LEU A 727 -6.78 9.40 -8.55
CA LEU A 727 -7.02 9.86 -7.19
C LEU A 727 -5.84 10.69 -6.69
N MET A 728 -4.61 10.25 -6.99
CA MET A 728 -3.42 11.00 -6.58
C MET A 728 -3.38 12.36 -7.24
N THR A 729 -3.71 12.42 -8.54
CA THR A 729 -3.70 13.70 -9.23
C THR A 729 -4.73 14.64 -8.61
N TRP A 730 -5.93 14.14 -8.34
CA TRP A 730 -6.98 14.96 -7.74
C TRP A 730 -6.58 15.42 -6.35
N ALA A 731 -6.00 14.50 -5.55
CA ALA A 731 -5.59 14.84 -4.19
C ALA A 731 -4.48 15.89 -4.20
N LEU A 732 -3.50 15.75 -5.10
CA LEU A 732 -2.41 16.71 -5.17
C LEU A 732 -2.95 18.08 -5.59
N GLU A 733 -3.88 18.10 -6.55
CA GLU A 733 -4.44 19.37 -6.99
C GLU A 733 -5.19 20.05 -5.85
N ALA A 734 -5.98 19.27 -5.10
CA ALA A 734 -6.72 19.85 -3.99
C ALA A 734 -5.77 20.34 -2.90
N ALA A 735 -4.69 19.58 -2.64
CA ALA A 735 -3.72 19.98 -1.63
C ALA A 735 -3.05 21.30 -2.00
N VAL A 736 -2.67 21.45 -3.27
CA VAL A 736 -2.03 22.68 -3.70
C VAL A 736 -3.03 23.83 -3.65
N LEU A 737 -4.29 23.57 -4.01
CA LEU A 737 -5.31 24.61 -3.99
C LEU A 737 -5.63 25.09 -2.58
N MET A 738 -5.60 24.21 -1.58
CA MET A 738 -5.89 24.64 -0.22
C MET A 738 -4.85 25.60 0.35
N ARG A 739 -3.69 25.71 -0.27
CA ARG A 739 -2.63 26.61 0.21
C ARG A 739 -2.46 27.84 -0.67
N LYS A 740 -3.29 28.01 -1.70
CA LYS A 740 -3.18 29.16 -2.58
C LYS A 740 -3.51 30.47 -1.88
N SER A 741 -4.42 30.45 -0.90
CA SER A 741 -4.79 31.66 -0.20
C SER A 741 -4.88 31.38 1.30
N GLU A 742 -4.69 32.43 2.09
CA GLU A 742 -4.76 32.33 3.54
C GLU A 742 -6.18 32.33 4.08
N THR A 743 -7.17 32.65 3.25
CA THR A 743 -8.55 32.66 3.69
C THR A 743 -9.11 31.27 3.93
N TYR A 744 -8.40 30.23 3.49
CA TYR A 744 -8.82 28.84 3.67
C TYR A 744 -8.24 28.21 4.92
N ALA A 745 -7.64 29.01 5.81
CA ALA A 745 -7.04 28.52 7.05
C ALA A 745 -8.05 27.79 7.94
N PRO A 746 -9.27 28.28 8.15
CA PRO A 746 -10.21 27.56 9.01
C PRO A 746 -10.68 26.22 8.44
N LEU A 747 -10.31 25.88 7.21
CA LEU A 747 -10.73 24.61 6.60
C LEU A 747 -9.86 23.44 7.01
N PHE A 748 -8.81 23.66 7.81
CA PHE A 748 -7.92 22.59 8.26
C PHE A 748 -8.40 21.92 9.54
N SER A 749 -9.56 22.31 10.07
CA SER A 749 -10.08 21.73 11.30
C SER A 749 -11.26 20.79 11.08
N LEU A 750 -11.70 20.62 9.84
CA LEU A 750 -12.83 19.73 9.56
C LEU A 750 -12.38 18.27 9.57
N PRO A 751 -13.23 17.34 10.01
CA PRO A 751 -12.83 15.93 10.02
C PRO A 751 -12.51 15.40 8.64
N SER A 752 -13.14 15.94 7.60
CA SER A 752 -12.87 15.48 6.25
C SER A 752 -11.40 15.67 5.92
N PHE A 753 -10.80 16.76 6.40
CA PHE A 753 -9.39 17.00 6.15
C PHE A 753 -8.55 15.92 6.81
N HIS A 754 -8.94 15.50 8.02
CA HIS A 754 -8.21 14.46 8.72
C HIS A 754 -8.28 13.16 7.93
N LYS A 755 -9.46 12.82 7.40
CA LYS A 755 -9.59 11.60 6.62
C LYS A 755 -8.74 11.68 5.35
N PHE A 756 -8.73 12.85 4.72
CA PHE A 756 -7.96 13.06 3.50
C PHE A 756 -6.47 12.86 3.79
N CYS A 757 -6.00 13.42 4.91
CA CYS A 757 -4.59 13.28 5.27
C CYS A 757 -4.26 11.83 5.57
N LYS A 758 -5.18 11.11 6.24
CA LYS A 758 -4.92 9.71 6.55
C LYS A 758 -4.79 8.93 5.25
N GLY A 759 -5.62 9.24 4.27
CA GLY A 759 -5.54 8.54 3.00
C GLY A 759 -4.22 8.84 2.31
N LEU A 760 -3.79 10.10 2.38
CA LEU A 760 -2.52 10.48 1.76
C LEU A 760 -1.37 9.71 2.39
N LEU A 761 -1.39 9.58 3.72
CA LEU A 761 -0.35 8.85 4.42
C LEU A 761 -0.41 7.37 4.08
N ALA A 762 -1.62 6.83 3.94
CA ALA A 762 -1.77 5.42 3.60
C ALA A 762 -1.29 5.12 2.19
N ASN A 763 -1.26 6.12 1.30
CA ASN A 763 -0.81 5.85 -0.05
C ASN A 763 0.71 5.79 -0.16
N THR A 764 1.44 6.18 0.88
CA THR A 764 2.88 6.13 0.84
C THR A 764 3.35 4.71 1.14
N LEU A 765 4.62 4.44 0.88
CA LEU A 765 5.23 3.13 1.12
C LEU A 765 4.57 2.03 0.29
N VAL A 766 4.15 2.34 -0.94
CA VAL A 766 3.52 1.37 -1.82
C VAL A 766 4.54 0.94 -2.87
N GLU A 767 4.20 -0.12 -3.60
CA GLU A 767 5.10 -0.64 -4.63
C GLU A 767 5.32 0.32 -5.78
N ASP A 768 4.35 1.18 -6.10
CA ASP A 768 4.50 2.13 -7.19
C ASP A 768 5.30 3.35 -6.75
N VAL A 769 6.42 3.59 -7.45
CA VAL A 769 7.28 4.72 -7.13
C VAL A 769 6.59 6.04 -7.42
N ASN A 770 5.90 6.13 -8.56
CA ASN A 770 5.21 7.37 -8.91
C ASN A 770 4.13 7.71 -7.90
N ILE A 771 3.38 6.72 -7.41
CA ILE A 771 2.34 6.98 -6.43
C ILE A 771 2.96 7.54 -5.16
N CYS A 772 4.09 6.96 -4.73
CA CYS A 772 4.77 7.44 -3.53
C CYS A 772 5.25 8.88 -3.73
N LEU A 773 5.78 9.17 -4.92
CA LEU A 773 6.27 10.52 -5.19
C LEU A 773 5.11 11.52 -5.13
N GLN A 774 3.96 11.15 -5.71
CA GLN A 774 2.81 12.04 -5.68
C GLN A 774 2.33 12.27 -4.26
N ALA A 775 2.27 11.21 -3.45
CA ALA A 775 1.83 11.35 -2.07
C ALA A 775 2.81 12.21 -1.28
N CYS A 776 4.11 12.02 -1.51
CA CYS A 776 5.11 12.82 -0.80
C CYS A 776 4.99 14.28 -1.19
N SER A 777 4.76 14.56 -2.48
CA SER A 777 4.62 15.94 -2.93
C SER A 777 3.38 16.57 -2.30
N SER A 778 2.28 15.81 -2.22
CA SER A 778 1.07 16.34 -1.62
C SER A 778 1.26 16.62 -0.14
N LEU A 779 1.99 15.73 0.56
CA LEU A 779 2.22 15.94 1.98
C LEU A 779 3.18 17.11 2.21
N HIS A 780 4.12 17.31 1.29
CA HIS A 780 5.07 18.41 1.43
C HIS A 780 4.41 19.75 1.15
N ALA A 781 3.47 19.79 0.21
CA ALA A 781 2.79 21.05 -0.11
C ALA A 781 2.06 21.59 1.12
N LEU A 782 1.41 20.71 1.86
CA LEU A 782 0.68 21.08 3.07
C LEU A 782 1.38 20.56 4.33
N SER A 783 2.72 20.53 4.29
CA SER A 783 3.49 20.07 5.43
C SER A 783 3.12 20.84 6.69
N SER A 784 3.07 22.16 6.59
CA SER A 784 2.70 22.98 7.72
C SER A 784 1.18 22.96 7.86
N SER A 785 0.67 23.63 8.89
CA SER A 785 -0.76 23.72 9.18
C SER A 785 -1.37 22.36 9.50
N LEU A 786 -0.57 21.30 9.62
CA LEU A 786 -0.87 19.91 9.91
C LEU A 786 -0.72 19.64 11.40
N PRO A 787 -1.61 18.85 12.00
CA PRO A 787 -1.49 18.57 13.43
C PRO A 787 -0.28 17.70 13.72
N ASP A 788 0.21 17.78 14.96
CA ASP A 788 1.38 16.99 15.35
C ASP A 788 1.13 15.50 15.23
N ASP A 789 -0.12 15.05 15.37
CA ASP A 789 -0.44 13.64 15.25
C ASP A 789 -0.08 13.10 13.88
N LEU A 790 -0.22 13.92 12.84
CA LEU A 790 0.11 13.48 11.48
C LEU A 790 1.60 13.68 11.18
N LEU A 791 2.20 14.74 11.72
CA LEU A 791 3.62 14.97 11.49
C LEU A 791 4.44 13.85 12.10
N GLN A 792 4.01 13.37 13.28
CA GLN A 792 4.73 12.29 13.92
C GLN A 792 4.70 11.04 13.05
N ARG A 793 3.57 10.81 12.37
CA ARG A 793 3.45 9.66 11.50
C ARG A 793 4.31 9.83 10.25
N CYS A 794 4.43 11.09 9.78
CA CYS A 794 5.26 11.35 8.60
C CYS A 794 6.73 11.15 8.89
N VAL A 795 7.15 11.39 10.14
CA VAL A 795 8.55 11.22 10.51
C VAL A 795 8.98 9.77 10.31
N ASP A 796 8.15 8.82 10.76
CA ASP A 796 8.49 7.41 10.61
C ASP A 796 8.54 7.00 9.15
N VAL A 797 7.59 7.51 8.34
CA VAL A 797 7.57 7.20 6.93
C VAL A 797 8.84 7.70 6.25
N CYS A 798 9.26 8.92 6.61
CA CYS A 798 10.48 9.48 6.03
C CYS A 798 11.69 8.66 6.44
N ARG A 799 11.73 8.23 7.71
CA ARG A 799 12.86 7.44 8.19
C ARG A 799 12.97 6.13 7.42
N VAL A 800 11.83 5.49 7.15
CA VAL A 800 11.85 4.23 6.41
C VAL A 800 12.21 4.45 4.95
N GLN A 801 11.72 5.53 4.34
CA GLN A 801 12.02 5.79 2.94
C GLN A 801 13.44 6.31 2.71
N LEU A 802 14.19 6.63 3.77
CA LEU A 802 15.55 7.14 3.59
C LEU A 802 16.45 6.09 2.97
N VAL A 803 16.10 4.81 3.08
CA VAL A 803 16.88 3.71 2.51
C VAL A 803 16.03 3.01 1.46
N HIS A 804 16.11 3.49 0.23
CA HIS A 804 15.36 2.94 -0.88
C HIS A 804 16.30 2.73 -2.06
N SER A 805 15.98 1.72 -2.88
CA SER A 805 16.81 1.43 -4.04
C SER A 805 16.84 2.58 -5.04
N GLY A 806 15.75 3.32 -5.19
CA GLY A 806 15.69 4.43 -6.10
C GLY A 806 16.16 5.73 -5.45
N THR A 807 16.88 6.52 -6.23
CA THR A 807 17.41 7.80 -5.76
C THR A 807 16.36 8.91 -5.68
N ARG A 808 15.30 8.85 -6.48
CA ARG A 808 14.27 9.90 -6.42
C ARG A 808 13.47 9.85 -5.13
N ILE A 809 13.14 8.64 -4.67
CA ILE A 809 12.37 8.50 -3.43
C ILE A 809 13.18 9.02 -2.24
N ARG A 810 14.47 8.69 -2.20
CA ARG A 810 15.31 9.14 -1.10
C ARG A 810 15.37 10.67 -1.03
N GLN A 811 15.60 11.31 -2.17
CA GLN A 811 15.67 12.77 -2.19
C GLN A 811 14.33 13.42 -1.84
N ALA A 812 13.24 12.90 -2.40
CA ALA A 812 11.92 13.48 -2.11
C ALA A 812 11.59 13.36 -0.63
N PHE A 813 11.76 12.17 -0.06
CA PHE A 813 11.44 12.01 1.35
C PHE A 813 12.41 12.77 2.23
N GLY A 814 13.67 12.95 1.80
CA GLY A 814 14.60 13.71 2.61
C GLY A 814 14.14 15.16 2.66
N LYS A 815 13.70 15.68 1.52
CA LYS A 815 13.21 17.06 1.47
C LYS A 815 11.99 17.21 2.36
N LEU A 816 11.10 16.20 2.34
CA LEU A 816 9.91 16.26 3.17
C LEU A 816 10.27 16.24 4.65
N LEU A 817 11.25 15.41 5.03
CA LEU A 817 11.68 15.33 6.43
C LEU A 817 12.31 16.63 6.89
N LYS A 818 13.06 17.30 6.01
CA LYS A 818 13.70 18.56 6.41
C LYS A 818 12.70 19.68 6.66
N SER A 819 11.44 19.50 6.28
CA SER A 819 10.40 20.52 6.48
C SER A 819 9.67 20.38 7.80
N ILE A 820 9.97 19.35 8.59
CA ILE A 820 9.31 19.13 9.88
C ILE A 820 10.15 19.79 10.98
N PRO A 821 9.53 20.47 11.94
CA PRO A 821 10.32 21.11 13.01
C PRO A 821 11.04 20.07 13.86
N LEU A 822 12.16 20.50 14.44
CA LEU A 822 12.97 19.63 15.28
C LEU A 822 12.27 19.17 16.56
N ASP A 823 11.26 19.90 17.02
CA ASP A 823 10.55 19.50 18.23
C ASP A 823 9.74 18.23 18.04
N VAL A 824 9.49 17.82 16.79
CA VAL A 824 8.74 16.62 16.48
C VAL A 824 9.66 15.49 16.04
N VAL A 825 10.69 15.82 15.26
CA VAL A 825 11.65 14.83 14.77
C VAL A 825 12.47 14.24 15.92
N LEU A 826 12.73 15.03 16.93
CA LEU A 826 13.51 14.49 18.04
C LEU A 826 12.64 14.19 19.25
N SER A 827 11.34 14.10 19.21
CA SER A 827 10.53 13.76 20.39
C SER A 827 10.50 12.25 20.66
N ASN A 828 9.98 11.81 21.79
CA ASN A 828 10.18 10.39 22.11
C ASN A 828 9.03 9.47 21.88
N ASN A 829 8.21 9.72 20.88
CA ASN A 829 7.11 8.91 20.39
C ASN A 829 7.59 7.70 19.63
N ASN A 830 6.80 6.67 19.51
CA ASN A 830 7.31 5.48 18.82
C ASN A 830 7.02 5.48 17.34
N HIS A 831 7.95 4.85 16.63
CA HIS A 831 7.98 4.81 15.19
C HIS A 831 7.40 3.48 14.81
N THR A 832 6.17 3.42 14.46
CA THR A 832 5.52 2.18 14.07
C THR A 832 5.97 1.56 12.75
N GLU A 833 6.39 2.28 11.76
CA GLU A 833 6.88 1.75 10.49
C GLU A 833 8.19 1.04 10.71
N ILE A 834 9.04 1.53 11.56
CA ILE A 834 10.34 0.98 11.99
C ILE A 834 10.07 -0.30 12.77
N GLN A 835 9.05 -0.40 13.55
CA GLN A 835 8.59 -1.59 14.30
C GLN A 835 8.05 -2.71 13.43
N GLU A 836 7.43 -2.51 12.33
CA GLU A 836 7.01 -3.49 11.32
C GLU A 836 8.23 -4.14 10.70
N ILE A 837 9.28 -3.34 10.46
CA ILE A 837 10.51 -3.90 9.88
C ILE A 837 11.11 -4.91 10.85
N SER A 838 11.11 -4.57 12.14
CA SER A 838 11.64 -5.48 13.15
C SER A 838 10.84 -6.77 13.19
N LEU A 839 9.52 -6.65 13.09
CA LEU A 839 8.66 -7.83 13.10
C LEU A 839 8.94 -8.73 11.91
N ALA A 840 9.14 -8.14 10.73
CA ALA A 840 9.44 -8.94 9.55
C ALA A 840 10.76 -9.68 9.73
N LEU A 841 11.78 -8.99 10.24
CA LEU A 841 13.08 -9.62 10.45
C LEU A 841 12.97 -10.75 11.46
N ARG A 842 12.20 -10.53 12.54
CA ARG A 842 12.03 -11.57 13.55
C ARG A 842 11.31 -12.78 12.98
N SER A 843 10.28 -12.54 12.16
CA SER A 843 9.55 -13.65 11.57
C SER A 843 10.46 -14.46 10.66
N HIS A 844 11.34 -13.80 9.91
CA HIS A 844 12.24 -14.54 9.04
C HIS A 844 13.29 -15.31 9.84
N MET A 845 13.77 -14.73 10.94
CA MET A 845 14.78 -15.42 11.75
C MET A 845 14.19 -16.60 12.52
N SER A 846 12.92 -16.52 12.90
CA SER A 846 12.30 -17.61 13.65
C SER A 846 12.00 -18.84 12.79
N LYS A 847 11.96 -18.71 11.47
CA LYS A 847 11.68 -19.86 10.62
C LYS A 847 12.91 -20.76 10.53
N ALA A 848 12.68 -21.98 10.05
CA ALA A 848 13.75 -22.95 9.90
C ALA A 848 14.63 -22.57 8.72
N PRO A 849 15.93 -22.86 8.79
CA PRO A 849 16.83 -22.51 7.68
C PRO A 849 16.41 -23.20 6.39
N SER A 850 16.53 -22.46 5.29
CA SER A 850 16.17 -22.98 3.97
C SER A 850 17.34 -23.64 3.25
N ASN A 851 18.57 -23.30 3.63
CA ASN A 851 19.78 -23.86 3.02
C ASN A 851 19.85 -23.57 1.52
N THR A 852 19.43 -22.37 1.13
CA THR A 852 19.45 -21.96 -0.28
C THR A 852 20.59 -21.01 -0.59
N PHE A 853 21.31 -20.54 0.42
CA PHE A 853 22.43 -19.63 0.21
C PHE A 853 23.60 -20.41 -0.36
N HIS A 854 23.96 -20.11 -1.60
CA HIS A 854 25.05 -20.76 -2.32
C HIS A 854 26.39 -20.17 -1.92
N PRO A 855 27.47 -20.92 -2.13
CA PRO A 855 28.81 -20.41 -1.78
C PRO A 855 29.19 -19.14 -2.52
N GLN A 856 28.75 -18.99 -3.77
CA GLN A 856 29.09 -17.78 -4.53
C GLN A 856 28.42 -16.56 -3.90
N ASP A 857 27.19 -16.70 -3.44
CA ASP A 857 26.49 -15.58 -2.81
C ASP A 857 27.24 -15.14 -1.56
N PHE A 858 27.67 -16.11 -0.75
CA PHE A 858 28.40 -15.82 0.47
C PHE A 858 29.73 -15.15 0.13
N SER A 859 30.38 -15.63 -0.92
CA SER A 859 31.65 -15.05 -1.34
C SER A 859 31.49 -13.59 -1.73
N ASP A 860 30.45 -13.28 -2.49
CA ASP A 860 30.22 -11.90 -2.91
C ASP A 860 29.88 -11.00 -1.72
N VAL A 861 29.01 -11.49 -0.82
CA VAL A 861 28.63 -10.70 0.35
C VAL A 861 29.83 -10.43 1.24
N ILE A 862 30.65 -11.46 1.49
CA ILE A 862 31.83 -11.29 2.33
C ILE A 862 32.86 -10.41 1.65
N SER A 863 32.98 -10.50 0.33
CA SER A 863 33.95 -9.68 -0.39
C SER A 863 33.58 -8.20 -0.28
N PHE A 864 32.29 -7.90 -0.37
CA PHE A 864 31.89 -6.49 -0.27
C PHE A 864 32.14 -5.91 1.12
N ILE A 865 32.16 -6.75 2.15
CA ILE A 865 32.40 -6.26 3.51
C ILE A 865 33.87 -6.21 3.88
N LEU A 866 34.63 -7.27 3.59
CA LEU A 866 36.04 -7.30 3.94
C LEU A 866 36.91 -6.47 2.99
N TYR A 867 36.49 -6.27 1.75
CA TYR A 867 37.30 -5.48 0.82
C TYR A 867 36.60 -4.30 0.18
N GLY A 868 35.27 -4.29 0.14
CA GLY A 868 34.52 -3.20 -0.44
C GLY A 868 34.08 -3.43 -1.87
N ASN A 869 34.38 -4.58 -2.46
CA ASN A 869 34.01 -4.89 -3.83
C ASN A 869 32.98 -6.02 -3.83
N SER A 870 31.79 -5.74 -4.35
CA SER A 870 30.73 -6.74 -4.41
C SER A 870 30.82 -7.60 -5.65
N HIS A 871 31.47 -7.11 -6.71
CA HIS A 871 31.62 -7.84 -7.98
C HIS A 871 30.29 -8.17 -8.63
N ARG A 872 29.27 -7.35 -8.40
CA ARG A 872 27.95 -7.58 -8.99
C ARG A 872 27.38 -6.27 -9.48
N THR A 873 26.96 -6.23 -10.73
CA THR A 873 26.40 -5.03 -11.33
C THR A 873 24.87 -5.05 -11.29
N ASN A 877 20.86 -2.63 -7.40
CA ASN A 877 19.67 -3.44 -7.17
C ASN A 877 20.00 -4.93 -7.20
N TRP A 878 21.27 -5.26 -6.91
CA TRP A 878 21.70 -6.65 -6.89
C TRP A 878 21.22 -7.42 -5.67
N LEU A 879 20.82 -6.73 -4.60
CA LEU A 879 20.35 -7.40 -3.41
C LEU A 879 18.98 -8.05 -3.63
N GLU A 880 18.08 -7.34 -4.32
CA GLU A 880 16.75 -7.89 -4.58
C GLU A 880 16.85 -9.11 -5.47
N ARG A 881 17.74 -9.07 -6.47
CA ARG A 881 17.91 -10.21 -7.37
C ARG A 881 18.38 -11.42 -6.59
N LEU A 882 19.32 -11.22 -5.67
CA LEU A 882 19.83 -12.32 -4.86
C LEU A 882 18.72 -12.90 -3.99
N PHE A 883 17.95 -12.02 -3.36
CA PHE A 883 16.85 -12.48 -2.50
C PHE A 883 15.86 -13.31 -3.29
N TYR A 884 15.47 -12.83 -4.48
CA TYR A 884 14.51 -13.56 -5.29
C TYR A 884 15.10 -14.89 -5.76
N SER A 885 16.38 -14.91 -6.12
CA SER A 885 17.00 -16.15 -6.57
C SER A 885 17.16 -17.16 -5.43
N CYS A 886 17.10 -16.72 -4.18
CA CYS A 886 17.24 -17.62 -3.04
C CYS A 886 15.90 -18.20 -2.57
N GLN A 887 14.78 -17.80 -3.16
CA GLN A 887 13.47 -18.30 -2.78
C GLN A 887 13.06 -19.47 -3.67
N ARG A 888 12.14 -20.28 -3.15
CA ARG A 888 11.63 -21.45 -3.86
C ARG A 888 10.11 -21.42 -3.78
N LEU A 889 9.46 -21.49 -4.95
CA LEU A 889 8.00 -21.47 -5.01
C LEU A 889 7.37 -22.77 -4.55
N ASP A 890 8.06 -23.90 -4.69
CA ASP A 890 7.50 -25.18 -4.26
C ASP A 890 7.27 -25.20 -2.75
N LYS A 891 8.22 -24.65 -1.99
CA LYS A 891 8.10 -24.62 -0.53
C LYS A 891 7.18 -23.50 -0.08
N THR A 896 8.04 -14.83 3.22
CA THR A 896 6.90 -14.45 4.05
C THR A 896 7.00 -12.96 4.34
N ILE A 897 8.13 -12.36 3.94
CA ILE A 897 8.36 -10.94 4.13
C ILE A 897 7.47 -10.16 3.17
N PRO A 898 6.82 -9.09 3.61
CA PRO A 898 5.94 -8.32 2.72
C PRO A 898 6.71 -7.80 1.50
N ARG A 899 6.04 -7.84 0.35
CA ARG A 899 6.63 -7.38 -0.91
C ARG A 899 6.95 -5.89 -0.91
N ASN A 900 6.18 -5.07 -0.20
CA ASN A 900 6.47 -3.64 -0.19
C ASN A 900 7.74 -3.32 0.58
N LEU A 901 8.25 -4.26 1.38
CA LEU A 901 9.46 -4.06 2.15
C LEU A 901 10.71 -4.56 1.43
N LEU A 902 10.56 -5.19 0.27
CA LEU A 902 11.69 -5.69 -0.49
C LEU A 902 12.47 -4.59 -1.19
N LYS A 903 11.97 -3.35 -1.13
CA LYS A 903 12.63 -2.21 -1.74
C LYS A 903 13.49 -1.43 -0.75
N THR A 904 13.48 -1.84 0.52
CA THR A 904 14.24 -1.19 1.58
C THR A 904 15.59 -1.87 1.71
N ASP A 905 16.66 -1.06 1.63
CA ASP A 905 18.02 -1.59 1.74
C ASP A 905 18.32 -2.17 3.12
N ALA A 906 17.73 -1.63 4.17
CA ALA A 906 17.99 -2.15 5.52
C ALA A 906 17.54 -3.60 5.66
N VAL A 907 16.31 -3.90 5.20
CA VAL A 907 15.80 -5.26 5.29
C VAL A 907 16.65 -6.21 4.46
N LEU A 908 17.03 -5.79 3.25
CA LEU A 908 17.84 -6.63 2.39
C LEU A 908 19.20 -6.93 3.03
N TRP A 909 19.86 -5.90 3.58
CA TRP A 909 21.16 -6.12 4.20
C TRP A 909 21.05 -7.02 5.42
N GLN A 910 20.03 -6.80 6.27
CA GLN A 910 19.88 -7.66 7.44
C GLN A 910 19.65 -9.10 7.03
N TRP A 911 18.80 -9.32 6.03
CA TRP A 911 18.53 -10.67 5.57
C TRP A 911 19.78 -11.32 5.00
N ALA A 912 20.57 -10.56 4.22
CA ALA A 912 21.79 -11.11 3.65
C ALA A 912 22.80 -11.49 4.72
N ILE A 913 22.96 -10.63 5.74
CA ILE A 913 23.91 -10.93 6.81
C ILE A 913 23.47 -12.17 7.57
N TRP A 914 22.16 -12.29 7.83
CA TRP A 914 21.67 -13.46 8.54
C TRP A 914 21.90 -14.72 7.72
N GLU A 915 21.66 -14.65 6.42
CA GLU A 915 21.86 -15.82 5.56
C GLU A 915 23.34 -16.21 5.51
N ALA A 916 24.24 -15.22 5.46
CA ALA A 916 25.66 -15.54 5.44
C ALA A 916 26.08 -16.23 6.73
N ALA A 917 25.58 -15.74 7.86
CA ALA A 917 25.93 -16.36 9.14
C ALA A 917 25.38 -17.78 9.21
N GLN A 918 24.14 -17.98 8.75
CA GLN A 918 23.54 -19.31 8.77
C GLN A 918 24.34 -20.25 7.87
N PHE A 919 24.79 -19.77 6.72
CA PHE A 919 25.57 -20.60 5.81
C PHE A 919 26.89 -20.99 6.45
N THR A 920 27.52 -20.06 7.16
CA THR A 920 28.79 -20.34 7.82
C THR A 920 28.63 -21.38 8.92
N VAL A 921 27.56 -21.27 9.72
CA VAL A 921 27.34 -22.23 10.80
C VAL A 921 26.94 -23.60 10.26
N LEU A 922 26.03 -23.64 9.29
CA LEU A 922 25.58 -24.90 8.72
C LEU A 922 26.65 -25.64 7.93
N SER A 923 27.76 -24.97 7.60
CA SER A 923 28.84 -25.59 6.86
C SER A 923 30.00 -26.00 7.77
N LYS A 924 29.79 -26.02 9.08
CA LYS A 924 30.80 -26.40 10.06
C LYS A 924 32.03 -25.49 9.97
N LEU A 925 31.78 -24.19 9.73
CA LEU A 925 32.80 -23.16 9.60
C LEU A 925 33.72 -23.37 8.41
N ARG A 926 33.34 -24.22 7.46
CA ARG A 926 34.14 -24.49 6.26
C ARG A 926 33.53 -23.69 5.13
N THR A 927 34.01 -22.45 4.97
CA THR A 927 33.58 -21.51 3.96
C THR A 927 34.60 -21.41 2.84
N PRO A 928 34.28 -20.68 1.74
CA PRO A 928 35.26 -20.55 0.65
C PRO A 928 36.54 -19.85 1.09
N LEU A 929 36.49 -19.19 2.24
CA LEU A 929 37.65 -18.48 2.77
C LEU A 929 38.76 -19.44 3.17
N GLY A 930 38.45 -20.72 3.36
CA GLY A 930 39.44 -21.71 3.74
C GLY A 930 38.89 -22.74 4.71
N ARG A 931 39.74 -23.25 5.59
CA ARG A 931 39.33 -24.24 6.58
C ARG A 931 38.63 -23.53 7.74
N ALA A 932 38.21 -24.29 8.75
CA ALA A 932 37.54 -23.68 9.90
C ALA A 932 38.46 -22.71 10.61
N GLN A 933 39.76 -22.98 10.61
CA GLN A 933 40.74 -22.11 11.25
C GLN A 933 41.08 -20.88 10.41
N ASP A 934 41.07 -21.03 9.08
CA ASP A 934 41.38 -19.91 8.20
C ASP A 934 40.36 -18.78 8.34
N THR A 935 39.07 -19.14 8.42
CA THR A 935 38.04 -18.12 8.56
C THR A 935 38.23 -17.34 9.86
N PHE A 936 38.48 -18.06 10.96
CA PHE A 936 38.70 -17.42 12.24
C PHE A 936 39.93 -16.53 12.20
N GLN A 937 41.01 -17.01 11.56
CA GLN A 937 42.23 -16.22 11.47
C GLN A 937 42.00 -14.94 10.68
N THR A 938 41.26 -15.02 9.57
CA THR A 938 41.00 -13.83 8.77
C THR A 938 40.20 -12.80 9.56
N ILE A 939 39.12 -13.25 10.20
CA ILE A 939 38.30 -12.33 10.98
C ILE A 939 39.10 -11.74 12.13
N GLU A 940 39.90 -12.56 12.80
CA GLU A 940 40.72 -12.08 13.92
C GLU A 940 41.73 -11.05 13.46
N GLY A 941 42.37 -11.29 12.32
CA GLY A 941 43.35 -10.33 11.84
C GLY A 941 42.72 -9.00 11.49
N ILE A 942 41.58 -9.03 10.82
CA ILE A 942 40.91 -7.78 10.45
C ILE A 942 40.47 -7.03 11.71
N ILE A 943 39.88 -7.74 12.67
CA ILE A 943 39.42 -7.11 13.90
C ILE A 943 40.58 -6.52 14.67
N ARG A 944 41.70 -7.25 14.76
CA ARG A 944 42.86 -6.73 15.48
C ARG A 944 43.44 -5.49 14.80
N SER A 945 43.49 -5.48 13.46
CA SER A 945 44.02 -4.30 12.79
C SER A 945 43.13 -3.10 13.04
N LEU A 946 41.81 -3.30 12.94
CA LEU A 946 40.89 -2.19 13.17
C LEU A 946 40.98 -1.70 14.62
N ALA A 947 41.14 -2.62 15.58
CA ALA A 947 41.26 -2.23 16.98
C ALA A 947 42.54 -1.46 17.22
N ALA A 948 43.63 -1.88 16.58
CA ALA A 948 44.90 -1.19 16.76
C ALA A 948 44.83 0.21 16.19
N HIS A 949 44.08 0.38 15.09
CA HIS A 949 43.97 1.72 14.50
C HIS A 949 43.23 2.68 15.43
N THR A 950 42.36 2.15 16.30
CA THR A 950 41.62 3.00 17.23
C THR A 950 42.55 3.69 18.21
N LEU A 951 43.55 2.95 18.72
CA LEU A 951 44.49 3.55 19.67
C LEU A 951 45.35 4.61 18.99
N ASN A 952 45.84 4.32 17.80
CA ASN A 952 46.69 5.24 17.03
C ASN A 952 45.97 5.55 15.71
N PRO A 953 45.28 6.69 15.60
CA PRO A 953 44.58 7.02 14.36
C PRO A 953 45.49 7.23 13.15
N ASP A 954 46.79 7.04 13.27
CA ASP A 954 47.71 7.23 12.16
C ASP A 954 48.17 5.91 11.55
N GLN A 955 47.54 4.79 11.90
CA GLN A 955 47.96 3.50 11.33
C GLN A 955 47.61 3.41 9.85
N ASP A 956 46.50 4.01 9.43
CA ASP A 956 46.04 4.00 8.03
C ASP A 956 45.83 2.58 7.52
N VAL A 957 44.81 1.92 8.10
CA VAL A 957 44.49 0.56 7.71
C VAL A 957 44.03 0.55 6.25
N SER A 958 44.61 -0.36 5.47
CA SER A 958 44.26 -0.47 4.06
C SER A 958 42.83 -0.96 3.87
N GLN A 959 42.14 -0.38 2.89
CA GLN A 959 40.76 -0.68 2.51
C GLN A 959 39.74 -0.30 3.57
N TRP A 960 40.13 0.46 4.59
CA TRP A 960 39.20 0.87 5.64
C TRP A 960 39.26 2.34 5.97
N THR A 961 40.35 3.04 5.65
CA THR A 961 40.47 4.45 5.93
C THR A 961 40.63 5.32 4.70
N THR A 962 40.80 4.73 3.52
CA THR A 962 40.96 5.50 2.29
C THR A 962 39.83 5.17 1.31
N ALA A 963 39.43 6.18 0.56
CA ALA A 963 38.37 6.05 -0.43
C ALA A 963 38.71 6.94 -1.62
N ASP A 964 37.99 6.73 -2.72
CA ASP A 964 38.20 7.50 -3.94
C ASP A 964 37.36 8.77 -4.02
N ASN A 965 36.22 8.81 -3.34
CA ASN A 965 35.36 9.98 -3.35
C ASN A 965 34.60 10.01 -2.03
N ASP A 966 33.66 10.96 -1.92
CA ASP A 966 32.87 11.09 -0.71
C ASP A 966 31.88 9.95 -0.51
N GLU A 967 31.61 9.14 -1.53
CA GLU A 967 30.69 8.03 -1.44
C GLU A 967 31.33 6.78 -0.86
N GLY A 968 32.62 6.56 -1.11
CA GLY A 968 33.31 5.40 -0.58
C GLY A 968 33.43 5.45 0.93
N HIS A 969 33.55 6.67 1.45
CA HIS A 969 33.68 6.86 2.90
C HIS A 969 32.44 6.41 3.65
N GLY A 970 31.23 6.66 3.13
CA GLY A 970 30.02 6.24 3.79
C GLY A 970 29.95 4.72 3.71
N ASN A 971 30.43 4.19 2.59
CA ASN A 971 30.44 2.76 2.39
C ASN A 971 31.33 2.08 3.42
N ASN A 972 32.44 2.73 3.80
CA ASN A 972 33.33 2.14 4.80
C ASN A 972 32.60 1.97 6.12
N GLN A 973 31.84 2.98 6.54
CA GLN A 973 31.10 2.90 7.79
C GLN A 973 30.02 1.82 7.69
N LEU A 974 29.35 1.74 6.53
CA LEU A 974 28.32 0.73 6.35
C LEU A 974 28.92 -0.67 6.48
N ARG A 975 30.08 -0.88 5.87
CA ARG A 975 30.76 -2.17 5.93
C ARG A 975 31.16 -2.49 7.36
N LEU A 976 31.64 -1.49 8.09
CA LEU A 976 32.04 -1.71 9.47
C LEU A 976 30.85 -2.16 10.32
N VAL A 977 29.67 -1.57 10.06
CA VAL A 977 28.49 -1.95 10.82
C VAL A 977 28.07 -3.37 10.45
N LEU A 978 28.14 -3.70 9.16
CA LEU A 978 27.77 -5.04 8.69
C LEU A 978 28.66 -6.11 9.30
N LEU A 979 29.96 -5.82 9.44
CA LEU A 979 30.87 -6.81 10.01
C LEU A 979 30.47 -7.16 11.44
N LEU A 980 30.14 -6.13 12.24
CA LEU A 980 29.74 -6.37 13.61
C LEU A 980 28.44 -7.17 13.65
N GLN A 981 27.51 -6.86 12.74
CA GLN A 981 26.25 -7.59 12.72
C GLN A 981 26.50 -9.06 12.38
N TYR A 982 27.43 -9.32 11.46
CA TYR A 982 27.76 -10.68 11.08
C TYR A 982 28.32 -11.45 12.26
N LEU A 983 29.23 -10.83 13.02
CA LEU A 983 29.80 -11.51 14.18
C LEU A 983 28.73 -11.79 15.22
N GLU A 984 27.83 -10.81 15.43
CA GLU A 984 26.77 -11.00 16.41
C GLU A 984 25.88 -12.17 16.04
N ASN A 985 25.52 -12.28 14.76
CA ASN A 985 24.67 -13.39 14.34
C ASN A 985 25.40 -14.73 14.42
N LEU A 986 26.69 -14.74 14.08
CA LEU A 986 27.45 -15.98 14.15
C LEU A 986 27.50 -16.52 15.57
N GLU A 987 27.72 -15.63 16.54
CA GLU A 987 27.76 -16.09 17.93
C GLU A 987 26.41 -16.68 18.37
N LYS A 988 25.32 -16.01 17.99
CA LYS A 988 23.98 -16.48 18.34
C LYS A 988 23.72 -17.86 17.76
N LEU A 989 24.08 -18.05 16.49
CA LEU A 989 23.86 -19.35 15.86
C LEU A 989 24.71 -20.42 16.51
N MET A 990 25.96 -20.11 16.88
CA MET A 990 26.79 -21.11 17.51
C MET A 990 26.20 -21.52 18.86
N TYR A 991 25.74 -20.53 19.65
CA TYR A 991 25.15 -20.86 20.94
C TYR A 991 23.91 -21.72 20.76
N ASN A 992 23.08 -21.38 19.78
CA ASN A 992 21.87 -22.16 19.54
C ASN A 992 22.24 -23.56 19.08
N ALA A 993 23.39 -23.72 18.43
CA ALA A 993 23.82 -25.02 17.95
C ALA A 993 24.30 -25.92 19.08
N TYR A 994 25.07 -25.39 20.03
CA TYR A 994 25.52 -26.27 21.12
C TYR A 994 24.62 -26.28 22.35
N GLU A 995 23.73 -25.29 22.51
CA GLU A 995 22.85 -25.25 23.67
C GLU A 995 21.37 -25.32 23.30
N GLY A 996 20.89 -24.44 22.43
CA GLY A 996 19.50 -24.45 22.04
C GLY A 996 18.65 -23.35 22.66
N CYS A 997 17.46 -23.13 22.11
CA CYS A 997 16.53 -22.12 22.59
C CYS A 997 15.15 -22.73 22.77
N ALA A 998 14.21 -21.91 23.24
CA ALA A 998 12.83 -22.33 23.47
C ALA A 998 11.88 -21.44 22.68
N ASN A 999 11.63 -21.79 21.41
CA ASN A 999 10.77 -21.15 20.43
C ASN A 999 11.43 -19.94 19.75
N ALA A 1000 12.64 -19.53 20.13
CA ALA A 1000 13.25 -18.39 19.47
C ALA A 1000 13.92 -18.78 18.16
N LEU A 1001 14.65 -19.90 18.15
CA LEU A 1001 15.32 -20.39 16.97
C LEU A 1001 15.03 -21.87 16.82
N THR A 1002 14.99 -22.32 15.56
CA THR A 1002 14.71 -23.72 15.26
C THR A 1002 15.94 -24.56 15.54
N SER A 1003 15.71 -25.75 16.10
CA SER A 1003 16.82 -26.65 16.42
C SER A 1003 17.53 -27.09 15.15
N PRO A 1004 18.85 -26.98 15.08
CA PRO A 1004 19.58 -27.39 13.87
C PRO A 1004 19.67 -28.90 13.79
N PRO A 1005 20.13 -29.45 12.65
CA PRO A 1005 20.23 -30.91 12.52
C PRO A 1005 21.13 -31.55 13.56
N LYS A 1006 21.02 -32.87 13.72
CA LYS A 1006 21.82 -33.60 14.69
C LYS A 1006 23.30 -33.56 14.35
N VAL A 1007 23.65 -33.61 13.07
CA VAL A 1007 25.05 -33.59 12.66
C VAL A 1007 25.70 -32.28 13.07
N ILE A 1008 25.00 -31.16 12.91
CA ILE A 1008 25.55 -29.86 13.29
C ILE A 1008 25.68 -29.75 14.81
N ARG A 1009 24.65 -30.20 15.53
CA ARG A 1009 24.69 -30.14 16.99
C ARG A 1009 25.82 -30.98 17.55
N THR A 1010 26.07 -32.16 16.99
CA THR A 1010 27.14 -33.02 17.46
C THR A 1010 28.51 -32.37 17.27
N PHE A 1011 28.73 -31.70 16.14
CA PHE A 1011 30.00 -31.04 15.86
C PHE A 1011 30.21 -29.80 16.73
N PHE A 1012 29.19 -28.97 16.90
CA PHE A 1012 29.36 -27.77 17.71
C PHE A 1012 29.37 -28.06 19.20
N TYR A 1013 28.96 -29.26 19.63
CA TYR A 1013 28.97 -29.58 21.05
C TYR A 1013 30.33 -30.06 21.52
N THR A 1014 31.06 -30.78 20.65
CA THR A 1014 32.38 -31.27 21.03
C THR A 1014 33.45 -30.19 20.86
N ASN A 1015 33.14 -29.11 20.14
CA ASN A 1015 34.08 -28.01 19.90
C ASN A 1015 33.68 -26.74 20.63
N ARG A 1016 32.92 -26.86 21.72
CA ARG A 1016 32.50 -25.69 22.48
C ARG A 1016 33.66 -24.93 23.10
N GLN A 1017 34.65 -25.65 23.64
CA GLN A 1017 35.80 -24.98 24.26
C GLN A 1017 36.57 -24.12 23.26
N THR A 1018 36.84 -24.65 22.06
CA THR A 1018 37.57 -23.87 21.07
C THR A 1018 36.80 -22.63 20.64
N CYS A 1019 35.50 -22.78 20.37
CA CYS A 1019 34.69 -21.65 19.96
C CYS A 1019 34.62 -20.58 21.05
N GLN A 1020 34.48 -21.00 22.31
CA GLN A 1020 34.42 -20.04 23.40
C GLN A 1020 35.76 -19.38 23.63
N ASP A 1021 36.86 -20.12 23.45
CA ASP A 1021 38.19 -19.55 23.65
C ASP A 1021 38.48 -18.49 22.60
N TRP A 1022 38.13 -18.76 21.34
CA TRP A 1022 38.36 -17.78 20.29
C TRP A 1022 37.56 -16.51 20.55
N LEU A 1023 36.30 -16.68 20.97
CA LEU A 1023 35.44 -15.53 21.25
C LEU A 1023 35.97 -14.71 22.41
N THR A 1024 36.38 -15.36 23.50
CA THR A 1024 36.91 -14.61 24.63
C THR A 1024 38.27 -14.00 24.30
N ARG A 1025 38.96 -14.54 23.30
CA ARG A 1025 40.26 -14.02 22.92
C ARG A 1025 40.11 -12.75 22.09
N ILE A 1026 39.09 -12.68 21.24
CA ILE A 1026 38.88 -11.49 20.40
C ILE A 1026 37.86 -10.52 21.01
N ARG A 1027 37.26 -10.88 22.14
CA ARG A 1027 36.27 -9.99 22.76
C ARG A 1027 36.84 -8.64 23.13
N LEU A 1028 38.11 -8.59 23.55
CA LEU A 1028 38.72 -7.31 23.92
C LEU A 1028 38.81 -6.37 22.72
N SER A 1029 39.18 -6.90 21.55
CA SER A 1029 39.29 -6.07 20.35
C SER A 1029 37.92 -5.69 19.80
N ILE A 1030 36.93 -6.59 19.95
CA ILE A 1030 35.60 -6.26 19.44
C ILE A 1030 35.04 -5.03 20.13
N MET A 1031 35.32 -4.87 21.43
CA MET A 1031 34.82 -3.70 22.15
C MET A 1031 35.39 -2.42 21.56
N ARG A 1032 36.69 -2.41 21.25
CA ARG A 1032 37.31 -1.22 20.68
C ARG A 1032 36.75 -0.94 19.29
N VAL A 1033 36.57 -2.00 18.49
CA VAL A 1033 36.03 -1.80 17.14
C VAL A 1033 34.62 -1.23 17.24
N GLY A 1034 33.83 -1.71 18.20
CA GLY A 1034 32.48 -1.21 18.35
C GLY A 1034 32.48 0.24 18.79
N LEU A 1035 33.43 0.61 19.66
CA LEU A 1035 33.53 1.99 20.12
C LEU A 1035 33.94 2.91 18.97
N LEU A 1036 34.73 2.38 18.03
CA LEU A 1036 35.18 3.19 16.90
C LEU A 1036 34.04 3.44 15.92
N ALA A 1037 33.22 2.42 15.65
CA ALA A 1037 32.07 2.46 14.75
C ALA A 1037 30.89 3.22 15.30
N GLY A 1038 30.95 3.80 16.49
CA GLY A 1038 29.81 4.51 17.02
C GLY A 1038 28.63 3.62 17.33
N GLN A 1039 28.89 2.40 17.82
CA GLN A 1039 27.87 1.43 18.17
C GLN A 1039 28.11 0.99 19.61
N PRO A 1040 27.72 1.82 20.58
CA PRO A 1040 27.93 1.45 21.99
C PRO A 1040 27.23 0.18 22.42
N ALA A 1041 26.15 -0.23 21.75
CA ALA A 1041 25.46 -1.45 22.14
C ALA A 1041 26.33 -2.69 21.98
N VAL A 1042 27.11 -2.76 20.89
CA VAL A 1042 27.98 -3.90 20.65
C VAL A 1042 29.02 -4.03 21.76
N THR A 1043 29.71 -2.94 22.07
CA THR A 1043 30.72 -2.97 23.11
C THR A 1043 30.10 -3.21 24.48
N VAL A 1044 28.88 -2.71 24.73
CA VAL A 1044 28.27 -2.93 26.04
C VAL A 1044 27.94 -4.41 26.22
N ARG A 1045 27.34 -5.02 25.19
CA ARG A 1045 27.01 -6.44 25.29
C ARG A 1045 28.26 -7.29 25.44
N HIS A 1046 29.29 -7.00 24.64
CA HIS A 1046 30.52 -7.77 24.74
C HIS A 1046 31.18 -7.58 26.09
N GLY A 1047 31.12 -6.36 26.64
CA GLY A 1047 31.73 -6.12 27.94
C GLY A 1047 31.00 -6.88 29.03
N PHE A 1048 29.66 -6.91 28.96
CA PHE A 1048 28.91 -7.64 29.97
C PHE A 1048 29.25 -9.13 29.90
N ASP A 1049 29.32 -9.66 28.67
CA ASP A 1049 29.66 -11.07 28.50
C ASP A 1049 31.05 -11.37 29.03
N LEU A 1050 32.02 -10.48 28.79
CA LEU A 1050 33.37 -10.68 29.26
C LEU A 1050 33.46 -10.59 30.78
N LEU A 1051 32.73 -9.65 31.39
CA LEU A 1051 32.74 -9.51 32.83
C LEU A 1051 32.10 -10.71 33.51
N THR A 1052 31.07 -11.30 32.89
CA THR A 1052 30.42 -12.46 33.48
C THR A 1052 31.38 -13.64 33.57
N GLU A 1053 32.21 -13.83 32.54
CA GLU A 1053 33.17 -14.92 32.53
C GLU A 1053 34.33 -14.69 33.49
N MET A 1054 34.53 -13.45 33.93
CA MET A 1054 35.62 -13.12 34.86
C MET A 1054 35.22 -13.40 36.31
N LYS A 1055 34.75 -14.61 36.57
CA LYS A 1055 34.34 -15.01 37.92
C LYS A 1055 35.43 -15.73 38.69
N THR A 1056 36.62 -15.89 38.11
CA THR A 1056 37.72 -16.57 38.79
C THR A 1056 38.57 -15.58 39.57
N ASN A 1063 46.26 -6.78 34.20
CA ASN A 1063 45.30 -5.78 34.65
C ASN A 1063 44.28 -5.47 33.56
N GLU A 1064 43.64 -6.51 33.04
CA GLU A 1064 42.64 -6.38 31.99
C GLU A 1064 41.25 -6.03 32.54
N LEU A 1065 41.10 -6.00 33.86
CA LEU A 1065 39.82 -5.68 34.47
C LEU A 1065 39.49 -4.20 34.40
N GLU A 1066 40.49 -3.32 34.57
CA GLU A 1066 40.25 -1.89 34.51
C GLU A 1066 39.92 -1.41 33.10
N VAL A 1067 40.58 -1.96 32.08
CA VAL A 1067 40.32 -1.55 30.71
C VAL A 1067 38.88 -1.88 30.32
N THR A 1068 38.40 -3.07 30.70
CA THR A 1068 37.04 -3.46 30.38
C THR A 1068 36.05 -2.50 31.03
N ILE A 1069 36.29 -2.14 32.29
CA ILE A 1069 35.40 -1.22 32.98
C ILE A 1069 35.43 0.14 32.30
N MET A 1070 36.62 0.58 31.84
CA MET A 1070 36.71 1.87 31.18
C MET A 1070 35.88 1.89 29.90
N MET A 1071 36.04 0.87 29.06
CA MET A 1071 35.28 0.81 27.81
C MET A 1071 33.78 0.71 28.09
N VAL A 1072 33.38 -0.10 29.08
CA VAL A 1072 31.96 -0.24 29.38
C VAL A 1072 31.38 1.08 29.87
N VAL A 1073 32.10 1.79 30.75
CA VAL A 1073 31.62 3.06 31.26
C VAL A 1073 31.50 4.08 30.14
N GLU A 1074 32.51 4.12 29.25
CA GLU A 1074 32.46 5.07 28.14
C GLU A 1074 31.27 4.78 27.22
N ALA A 1075 31.04 3.49 26.94
CA ALA A 1075 29.94 3.11 26.08
C ALA A 1075 28.61 3.50 26.72
N LEU A 1076 28.47 3.24 28.03
CA LEU A 1076 27.22 3.60 28.69
C LEU A 1076 27.05 5.12 28.71
N CYS A 1077 28.16 5.86 28.74
CA CYS A 1077 28.07 7.31 28.72
C CYS A 1077 27.55 7.77 27.38
N GLU A 1078 28.00 7.14 26.29
CA GLU A 1078 27.55 7.51 24.96
C GLU A 1078 26.07 7.21 24.76
N LEU A 1079 25.51 6.29 25.54
CA LEU A 1079 24.10 5.92 25.46
C LEU A 1079 23.23 6.71 26.41
N HIS A 1080 23.82 7.62 27.19
CA HIS A 1080 23.10 8.46 28.16
C HIS A 1080 22.31 7.61 29.15
N CYS A 1081 23.00 6.69 29.82
CA CYS A 1081 22.40 5.79 30.80
C CYS A 1081 23.17 5.90 32.11
N PRO A 1082 22.95 6.98 32.88
CA PRO A 1082 23.68 7.12 34.16
C PRO A 1082 23.34 6.04 35.16
N GLU A 1083 22.13 5.49 35.13
CA GLU A 1083 21.74 4.44 36.09
C GLU A 1083 22.64 3.22 35.97
N ALA A 1084 22.92 2.78 34.74
CA ALA A 1084 23.77 1.61 34.56
C ALA A 1084 25.17 1.90 35.08
N ILE A 1085 25.67 3.11 34.87
CA ILE A 1085 27.00 3.48 35.35
C ILE A 1085 27.04 3.42 36.87
N GLN A 1086 25.99 3.96 37.52
CA GLN A 1086 25.94 3.93 38.97
C GLN A 1086 25.88 2.50 39.49
N GLY A 1087 25.15 1.63 38.81
CA GLY A 1087 25.05 0.25 39.23
C GLY A 1087 26.40 -0.44 39.11
N ILE A 1088 27.11 -0.14 38.03
CA ILE A 1088 28.42 -0.74 37.82
C ILE A 1088 29.40 -0.25 38.88
N ALA A 1089 29.29 1.00 39.30
CA ALA A 1089 30.20 1.50 40.33
C ALA A 1089 30.03 0.71 41.61
N VAL A 1090 28.79 0.45 42.00
CA VAL A 1090 28.51 -0.31 43.22
C VAL A 1090 28.97 -1.75 43.05
N TRP A 1091 28.73 -2.33 41.88
CA TRP A 1091 29.13 -3.71 41.63
C TRP A 1091 30.65 -3.88 41.69
N SER A 1092 31.40 -2.89 41.16
CA SER A 1092 32.85 -2.95 41.17
C SER A 1092 33.43 -2.61 42.53
N SER A 1093 32.72 -1.84 43.35
CA SER A 1093 33.22 -1.48 44.67
C SER A 1093 33.39 -2.69 45.58
N SER A 1094 32.88 -3.86 45.19
CA SER A 1094 32.98 -5.08 46.00
C SER A 1094 34.08 -6.00 45.48
N ILE A 1095 35.06 -5.46 44.76
CA ILE A 1095 36.15 -6.24 44.22
C ILE A 1095 37.49 -5.56 44.52
N ASN A 1099 38.75 2.17 44.92
CA ASN A 1099 39.73 2.55 43.91
C ASN A 1099 39.05 2.83 42.58
N LEU A 1100 37.73 2.92 42.61
CA LEU A 1100 36.92 3.18 41.42
C LEU A 1100 35.88 4.27 41.72
N LEU A 1101 36.34 5.34 42.37
CA LEU A 1101 35.46 6.45 42.72
C LEU A 1101 35.24 7.42 41.56
N TRP A 1102 35.96 7.26 40.46
CA TRP A 1102 35.81 8.13 39.30
C TRP A 1102 34.64 7.74 38.41
N ILE A 1103 34.02 6.58 38.65
CA ILE A 1103 32.89 6.15 37.83
C ILE A 1103 31.69 7.06 38.07
N ASN A 1104 31.49 7.50 39.31
CA ASN A 1104 30.37 8.37 39.62
C ASN A 1104 30.47 9.69 38.85
N SER A 1105 31.68 10.16 38.56
CA SER A 1105 31.86 11.39 37.81
C SER A 1105 31.36 11.21 36.39
N VAL A 1106 31.68 10.06 35.79
CA VAL A 1106 31.22 9.80 34.43
C VAL A 1106 29.71 9.73 34.47
N ALA A 1107 29.15 9.19 35.56
CA ALA A 1107 27.70 9.11 35.67
C ALA A 1107 27.10 10.51 35.67
N GLN A 1108 27.77 11.46 36.34
CA GLN A 1108 27.30 12.82 36.38
C GLN A 1108 27.34 13.45 35.00
N GLN A 1109 28.40 13.15 34.24
CA GLN A 1109 28.49 13.71 32.90
C GLN A 1109 27.46 13.09 31.96
N ALA A 1110 27.06 11.84 32.20
CA ALA A 1110 26.08 11.20 31.35
C ALA A 1110 24.70 11.82 31.46
N GLU A 1111 24.45 12.62 32.51
CA GLU A 1111 23.16 13.27 32.71
C GLU A 1111 23.14 14.69 32.17
N GLY A 1112 24.24 15.18 31.65
CA GLY A 1112 24.30 16.53 31.11
C GLY A 1112 24.91 17.56 32.05
N ARG A 1113 25.46 17.15 33.18
CA ARG A 1113 26.07 18.06 34.15
C ARG A 1113 27.56 18.13 33.84
N PHE A 1114 27.89 18.95 32.83
CA PHE A 1114 29.28 19.11 32.43
C PHE A 1114 30.08 19.98 33.38
N GLU A 1115 29.47 20.98 34.00
CA GLU A 1115 30.18 21.85 34.93
C GLU A 1115 30.66 21.13 36.17
N LYS A 1116 29.88 20.21 36.72
CA LYS A 1116 30.25 19.45 37.92
C LYS A 1116 31.19 18.30 37.62
N ALA A 1117 31.00 17.64 36.46
CA ALA A 1117 31.86 16.52 36.10
C ALA A 1117 33.31 16.95 35.94
N SER A 1118 33.54 18.11 35.32
CA SER A 1118 34.92 18.58 35.14
C SER A 1118 35.59 18.84 36.49
N VAL A 1119 34.86 19.45 37.42
CA VAL A 1119 35.41 19.72 38.74
C VAL A 1119 35.77 18.41 39.44
N GLU A 1120 34.87 17.43 39.34
CA GLU A 1120 35.15 16.14 39.97
C GLU A 1120 36.35 15.46 39.32
N TYR A 1121 36.49 15.58 38.00
CA TYR A 1121 37.62 14.97 37.32
C TYR A 1121 38.91 15.60 37.80
N GLN A 1122 38.92 16.94 37.94
CA GLN A 1122 40.11 17.63 38.41
C GLN A 1122 40.45 17.20 39.84
N GLU A 1123 39.43 17.06 40.69
CA GLU A 1123 39.68 16.64 42.06
C GLU A 1123 40.28 15.24 42.10
N HIS A 1124 39.78 14.33 41.26
CA HIS A 1124 40.32 12.97 41.24
C HIS A 1124 41.75 12.96 40.71
N LEU A 1125 42.02 13.78 39.68
CA LEU A 1125 43.36 13.83 39.11
C LEU A 1125 44.36 14.39 40.11
N CYS A 1126 43.96 15.38 40.91
CA CYS A 1126 44.87 15.94 41.90
C CYS A 1126 45.26 14.93 42.96
N ALA A 1127 44.47 13.88 43.15
CA ALA A 1127 44.74 12.84 44.13
C ALA A 1127 45.48 11.65 43.53
N MET A 1128 45.21 11.33 42.26
CA MET A 1128 45.89 10.20 41.63
C MET A 1128 47.32 10.52 41.20
N THR A 1129 47.72 11.79 41.25
CA THR A 1129 49.07 12.17 40.84
C THR A 1129 49.81 12.88 41.98
N GLY A 1130 49.07 13.49 42.89
CA GLY A 1130 49.65 14.20 44.00
C GLY A 1130 50.03 15.64 43.71
N VAL A 1131 49.87 16.07 42.46
CA VAL A 1131 50.20 17.43 42.05
C VAL A 1131 48.89 18.15 41.72
N ASP A 1132 48.73 19.37 42.24
CA ASP A 1132 47.53 20.15 42.00
C ASP A 1132 47.45 20.56 40.54
N CYS A 1133 46.32 20.28 39.89
CA CYS A 1133 46.11 20.62 38.49
C CYS A 1133 44.76 21.30 38.27
N CYS A 1134 44.23 21.93 39.31
CA CYS A 1134 42.94 22.60 39.20
C CYS A 1134 43.08 23.86 38.33
N ILE A 1135 41.93 24.38 37.90
CA ILE A 1135 41.85 25.57 37.08
C ILE A 1135 40.74 26.46 37.62
N SER A 1136 40.76 27.72 37.21
CA SER A 1136 39.74 28.66 37.67
C SER A 1136 38.38 28.28 37.11
N SER A 1137 37.37 28.34 37.97
CA SER A 1137 36.01 28.00 37.58
C SER A 1137 35.05 28.74 38.52
N PHE A 1138 33.77 28.42 38.37
CA PHE A 1138 32.75 29.06 39.21
C PHE A 1138 32.89 28.57 40.65
N ASP A 1139 32.27 29.30 41.56
CA ASP A 1139 32.32 28.96 42.98
C ASP A 1139 31.93 27.50 43.22
N LYS A 1140 32.86 26.74 43.78
CA LYS A 1140 32.60 25.33 44.05
C LYS A 1140 31.61 25.12 45.19
N SER A 1141 31.49 26.07 46.11
CA SER A 1141 30.55 25.93 47.21
C SER A 1141 29.11 25.86 46.70
N VAL A 1142 28.75 26.73 45.75
CA VAL A 1142 27.40 26.73 45.20
C VAL A 1142 27.25 25.76 44.05
N LEU A 1143 28.35 25.34 43.42
CA LEU A 1143 28.27 24.41 42.30
C LEU A 1143 27.68 23.08 42.75
N THR A 1144 28.08 22.60 43.93
CA THR A 1144 27.58 21.33 44.45
C THR A 1144 26.13 21.46 44.91
N LEU A 1145 25.74 22.65 45.36
CA LEU A 1145 24.38 22.89 45.81
C LEU A 1145 23.41 23.01 44.65
N ALA A 1146 23.87 23.53 43.51
CA ALA A 1146 23.01 23.69 42.34
C ALA A 1146 22.66 22.37 41.67
N ASN A 1147 23.41 21.31 41.94
CA ASN A 1147 23.12 20.02 41.34
C ASN A 1147 23.52 18.88 42.27
N SER A 1174 46.63 4.21 41.38
CA SER A 1174 46.85 5.15 40.28
C SER A 1174 47.42 4.43 39.06
N SER A 1175 46.78 4.64 37.92
CA SER A 1175 47.20 4.03 36.66
C SER A 1175 47.26 5.09 35.58
N PRO A 1176 48.24 4.99 34.67
CA PRO A 1176 48.33 5.99 33.60
C PRO A 1176 47.09 6.05 32.72
N GLU A 1177 46.47 4.90 32.46
CA GLU A 1177 45.28 4.88 31.63
C GLU A 1177 44.14 5.68 32.27
N VAL A 1178 43.96 5.53 33.58
CA VAL A 1178 42.89 6.26 34.27
C VAL A 1178 43.16 7.76 34.19
N ILE A 1179 44.41 8.16 34.39
CA ILE A 1179 44.79 9.56 34.33
C ILE A 1179 44.51 10.15 32.95
N ASN A 1180 44.93 9.44 31.90
CA ASN A 1180 44.71 9.94 30.54
C ASN A 1180 43.22 10.01 30.22
N TYR A 1181 42.46 8.99 30.62
CA TYR A 1181 41.02 8.97 30.36
C TYR A 1181 40.33 10.14 31.03
N LEU A 1182 40.65 10.39 32.31
CA LEU A 1182 40.02 11.50 33.02
C LEU A 1182 40.44 12.84 32.41
N GLY A 1183 41.71 12.97 32.04
CA GLY A 1183 42.18 14.22 31.45
C GLY A 1183 41.45 14.53 30.16
N ASN A 1184 41.21 13.51 29.33
CA ASN A 1184 40.52 13.74 28.08
C ASN A 1184 39.03 14.03 28.31
N LYS A 1185 38.43 13.36 29.31
CA LYS A 1185 37.01 13.61 29.57
C LYS A 1185 36.80 15.02 30.06
N ALA A 1186 37.75 15.57 30.84
CA ALA A 1186 37.60 16.94 31.32
C ALA A 1186 37.57 17.90 30.14
N CYS A 1187 38.46 17.69 29.16
CA CYS A 1187 38.50 18.55 27.98
C CYS A 1187 37.21 18.41 27.21
N GLU A 1188 36.69 17.19 27.09
CA GLU A 1188 35.44 16.99 26.37
C GLU A 1188 34.31 17.74 27.05
N CYS A 1189 34.26 17.72 28.39
CA CYS A 1189 33.23 18.43 29.13
C CYS A 1189 33.32 19.93 28.88
N TYR A 1190 34.54 20.47 28.87
CA TYR A 1190 34.70 21.90 28.65
C TYR A 1190 34.33 22.29 27.22
N ILE A 1191 34.62 21.41 26.25
CA ILE A 1191 34.29 21.71 24.86
C ILE A 1191 32.79 21.63 24.62
N SER A 1192 32.10 20.73 25.35
CA SER A 1192 30.65 20.58 25.17
C SER A 1192 29.91 21.88 25.40
N ILE A 1193 30.24 22.63 26.46
CA ILE A 1193 29.57 23.89 26.74
C ILE A 1193 30.16 25.06 25.97
N ALA A 1194 31.14 24.81 25.10
CA ALA A 1194 31.80 25.83 24.28
C ALA A 1194 32.48 26.90 25.13
N ASP A 1195 33.37 26.45 26.02
CA ASP A 1195 34.13 27.32 26.91
C ASP A 1195 35.56 27.26 26.42
N TRP A 1196 35.89 28.09 25.42
CA TRP A 1196 37.23 28.11 24.84
C TRP A 1196 38.29 28.54 25.85
N ALA A 1197 37.98 29.54 26.68
CA ALA A 1197 38.95 29.98 27.67
C ALA A 1197 39.30 28.84 28.62
N ALA A 1198 38.29 28.09 29.06
CA ALA A 1198 38.53 26.97 29.96
C ALA A 1198 39.33 25.90 29.25
N VAL A 1199 39.10 25.71 27.94
CA VAL A 1199 39.83 24.71 27.20
C VAL A 1199 41.31 25.06 27.15
N GLN A 1200 41.62 26.34 26.88
CA GLN A 1200 43.02 26.77 26.83
C GLN A 1200 43.66 26.62 28.21
N GLU A 1201 42.93 27.00 29.26
CA GLU A 1201 43.48 26.89 30.61
C GLU A 1201 43.75 25.42 30.94
N TRP A 1202 42.82 24.53 30.58
CA TRP A 1202 43.01 23.12 30.85
C TRP A 1202 44.20 22.58 30.08
N GLN A 1203 44.39 23.04 28.85
CA GLN A 1203 45.52 22.57 28.05
C GLN A 1203 46.82 22.98 28.72
N ASN A 1204 46.90 24.21 29.19
CA ASN A 1204 48.11 24.68 29.85
C ASN A 1204 48.36 23.88 31.13
N SER A 1205 47.29 23.62 31.90
CA SER A 1205 47.44 22.86 33.13
C SER A 1205 47.91 21.44 32.85
N ILE A 1206 47.36 20.82 31.79
CA ILE A 1206 47.78 19.46 31.44
C ILE A 1206 49.24 19.44 31.04
N HIS A 1207 49.67 20.43 30.25
CA HIS A 1207 51.06 20.48 29.83
C HIS A 1207 51.97 20.63 31.04
N ASP A 1208 51.58 21.52 31.98
CA ASP A 1208 52.39 21.73 33.18
C ASP A 1208 52.46 20.46 34.02
N LEU A 1209 51.34 19.75 34.16
CA LEU A 1209 51.32 18.52 34.94
C LEU A 1209 52.20 17.46 34.29
N LYS A 1210 52.14 17.34 32.96
CA LYS A 1210 52.95 16.35 32.26
C LYS A 1210 54.45 16.66 32.42
N LYS A 1211 54.81 17.94 32.31
CA LYS A 1211 56.22 18.30 32.47
C LYS A 1211 56.70 18.19 33.90
N SER A 1212 55.78 18.19 34.87
CA SER A 1212 56.13 18.09 36.28
C SER A 1212 56.13 16.66 36.81
N THR A 1213 55.78 15.68 35.97
CA THR A 1213 55.77 14.29 36.42
C THR A 1213 56.38 13.31 35.43
N SER A 1214 56.78 13.75 34.23
CA SER A 1214 57.37 12.88 33.22
C SER A 1214 56.48 11.67 32.93
N SER A 1215 55.19 11.95 32.73
CA SER A 1215 54.23 10.89 32.46
C SER A 1215 54.54 10.19 31.14
N THR A 1216 54.76 10.96 30.08
CA THR A 1216 55.06 10.50 28.73
C THR A 1216 53.91 9.73 28.09
N SER A 1217 52.79 9.57 28.78
CA SER A 1217 51.64 8.86 28.26
C SER A 1217 50.36 9.68 28.29
N LEU A 1218 50.34 10.79 29.03
CA LEU A 1218 49.17 11.66 29.14
C LEU A 1218 49.23 12.70 28.03
N ASN A 1219 48.25 12.66 27.12
CA ASN A 1219 48.22 13.61 26.02
C ASN A 1219 46.78 13.80 25.56
N LEU A 1220 46.35 15.06 25.45
CA LEU A 1220 44.99 15.34 25.02
C LEU A 1220 44.85 15.04 23.54
N LYS A 1221 43.84 14.24 23.20
CA LYS A 1221 43.56 13.85 21.81
C LYS A 1221 42.41 14.72 21.30
N ALA A 1222 42.77 15.93 20.85
CA ALA A 1222 41.79 16.87 20.33
C ALA A 1222 42.52 17.91 19.50
N ASP A 1223 42.13 18.04 18.22
CA ASP A 1223 42.77 19.01 17.35
C ASP A 1223 42.53 20.41 17.87
N PHE A 1224 43.58 21.07 18.37
CA PHE A 1224 43.42 22.41 18.90
C PHE A 1224 43.24 23.46 17.81
N ASN A 1225 43.73 23.19 16.59
CA ASN A 1225 43.55 24.17 15.52
C ASN A 1225 42.07 24.35 15.22
N TYR A 1226 41.32 23.24 15.24
CA TYR A 1226 39.89 23.28 14.99
C TYR A 1226 39.18 24.06 16.10
N ILE A 1227 39.63 23.87 17.35
CA ILE A 1227 39.03 24.59 18.47
C ILE A 1227 39.29 26.09 18.34
N LYS A 1228 40.52 26.45 17.97
CA LYS A 1228 40.84 27.87 17.80
C LYS A 1228 40.01 28.47 16.67
N SER A 1229 39.83 27.72 15.59
CA SER A 1229 39.03 28.23 14.48
C SER A 1229 37.60 28.45 14.92
N LEU A 1230 37.05 27.52 15.72
CA LEU A 1230 35.68 27.65 16.20
C LEU A 1230 35.56 28.88 17.09
N SER A 1231 36.55 29.09 17.97
CA SER A 1231 36.53 30.24 18.86
C SER A 1231 36.59 31.54 18.07
N SER A 1232 37.44 31.59 17.04
CA SER A 1232 37.56 32.79 16.23
C SER A 1232 36.27 33.07 15.47
N PHE A 1233 35.65 32.00 14.95
CA PHE A 1233 34.40 32.17 14.20
C PHE A 1233 33.30 32.69 15.12
N GLU A 1234 33.21 32.14 16.33
CA GLU A 1234 32.18 32.57 17.26
C GLU A 1234 32.45 33.97 17.80
N SER A 1235 33.72 34.40 17.81
CA SER A 1235 34.05 35.73 18.31
C SER A 1235 33.87 36.82 17.25
N GLY A 1236 33.59 36.45 16.01
CA GLY A 1236 33.42 37.41 14.95
C GLY A 1236 34.66 37.77 14.16
N LYS A 1237 35.82 37.23 14.52
CA LYS A 1237 37.07 37.50 13.83
C LYS A 1237 37.19 36.51 12.67
N PHE A 1238 36.66 36.90 11.51
CA PHE A 1238 36.69 36.04 10.34
C PHE A 1238 38.09 35.92 9.72
N VAL A 1239 38.96 36.93 9.91
CA VAL A 1239 40.29 36.85 9.34
C VAL A 1239 41.09 35.73 10.01
N GLU A 1240 41.07 35.70 11.35
CA GLU A 1240 41.79 34.66 12.06
C GLU A 1240 41.18 33.29 11.78
N CYS A 1241 39.85 33.23 11.65
CA CYS A 1241 39.18 31.97 11.37
C CYS A 1241 39.60 31.42 10.01
N THR A 1242 39.57 32.28 8.97
CA THR A 1242 39.97 31.80 7.65
C THR A 1242 41.45 31.46 7.61
N GLU A 1243 42.28 32.13 8.42
CA GLU A 1243 43.69 31.83 8.42
C GLU A 1243 43.96 30.49 9.09
N GLN A 1244 43.19 30.18 10.16
CA GLN A 1244 43.35 28.92 10.88
C GLN A 1244 42.72 27.75 10.13
N LEU A 1245 41.71 28.00 9.29
CA LEU A 1245 41.06 26.92 8.55
C LEU A 1245 41.95 26.34 7.46
N GLU A 1246 42.99 27.06 7.04
CA GLU A 1246 43.89 26.55 6.00
C GLU A 1246 44.74 25.38 6.47
N LEU A 1247 44.94 25.22 7.77
CA LEU A 1247 45.74 24.13 8.30
C LEU A 1247 44.96 22.82 8.41
N LEU A 1248 43.64 22.89 8.52
CA LEU A 1248 42.83 21.70 8.63
C LEU A 1248 42.79 20.96 7.30
N PRO A 1249 42.65 19.63 7.34
CA PRO A 1249 42.60 18.85 6.10
C PRO A 1249 41.31 19.09 5.34
N GLY A 1250 41.33 18.68 4.07
CA GLY A 1250 40.19 18.82 3.19
C GLY A 1250 40.43 19.85 2.11
N GLU A 1251 39.44 19.95 1.22
CA GLU A 1251 39.49 20.90 0.11
C GLU A 1251 39.65 22.33 0.62
N ASN A 1252 40.47 23.11 -0.08
CA ASN A 1252 40.72 24.49 0.28
C ASN A 1252 39.43 25.29 0.36
N ILE A 1253 39.45 26.40 1.09
CA ILE A 1253 38.29 27.27 1.26
C ILE A 1253 37.84 27.77 -0.10
N ASN A 1254 36.54 27.99 -0.27
CA ASN A 1254 36.00 28.47 -1.53
C ASN A 1254 36.60 29.83 -1.89
N LEU A 1255 36.76 30.05 -3.19
CA LEU A 1255 37.31 31.30 -3.69
C LEU A 1255 36.20 32.23 -4.15
N ASP A 1265 35.92 17.15 -8.34
CA ASP A 1265 36.11 18.28 -7.43
C ASP A 1265 35.00 18.33 -6.37
N MET A 1266 33.79 18.67 -6.81
CA MET A 1266 32.64 18.75 -5.90
C MET A 1266 32.27 17.41 -5.29
N LYS A 1267 32.60 16.30 -5.95
CA LYS A 1267 32.27 14.98 -5.42
C LYS A 1267 33.27 14.50 -4.38
N LYS A 1268 34.55 14.84 -4.52
CA LYS A 1268 35.57 14.42 -3.57
C LYS A 1268 35.93 15.54 -2.61
N LEU A 1269 34.95 15.97 -1.80
CA LEU A 1269 35.21 17.04 -0.85
C LEU A 1269 35.96 16.55 0.38
N LEU A 1270 35.68 15.34 0.85
CA LEU A 1270 36.35 14.80 2.01
C LEU A 1270 37.78 14.38 1.65
N PRO A 1271 38.71 14.50 2.59
CA PRO A 1271 40.09 14.11 2.31
C PRO A 1271 40.28 12.60 2.39
N ASN A 1272 41.49 12.17 2.08
CA ASN A 1272 41.85 10.76 2.11
C ASN A 1272 42.33 10.39 3.50
N MET A 1273 42.55 9.09 3.72
CA MET A 1273 43.02 8.57 5.00
C MET A 1273 42.09 8.97 6.15
N LEU A 1274 40.81 9.10 5.85
CA LEU A 1274 39.82 9.49 6.86
C LEU A 1274 39.38 8.28 7.67
N SER A 1275 39.36 8.44 8.99
CA SER A 1275 38.95 7.37 9.88
C SER A 1275 37.45 7.12 9.76
N PRO A 1276 37.01 5.86 9.90
CA PRO A 1276 35.58 5.55 9.79
C PRO A 1276 34.80 5.93 11.04
N ASP A 1277 35.43 6.71 11.91
CA ASP A 1277 34.83 7.16 13.16
C ASP A 1277 33.82 8.28 12.88
N PRO A 1278 32.58 8.16 13.35
CA PRO A 1278 31.60 9.24 13.10
C PRO A 1278 32.05 10.59 13.65
N ARG A 1279 32.86 10.59 14.71
CA ARG A 1279 33.33 11.85 15.27
C ARG A 1279 34.13 12.62 14.23
N GLU A 1280 34.91 11.92 13.40
CA GLU A 1280 35.69 12.58 12.37
C GLU A 1280 34.77 13.18 11.31
N LEU A 1281 33.69 12.46 10.96
CA LEU A 1281 32.76 12.97 9.98
C LEU A 1281 32.09 14.24 10.48
N GLN A 1282 31.75 14.27 11.77
CA GLN A 1282 31.13 15.47 12.32
C GLN A 1282 32.08 16.65 12.22
N LYS A 1283 33.37 16.42 12.50
CA LYS A 1283 34.35 17.50 12.41
C LYS A 1283 34.50 17.98 10.98
N SER A 1284 34.50 17.05 10.02
CA SER A 1284 34.63 17.44 8.62
C SER A 1284 33.44 18.28 8.19
N ILE A 1285 32.24 17.88 8.59
CA ILE A 1285 31.04 18.63 8.23
C ILE A 1285 31.10 20.03 8.85
N GLU A 1286 31.54 20.10 10.11
CA GLU A 1286 31.64 21.40 10.78
C GLU A 1286 32.63 22.31 10.08
N VAL A 1287 33.77 21.74 9.63
CA VAL A 1287 34.77 22.55 8.95
C VAL A 1287 34.20 23.06 7.63
N GLN A 1288 33.47 22.21 6.90
CA GLN A 1288 32.88 22.65 5.64
C GLN A 1288 31.89 23.77 5.88
N LEU A 1289 31.06 23.64 6.92
CA LEU A 1289 30.07 24.68 7.23
C LEU A 1289 30.77 26.00 7.57
N LEU A 1290 31.84 25.92 8.37
CA LEU A 1290 32.56 27.13 8.74
C LEU A 1290 33.17 27.80 7.51
N ARG A 1291 33.73 26.99 6.61
CA ARG A 1291 34.33 27.54 5.40
C ARG A 1291 33.28 28.24 4.55
N SER A 1292 32.10 27.63 4.42
CA SER A 1292 31.04 28.25 3.63
C SER A 1292 30.59 29.55 4.26
N SER A 1293 30.47 29.57 5.60
CA SER A 1293 30.03 30.79 6.29
C SER A 1293 31.04 31.91 6.09
N VAL A 1294 32.33 31.61 6.23
CA VAL A 1294 33.36 32.63 6.05
C VAL A 1294 33.37 33.13 4.62
N CYS A 1295 33.22 32.21 3.65
CA CYS A 1295 33.20 32.62 2.25
C CYS A 1295 32.04 33.56 1.96
N LEU A 1296 30.85 33.24 2.48
CA LEU A 1296 29.70 34.09 2.25
C LEU A 1296 29.89 35.45 2.91
N ALA A 1297 30.44 35.46 4.13
CA ALA A 1297 30.66 36.72 4.84
C ALA A 1297 31.62 37.62 4.06
N THR A 1298 32.69 37.04 3.52
CA THR A 1298 33.64 37.85 2.76
C THR A 1298 33.06 38.27 1.42
N ALA A 1299 32.19 37.44 0.83
CA ALA A 1299 31.59 37.77 -0.47
C ALA A 1299 30.56 38.88 -0.34
N LEU A 1300 29.87 38.99 0.78
CA LEU A 1300 28.87 40.03 0.94
C LEU A 1300 29.51 41.42 0.88
N ASN A 1301 30.64 41.59 1.54
CA ASN A 1301 31.33 42.88 1.55
C ASN A 1301 32.81 42.71 1.83
N TRP A 1309 23.52 38.17 -8.65
CA TRP A 1309 23.94 37.51 -7.43
C TRP A 1309 24.49 36.11 -7.72
N GLN A 1310 25.38 36.04 -8.72
CA GLN A 1310 26.00 34.77 -9.12
C GLN A 1310 27.52 34.85 -9.10
N SER A 1311 28.09 35.91 -8.54
CA SER A 1311 29.54 36.08 -8.49
C SER A 1311 30.20 34.98 -7.66
N ILE A 1312 29.89 34.94 -6.36
CA ILE A 1312 30.46 33.94 -5.46
C ILE A 1312 29.33 33.14 -4.83
N THR A 1313 28.16 33.13 -5.48
CA THR A 1313 27.00 32.40 -4.98
C THR A 1313 26.77 31.12 -5.76
N GLU A 1314 27.43 30.96 -6.90
CA GLU A 1314 27.27 29.76 -7.71
C GLU A 1314 28.06 28.57 -7.22
N ASN A 1315 29.26 28.78 -6.66
CA ASN A 1315 30.08 27.70 -6.16
C ASN A 1315 29.72 27.30 -4.74
N VAL A 1316 29.29 28.26 -3.92
CA VAL A 1316 28.92 27.96 -2.54
C VAL A 1316 27.68 27.07 -2.49
N VAL A 1317 26.74 27.25 -3.40
CA VAL A 1317 25.53 26.43 -3.39
C VAL A 1317 25.88 24.97 -3.64
N LYS A 1318 26.77 24.70 -4.60
CA LYS A 1318 27.16 23.31 -4.87
C LYS A 1318 27.88 22.72 -3.67
N TYR A 1319 28.73 23.52 -3.03
CA TYR A 1319 29.47 23.05 -1.86
C TYR A 1319 28.51 22.66 -0.75
N LEU A 1320 27.51 23.52 -0.49
CA LEU A 1320 26.53 23.23 0.55
C LEU A 1320 25.68 22.03 0.18
N LYS A 1321 25.37 21.87 -1.12
CA LYS A 1321 24.55 20.73 -1.53
C LYS A 1321 25.30 19.44 -1.26
N GLN A 1322 26.60 19.41 -1.58
CA GLN A 1322 27.37 18.19 -1.33
C GLN A 1322 27.48 17.96 0.17
N THR A 1323 27.64 19.04 0.94
CA THR A 1323 27.74 18.90 2.40
C THR A 1323 26.46 18.29 2.95
N SER A 1324 25.30 18.75 2.45
CA SER A 1324 24.03 18.22 2.89
C SER A 1324 23.86 16.77 2.48
N ARG A 1325 24.34 16.40 1.29
CA ARG A 1325 24.23 15.03 0.84
C ARG A 1325 25.06 14.10 1.71
N ILE A 1326 26.19 14.61 2.20
CA ILE A 1326 27.07 13.82 3.06
C ILE A 1326 26.52 13.73 4.48
N ALA A 1327 25.93 14.82 4.96
CA ALA A 1327 25.37 14.89 6.31
C ALA A 1327 24.18 13.96 6.54
N ILE A 1328 23.57 13.39 5.51
CA ILE A 1328 22.43 12.50 5.69
C ILE A 1328 22.87 11.04 5.88
N GLY A 1329 24.17 10.78 5.87
CA GLY A 1329 24.69 9.45 6.04
C GLY A 1329 24.36 8.81 7.37
N PRO A 1330 24.69 9.50 8.49
CA PRO A 1330 24.37 8.92 9.80
C PRO A 1330 22.88 8.65 9.99
N LEU A 1331 22.03 9.55 9.49
CA LEU A 1331 20.59 9.32 9.64
C LEU A 1331 20.19 8.07 8.87
N ARG A 1332 20.85 7.83 7.73
CA ARG A 1332 20.55 6.66 6.92
C ARG A 1332 21.00 5.40 7.64
N LEU A 1333 22.16 5.46 8.30
CA LEU A 1333 22.67 4.32 9.04
C LEU A 1333 21.81 4.02 10.25
N SER A 1334 21.15 5.03 10.80
CA SER A 1334 20.28 4.84 11.95
C SER A 1334 19.10 3.94 11.64
N THR A 1335 18.77 3.77 10.35
CA THR A 1335 17.66 2.93 9.94
C THR A 1335 18.09 1.49 9.69
N LEU A 1336 19.34 1.27 9.23
CA LEU A 1336 19.81 -0.09 8.99
C LEU A 1336 19.66 -0.94 10.23
N THR A 1337 19.81 -0.32 11.40
CA THR A 1337 19.68 -0.96 12.69
C THR A 1337 18.43 -0.38 13.32
N VAL A 1338 17.56 -1.24 13.87
CA VAL A 1338 16.32 -0.77 14.48
C VAL A 1338 16.74 -0.05 15.76
N SER A 1339 16.81 1.28 15.67
CA SER A 1339 17.20 2.11 16.80
C SER A 1339 16.04 2.85 17.45
N GLN A 1340 14.94 3.07 16.73
CA GLN A 1340 13.76 3.77 17.22
C GLN A 1340 14.00 5.26 17.43
N SER A 1341 15.22 5.74 17.16
CA SER A 1341 15.57 7.14 17.32
C SER A 1341 16.67 7.49 16.34
N LEU A 1342 16.80 8.78 16.06
CA LEU A 1342 17.78 9.35 15.16
C LEU A 1342 18.90 10.04 15.92
N PRO A 1343 20.10 10.10 15.35
CA PRO A 1343 21.21 10.76 16.04
C PRO A 1343 20.87 12.23 16.27
N VAL A 1344 21.32 12.76 17.40
CA VAL A 1344 21.03 14.16 17.72
C VAL A 1344 21.97 15.16 17.05
N LEU A 1345 23.29 15.01 17.23
CA LEU A 1345 24.24 15.93 16.62
C LEU A 1345 24.18 15.91 15.10
N SER A 1346 24.08 14.70 14.52
CA SER A 1346 24.02 14.57 13.07
C SER A 1346 22.78 15.24 12.49
N THR A 1347 21.63 15.13 13.16
CA THR A 1347 20.41 15.75 12.65
C THR A 1347 20.56 17.26 12.59
N LEU A 1348 21.09 17.87 13.65
CA LEU A 1348 21.27 19.32 13.63
C LEU A 1348 22.30 19.73 12.60
N GLN A 1349 23.32 18.89 12.35
CA GLN A 1349 24.30 19.29 11.34
C GLN A 1349 23.62 19.42 9.99
N LEU A 1350 22.75 18.46 9.66
CA LEU A 1350 22.04 18.50 8.39
C LEU A 1350 21.10 19.69 8.32
N TYR A 1351 20.39 19.96 9.42
CA TYR A 1351 19.47 21.10 9.43
C TYR A 1351 20.23 22.42 9.28
N CYS A 1352 21.39 22.54 9.96
CA CYS A 1352 22.18 23.76 9.85
C CYS A 1352 22.66 23.95 8.42
N SER A 1353 23.09 22.85 7.78
CA SER A 1353 23.56 22.95 6.41
C SER A 1353 22.43 23.41 5.50
N SER A 1354 21.22 22.88 5.72
CA SER A 1354 20.09 23.29 4.90
C SER A 1354 19.78 24.76 5.10
N ALA A 1355 19.83 25.23 6.35
CA ALA A 1355 19.56 26.64 6.63
C ALA A 1355 20.59 27.52 5.95
N LEU A 1356 21.87 27.13 6.00
CA LEU A 1356 22.92 27.92 5.37
C LEU A 1356 22.71 27.95 3.85
N GLU A 1357 22.33 26.81 3.27
CA GLU A 1357 22.10 26.78 1.83
C GLU A 1357 20.95 27.69 1.46
N ASN A 1358 19.89 27.71 2.26
CA ASN A 1358 18.74 28.57 1.99
C ASN A 1358 19.11 30.05 2.12
N THR A 1359 19.92 30.40 3.11
CA THR A 1359 20.28 31.81 3.27
C THR A 1359 21.27 32.28 2.21
N VAL A 1360 22.10 31.38 1.67
CA VAL A 1360 23.06 31.80 0.64
C VAL A 1360 22.35 32.16 -0.66
N SER A 1361 21.26 31.44 -0.97
CA SER A 1361 20.53 31.72 -2.20
C SER A 1361 19.43 32.76 -2.03
N ASN A 1362 18.84 32.86 -0.84
CA ASN A 1362 17.76 33.83 -0.60
C ASN A 1362 18.22 35.11 0.08
N ARG A 1363 19.48 35.20 0.51
CA ARG A 1363 20.02 36.39 1.18
C ARG A 1363 19.18 36.78 2.40
N LEU A 1364 18.81 35.78 3.20
CA LEU A 1364 18.02 35.96 4.41
C LEU A 1364 16.72 36.72 4.13
N SER A 1365 15.90 36.13 3.24
CA SER A 1365 14.63 36.73 2.87
C SER A 1365 13.45 35.77 3.00
N THR A 1366 13.68 34.53 3.40
CA THR A 1366 12.62 33.54 3.56
C THR A 1366 12.70 32.92 4.96
N GLU A 1367 11.54 32.52 5.48
CA GLU A 1367 11.47 31.93 6.81
C GLU A 1367 12.17 30.57 6.88
N ASP A 1368 12.53 29.97 5.75
CA ASP A 1368 13.21 28.69 5.73
C ASP A 1368 14.69 28.82 6.03
N CYS A 1369 15.20 30.03 6.21
CA CYS A 1369 16.60 30.28 6.51
C CYS A 1369 16.92 30.14 7.99
N LEU A 1370 15.93 29.86 8.83
CA LEU A 1370 16.12 29.72 10.26
C LEU A 1370 16.08 28.25 10.66
N ILE A 1371 16.78 27.93 11.75
CA ILE A 1371 16.84 26.57 12.27
C ILE A 1371 15.51 26.31 12.99
N PRO A 1372 14.77 25.26 12.63
CA PRO A 1372 13.48 24.97 13.28
C PRO A 1372 13.56 24.47 14.73
N LEU A 1373 14.09 25.32 15.60
CA LEU A 1373 14.23 25.03 17.02
C LEU A 1373 13.46 26.11 17.75
N PHE A 1374 12.37 25.74 18.40
CA PHE A 1374 11.53 26.69 19.12
C PHE A 1374 11.35 26.25 20.56
N SER A 1375 10.62 27.09 21.31
CA SER A 1375 10.37 26.81 22.73
C SER A 1375 9.53 25.55 22.90
N GLU A 1376 8.86 25.07 21.85
CA GLU A 1376 8.05 23.87 21.97
C GLU A 1376 8.87 22.66 22.40
N ALA A 1377 10.19 22.69 22.19
CA ALA A 1377 11.04 21.58 22.58
C ALA A 1377 11.21 21.50 24.09
N LEU A 1378 10.73 22.49 24.82
CA LEU A 1378 10.84 22.48 26.28
C LEU A 1378 10.11 21.30 26.90
N ARG A 1379 8.92 20.98 26.39
CA ARG A 1379 8.15 19.86 26.92
C ARG A 1379 8.29 18.57 26.12
N SER A 1380 9.10 18.55 25.07
CA SER A 1380 9.26 17.34 24.27
C SER A 1380 10.70 16.89 24.08
N CYS A 1381 11.69 17.63 24.55
CA CYS A 1381 13.09 17.24 24.40
C CYS A 1381 13.86 17.42 25.71
N LYS A 1382 13.26 16.97 26.81
CA LYS A 1382 13.90 17.09 28.11
C LYS A 1382 14.95 16.01 28.35
N GLN A 1383 15.03 15.01 27.49
CA GLN A 1383 16.00 13.92 27.63
C GLN A 1383 17.29 14.18 26.88
N HIS A 1384 17.44 15.37 26.28
CA HIS A 1384 18.64 15.73 25.53
C HIS A 1384 19.47 16.72 26.32
N ASP A 1385 20.75 16.78 25.99
CA ASP A 1385 21.70 17.68 26.64
C ASP A 1385 21.57 19.08 26.03
N VAL A 1386 22.55 19.96 26.29
CA VAL A 1386 22.52 21.33 25.78
C VAL A 1386 23.36 21.53 24.51
N ARG A 1387 24.09 20.50 24.08
CA ARG A 1387 24.91 20.64 22.87
C ARG A 1387 24.11 21.07 21.64
N PRO A 1388 22.93 20.47 21.35
CA PRO A 1388 22.18 20.91 20.16
C PRO A 1388 21.90 22.40 20.15
N TRP A 1389 21.50 22.95 21.31
CA TRP A 1389 21.22 24.36 21.39
C TRP A 1389 22.49 25.17 21.14
N MET A 1390 23.65 24.64 21.56
CA MET A 1390 24.90 25.34 21.34
C MET A 1390 25.19 25.44 19.84
N GLN A 1391 24.98 24.35 19.10
CA GLN A 1391 25.23 24.38 17.66
C GLN A 1391 24.25 25.33 16.97
N ALA A 1392 22.98 25.26 17.35
CA ALA A 1392 21.97 26.13 16.75
C ALA A 1392 22.29 27.59 17.01
N LEU A 1393 22.69 27.92 18.25
CA LEU A 1393 23.02 29.30 18.58
C LEU A 1393 24.25 29.75 17.81
N ARG A 1394 25.24 28.87 17.66
CA ARG A 1394 26.45 29.23 16.93
C ARG A 1394 26.12 29.61 15.49
N TYR A 1395 25.24 28.84 14.85
CA TYR A 1395 24.91 29.18 13.47
C TYR A 1395 23.84 30.27 13.34
N THR A 1396 23.11 30.57 14.42
CA THR A 1396 22.09 31.61 14.33
C THR A 1396 22.72 32.98 14.58
N MET A 1397 23.69 33.06 15.49
CA MET A 1397 24.34 34.34 15.76
C MET A 1397 25.07 34.84 14.53
N TYR A 1398 25.56 33.91 13.70
CA TYR A 1398 26.26 34.29 12.49
C TYR A 1398 25.33 35.05 11.56
N GLN A 1399 24.10 34.54 11.39
CA GLN A 1399 23.13 35.21 10.53
C GLN A 1399 22.72 36.55 11.15
N ASN A 1400 22.56 36.57 12.47
CA ASN A 1400 22.18 37.81 13.13
C ASN A 1400 23.22 38.90 12.87
N GLN A 1401 24.50 38.54 12.97
CA GLN A 1401 25.56 39.50 12.71
C GLN A 1401 25.64 39.85 11.24
N LEU A 1402 25.31 38.89 10.37
CA LEU A 1402 25.32 39.07 8.92
C LEU A 1402 24.24 40.02 8.45
N LEU A 1403 23.17 40.18 9.22
CA LEU A 1403 22.08 41.09 8.82
C LEU A 1403 22.56 42.52 8.59
N GLU A 1404 23.65 42.92 9.23
CA GLU A 1404 24.18 44.28 9.08
C GLU A 1404 24.79 44.55 7.70
N LYS A 1405 24.97 43.53 6.86
CA LYS A 1405 25.54 43.71 5.54
C LYS A 1405 24.51 43.56 4.42
N ILE A 1406 23.23 43.49 4.75
CA ILE A 1406 22.17 43.34 3.75
C ILE A 1406 21.32 44.61 3.78
N LYS A 1407 21.29 45.34 2.67
CA LYS A 1407 20.51 46.57 2.60
C LYS A 1407 19.03 46.30 2.33
N GLU A 1408 18.72 45.26 1.57
CA GLU A 1408 17.34 44.92 1.27
C GLU A 1408 16.62 44.40 2.52
N GLN A 1409 15.31 44.18 2.38
CA GLN A 1409 14.52 43.68 3.48
C GLN A 1409 14.92 42.26 3.85
N THR A 1410 14.93 41.98 5.15
CA THR A 1410 15.30 40.67 5.68
C THR A 1410 14.20 40.16 6.59
N VAL A 1411 14.40 38.95 7.11
CA VAL A 1411 13.46 38.30 8.02
C VAL A 1411 13.86 38.62 9.45
N PRO A 1412 12.92 38.89 10.36
CA PRO A 1412 13.30 39.20 11.74
C PRO A 1412 13.94 38.01 12.45
N ILE A 1413 15.23 38.14 12.79
CA ILE A 1413 15.98 37.09 13.46
C ILE A 1413 16.15 37.36 14.96
N ARG A 1414 15.93 38.60 15.40
CA ARG A 1414 16.08 38.93 16.82
C ARG A 1414 15.16 38.07 17.70
N SER A 1415 13.91 37.90 17.29
CA SER A 1415 12.99 37.08 18.09
C SER A 1415 13.44 35.63 18.15
N HIS A 1416 13.90 35.10 17.01
CA HIS A 1416 14.37 33.72 16.97
C HIS A 1416 15.58 33.55 17.88
N LEU A 1417 16.50 34.51 17.84
CA LEU A 1417 17.68 34.46 18.68
C LEU A 1417 17.30 34.49 20.16
N MET A 1418 16.35 35.36 20.52
CA MET A 1418 15.93 35.45 21.91
C MET A 1418 15.30 34.14 22.37
N GLU A 1419 14.46 33.53 21.53
CA GLU A 1419 13.83 32.27 21.90
C GLU A 1419 14.87 31.18 22.11
N LEU A 1420 15.84 31.08 21.18
CA LEU A 1420 16.88 30.07 21.31
C LEU A 1420 17.70 30.29 22.57
N GLY A 1421 18.07 31.55 22.85
CA GLY A 1421 18.85 31.84 24.02
C GLY A 1421 18.12 31.50 25.30
N LEU A 1422 16.83 31.84 25.38
CA LEU A 1422 16.06 31.55 26.58
C LEU A 1422 15.94 30.04 26.80
N THR A 1423 15.64 29.28 25.73
CA THR A 1423 15.52 27.84 25.90
C THR A 1423 16.84 27.23 26.32
N ALA A 1424 17.94 27.68 25.72
CA ALA A 1424 19.26 27.15 26.07
C ALA A 1424 19.58 27.48 27.53
N ALA A 1425 19.24 28.68 27.97
CA ALA A 1425 19.51 29.07 29.35
C ALA A 1425 18.71 28.20 30.32
N LYS A 1426 17.45 27.93 29.99
CA LYS A 1426 16.63 27.10 30.86
C LYS A 1426 17.21 25.69 30.97
N PHE A 1427 17.61 25.11 29.84
CA PHE A 1427 18.18 23.77 29.91
C PHE A 1427 19.51 23.78 30.66
N ALA A 1428 20.31 24.84 30.51
CA ALA A 1428 21.58 24.90 31.22
C ALA A 1428 21.35 24.98 32.73
N ARG A 1429 20.36 25.77 33.15
CA ARG A 1429 20.08 25.91 34.58
C ARG A 1429 19.50 24.62 35.15
N LYS A 1430 18.73 23.88 34.35
CA LYS A 1430 18.14 22.64 34.85
C LYS A 1430 19.17 21.54 35.10
N ARG A 1431 20.43 21.68 34.67
CA ARG A 1431 21.44 20.65 34.90
C ARG A 1431 22.61 21.13 35.74
N GLY A 1432 22.51 22.27 36.41
CA GLY A 1432 23.59 22.78 37.23
C GLY A 1432 24.63 23.63 36.54
N ASN A 1433 24.55 23.81 35.22
CA ASN A 1433 25.54 24.62 34.52
C ASN A 1433 25.25 26.10 34.80
N VAL A 1434 25.76 26.60 35.92
CA VAL A 1434 25.53 28.00 36.29
C VAL A 1434 26.31 28.95 35.38
N SER A 1435 27.55 28.61 35.04
CA SER A 1435 28.34 29.49 34.17
C SER A 1435 27.71 29.60 32.77
N LEU A 1436 27.30 28.47 32.19
CA LEU A 1436 26.69 28.50 30.87
C LEU A 1436 25.37 29.27 30.91
N ALA A 1437 24.56 29.04 31.95
CA ALA A 1437 23.29 29.75 32.07
C ALA A 1437 23.52 31.24 32.20
N THR A 1438 24.55 31.63 32.96
CA THR A 1438 24.86 33.04 33.14
C THR A 1438 25.25 33.67 31.82
N ARG A 1439 26.10 32.98 31.05
CA ARG A 1439 26.54 33.51 29.76
C ARG A 1439 25.36 33.67 28.81
N LEU A 1440 24.49 32.65 28.75
CA LEU A 1440 23.34 32.71 27.86
C LEU A 1440 22.38 33.83 28.28
N LEU A 1441 22.12 33.98 29.57
CA LEU A 1441 21.23 35.04 30.02
C LEU A 1441 21.82 36.40 29.71
N ALA A 1442 23.13 36.57 29.91
CA ALA A 1442 23.76 37.85 29.63
C ALA A 1442 23.68 38.15 28.14
N GLN A 1443 23.86 37.14 27.30
CA GLN A 1443 23.78 37.35 25.85
C GLN A 1443 22.37 37.75 25.45
N CYS A 1444 21.36 37.16 26.12
CA CYS A 1444 19.98 37.49 25.80
C CYS A 1444 19.64 38.90 26.27
N SER A 1445 20.18 39.32 27.40
CA SER A 1445 19.94 40.65 27.94
C SER A 1445 20.65 41.76 27.17
N GLU A 1446 21.54 41.41 26.25
CA GLU A 1446 22.29 42.39 25.45
C GLU A 1446 23.04 43.39 26.33
N THR A 1453 31.81 34.81 38.73
CA THR A 1453 32.43 33.63 39.32
C THR A 1453 31.99 33.45 40.78
N THR A 1454 31.05 34.28 41.21
CA THR A 1454 30.53 34.22 42.57
C THR A 1454 29.05 34.55 42.57
N ALA A 1455 28.37 34.13 43.64
CA ALA A 1455 26.93 34.39 43.75
C ALA A 1455 26.64 35.88 43.86
N GLN A 1456 27.48 36.62 44.59
CA GLN A 1456 27.27 38.05 44.75
C GLN A 1456 27.30 38.76 43.39
N ASP A 1457 28.19 38.32 42.50
CA ASP A 1457 28.26 38.95 41.18
C ASP A 1457 26.95 38.75 40.43
N LEU A 1458 26.39 37.54 40.52
CA LEU A 1458 25.13 37.26 39.84
C LEU A 1458 23.99 38.09 40.42
N VAL A 1459 23.98 38.24 41.75
CA VAL A 1459 22.93 39.03 42.41
C VAL A 1459 23.03 40.49 41.99
N GLN A 1460 24.26 41.02 41.92
CA GLN A 1460 24.42 42.42 41.53
C GLN A 1460 24.27 42.64 40.03
N HIS A 1461 24.35 41.58 39.22
CA HIS A 1461 24.22 41.74 37.78
C HIS A 1461 22.83 41.43 37.24
N PHE A 1462 22.02 40.66 37.96
CA PHE A 1462 20.67 40.33 37.49
C PHE A 1462 19.55 41.00 38.25
N LYS A 1463 19.73 41.30 39.54
CA LYS A 1463 18.67 41.95 40.30
C LYS A 1463 18.48 43.39 39.86
N LYS A 1474 8.24 40.60 23.87
CA LYS A 1474 7.47 39.36 23.88
C LYS A 1474 8.11 38.32 24.79
N TRP A 1475 9.33 38.60 25.24
CA TRP A 1475 10.07 37.70 26.12
C TRP A 1475 10.51 38.38 27.41
N GLY A 1476 9.91 39.51 27.74
CA GLY A 1476 10.25 40.24 28.95
C GLY A 1476 9.95 39.46 30.21
N PRO A 1477 8.68 39.15 30.44
CA PRO A 1477 8.31 38.39 31.65
C PRO A 1477 9.05 37.07 31.74
N GLU A 1478 9.22 36.36 30.62
CA GLU A 1478 9.92 35.09 30.64
C GLU A 1478 11.36 35.28 31.07
N LEU A 1479 12.02 36.33 30.55
CA LEU A 1479 13.41 36.60 30.92
C LEU A 1479 13.52 36.92 32.40
N ASP A 1480 12.59 37.73 32.92
CA ASP A 1480 12.64 38.08 34.34
C ASP A 1480 12.45 36.86 35.22
N ILE A 1481 11.48 36.01 34.87
CA ILE A 1481 11.23 34.80 35.66
C ILE A 1481 12.44 33.88 35.61
N GLU A 1482 13.07 33.76 34.43
CA GLU A 1482 14.24 32.90 34.30
C GLU A 1482 15.38 33.43 35.16
N LYS A 1483 15.56 34.76 35.19
CA LYS A 1483 16.62 35.32 36.00
C LYS A 1483 16.38 35.02 37.47
N THR A 1484 15.11 35.14 37.90
CA THR A 1484 14.78 34.85 39.30
C THR A 1484 15.06 33.39 39.61
N LYS A 1485 14.71 32.49 38.69
CA LYS A 1485 14.95 31.07 38.89
C LYS A 1485 16.44 30.79 39.01
N LEU A 1486 17.25 31.42 38.17
CA LEU A 1486 18.70 31.20 38.23
C LEU A 1486 19.24 31.70 39.55
N LEU A 1487 18.74 32.84 40.02
CA LEU A 1487 19.19 33.37 41.31
C LEU A 1487 18.84 32.41 42.42
N TYR A 1488 17.64 31.82 42.36
CA TYR A 1488 17.23 30.87 43.39
C TYR A 1488 18.09 29.62 43.35
N THR A 1489 18.43 29.15 42.15
CA THR A 1489 19.27 27.96 42.02
C THR A 1489 20.68 28.22 42.54
N ALA A 1490 21.20 29.43 42.35
CA ALA A 1490 22.54 29.75 42.81
C ALA A 1490 22.66 29.73 44.33
N GLY A 1491 21.54 29.87 45.05
CA GLY A 1491 21.58 29.86 46.50
C GLY A 1491 20.96 31.06 47.18
N GLN A 1492 20.71 32.13 46.44
CA GLN A 1492 20.11 33.35 46.98
C GLN A 1492 18.60 33.25 46.88
N SER A 1493 18.00 32.58 47.86
CA SER A 1493 16.55 32.42 47.86
C SER A 1493 15.83 33.72 48.21
N THR A 1494 16.37 34.49 49.15
CA THR A 1494 15.73 35.74 49.54
C THR A 1494 15.68 36.73 48.38
N HIS A 1495 16.81 36.89 47.67
CA HIS A 1495 16.85 37.80 46.54
C HIS A 1495 15.88 37.36 45.45
N ALA A 1496 15.83 36.05 45.18
CA ALA A 1496 14.93 35.54 44.15
C ALA A 1496 13.48 35.80 44.53
N MET A 1497 13.14 35.60 45.81
CA MET A 1497 11.77 35.84 46.26
C MET A 1497 11.41 37.31 46.11
N GLU A 1498 12.31 38.21 46.50
CA GLU A 1498 12.03 39.63 46.37
C GLU A 1498 11.86 40.03 44.91
N MET A 1499 12.73 39.50 44.04
CA MET A 1499 12.61 39.84 42.62
C MET A 1499 11.30 39.32 42.05
N LEU A 1500 10.88 38.11 42.43
CA LEU A 1500 9.61 37.59 41.93
C LEU A 1500 8.45 38.43 42.42
N SER A 1501 8.49 38.85 43.69
CA SER A 1501 7.41 39.66 44.21
C SER A 1501 7.30 40.97 43.43
N SER A 1502 8.45 41.61 43.17
CA SER A 1502 8.44 42.85 42.41
C SER A 1502 7.93 42.62 40.99
N CYS A 1503 8.32 41.50 40.38
CA CYS A 1503 7.87 41.20 39.02
C CYS A 1503 6.38 40.92 38.98
N ALA A 1504 5.85 40.21 39.99
CA ALA A 1504 4.43 39.90 40.02
C ALA A 1504 3.61 41.16 40.21
N ILE A 1505 4.09 42.09 41.06
CA ILE A 1505 3.35 43.33 41.27
C ILE A 1505 3.20 44.08 39.95
N SER A 1506 4.24 44.05 39.11
CA SER A 1506 4.17 44.73 37.83
C SER A 1506 3.34 43.95 36.81
N PHE A 1507 3.40 42.62 36.87
CA PHE A 1507 2.63 41.79 35.94
C PHE A 1507 1.13 41.95 36.18
N CYS A 1508 0.73 42.10 37.45
CA CYS A 1508 -0.69 42.25 37.78
C CYS A 1508 -1.27 43.54 37.22
N LYS A 1509 -0.44 44.48 36.78
CA LYS A 1509 -0.87 45.76 36.23
C LYS A 1509 -0.40 45.89 34.78
N SER A 1510 -0.33 44.78 34.07
CA SER A 1510 0.10 44.73 32.68
C SER A 1510 -1.13 44.67 31.76
N VAL A 1511 -0.88 44.56 30.46
CA VAL A 1511 -1.96 44.50 29.49
C VAL A 1511 -2.48 43.06 29.37
N LYS A 1512 -1.64 42.16 28.86
CA LYS A 1512 -2.08 40.77 28.72
C LYS A 1512 -1.85 40.00 30.02
N ALA A 1513 -0.59 39.80 30.40
CA ALA A 1513 -0.18 39.10 31.61
C ALA A 1513 -1.05 37.89 31.94
N GLU A 1514 -1.31 37.04 30.95
CA GLU A 1514 -2.14 35.87 31.19
C GLU A 1514 -1.37 34.75 31.88
N TYR A 1515 -0.33 34.23 31.22
CA TYR A 1515 0.49 33.16 31.76
C TYR A 1515 1.63 33.68 32.63
N ALA A 1516 1.85 34.99 32.68
CA ALA A 1516 2.92 35.57 33.49
C ALA A 1516 2.56 35.74 34.95
N VAL A 1517 1.34 36.17 35.26
CA VAL A 1517 0.95 36.35 36.66
C VAL A 1517 0.81 35.00 37.37
N ALA A 1518 0.14 34.04 36.72
CA ALA A 1518 -0.04 32.73 37.32
C ALA A 1518 1.29 32.04 37.57
N LYS A 1519 2.19 32.07 36.59
CA LYS A 1519 3.48 31.41 36.75
C LYS A 1519 4.30 32.03 37.87
N SER A 1520 4.32 33.37 37.97
CA SER A 1520 5.08 34.01 39.03
C SER A 1520 4.48 33.75 40.41
N ILE A 1521 3.15 33.87 40.53
CA ILE A 1521 2.52 33.65 41.83
C ILE A 1521 2.68 32.19 42.28
N LEU A 1522 2.44 31.23 41.39
CA LEU A 1522 2.59 29.83 41.78
C LEU A 1522 4.03 29.52 42.16
N THR A 1523 5.00 30.06 41.41
CA THR A 1523 6.40 29.81 41.73
C THR A 1523 6.76 30.40 43.09
N LEU A 1524 6.29 31.62 43.37
CA LEU A 1524 6.59 32.24 44.65
C LEU A 1524 5.97 31.44 45.79
N ALA A 1525 4.72 31.00 45.62
CA ALA A 1525 4.06 30.23 46.65
C ALA A 1525 4.77 28.91 46.88
N LYS A 1526 5.24 28.26 45.81
CA LYS A 1526 5.94 26.99 45.96
C LYS A 1526 7.28 27.20 46.67
N TRP A 1527 7.98 28.29 46.36
CA TRP A 1527 9.26 28.54 47.02
C TRP A 1527 9.07 28.94 48.48
N ILE A 1528 7.91 29.52 48.81
CA ILE A 1528 7.65 29.92 50.19
C ILE A 1528 7.47 28.69 51.07
N GLN A 1529 6.80 27.65 50.56
CA GLN A 1529 6.57 26.43 51.33
C GLN A 1529 7.88 25.72 51.64
N ALA A 1530 8.87 25.81 50.75
CA ALA A 1530 10.14 25.14 50.99
C ALA A 1530 10.78 25.66 52.28
N GLU A 1531 10.93 26.97 52.40
CA GLU A 1531 11.50 27.60 53.58
C GLU A 1531 10.40 28.05 54.54
N TRP A 1532 9.50 27.12 54.87
CA TRP A 1532 8.39 27.43 55.76
C TRP A 1532 8.84 27.73 57.19
N LYS A 1533 9.97 27.16 57.64
CA LYS A 1533 10.44 27.43 58.99
C LYS A 1533 11.02 28.83 59.12
N GLU A 1534 11.77 29.28 58.12
CA GLU A 1534 12.37 30.60 58.15
C GLU A 1534 11.48 31.70 57.58
N ILE A 1535 10.35 31.37 56.98
CA ILE A 1535 9.46 32.38 56.42
C ILE A 1535 8.14 32.49 57.17
N SER A 1536 7.87 31.61 58.14
CA SER A 1536 6.62 31.68 58.88
C SER A 1536 6.49 32.95 59.70
N GLY A 1537 7.60 33.50 60.19
CA GLY A 1537 7.56 34.72 60.98
C GLY A 1537 7.15 35.93 60.18
N GLN A 1538 7.61 36.02 58.93
CA GLN A 1538 7.25 37.15 58.08
C GLN A 1538 5.77 37.14 57.74
N LEU A 1539 5.20 35.96 57.52
CA LEU A 1539 3.78 35.88 57.19
C LEU A 1539 2.92 36.38 58.35
N LYS A 1540 3.30 36.06 59.59
CA LYS A 1540 2.52 36.55 60.71
C LYS A 1540 2.59 38.07 60.78
N GLN A 1541 3.77 38.64 60.53
CA GLN A 1541 3.91 40.09 60.56
C GLN A 1541 3.08 40.75 59.47
N VAL A 1542 3.07 40.17 58.26
CA VAL A 1542 2.27 40.78 57.21
C VAL A 1542 0.80 40.65 57.55
N TYR A 1543 0.40 39.59 58.27
CA TYR A 1543 -1.00 39.45 58.63
C TYR A 1543 -1.39 40.53 59.62
N ARG A 1544 -0.59 40.70 60.68
CA ARG A 1544 -0.91 41.74 61.68
C ARG A 1544 -0.87 43.12 61.05
N ALA A 1545 0.03 43.35 60.10
CA ALA A 1545 0.10 44.66 59.46
C ALA A 1545 -1.16 44.96 58.68
N GLN A 1546 -1.86 43.92 58.21
CA GLN A 1546 -3.11 44.10 57.48
C GLN A 1546 -4.25 44.52 58.38
N HIS A 1547 -4.20 44.17 59.66
CA HIS A 1547 -5.23 44.50 60.64
C HIS A 1547 -4.59 45.43 61.67
N GLN A 1548 -4.59 46.72 61.37
CA GLN A 1548 -4.01 47.72 62.26
C GLN A 1548 -4.53 49.12 61.91
N LEU A 1554 8.37 45.33 59.07
CA LEU A 1554 8.12 44.52 57.88
C LEU A 1554 9.30 44.61 56.92
N SER A 1555 9.74 43.44 56.44
CA SER A 1555 10.86 43.38 55.52
C SER A 1555 10.39 43.67 54.09
N THR A 1556 11.32 43.57 53.14
CA THR A 1556 10.99 43.82 51.75
C THR A 1556 10.02 42.77 51.22
N LEU A 1557 10.28 41.50 51.50
CA LEU A 1557 9.38 40.45 51.03
C LEU A 1557 8.00 40.58 51.67
N SER A 1558 7.96 40.92 52.96
CA SER A 1558 6.68 41.07 53.64
C SER A 1558 5.88 42.22 53.06
N LYS A 1559 6.51 43.38 52.84
CA LYS A 1559 5.77 44.50 52.27
C LYS A 1559 5.33 44.20 50.85
N ASN A 1560 6.17 43.48 50.10
CA ASN A 1560 5.79 43.14 48.73
C ASN A 1560 4.56 42.22 48.74
N ILE A 1561 4.54 41.25 49.65
CA ILE A 1561 3.41 40.33 49.74
C ILE A 1561 2.16 41.11 50.14
N LEU A 1562 2.33 42.05 51.08
CA LEU A 1562 1.19 42.85 51.53
C LEU A 1562 0.62 43.65 50.35
N THR A 1563 1.49 44.23 49.54
CA THR A 1563 1.04 45.00 48.38
C THR A 1563 0.39 44.11 47.35
N LEU A 1564 0.86 42.87 47.21
CA LEU A 1564 0.29 41.94 46.25
C LEU A 1564 -1.09 41.44 46.66
N ILE A 1565 -1.30 41.17 47.94
CA ILE A 1565 -2.60 40.70 48.40
C ILE A 1565 -3.62 41.83 48.53
N GLU A 1566 -3.16 43.05 48.82
CA GLU A 1566 -4.04 44.20 48.97
C GLU A 1566 -4.44 44.81 47.63
N LEU A 1567 -4.19 44.12 46.53
CA LEU A 1567 -4.54 44.65 45.22
C LEU A 1567 -6.06 44.71 45.07
N PRO A 1568 -6.58 45.65 44.28
CA PRO A 1568 -8.03 45.74 44.09
C PRO A 1568 -8.53 44.87 42.96
N SER A 1569 -9.72 44.32 43.15
CA SER A 1569 -10.33 43.47 42.13
C SER A 1569 -10.79 44.28 40.92
N ILE A 1580 -12.62 37.15 48.77
CA ILE A 1580 -13.83 36.38 49.07
C ILE A 1580 -13.65 35.54 50.32
N GLU A 1581 -12.42 35.52 50.85
CA GLU A 1581 -12.09 34.77 52.05
C GLU A 1581 -12.02 35.74 53.22
N SER A 1582 -12.86 35.53 54.22
CA SER A 1582 -12.91 36.37 55.39
C SER A 1582 -12.12 35.74 56.53
N GLU A 1583 -11.62 36.59 57.44
CA GLU A 1583 -10.85 36.11 58.56
C GLU A 1583 -11.72 35.44 59.62
N SER A 1584 -13.02 35.73 59.63
CA SER A 1584 -13.91 35.13 60.62
C SER A 1584 -14.10 33.64 60.38
N THR A 1585 -14.26 33.24 59.10
CA THR A 1585 -14.44 31.83 58.78
C THR A 1585 -13.16 31.02 58.87
N VAL A 1586 -12.00 31.67 59.00
CA VAL A 1586 -10.73 30.98 59.09
C VAL A 1586 -10.04 31.22 60.42
N HIS A 1587 -10.76 31.73 61.41
CA HIS A 1587 -10.20 32.00 62.73
C HIS A 1587 -10.45 30.87 63.72
N ILE A 1588 -10.67 29.65 63.23
CA ILE A 1588 -10.93 28.50 64.08
C ILE A 1588 -10.08 27.33 63.58
N GLY A 1589 -8.91 27.14 64.21
CA GLY A 1589 -8.01 26.06 63.84
C GLY A 1589 -7.14 26.29 62.63
N VAL A 1590 -7.18 27.47 62.01
CA VAL A 1590 -6.37 27.76 60.83
C VAL A 1590 -5.19 28.62 61.26
N GLY A 1591 -3.97 28.18 60.91
CA GLY A 1591 -2.79 28.92 61.27
C GLY A 1591 -2.72 30.27 60.58
N GLU A 1592 -2.10 31.24 61.25
CA GLU A 1592 -1.98 32.58 60.68
C GLU A 1592 -1.16 32.60 59.39
N PRO A 1593 0.06 32.04 59.31
CA PRO A 1593 0.79 32.10 58.04
C PRO A 1593 0.10 31.34 56.92
N ASP A 1594 -0.78 30.40 57.24
CA ASP A 1594 -1.49 29.61 56.25
C ASP A 1594 -2.55 30.41 55.51
N PHE A 1595 -3.07 31.49 56.11
CA PHE A 1595 -4.07 32.32 55.47
C PHE A 1595 -3.48 33.12 54.31
N ILE A 1596 -2.21 33.50 54.42
CA ILE A 1596 -1.56 34.26 53.36
C ILE A 1596 -1.47 33.41 52.10
N LEU A 1597 -1.18 32.11 52.23
CA LEU A 1597 -1.10 31.25 51.07
C LEU A 1597 -2.46 31.17 50.38
N GLY A 1598 -3.54 31.08 51.17
CA GLY A 1598 -4.86 31.02 50.59
C GLY A 1598 -5.16 32.29 49.83
N GLN A 1599 -4.79 33.45 50.40
CA GLN A 1599 -5.03 34.71 49.71
C GLN A 1599 -4.25 34.76 48.42
N LEU A 1600 -3.00 34.25 48.43
CA LEU A 1600 -2.19 34.25 47.22
C LEU A 1600 -2.82 33.38 46.15
N TYR A 1601 -3.33 32.21 46.54
CA TYR A 1601 -3.98 31.32 45.56
C TYR A 1601 -5.22 31.98 44.98
N HIS A 1602 -6.01 32.64 45.83
CA HIS A 1602 -7.21 33.31 45.36
C HIS A 1602 -6.84 34.41 44.37
N LEU A 1603 -5.78 35.17 44.69
CA LEU A 1603 -5.36 36.24 43.81
C LEU A 1603 -4.91 35.68 42.48
N SER A 1604 -4.19 34.55 42.50
CA SER A 1604 -3.74 33.94 41.26
C SER A 1604 -4.91 33.46 40.42
N SER A 1605 -5.95 32.93 41.06
CA SER A 1605 -7.12 32.46 40.34
C SER A 1605 -7.96 33.59 39.76
N VAL A 1606 -8.06 34.72 40.46
CA VAL A 1606 -8.86 35.83 39.94
C VAL A 1606 -8.12 36.62 38.86
N GLN A 1607 -6.79 36.64 38.89
CA GLN A 1607 -6.01 37.38 37.90
C GLN A 1607 -5.78 36.57 36.63
N ALA A 1608 -6.14 35.29 36.62
CA ALA A 1608 -5.96 34.42 35.45
C ALA A 1608 -7.01 33.32 35.50
N PRO A 1609 -8.27 33.66 35.21
CA PRO A 1609 -9.34 32.65 35.24
C PRO A 1609 -9.18 31.55 34.20
N GLU A 1610 -8.37 31.75 33.18
CA GLU A 1610 -8.17 30.75 32.14
C GLU A 1610 -7.08 29.74 32.48
N VAL A 1611 -6.46 29.84 33.65
CA VAL A 1611 -5.41 28.92 34.07
C VAL A 1611 -6.01 27.88 34.98
N ALA A 1612 -5.87 26.59 34.62
CA ALA A 1612 -6.42 25.52 35.44
C ALA A 1612 -5.59 25.28 36.69
N LYS A 1613 -4.28 25.54 36.62
CA LYS A 1613 -3.42 25.34 37.78
C LYS A 1613 -3.82 26.21 38.95
N SER A 1614 -4.16 27.48 38.68
CA SER A 1614 -4.56 28.40 39.74
C SER A 1614 -5.80 27.90 40.47
N TRP A 1615 -6.74 27.30 39.76
CA TRP A 1615 -7.96 26.79 40.38
C TRP A 1615 -7.69 25.50 41.16
N ALA A 1616 -6.87 24.62 40.61
CA ALA A 1616 -6.56 23.36 41.29
C ALA A 1616 -5.81 23.60 42.60
N ALA A 1617 -4.82 24.50 42.59
CA ALA A 1617 -4.07 24.77 43.82
C ALA A 1617 -4.98 25.32 44.91
N LEU A 1618 -5.82 26.31 44.54
CA LEU A 1618 -6.73 26.91 45.51
C LEU A 1618 -7.72 25.88 46.02
N ALA A 1619 -8.23 25.03 45.13
CA ALA A 1619 -9.19 24.01 45.54
C ALA A 1619 -8.57 23.03 46.51
N SER A 1620 -7.33 22.60 46.25
CA SER A 1620 -6.66 21.66 47.15
C SER A 1620 -6.42 22.28 48.51
N TRP A 1621 -5.94 23.53 48.53
CA TRP A 1621 -5.69 24.20 49.81
C TRP A 1621 -6.99 24.35 50.61
N ALA A 1622 -8.05 24.80 49.93
CA ALA A 1622 -9.33 24.99 50.61
C ALA A 1622 -9.88 23.66 51.11
N TYR A 1623 -9.74 22.59 50.32
CA TYR A 1623 -10.25 21.28 50.73
C TYR A 1623 -9.52 20.76 51.95
N ARG A 1624 -8.18 20.85 51.96
CA ARG A 1624 -7.42 20.37 53.11
C ARG A 1624 -7.78 21.16 54.36
N TRP A 1625 -7.81 22.49 54.26
CA TRP A 1625 -8.15 23.27 55.45
C TRP A 1625 -9.59 23.05 55.87
N GLY A 1626 -10.50 22.79 54.92
CA GLY A 1626 -11.88 22.56 55.28
C GLY A 1626 -12.01 21.27 56.07
N ARG A 1627 -11.34 20.21 55.61
CA ARG A 1627 -11.40 18.95 56.32
C ARG A 1627 -10.83 19.11 57.72
N LYS A 1628 -9.71 19.83 57.83
CA LYS A 1628 -9.09 20.03 59.14
C LYS A 1628 -9.98 20.82 60.08
N VAL A 1629 -10.59 21.92 59.62
CA VAL A 1629 -11.45 22.72 60.48
C VAL A 1629 -12.70 21.94 60.87
N VAL A 1630 -13.29 21.18 59.94
CA VAL A 1630 -14.48 20.41 60.27
C VAL A 1630 -14.16 19.35 61.31
N ASP A 1631 -13.02 18.66 61.14
CA ASP A 1631 -12.65 17.63 62.11
C ASP A 1631 -12.36 18.23 63.48
N ASN A 1632 -11.70 19.39 63.50
CA ASN A 1632 -11.37 20.04 64.77
C ASN A 1632 -12.58 20.68 65.42
N ALA A 1633 -13.65 20.96 64.67
CA ALA A 1633 -14.86 21.58 65.22
C ALA A 1633 -15.97 20.57 65.47
N SER A 1634 -15.62 19.36 65.87
CA SER A 1634 -16.61 18.32 66.14
C SER A 1634 -16.36 17.67 67.49
N UNK A 1646 -19.69 37.27 67.86
CA UNK A 1646 -20.24 38.49 68.44
C UNK A 1646 -21.68 38.71 67.98
N UNK A 1647 -21.91 38.62 66.67
CA UNK A 1647 -23.24 38.81 66.14
C UNK A 1647 -24.19 37.71 66.61
N UNK A 1648 -23.71 36.47 66.66
CA UNK A 1648 -24.55 35.37 67.10
C UNK A 1648 -25.00 35.56 68.54
N UNK A 1649 -24.09 35.98 69.43
CA UNK A 1649 -24.45 36.19 70.82
C UNK A 1649 -25.50 37.29 70.95
N UNK A 1650 -25.33 38.40 70.22
CA UNK A 1650 -26.30 39.49 70.28
C UNK A 1650 -27.66 39.02 69.77
N UNK A 1651 -27.67 38.27 68.67
CA UNK A 1651 -28.94 37.80 68.12
C UNK A 1651 -29.63 36.87 69.09
N UNK A 1652 -28.87 35.96 69.72
CA UNK A 1652 -29.46 35.03 70.68
C UNK A 1652 -30.02 35.78 71.88
N UNK A 1653 -29.28 36.78 72.38
CA UNK A 1653 -29.74 37.54 73.53
C UNK A 1653 -31.00 38.35 73.20
N UNK A 1654 -31.06 38.92 72.00
CA UNK A 1654 -32.24 39.70 71.61
C UNK A 1654 -33.44 38.81 71.35
N UNK A 1655 -33.21 37.59 70.87
CA UNK A 1655 -34.30 36.67 70.58
C UNK A 1655 -34.74 35.87 71.80
N UNK A 1656 -34.04 35.99 72.92
CA UNK A 1656 -34.38 35.27 74.15
C UNK A 1656 -34.75 36.23 75.28
N UNK A 1657 -35.53 37.26 74.97
CA UNK A 1657 -35.94 38.25 75.95
C UNK A 1657 -36.91 37.63 76.96
N UNK A 1663 -27.48 34.42 84.42
CA UNK A 1663 -26.28 34.55 83.61
C UNK A 1663 -25.80 33.18 83.13
N UNK A 1664 -25.96 32.16 83.97
CA UNK A 1664 -25.52 30.82 83.60
C UNK A 1664 -26.37 30.25 82.47
N UNK A 1665 -27.66 30.60 82.43
CA UNK A 1665 -28.52 30.07 81.37
C UNK A 1665 -28.06 30.55 80.00
N UNK A 1666 -27.70 31.83 79.89
CA UNK A 1666 -27.25 32.36 78.60
C UNK A 1666 -25.97 31.67 78.16
N UNK A 1667 -25.02 31.48 79.08
CA UNK A 1667 -23.77 30.82 78.73
C UNK A 1667 -24.02 29.39 78.29
N UNK A 1668 -24.90 28.67 79.02
CA UNK A 1668 -25.19 27.30 78.66
C UNK A 1668 -25.84 27.21 77.29
N UNK A 1669 -26.78 28.12 77.01
CA UNK A 1669 -27.44 28.11 75.71
C UNK A 1669 -26.45 28.40 74.59
N UNK A 1670 -25.56 29.38 74.81
CA UNK A 1670 -24.57 29.71 73.79
C UNK A 1670 -23.63 28.53 73.54
N UNK A 1671 -23.20 27.86 74.61
CA UNK A 1671 -22.30 26.72 74.46
C UNK A 1671 -23.00 25.58 73.74
N UNK A 1672 -24.28 25.34 74.05
CA UNK A 1672 -25.01 24.26 73.40
C UNK A 1672 -25.37 24.57 71.96
N UNK A 1673 -25.45 25.85 71.60
CA UNK A 1673 -25.78 26.23 70.23
C UNK A 1673 -24.72 25.78 69.24
N UNK A 1674 -23.45 25.67 69.66
CA UNK A 1674 -22.36 25.25 68.80
C UNK A 1674 -21.47 24.26 69.53
N UNK A 1675 -22.08 23.32 70.26
CA UNK A 1675 -21.31 22.32 71.00
C UNK A 1675 -20.64 21.33 70.05
N UNK A 1676 -21.43 20.64 69.23
CA UNK A 1676 -20.87 19.67 68.29
C UNK A 1676 -21.53 19.76 66.91
N UNK A 1677 -21.99 20.94 66.52
CA UNK A 1677 -22.63 21.11 65.21
C UNK A 1677 -21.60 21.04 64.09
N UNK A 1703 -31.68 14.62 61.83
CA UNK A 1703 -31.69 14.27 63.23
C UNK A 1703 -30.95 15.31 64.07
N UNK A 1704 -30.15 16.14 63.40
CA UNK A 1704 -29.40 17.17 64.09
C UNK A 1704 -30.32 18.20 64.74
N UNK A 1705 -31.38 18.59 64.04
CA UNK A 1705 -32.32 19.57 64.60
C UNK A 1705 -32.99 19.03 65.85
N UNK A 1706 -33.43 17.77 65.81
CA UNK A 1706 -34.09 17.17 66.97
C UNK A 1706 -33.13 17.10 68.15
N UNK A 1707 -31.89 16.68 67.91
CA UNK A 1707 -30.92 16.59 68.99
C UNK A 1707 -30.64 17.96 69.59
N UNK A 1708 -30.48 18.98 68.74
CA UNK A 1708 -30.21 20.32 69.23
C UNK A 1708 -31.38 20.83 70.06
N UNK A 1709 -32.62 20.60 69.58
CA UNK A 1709 -33.79 21.05 70.32
C UNK A 1709 -33.88 20.35 71.66
N UNK A 1710 -33.63 19.04 71.70
CA UNK A 1710 -33.69 18.30 72.94
C UNK A 1710 -32.64 18.80 73.92
N UNK A 1711 -31.42 19.04 73.43
CA UNK A 1711 -30.36 19.53 74.31
C UNK A 1711 -30.70 20.90 74.86
N UNK A 1712 -31.24 21.79 74.01
CA UNK A 1712 -31.59 23.12 74.46
C UNK A 1712 -32.71 23.07 75.49
N UNK A 1713 -33.70 22.21 75.27
CA UNK A 1713 -34.81 22.10 76.21
C UNK A 1713 -34.34 21.53 77.55
N UNK A 1714 -33.44 20.54 77.52
CA UNK A 1714 -32.93 19.95 78.75
C UNK A 1714 -31.92 20.82 79.46
N UNK A 1715 -31.31 21.79 78.76
CA UNK A 1715 -30.32 22.68 79.36
C UNK A 1715 -30.93 24.01 79.81
N UNK A 1716 -31.66 24.69 78.92
CA UNK A 1716 -32.27 25.97 79.30
C UNK A 1716 -33.46 25.76 80.22
N UNK A 1717 -34.47 25.03 79.76
CA UNK A 1717 -35.66 24.78 80.58
C UNK A 1717 -35.57 23.42 81.27
N GLU A 1723 -38.84 30.10 69.31
CA GLU A 1723 -37.73 29.24 68.95
C GLU A 1723 -36.91 29.86 67.81
N GLY A 1724 -36.01 30.78 68.16
CA GLY A 1724 -35.18 31.45 67.18
C GLY A 1724 -33.78 30.86 67.11
N VAL A 1725 -33.54 29.77 67.84
CA VAL A 1725 -32.22 29.13 67.83
C VAL A 1725 -31.92 28.52 66.47
N ILE A 1726 -32.96 28.24 65.68
CA ILE A 1726 -32.76 27.64 64.36
C ILE A 1726 -31.99 28.57 63.44
N LYS A 1727 -32.19 29.88 63.55
CA LYS A 1727 -31.49 30.83 62.70
C LYS A 1727 -30.00 30.90 63.03
N VAL A 1728 -29.67 31.04 64.32
CA VAL A 1728 -28.27 31.11 64.71
C VAL A 1728 -27.56 29.78 64.43
N TRP A 1729 -28.24 28.66 64.68
CA TRP A 1729 -27.61 27.37 64.43
C TRP A 1729 -27.33 27.19 62.95
N ARG A 1730 -28.28 27.59 62.09
CA ARG A 1730 -28.08 27.47 60.66
C ARG A 1730 -26.97 28.40 60.19
N LYS A 1731 -26.90 29.61 60.74
CA LYS A 1731 -25.87 30.55 60.34
C LYS A 1731 -24.48 30.03 60.71
N VAL A 1732 -24.33 29.49 61.93
CA VAL A 1732 -23.01 28.98 62.32
C VAL A 1732 -22.65 27.73 61.52
N VAL A 1733 -23.60 26.82 61.29
CA VAL A 1733 -23.24 25.62 60.52
C VAL A 1733 -22.88 26.00 59.09
N ASP A 1734 -23.52 27.04 58.54
CA ASP A 1734 -23.21 27.47 57.19
C ASP A 1734 -21.85 28.16 57.14
N ARG A 1735 -21.51 28.92 58.18
CA ARG A 1735 -20.23 29.61 58.22
C ARG A 1735 -19.07 28.62 58.34
N ILE A 1736 -19.26 27.55 59.11
CA ILE A 1736 -18.21 26.56 59.27
C ILE A 1736 -17.91 25.81 57.97
N PHE A 1737 -18.91 25.57 57.13
CA PHE A 1737 -18.73 24.86 55.87
C PHE A 1737 -18.36 25.78 54.71
N SER A 1738 -17.75 26.93 54.98
CA SER A 1738 -17.38 27.86 53.91
C SER A 1738 -16.24 27.31 53.07
N LEU A 1739 -15.24 26.67 53.70
CA LEU A 1739 -14.11 26.13 52.96
C LEU A 1739 -14.56 25.06 51.97
N TYR A 1740 -15.49 24.19 52.37
CA TYR A 1740 -15.95 23.17 51.44
C TYR A 1740 -16.65 23.80 50.25
N LYS A 1741 -17.45 24.84 50.48
CA LYS A 1741 -18.13 25.49 49.36
C LYS A 1741 -17.13 26.10 48.41
N LEU A 1742 -16.10 26.76 48.94
CA LEU A 1742 -15.09 27.37 48.08
C LEU A 1742 -14.36 26.29 47.29
N SER A 1743 -14.03 25.17 47.95
CA SER A 1743 -13.34 24.08 47.27
C SER A 1743 -14.22 23.49 46.18
N CYS A 1744 -15.52 23.35 46.44
CA CYS A 1744 -16.42 22.80 45.43
C CYS A 1744 -16.48 23.71 44.22
N SER A 1745 -16.58 25.02 44.44
CA SER A 1745 -16.65 25.96 43.33
C SER A 1745 -15.36 25.91 42.51
N ALA A 1746 -14.21 25.91 43.19
CA ALA A 1746 -12.93 25.86 42.48
C ALA A 1746 -12.78 24.56 41.71
N TYR A 1747 -13.17 23.44 42.31
CA TYR A 1747 -13.06 22.15 41.63
C TYR A 1747 -13.96 22.10 40.41
N PHE A 1748 -15.19 22.65 40.54
CA PHE A 1748 -16.09 22.65 39.39
C PHE A 1748 -15.52 23.49 38.27
N THR A 1749 -14.93 24.65 38.60
CA THR A 1749 -14.35 25.50 37.56
C THR A 1749 -13.18 24.79 36.90
N PHE A 1750 -12.34 24.13 37.70
CA PHE A 1750 -11.19 23.41 37.14
C PHE A 1750 -11.65 22.30 36.21
N LEU A 1751 -12.71 21.58 36.60
CA LEU A 1751 -13.22 20.50 35.74
C LEU A 1751 -13.83 21.08 34.47
N LYS A 1752 -14.47 22.24 34.59
CA LYS A 1752 -15.08 22.87 33.42
C LYS A 1752 -14.02 23.33 32.43
N LEU A 1753 -12.84 23.72 32.93
CA LEU A 1753 -11.76 24.16 32.06
C LEU A 1753 -11.04 23.00 31.40
N ASN A 1754 -11.44 21.76 31.67
CA ASN A 1754 -10.82 20.57 31.10
C ASN A 1754 -11.80 19.77 30.24
N ALA A 1755 -12.84 20.41 29.74
CA ALA A 1755 -13.83 19.71 28.90
C ALA A 1755 -13.22 19.28 27.58
N GLN A 1775 -5.29 19.80 28.71
CA GLN A 1775 -4.74 21.00 29.34
C GLN A 1775 -4.10 20.67 30.68
N SER A 1776 -4.72 19.76 31.42
CA SER A 1776 -4.22 19.35 32.73
C SER A 1776 -4.09 17.84 32.74
N THR A 1777 -3.19 17.35 33.59
CA THR A 1777 -2.95 15.92 33.69
C THR A 1777 -4.19 15.22 34.24
N ASP A 1778 -4.55 14.10 33.62
CA ASP A 1778 -5.72 13.35 34.05
C ASP A 1778 -5.60 12.87 35.50
N ASP A 1779 -4.37 12.78 36.02
CA ASP A 1779 -4.19 12.34 37.40
C ASP A 1779 -4.84 13.33 38.35
N MET A 1780 -4.71 14.62 38.07
CA MET A 1780 -5.31 15.65 38.91
C MET A 1780 -6.82 15.67 38.74
N ILE A 1781 -7.31 15.33 37.56
CA ILE A 1781 -8.75 15.30 37.28
C ILE A 1781 -9.42 14.19 38.08
N VAL A 1782 -8.81 13.00 38.09
CA VAL A 1782 -9.38 11.88 38.83
C VAL A 1782 -9.45 12.23 40.31
N MET A 1783 -8.42 12.89 40.82
CA MET A 1783 -8.38 13.29 42.23
C MET A 1783 -9.50 14.27 42.55
N ALA A 1784 -9.72 15.25 41.68
CA ALA A 1784 -10.77 16.23 41.91
C ALA A 1784 -12.15 15.57 41.88
N THR A 1785 -12.38 14.67 40.92
CA THR A 1785 -13.66 14.00 40.84
C THR A 1785 -13.90 13.13 42.08
N LEU A 1786 -12.87 12.43 42.53
CA LEU A 1786 -13.01 11.59 43.72
C LEU A 1786 -13.31 12.44 44.94
N ARG A 1787 -12.63 13.58 45.06
CA ARG A 1787 -12.87 14.45 46.21
C ARG A 1787 -14.29 15.00 46.19
N LEU A 1788 -14.78 15.40 45.01
CA LEU A 1788 -16.14 15.92 44.92
C LEU A 1788 -17.15 14.84 45.28
N LEU A 1789 -16.95 13.62 44.78
CA LEU A 1789 -17.88 12.53 45.08
C LEU A 1789 -17.87 12.21 46.57
N ARG A 1790 -16.68 12.15 47.18
CA ARG A 1790 -16.60 11.85 48.60
C ARG A 1790 -17.27 12.92 49.43
N LEU A 1791 -17.06 14.20 49.09
CA LEU A 1791 -17.68 15.26 49.86
C LEU A 1791 -19.20 15.25 49.67
N LEU A 1792 -19.66 14.90 48.48
CA LEU A 1792 -21.10 14.86 48.23
C LEU A 1792 -21.75 13.70 48.97
N VAL A 1793 -21.02 12.60 49.15
CA VAL A 1793 -21.56 11.43 49.86
C VAL A 1793 -21.56 11.68 51.36
N LYS A 1794 -20.42 12.15 51.88
CA LYS A 1794 -20.29 12.43 53.31
C LYS A 1794 -21.22 13.55 53.78
N HIS A 1795 -21.02 14.77 53.29
CA HIS A 1795 -21.83 15.92 53.66
C HIS A 1795 -22.67 16.31 52.44
N ALA A 1796 -23.94 15.93 52.45
CA ALA A 1796 -24.83 16.25 51.34
C ALA A 1796 -25.84 17.33 51.62
N GLY A 1797 -26.48 17.33 52.79
CA GLY A 1797 -27.47 18.34 53.11
C GLY A 1797 -26.92 19.68 53.56
N GLU A 1798 -25.68 19.71 54.02
CA GLU A 1798 -25.08 20.96 54.48
C GLU A 1798 -24.66 21.87 53.34
N LEU A 1799 -24.27 21.31 52.19
CA LEU A 1799 -23.83 22.10 51.05
C LEU A 1799 -24.41 21.57 49.74
N ARG A 1800 -25.72 21.28 49.76
CA ARG A 1800 -26.38 20.75 48.57
C ARG A 1800 -26.60 21.81 47.49
N GLN A 1801 -26.73 23.08 47.89
CA GLN A 1801 -26.95 24.16 46.92
C GLN A 1801 -25.83 24.24 45.89
N TYR A 1802 -24.61 23.89 46.27
CA TYR A 1802 -23.48 23.94 45.35
C TYR A 1802 -23.35 22.65 44.53
N LEU A 1803 -23.46 21.50 45.19
CA LEU A 1803 -23.33 20.23 44.49
C LEU A 1803 -24.41 20.04 43.44
N GLU A 1804 -25.66 20.38 43.76
CA GLU A 1804 -26.75 20.22 42.79
C GLU A 1804 -26.48 20.97 41.50
N HIS A 1805 -26.21 22.28 41.61
CA HIS A 1805 -25.95 23.08 40.41
C HIS A 1805 -24.69 22.62 39.69
N GLY A 1806 -23.61 22.35 40.44
CA GLY A 1806 -22.39 21.91 39.80
C GLY A 1806 -22.57 20.63 39.00
N LEU A 1807 -23.21 19.63 39.61
CA LEU A 1807 -23.45 18.37 38.93
C LEU A 1807 -24.40 18.53 37.76
N GLU A 1808 -25.35 19.46 37.85
CA GLU A 1808 -26.29 19.65 36.76
C GLU A 1808 -25.66 20.41 35.60
N THR A 1809 -24.55 21.12 35.83
CA THR A 1809 -23.88 21.87 34.78
C THR A 1809 -22.49 21.37 34.45
N THR A 1810 -21.94 20.43 35.21
CA THR A 1810 -20.60 19.92 34.93
C THR A 1810 -20.60 19.06 33.66
N PRO A 1811 -19.49 19.05 32.91
CA PRO A 1811 -19.40 18.24 31.69
C PRO A 1811 -19.33 16.77 32.05
N THR A 1812 -19.30 15.93 31.02
CA THR A 1812 -19.23 14.49 31.20
C THR A 1812 -17.89 13.88 30.81
N ALA A 1813 -16.94 14.67 30.31
CA ALA A 1813 -15.65 14.12 29.91
C ALA A 1813 -14.74 13.79 31.09
N PRO A 1814 -14.57 14.67 32.09
CA PRO A 1814 -13.69 14.33 33.22
C PRO A 1814 -14.27 13.31 34.19
N TRP A 1815 -15.44 12.72 33.91
CA TRP A 1815 -16.04 11.75 34.80
C TRP A 1815 -15.98 10.33 34.27
N ARG A 1816 -15.28 10.08 33.16
CA ARG A 1816 -15.17 8.74 32.59
C ARG A 1816 -14.22 7.84 33.36
N GLY A 1817 -13.72 8.29 34.51
CA GLY A 1817 -12.79 7.47 35.27
C GLY A 1817 -13.30 6.94 36.60
N ILE A 1818 -14.40 7.49 37.12
CA ILE A 1818 -14.94 7.03 38.39
C ILE A 1818 -16.37 6.51 38.22
N ILE A 1819 -16.65 5.97 37.04
CA ILE A 1819 -18.00 5.43 36.78
C ILE A 1819 -18.37 4.31 37.74
N PRO A 1820 -17.52 3.32 38.01
CA PRO A 1820 -17.92 2.27 38.97
C PRO A 1820 -18.26 2.83 40.34
N GLN A 1821 -17.53 3.85 40.80
CA GLN A 1821 -17.83 4.43 42.11
C GLN A 1821 -19.19 5.10 42.08
N LEU A 1822 -19.51 5.76 40.96
CA LEU A 1822 -20.81 6.41 40.82
C LEU A 1822 -21.92 5.39 40.90
N PHE A 1823 -21.73 4.25 40.22
CA PHE A 1823 -22.75 3.20 40.25
C PHE A 1823 -22.87 2.61 41.65
N SER A 1824 -21.74 2.45 42.34
CA SER A 1824 -21.73 1.91 43.69
C SER A 1824 -22.43 2.81 44.69
N ARG A 1825 -22.36 4.14 44.50
CA ARG A 1825 -23.00 5.08 45.41
C ARG A 1825 -24.46 5.33 45.06
N LEU A 1826 -25.09 4.43 44.31
CA LEU A 1826 -26.48 4.60 43.91
C LEU A 1826 -27.45 4.15 44.99
N ASN A 1827 -26.96 3.61 46.12
CA ASN A 1827 -27.79 3.15 47.22
C ASN A 1827 -27.67 4.07 48.43
N HIS A 1828 -27.40 5.34 48.19
CA HIS A 1828 -27.26 6.31 49.27
C HIS A 1828 -28.58 6.49 50.00
N PRO A 1829 -28.55 6.66 51.33
CA PRO A 1829 -29.80 6.85 52.07
C PRO A 1829 -30.34 8.27 51.97
N GLU A 1830 -30.46 8.78 50.74
CA GLU A 1830 -30.96 10.12 50.49
C GLU A 1830 -31.98 10.05 49.36
N VAL A 1831 -32.42 11.21 48.90
CA VAL A 1831 -33.40 11.33 47.83
C VAL A 1831 -32.81 12.01 46.60
N TYR A 1832 -32.36 13.25 46.75
CA TYR A 1832 -31.78 13.97 45.62
C TYR A 1832 -30.38 13.48 45.26
N VAL A 1833 -29.67 12.83 46.19
CA VAL A 1833 -28.33 12.34 45.87
C VAL A 1833 -28.41 11.26 44.79
N ARG A 1834 -29.30 10.29 45.00
CA ARG A 1834 -29.47 9.22 44.02
C ARG A 1834 -29.95 9.78 42.70
N GLN A 1835 -30.86 10.76 42.74
CA GLN A 1835 -31.38 11.35 41.51
C GLN A 1835 -30.27 12.07 40.76
N SER A 1836 -29.41 12.79 41.48
CA SER A 1836 -28.30 13.50 40.84
C SER A 1836 -27.33 12.53 40.20
N ILE A 1837 -27.00 11.45 40.91
CA ILE A 1837 -26.08 10.46 40.36
C ILE A 1837 -26.69 9.81 39.12
N CYS A 1838 -27.98 9.47 39.18
CA CYS A 1838 -28.65 8.85 38.05
C CYS A 1838 -28.69 9.80 36.85
N ASN A 1839 -28.96 11.08 37.10
CA ASN A 1839 -29.00 12.04 36.00
C ASN A 1839 -27.62 12.20 35.39
N LEU A 1840 -26.57 12.24 36.21
CA LEU A 1840 -25.22 12.37 35.68
C LEU A 1840 -24.88 11.17 34.83
N LEU A 1841 -25.22 9.96 35.30
CA LEU A 1841 -24.93 8.76 34.53
C LEU A 1841 -25.70 8.77 33.22
N CYS A 1842 -26.97 9.20 33.26
CA CYS A 1842 -27.78 9.24 32.05
C CYS A 1842 -27.18 10.20 31.04
N ARG A 1843 -26.70 11.36 31.53
CA ARG A 1843 -26.09 12.33 30.63
C ARG A 1843 -24.80 11.76 30.04
N VAL A 1844 -24.04 11.01 30.85
CA VAL A 1844 -22.80 10.42 30.37
C VAL A 1844 -23.10 9.38 29.30
N ALA A 1845 -24.22 8.68 29.44
CA ALA A 1845 -24.61 7.66 28.46
C ALA A 1845 -24.70 8.26 27.06
N GLN A 1846 -25.19 9.50 26.95
CA GLN A 1846 -25.30 10.16 25.67
C GLN A 1846 -23.91 10.59 25.21
N ASP A 1847 -23.59 10.31 23.95
CA ASP A 1847 -22.33 10.61 23.28
C ASP A 1847 -21.23 9.67 23.76
N SER A 1848 -21.53 8.78 24.71
CA SER A 1848 -20.58 7.81 25.25
C SER A 1848 -21.37 6.67 25.90
N PRO A 1849 -22.02 5.82 25.11
CA PRO A 1849 -22.79 4.71 25.71
C PRO A 1849 -21.98 3.44 25.88
N HIS A 1850 -20.74 3.42 25.37
CA HIS A 1850 -19.89 2.25 25.49
C HIS A 1850 -19.32 2.04 26.89
N LEU A 1851 -19.56 2.96 27.83
CA LEU A 1851 -19.07 2.84 29.20
C LEU A 1851 -20.18 2.61 30.22
N ILE A 1852 -21.45 2.77 29.83
CA ILE A 1852 -22.59 2.58 30.72
C ILE A 1852 -23.47 1.42 30.26
N LEU A 1853 -23.25 0.90 29.06
CA LEU A 1853 -24.03 -0.19 28.52
C LEU A 1853 -23.96 -1.47 29.34
N TYR A 1854 -22.79 -2.09 29.42
CA TYR A 1854 -22.64 -3.33 30.17
C TYR A 1854 -22.99 -3.20 31.65
N PRO A 1855 -22.50 -2.20 32.40
CA PRO A 1855 -22.89 -2.13 33.83
C PRO A 1855 -24.39 -1.98 34.04
N ALA A 1856 -25.05 -1.12 33.28
CA ALA A 1856 -26.49 -0.93 33.44
C ALA A 1856 -27.27 -2.19 33.06
N ILE A 1857 -26.88 -2.82 31.95
CA ILE A 1857 -27.58 -4.03 31.52
C ILE A 1857 -27.40 -5.15 32.53
N VAL A 1858 -26.20 -5.31 33.08
CA VAL A 1858 -25.99 -6.35 34.07
C VAL A 1858 -26.73 -6.04 35.37
N GLY A 1859 -26.74 -4.79 35.81
CA GLY A 1859 -27.44 -4.44 37.03
C GLY A 1859 -28.93 -4.57 36.94
N THR A 1860 -29.53 -4.20 35.81
CA THR A 1860 -30.98 -4.30 35.67
C THR A 1860 -31.42 -5.76 35.58
N ILE A 1861 -30.52 -6.66 35.21
CA ILE A 1861 -30.83 -8.08 35.10
C ILE A 1861 -30.47 -8.81 36.39
N GLN A 1919 -34.65 -4.03 47.63
CA GLN A 1919 -34.39 -2.60 47.65
C GLN A 1919 -34.63 -1.99 46.27
N ALA A 1920 -35.75 -1.28 46.12
CA ALA A 1920 -36.09 -0.65 44.85
C ALA A 1920 -35.19 0.55 44.53
N MET A 1921 -34.44 1.05 45.51
CA MET A 1921 -33.56 2.18 45.26
C MET A 1921 -32.48 1.84 44.26
N MET A 1922 -31.90 0.63 44.38
CA MET A 1922 -30.86 0.17 43.48
C MET A 1922 -31.41 -0.47 42.21
N GLN A 1923 -32.71 -0.36 41.97
CA GLN A 1923 -33.35 -0.92 40.79
C GLN A 1923 -33.99 0.15 39.92
N ASP A 1924 -34.65 1.13 40.53
CA ASP A 1924 -35.28 2.20 39.76
C ASP A 1924 -34.25 3.00 38.98
N CYS A 1925 -33.11 3.29 39.61
CA CYS A 1925 -32.06 4.04 38.93
C CYS A 1925 -31.54 3.28 37.73
N TYR A 1926 -31.30 1.97 37.88
CA TYR A 1926 -30.80 1.17 36.77
C TYR A 1926 -31.83 1.13 35.64
N SER A 1927 -33.11 0.98 36.00
CA SER A 1927 -34.16 0.94 34.98
C SER A 1927 -34.22 2.27 34.23
N LYS A 1928 -34.10 3.38 34.96
CA LYS A 1928 -34.14 4.69 34.32
C LYS A 1928 -32.95 4.87 33.39
N ILE A 1929 -31.77 4.41 33.82
CA ILE A 1929 -30.58 4.54 32.98
C ILE A 1929 -30.74 3.73 31.72
N VAL A 1930 -31.26 2.50 31.84
CA VAL A 1930 -31.46 1.66 30.66
C VAL A 1930 -32.47 2.30 29.71
N ASP A 1931 -33.56 2.83 30.26
CA ASP A 1931 -34.57 3.48 29.44
C ASP A 1931 -33.98 4.68 28.70
N LYS A 1932 -33.18 5.49 29.40
CA LYS A 1932 -32.57 6.66 28.79
C LYS A 1932 -31.59 6.26 27.70
N LEU A 1933 -30.81 5.19 27.91
CA LEU A 1933 -29.85 4.75 26.91
C LEU A 1933 -30.52 4.06 25.74
N SER A 1934 -31.75 3.58 25.91
CA SER A 1934 -32.47 2.91 24.84
C SER A 1934 -33.20 3.88 23.92
N SER A 1935 -33.28 5.16 24.29
CA SER A 1935 -33.95 6.16 23.48
C SER A 1935 -33.19 6.50 22.20
N ALA A 1936 -31.93 6.09 22.08
CA ALA A 1936 -31.14 6.37 20.89
C ALA A 1936 -30.90 5.14 20.02
N ASN A 1937 -31.03 3.94 20.57
CA ASN A 1937 -30.83 2.71 19.81
C ASN A 1937 -31.51 1.55 20.53
N PRO A 1938 -32.83 1.41 20.41
CA PRO A 1938 -33.50 0.29 21.09
C PRO A 1938 -33.05 -1.07 20.58
N THR A 1939 -32.74 -1.18 19.29
CA THR A 1939 -32.29 -2.45 18.73
C THR A 1939 -30.98 -2.89 19.39
N MET A 1940 -30.06 -1.94 19.58
CA MET A 1940 -28.79 -2.27 20.20
C MET A 1940 -28.98 -2.75 21.64
N VAL A 1941 -29.87 -2.09 22.38
CA VAL A 1941 -30.13 -2.50 23.77
C VAL A 1941 -30.72 -3.90 23.80
N LEU A 1942 -31.68 -4.16 22.91
CA LEU A 1942 -32.29 -5.49 22.88
C LEU A 1942 -31.26 -6.56 22.54
N GLN A 1943 -30.39 -6.27 21.56
CA GLN A 1943 -29.38 -7.25 21.19
C GLN A 1943 -28.40 -7.46 22.34
N VAL A 1944 -28.10 -6.40 23.08
CA VAL A 1944 -27.18 -6.53 24.21
C VAL A 1944 -27.79 -7.43 25.27
N GLN A 1945 -29.08 -7.22 25.56
CA GLN A 1945 -29.76 -8.06 26.55
C GLN A 1945 -29.79 -9.51 26.10
N MET A 1946 -30.06 -9.73 24.81
CA MET A 1946 -30.11 -11.10 24.29
C MET A 1946 -28.74 -11.75 24.40
N LEU A 1947 -27.68 -11.01 24.07
CA LEU A 1947 -26.33 -11.56 24.15
C LEU A 1947 -25.97 -11.90 25.59
N VAL A 1948 -26.34 -11.03 26.53
CA VAL A 1948 -26.04 -11.29 27.94
C VAL A 1948 -26.78 -12.53 28.40
N ALA A 1949 -28.04 -12.67 28.00
CA ALA A 1949 -28.82 -13.85 28.40
C ALA A 1949 -28.21 -15.12 27.81
N GLU A 1950 -27.78 -15.06 26.54
CA GLU A 1950 -27.18 -16.23 25.91
C GLU A 1950 -25.88 -16.61 26.61
N LEU A 1951 -25.06 -15.62 26.96
CA LEU A 1951 -23.80 -15.90 27.64
C LEU A 1951 -24.07 -16.51 29.01
N ARG A 1952 -25.07 -15.98 29.71
CA ARG A 1952 -25.41 -16.50 31.04
C ARG A 1952 -25.93 -17.93 30.94
N ARG A 1953 -26.65 -18.26 29.88
CA ARG A 1953 -27.19 -19.61 29.70
C ARG A 1953 -26.18 -20.57 29.09
N VAL A 1954 -25.05 -20.07 28.59
CA VAL A 1954 -24.04 -20.92 27.98
C VAL A 1954 -22.93 -21.29 28.97
N THR A 1955 -23.18 -21.12 30.27
CA THR A 1955 -22.19 -21.45 31.28
C THR A 1955 -21.94 -22.95 31.34
N TRP A 1958 -26.78 -28.34 32.93
CA TRP A 1958 -26.83 -29.48 32.03
C TRP A 1958 -25.93 -30.61 32.53
N ASP A 1959 -25.00 -31.05 31.68
CA ASP A 1959 -24.09 -32.13 32.05
C ASP A 1959 -23.20 -31.72 33.22
N GLU A 1960 -22.66 -30.51 33.15
CA GLU A 1960 -21.79 -30.03 34.23
C GLU A 1960 -22.56 -29.90 35.54
N LEU A 1961 -23.77 -29.35 35.49
CA LEU A 1961 -24.57 -29.19 36.70
C LEU A 1961 -24.91 -30.55 37.30
N TRP A 1962 -25.30 -31.51 36.45
CA TRP A 1962 -25.64 -32.83 36.95
C TRP A 1962 -24.41 -33.51 37.56
N LEU A 1963 -23.26 -33.38 36.92
CA LEU A 1963 -22.05 -34.00 37.45
C LEU A 1963 -21.68 -33.40 38.80
N GLY A 1964 -21.77 -32.07 38.91
CA GLY A 1964 -21.43 -31.42 40.18
C GLY A 1964 -22.40 -31.84 41.28
N VAL A 1965 -23.70 -31.90 40.96
CA VAL A 1965 -24.70 -32.29 41.94
C VAL A 1965 -24.46 -33.73 42.39
N LEU A 1966 -24.17 -34.63 41.45
CA LEU A 1966 -23.93 -36.02 41.80
C LEU A 1966 -22.68 -36.15 42.66
N LEU A 1967 -21.62 -35.42 42.32
CA LEU A 1967 -20.39 -35.49 43.11
C LEU A 1967 -20.61 -34.98 44.51
N GLN A 1968 -21.36 -33.89 44.67
CA GLN A 1968 -21.63 -33.35 46.00
C GLN A 1968 -22.51 -34.28 46.81
N GLN A 1969 -23.53 -34.88 46.17
CA GLN A 1969 -24.42 -35.79 46.87
C GLN A 1969 -23.70 -37.06 47.31
N HIS A 1970 -22.79 -37.56 46.48
CA HIS A 1970 -22.06 -38.77 46.84
C HIS A 1970 -21.24 -38.57 48.10
N MET A 1971 -20.73 -37.36 48.32
CA MET A 1971 -19.92 -37.07 49.50
C MET A 1971 -20.77 -36.64 50.69
N TYR A 1972 -21.92 -36.01 50.46
CA TYR A 1972 -22.79 -35.57 51.53
C TYR A 1972 -23.79 -36.62 51.98
N VAL A 1973 -23.86 -37.77 51.28
CA VAL A 1973 -24.81 -38.81 51.67
C VAL A 1973 -24.38 -39.49 52.95
N LEU A 1974 -23.19 -40.10 52.95
CA LEU A 1974 -22.68 -40.79 54.12
C LEU A 1974 -22.12 -39.79 55.15
N UNK A 2006 -31.34 -38.45 52.66
CA UNK A 2006 -32.65 -38.29 53.29
C UNK A 2006 -33.55 -37.39 52.43
N UNK A 2007 -34.28 -36.50 53.10
CA UNK A 2007 -35.18 -35.61 52.38
C UNK A 2007 -34.43 -34.49 51.66
N UNK A 2008 -33.29 -34.07 52.21
CA UNK A 2008 -32.51 -33.00 51.57
C UNK A 2008 -32.01 -33.44 50.20
N UNK A 2009 -31.50 -34.67 50.11
CA UNK A 2009 -31.00 -35.17 48.82
C UNK A 2009 -32.13 -35.25 47.80
N UNK A 2010 -33.29 -35.75 48.22
CA UNK A 2010 -34.42 -35.87 47.31
C UNK A 2010 -34.88 -34.49 46.84
N UNK A 2011 -34.92 -33.52 47.75
CA UNK A 2011 -35.34 -32.17 47.36
C UNK A 2011 -34.35 -31.56 46.38
N UNK A 2012 -33.05 -31.73 46.65
CA UNK A 2012 -32.04 -31.18 45.75
C UNK A 2012 -32.14 -31.82 44.37
N UNK A 2013 -32.32 -33.14 44.32
CA UNK A 2013 -32.44 -33.83 43.05
C UNK A 2013 -33.67 -33.36 42.29
N UNK A 2014 -34.79 -33.19 42.99
CA UNK A 2014 -36.01 -32.74 42.34
C UNK A 2014 -35.84 -31.34 41.79
N UNK A 2015 -35.19 -30.45 42.56
CA UNK A 2015 -34.98 -29.08 42.08
C UNK A 2015 -34.08 -29.08 40.87
N UNK A 2016 -33.01 -29.88 40.89
CA UNK A 2016 -32.10 -29.94 39.76
C UNK A 2016 -32.81 -30.46 38.52
N UNK A 2017 -33.65 -31.48 38.68
CA UNK A 2017 -34.38 -32.04 37.55
C UNK A 2017 -35.36 -31.03 36.98
N UNK A 2018 -36.06 -30.31 37.87
CA UNK A 2018 -37.03 -29.32 37.41
C UNK A 2018 -36.34 -28.19 36.68
N UNK A 2019 -35.17 -27.76 37.16
CA UNK A 2019 -34.45 -26.67 36.51
C UNK A 2019 -33.95 -27.08 35.13
N UNK A 2020 -33.69 -28.37 34.91
CA UNK A 2020 -33.22 -28.88 33.64
C UNK A 2020 -34.34 -29.43 32.77
N UNK A 2021 -35.59 -29.31 33.21
CA UNK A 2021 -36.76 -29.80 32.48
C UNK A 2021 -36.63 -31.28 32.14
N PRO A 2031 -30.65 -27.21 20.73
CA PRO A 2031 -29.65 -27.97 19.99
C PRO A 2031 -28.84 -28.91 20.90
N HIS A 2032 -28.33 -28.37 22.00
CA HIS A 2032 -27.55 -29.15 22.95
C HIS A 2032 -28.39 -29.79 24.04
N GLU A 2033 -29.39 -29.06 24.55
CA GLU A 2033 -30.25 -29.62 25.59
C GLU A 2033 -31.05 -30.81 25.09
N LYS A 2034 -31.43 -30.78 23.80
CA LYS A 2034 -32.21 -31.89 23.25
C LYS A 2034 -31.41 -33.19 23.29
N TRP A 2035 -30.13 -33.14 22.93
CA TRP A 2035 -29.31 -34.35 22.96
C TRP A 2035 -29.14 -34.86 24.38
N PHE A 2036 -28.89 -33.95 25.33
CA PHE A 2036 -28.73 -34.35 26.72
C PHE A 2036 -30.00 -35.01 27.24
N GLN A 2037 -31.16 -34.45 26.88
CA GLN A 2037 -32.42 -35.03 27.35
C GLN A 2037 -32.65 -36.39 26.71
N ASP A 2038 -32.48 -36.50 25.39
CA ASP A 2038 -32.67 -37.77 24.71
C ASP A 2038 -31.68 -38.83 25.16
N ASN A 2039 -30.56 -38.43 25.75
CA ASN A 2039 -29.55 -39.38 26.21
C ASN A 2039 -29.64 -39.72 27.70
N TYR A 2040 -30.21 -38.84 28.52
CA TYR A 2040 -30.30 -39.14 29.96
C TYR A 2040 -31.67 -38.77 30.52
N GLY A 2041 -32.74 -39.00 29.76
CA GLY A 2041 -34.06 -38.68 30.26
C GLY A 2041 -34.59 -39.61 31.33
N ASP A 2042 -33.92 -40.74 31.54
CA ASP A 2042 -34.34 -41.70 32.56
C ASP A 2042 -33.86 -41.34 33.95
N ALA A 2043 -33.21 -40.18 34.11
CA ALA A 2043 -32.72 -39.78 35.43
C ALA A 2043 -33.87 -39.58 36.41
N ILE A 2044 -34.96 -38.95 35.96
CA ILE A 2044 -36.10 -38.73 36.84
C ILE A 2044 -36.70 -40.06 37.28
N GLU A 2045 -36.88 -40.99 36.34
CA GLU A 2045 -37.44 -42.29 36.68
C GLU A 2045 -36.52 -43.04 37.65
N ASN A 2046 -35.21 -42.99 37.40
CA ASN A 2046 -34.27 -43.68 38.28
C ASN A 2046 -34.32 -43.09 39.69
N ALA A 2047 -34.37 -41.75 39.79
CA ALA A 2047 -34.43 -41.12 41.10
C ALA A 2047 -35.72 -41.48 41.82
N LEU A 2048 -36.84 -41.50 41.10
CA LEU A 2048 -38.12 -41.84 41.73
C LEU A 2048 -38.12 -43.29 42.21
N GLU A 2049 -37.54 -44.19 41.40
CA GLU A 2049 -37.49 -45.61 41.80
C GLU A 2049 -36.55 -45.84 42.96
N LYS A 2050 -35.44 -45.10 43.02
CA LYS A 2050 -34.47 -45.25 44.10
C LYS A 2050 -34.91 -44.56 45.39
N LEU A 2051 -36.00 -43.80 45.36
CA LEU A 2051 -36.46 -43.12 46.58
C LEU A 2051 -36.95 -44.11 47.63
N LYS A 2052 -37.55 -45.21 47.19
CA LYS A 2052 -38.07 -46.22 48.12
C LYS A 2052 -37.09 -47.39 48.25
N UNK A 2064 -29.73 -47.42 45.63
CA UNK A 2064 -29.45 -46.09 45.12
C UNK A 2064 -28.26 -46.11 44.16
N UNK A 2065 -28.12 -47.21 43.42
CA UNK A 2065 -27.03 -47.35 42.46
C UNK A 2065 -27.24 -46.53 41.21
N UNK A 2066 -28.45 -46.02 40.97
CA UNK A 2066 -28.70 -45.22 39.77
C UNK A 2066 -27.86 -43.95 39.78
N UNK A 2067 -27.80 -43.25 40.92
CA UNK A 2067 -27.01 -42.03 40.99
C UNK A 2067 -25.53 -42.31 40.75
N UNK A 2068 -25.02 -43.39 41.35
CA UNK A 2068 -23.62 -43.74 41.17
C UNK A 2068 -23.33 -44.07 39.71
N UNK A 2069 -24.24 -44.81 39.06
CA UNK A 2069 -24.04 -45.17 37.65
C UNK A 2069 -24.04 -43.93 36.78
N UNK A 2070 -24.98 -43.00 37.05
CA UNK A 2070 -25.03 -41.78 36.26
C UNK A 2070 -23.77 -40.95 36.44
N UNK A 2071 -23.30 -40.84 37.69
CA UNK A 2071 -22.08 -40.07 37.95
C UNK A 2071 -20.88 -40.69 37.25
N UNK A 2072 -20.78 -42.03 37.31
CA UNK A 2072 -19.67 -42.70 36.65
C UNK A 2072 -19.72 -42.50 35.14
N UNK A 2073 -20.92 -42.59 34.56
CA UNK A 2073 -21.05 -42.39 33.12
C UNK A 2073 -20.66 -40.98 32.73
N UNK A 2074 -21.10 -39.98 33.52
CA UNK A 2074 -20.76 -38.60 33.22
C UNK A 2074 -19.26 -38.37 33.33
N UNK A 2075 -18.64 -38.93 34.37
CA UNK A 2075 -17.19 -38.77 34.54
C UNK A 2075 -16.43 -39.41 33.39
N UNK A 2076 -16.87 -40.60 32.96
CA UNK A 2076 -16.20 -41.27 31.86
C UNK A 2076 -16.37 -40.52 30.55
N UNK A 2077 -17.56 -39.95 30.31
CA UNK A 2077 -17.78 -39.20 29.08
C UNK A 2077 -17.16 -37.81 29.11
N UNK A 2078 -16.79 -37.32 30.29
CA UNK A 2078 -16.19 -35.99 30.39
C UNK A 2078 -14.86 -35.94 29.65
N UNK A 2079 -14.04 -36.97 29.79
CA UNK A 2079 -12.75 -37.03 29.13
C UNK A 2079 -12.91 -37.44 27.66
N TYR A 2084 -14.32 -31.50 25.15
CA TYR A 2084 -13.54 -30.27 25.30
C TYR A 2084 -13.90 -29.26 24.21
N ILE A 2085 -13.74 -29.67 22.96
CA ILE A 2085 -14.05 -28.80 21.82
C ILE A 2085 -15.57 -28.76 21.62
N LEU A 2086 -16.10 -27.56 21.52
CA LEU A 2086 -17.54 -27.35 21.32
C LEU A 2086 -17.76 -26.54 20.05
N ARG A 2087 -19.03 -26.31 19.72
CA ARG A 2087 -19.39 -25.55 18.54
C ARG A 2087 -20.47 -24.55 18.90
N LEU A 2088 -20.44 -23.39 18.24
CA LEU A 2088 -21.43 -22.35 18.51
C LEU A 2088 -22.79 -22.69 17.92
N GLU A 2089 -22.82 -23.45 16.82
CA GLU A 2089 -24.09 -23.81 16.20
C GLU A 2089 -24.94 -24.67 17.13
N GLU A 2090 -24.32 -25.59 17.85
CA GLU A 2090 -25.03 -26.48 18.77
C GLU A 2090 -25.26 -25.85 20.14
N ILE A 2091 -24.82 -24.61 20.35
CA ILE A 2091 -25.01 -23.94 21.64
C ILE A 2091 -25.10 -22.44 21.45
N ALA A 2096 -28.45 -16.38 18.77
CA ALA A 2096 -27.46 -17.42 18.57
C ALA A 2096 -26.20 -16.86 17.90
N ALA A 2097 -26.23 -16.81 16.57
CA ALA A 2097 -25.11 -16.30 15.78
C ALA A 2097 -25.58 -15.05 15.03
N MET A 2098 -25.03 -13.89 15.41
CA MET A 2098 -25.39 -12.63 14.79
C MET A 2098 -24.29 -12.20 13.81
N THR A 2099 -24.50 -11.08 13.13
CA THR A 2099 -23.54 -10.56 12.17
C THR A 2099 -23.83 -9.07 11.98
N ASN A 2100 -22.77 -8.32 11.65
CA ASN A 2100 -22.86 -6.88 11.42
C ASN A 2100 -23.49 -6.19 12.63
N THR A 2101 -23.09 -6.66 13.81
CA THR A 2101 -23.60 -6.11 15.07
C THR A 2101 -22.96 -4.75 15.34
N GLU A 2102 -23.67 -3.92 16.10
CA GLU A 2102 -23.21 -2.57 16.46
C GLU A 2102 -23.06 -2.41 17.97
N ILE A 2103 -22.71 -3.48 18.67
CA ILE A 2103 -22.53 -3.47 20.13
C ILE A 2103 -21.06 -3.29 20.44
N ALA A 2104 -20.77 -2.47 21.44
CA ALA A 2104 -19.39 -2.20 21.84
C ALA A 2104 -18.75 -3.47 22.42
N LEU A 2105 -17.43 -3.57 22.25
CA LEU A 2105 -16.69 -4.72 22.73
C LEU A 2105 -16.69 -4.75 24.26
N PRO A 2106 -16.46 -5.93 24.85
CA PRO A 2106 -16.44 -6.03 26.32
C PRO A 2106 -15.20 -5.39 26.93
N GLY A 2107 -15.25 -4.08 27.11
CA GLY A 2107 -14.16 -3.32 27.68
C GLY A 2107 -13.44 -2.47 26.65
N GLU A 2108 -13.83 -1.21 26.56
CA GLU A 2108 -13.25 -0.25 25.62
C GLU A 2108 -13.12 1.11 26.30
N VAL A 2109 -12.61 1.10 27.53
CA VAL A 2109 -12.42 2.32 28.31
C VAL A 2109 -11.58 3.34 27.56
N SER A 2110 -10.48 2.88 26.96
CA SER A 2110 -9.59 3.75 26.20
C SER A 2110 -9.74 3.41 24.72
N ALA A 2111 -10.74 4.03 24.08
CA ALA A 2111 -10.99 3.79 22.65
C ALA A 2111 -11.74 4.99 22.09
N ARG A 2112 -11.01 5.87 21.40
CA ARG A 2112 -11.65 7.05 20.81
C ARG A 2112 -12.65 6.65 19.75
N ASP A 2113 -12.30 5.67 18.92
CA ASP A 2113 -13.14 5.15 17.84
C ASP A 2113 -13.44 3.71 18.21
N THR A 2114 -14.54 3.51 18.94
CA THR A 2114 -14.96 2.18 19.38
C THR A 2114 -15.18 1.23 18.21
N VAL A 2115 -14.87 -0.04 18.41
CA VAL A 2115 -15.03 -1.08 17.40
C VAL A 2115 -16.19 -1.97 17.82
N THR A 2116 -17.12 -2.20 16.90
CA THR A 2116 -18.28 -3.03 17.16
C THR A 2116 -18.01 -4.49 16.79
N ILE A 2117 -18.76 -5.38 17.44
CA ILE A 2117 -18.61 -6.81 17.18
C ILE A 2117 -19.13 -7.14 15.79
N HIS A 2118 -18.39 -7.97 15.07
CA HIS A 2118 -18.77 -8.36 13.72
C HIS A 2118 -19.22 -9.81 13.60
N SER A 2119 -18.66 -10.72 14.39
CA SER A 2119 -19.04 -12.12 14.34
C SER A 2119 -18.65 -12.77 15.67
N VAL A 2120 -18.90 -14.06 15.78
CA VAL A 2120 -18.58 -14.84 16.97
C VAL A 2120 -17.87 -16.10 16.54
N GLY A 2121 -16.85 -16.50 17.30
CA GLY A 2121 -16.09 -17.70 16.98
C GLY A 2121 -17.00 -18.92 16.93
N GLY A 2122 -16.84 -19.72 15.88
CA GLY A 2122 -17.65 -20.92 15.72
C GLY A 2122 -17.26 -22.07 16.60
N THR A 2123 -16.09 -22.01 17.24
CA THR A 2123 -15.61 -23.08 18.11
C THR A 2123 -15.27 -22.51 19.48
N ILE A 2124 -15.46 -23.34 20.51
CA ILE A 2124 -15.18 -22.98 21.88
C ILE A 2124 -14.35 -24.09 22.51
N THR A 2125 -13.26 -23.72 23.17
CA THR A 2125 -12.36 -24.66 23.83
C THR A 2125 -12.50 -24.54 25.33
N ILE A 2126 -12.42 -25.69 26.01
CA ILE A 2126 -12.54 -25.76 27.46
C ILE A 2126 -11.16 -26.01 28.04
N LEU A 2127 -10.72 -25.14 28.96
CA LEU A 2127 -9.41 -25.31 29.57
C LEU A 2127 -9.45 -26.41 30.62
N PRO A 2128 -8.49 -27.34 30.59
CA PRO A 2128 -8.49 -28.42 31.59
C PRO A 2128 -7.69 -28.09 32.83
N THR A 2129 -7.97 -28.80 33.92
CA THR A 2129 -7.35 -28.70 35.25
C THR A 2129 -7.57 -27.35 35.91
N LYS A 2130 -8.36 -26.45 35.31
CA LYS A 2130 -8.63 -25.13 35.87
C LYS A 2130 -10.12 -24.84 35.91
N THR A 2131 -10.90 -25.78 36.46
CA THR A 2131 -12.36 -25.69 36.57
C THR A 2131 -12.99 -25.88 35.20
N LYS A 2132 -13.81 -24.92 34.76
CA LYS A 2132 -14.47 -25.01 33.45
C LYS A 2132 -14.42 -23.70 32.69
N PRO A 2133 -13.24 -23.27 32.25
CA PRO A 2133 -13.17 -22.01 31.51
C PRO A 2133 -13.40 -22.26 30.02
N LYS A 2134 -13.99 -21.27 29.36
CA LYS A 2134 -14.30 -21.36 27.94
C LYS A 2134 -13.60 -20.21 27.21
N LYS A 2135 -12.84 -20.57 26.18
CA LYS A 2135 -12.11 -19.59 25.38
C LYS A 2135 -12.96 -19.21 24.17
N LEU A 2136 -13.54 -18.03 24.19
CA LEU A 2136 -14.38 -17.53 23.11
C LEU A 2136 -13.71 -16.34 22.45
N LEU A 2137 -13.82 -16.27 21.13
CA LEU A 2137 -13.23 -15.20 20.34
C LEU A 2137 -14.34 -14.30 19.80
N PHE A 2138 -13.99 -13.04 19.53
CA PHE A 2138 -14.95 -12.08 19.01
C PHE A 2138 -14.33 -11.36 17.82
N LEU A 2139 -15.13 -11.13 16.79
CA LEU A 2139 -14.66 -10.46 15.58
C LEU A 2139 -15.02 -8.98 15.66
N GLY A 2140 -14.18 -8.14 15.05
CA GLY A 2140 -14.40 -6.71 15.06
C GLY A 2140 -14.43 -6.16 13.64
N SER A 2141 -14.84 -4.89 13.55
CA SER A 2141 -14.92 -4.22 12.25
C SER A 2141 -13.54 -4.05 11.62
N ASP A 2142 -12.49 -4.04 12.44
CA ASP A 2142 -11.12 -3.89 11.97
C ASP A 2142 -10.52 -5.19 11.45
N GLY A 2143 -11.34 -6.24 11.30
CA GLY A 2143 -10.93 -7.56 10.82
C GLY A 2143 -9.88 -8.22 11.71
N LYS A 2144 -9.90 -7.96 13.01
CA LYS A 2144 -8.94 -8.54 13.94
C LYS A 2144 -9.66 -9.41 14.95
N SER A 2145 -8.99 -10.49 15.37
CA SER A 2145 -9.57 -11.40 16.34
C SER A 2145 -9.22 -10.97 17.76
N TYR A 2146 -10.24 -10.94 18.61
CA TYR A 2146 -10.08 -10.54 20.02
C TYR A 2146 -10.48 -11.70 20.92
N PRO A 2147 -9.51 -12.47 21.41
CA PRO A 2147 -9.83 -13.60 22.29
C PRO A 2147 -10.32 -13.14 23.66
N TYR A 2148 -11.07 -14.01 24.32
CA TYR A 2148 -11.62 -13.74 25.63
C TYR A 2148 -11.64 -15.04 26.42
N LEU A 2149 -11.93 -14.93 27.72
CA LEU A 2149 -11.99 -16.08 28.61
C LEU A 2149 -13.25 -15.94 29.45
N PHE A 2150 -14.12 -16.95 29.39
CA PHE A 2150 -15.37 -16.96 30.14
C PHE A 2150 -15.23 -17.84 31.36
N LYS A 2151 -15.52 -17.28 32.53
CA LYS A 2151 -15.43 -17.99 33.80
C LYS A 2151 -16.81 -18.10 34.43
N GLY A 2152 -17.08 -19.24 35.06
CA GLY A 2152 -18.36 -19.50 35.71
C GLY A 2152 -18.17 -19.64 37.21
N LEU A 2153 -19.05 -18.96 37.96
CA LEU A 2153 -19.06 -18.96 39.42
C LEU A 2153 -17.73 -18.51 40.01
N GLU A 2154 -17.12 -17.44 39.48
CA GLU A 2154 -15.85 -16.97 40.02
C GLU A 2154 -15.99 -15.66 40.80
N ASP A 2155 -17.05 -14.90 40.53
CA ASP A 2155 -17.28 -13.62 41.21
C ASP A 2155 -16.08 -12.71 40.97
N LEU A 2156 -15.90 -12.30 39.72
CA LEU A 2156 -14.82 -11.43 39.29
C LEU A 2156 -15.03 -9.95 39.60
N HIS A 2157 -15.90 -9.62 40.55
CA HIS A 2157 -16.12 -8.21 40.87
C HIS A 2157 -14.89 -7.58 41.52
N LEU A 2158 -14.16 -8.36 42.33
CA LEU A 2158 -12.97 -7.84 42.99
C LEU A 2158 -11.82 -7.63 42.01
N ASP A 2159 -11.70 -8.48 40.99
CA ASP A 2159 -10.63 -8.34 40.02
C ASP A 2159 -10.75 -7.03 39.23
N GLU A 2160 -11.99 -6.63 38.92
CA GLU A 2160 -12.21 -5.39 38.18
C GLU A 2160 -11.65 -4.21 38.95
N ARG A 2161 -11.81 -4.23 40.28
CA ARG A 2161 -11.30 -3.14 41.11
C ARG A 2161 -9.79 -3.07 41.00
N ILE A 2162 -9.12 -4.23 41.03
CA ILE A 2162 -7.67 -4.27 40.93
C ILE A 2162 -7.22 -3.74 39.58
N MET A 2163 -7.92 -4.13 38.52
CA MET A 2163 -7.55 -3.65 37.19
C MET A 2163 -7.72 -2.14 37.10
N GLN A 2164 -8.76 -1.59 37.73
CA GLN A 2164 -8.97 -0.15 37.68
C GLN A 2164 -7.87 0.55 38.47
N PHE A 2165 -7.46 -0.07 39.58
CA PHE A 2165 -6.40 0.50 40.41
C PHE A 2165 -5.10 0.55 39.62
N LEU A 2166 -4.82 -0.49 38.84
CA LEU A 2166 -3.60 -0.51 38.03
C LEU A 2166 -3.61 0.63 37.03
N SER A 2167 -4.77 0.89 36.41
CA SER A 2167 -4.85 1.98 35.44
C SER A 2167 -4.63 3.31 36.13
N ILE A 2168 -5.20 3.47 37.33
CA ILE A 2168 -5.01 4.72 38.06
C ILE A 2168 -3.53 4.91 38.37
N VAL A 2169 -2.84 3.82 38.72
CA VAL A 2169 -1.41 3.92 39.02
C VAL A 2169 -0.65 4.32 37.77
N ASN A 2170 -0.99 3.73 36.62
CA ASN A 2170 -0.32 4.07 35.37
C ASN A 2170 -0.55 5.53 35.03
N THR A 2171 -1.68 6.08 35.46
CA THR A 2171 -2.03 7.47 35.21
C THR A 2171 -1.01 8.44 35.82
N MET A 2172 -0.35 8.05 36.91
CA MET A 2172 0.63 8.92 37.57
C MET A 2172 1.98 8.94 36.85
N PHE A 2173 2.20 8.08 35.86
CA PHE A 2173 3.46 8.05 35.12
C PHE A 2173 3.41 8.79 33.79
N ALA A 2174 2.32 9.51 33.51
CA ALA A 2174 2.21 10.23 32.25
C ALA A 2174 3.24 11.34 32.11
N THR A 2175 3.50 12.09 33.19
CA THR A 2175 4.47 13.18 33.13
C THR A 2175 5.89 12.68 32.92
N ILE A 2176 6.33 11.72 33.73
CA ILE A 2176 7.69 11.18 33.63
C ILE A 2176 7.92 10.45 32.31
N ASN A 2177 6.86 9.92 31.71
CA ASN A 2177 7.00 9.20 30.45
C ASN A 2177 7.31 10.09 29.25
N ARG A 2178 7.31 11.41 29.42
CA ARG A 2178 7.60 12.30 28.31
C ARG A 2178 9.08 12.57 28.10
N GLN A 2179 9.95 12.19 29.04
CA GLN A 2179 11.39 12.42 28.90
C GLN A 2179 12.22 11.22 29.36
N GLU A 2180 11.77 10.01 29.05
CA GLU A 2180 12.48 8.81 29.43
C GLU A 2180 12.26 7.74 28.38
N THR A 2181 13.35 7.21 27.79
CA THR A 2181 13.20 6.19 26.76
C THR A 2181 12.45 4.97 27.32
N PRO A 2182 12.87 4.35 28.43
CA PRO A 2182 12.11 3.21 28.93
C PRO A 2182 10.95 3.76 29.76
N ARG A 2183 9.74 3.59 29.25
CA ARG A 2183 8.55 4.09 29.92
C ARG A 2183 8.17 3.27 31.15
N PHE A 2184 7.56 3.94 32.12
CA PHE A 2184 7.10 3.35 33.37
C PHE A 2184 5.67 2.91 33.11
N HIS A 2185 5.44 1.61 33.00
CA HIS A 2185 4.10 1.11 32.74
C HIS A 2185 3.86 -0.23 33.40
N ALA A 2186 2.60 -0.47 33.76
CA ALA A 2186 2.16 -1.70 34.41
C ALA A 2186 1.11 -2.32 33.49
N ARG A 2187 1.45 -3.43 32.85
CA ARG A 2187 0.54 -4.10 31.94
C ARG A 2187 -0.61 -4.76 32.71
N HIS A 2188 -1.82 -4.63 32.17
CA HIS A 2188 -3.02 -5.21 32.77
C HIS A 2188 -4.06 -5.41 31.68
N TYR A 2189 -5.02 -6.28 31.97
CA TYR A 2189 -6.10 -6.60 31.04
C TYR A 2189 -7.44 -6.12 31.62
N SER A 2190 -8.51 -6.35 30.87
CA SER A 2190 -9.85 -5.96 31.27
C SER A 2190 -10.63 -7.15 31.81
N VAL A 2191 -11.53 -6.85 32.75
CA VAL A 2191 -12.39 -7.84 33.40
C VAL A 2191 -13.81 -7.30 33.33
N THR A 2192 -14.69 -8.04 32.68
CA THR A 2192 -16.09 -7.64 32.54
C THR A 2192 -17.03 -8.66 33.18
N PRO A 2193 -17.48 -8.45 34.41
CA PRO A 2193 -18.38 -9.41 35.03
C PRO A 2193 -19.74 -9.44 34.34
N LEU A 2194 -20.35 -10.62 34.30
CA LEU A 2194 -21.65 -10.81 33.66
C LEU A 2194 -22.72 -11.23 34.68
N GLY A 2195 -22.69 -10.60 35.85
CA GLY A 2195 -23.64 -10.91 36.90
C GLY A 2195 -22.99 -10.99 38.25
N THR A 2196 -23.41 -11.96 39.07
CA THR A 2196 -22.85 -12.13 40.39
C THR A 2196 -21.86 -13.28 40.49
N ARG A 2197 -21.80 -14.16 39.49
CA ARG A 2197 -20.87 -15.28 39.52
C ARG A 2197 -20.04 -15.41 38.25
N SER A 2198 -20.61 -15.12 37.09
CA SER A 2198 -19.88 -15.24 35.84
C SER A 2198 -19.14 -13.95 35.50
N GLY A 2199 -18.43 -13.97 34.38
CA GLY A 2199 -17.68 -12.83 33.94
C GLY A 2199 -16.91 -13.16 32.67
N LEU A 2200 -16.40 -12.10 32.04
CA LEU A 2200 -15.63 -12.22 30.80
C LEU A 2200 -14.29 -11.52 31.01
N ILE A 2201 -13.20 -12.28 30.93
CA ILE A 2201 -11.84 -11.77 31.13
C ILE A 2201 -11.10 -11.74 29.80
N GLN A 2202 -10.39 -10.64 29.57
CA GLN A 2202 -9.61 -10.49 28.33
C GLN A 2202 -8.42 -11.43 28.33
N TRP A 2203 -8.08 -11.92 27.14
CA TRP A 2203 -6.97 -12.83 26.96
C TRP A 2203 -5.74 -12.05 26.48
N VAL A 2204 -4.61 -12.29 27.13
CA VAL A 2204 -3.35 -11.63 26.79
C VAL A 2204 -2.63 -12.43 25.72
N ASP A 2205 -2.30 -11.78 24.61
CA ASP A 2205 -1.61 -12.42 23.50
C ASP A 2205 -0.21 -11.82 23.34
N GLY A 2206 0.73 -12.65 22.89
CA GLY A 2206 2.10 -12.22 22.70
C GLY A 2206 3.02 -12.41 23.89
N ALA A 2207 2.48 -12.84 25.03
CA ALA A 2207 3.28 -13.06 26.23
C ALA A 2207 3.31 -14.55 26.55
N THR A 2208 4.51 -15.09 26.77
CA THR A 2208 4.60 -16.51 27.07
C THR A 2208 4.96 -16.74 28.53
N PRO A 2209 4.49 -17.84 29.11
CA PRO A 2209 4.81 -18.12 30.52
C PRO A 2209 6.29 -18.43 30.71
N LEU A 2210 6.80 -18.13 31.91
CA LEU A 2210 8.20 -18.38 32.21
C LEU A 2210 8.47 -19.87 32.42
N PHE A 2211 7.45 -20.64 32.79
CA PHE A 2211 7.64 -22.07 33.01
C PHE A 2211 8.01 -22.78 31.71
N GLY A 2212 7.60 -22.22 30.58
CA GLY A 2212 7.91 -22.84 29.30
C GLY A 2212 9.40 -22.97 29.07
N LEU A 2213 10.16 -21.93 29.40
CA LEU A 2213 11.61 -21.99 29.21
C LEU A 2213 12.23 -23.10 30.05
N TYR A 2214 11.81 -23.21 31.32
CA TYR A 2214 12.36 -24.24 32.19
C TYR A 2214 12.01 -25.63 31.66
N LYS A 2215 10.76 -25.81 31.20
CA LYS A 2215 10.34 -27.10 30.67
C LYS A 2215 11.13 -27.47 29.43
N ARG A 2216 11.33 -26.51 28.52
CA ARG A 2216 12.10 -26.80 27.31
C ARG A 2216 13.54 -27.14 27.66
N TRP A 2217 14.11 -26.45 28.65
CA TRP A 2217 15.48 -26.77 29.02
C TRP A 2217 15.55 -28.17 29.58
N GLN A 2218 14.55 -28.56 30.37
CA GLN A 2218 14.53 -29.92 30.93
C GLN A 2218 14.47 -30.95 29.82
N GLN A 2219 13.64 -30.70 28.81
CA GLN A 2219 13.52 -31.64 27.69
C GLN A 2219 14.84 -31.71 26.93
N ARG A 2220 15.50 -30.57 26.73
CA ARG A 2220 16.77 -30.56 26.01
C ARG A 2220 17.83 -31.35 26.78
N GLU A 2221 17.87 -31.17 28.11
CA GLU A 2221 18.84 -31.89 28.91
C GLU A 2221 18.56 -33.38 28.88
N ALA A 2222 17.27 -33.76 28.93
CA ALA A 2222 16.91 -35.18 28.89
C ALA A 2222 17.33 -35.79 27.56
N ALA A 2223 17.08 -35.07 26.46
CA ALA A 2223 17.45 -35.58 25.14
C ALA A 2223 18.97 -35.72 25.03
N LEU A 2224 19.72 -34.76 25.57
CA LEU A 2224 21.17 -34.81 25.51
C LEU A 2224 21.69 -35.99 26.33
N GLN A 2225 21.11 -36.23 27.50
CA GLN A 2225 21.55 -37.34 28.35
C GLN A 2225 21.12 -38.69 27.81
N ALA A 2226 20.05 -38.73 27.00
CA ALA A 2226 19.58 -40.00 26.46
C ALA A 2226 20.63 -40.64 25.55
N GLN A 2227 21.30 -39.82 24.73
CA GLN A 2227 22.32 -40.34 23.82
C GLN A 2227 23.51 -40.89 24.61
N LYS A 2228 24.11 -40.06 25.46
CA LYS A 2228 25.25 -40.48 26.26
C LYS A 2228 25.38 -39.63 27.52
N ILE A 2241 9.06 -38.51 29.86
CA ILE A 2241 8.67 -37.17 30.28
C ILE A 2241 9.69 -36.61 31.27
N VAL A 2242 9.52 -35.36 31.67
CA VAL A 2242 10.42 -34.72 32.61
C VAL A 2242 9.75 -34.70 33.99
N PRO A 2243 10.51 -34.77 35.08
CA PRO A 2243 9.91 -34.76 36.41
C PRO A 2243 9.27 -33.42 36.74
N ARG A 2244 8.23 -33.47 37.55
CA ARG A 2244 7.48 -32.31 37.98
C ARG A 2244 8.19 -31.64 39.15
N PRO A 2245 7.89 -30.36 39.43
CA PRO A 2245 8.57 -29.69 40.55
C PRO A 2245 8.45 -30.44 41.87
N SER A 2246 7.25 -30.98 42.17
CA SER A 2246 7.08 -31.70 43.42
C SER A 2246 7.86 -33.01 43.41
N GLU A 2247 7.82 -33.74 42.29
CA GLU A 2247 8.54 -35.00 42.19
C GLU A 2247 10.04 -34.79 42.32
N LEU A 2248 10.57 -33.73 41.74
CA LEU A 2248 11.99 -33.43 41.81
C LEU A 2248 12.40 -32.89 43.18
N TYR A 2249 11.50 -32.17 43.85
CA TYR A 2249 11.82 -31.63 45.17
C TYR A 2249 11.80 -32.72 46.24
N TYR A 2250 10.81 -33.62 46.18
CA TYR A 2250 10.75 -34.69 47.17
C TYR A 2250 11.89 -35.69 46.98
N SER A 2251 12.28 -35.96 45.74
CA SER A 2251 13.35 -36.90 45.46
C SER A 2251 14.66 -36.46 46.12
N LYS A 2252 14.79 -35.16 46.41
CA LYS A 2252 15.98 -34.61 47.05
C LYS A 2252 15.79 -34.35 48.53
N ILE A 2253 14.57 -34.02 48.95
CA ILE A 2253 14.32 -33.76 50.36
C ILE A 2253 14.18 -35.06 51.15
N GLY A 2254 13.92 -36.19 50.49
CA GLY A 2254 13.78 -37.45 51.17
C GLY A 2254 15.09 -37.92 51.76
N PRO A 2255 16.08 -38.21 50.90
CA PRO A 2255 17.37 -38.68 51.41
C PRO A 2255 18.02 -37.68 52.35
N ALA A 2256 17.82 -36.38 52.13
CA ALA A 2256 18.41 -35.38 53.01
C ALA A 2256 17.85 -35.48 54.41
N LEU A 2257 16.53 -35.70 54.53
CA LEU A 2257 15.92 -35.83 55.85
C LEU A 2257 16.25 -37.16 56.48
N LYS A 2258 16.41 -38.21 55.67
CA LYS A 2258 16.73 -39.53 56.21
C LYS A 2258 18.16 -39.58 56.71
N THR A 2259 19.07 -38.82 56.07
CA THR A 2259 20.47 -38.80 56.47
C THR A 2259 20.72 -38.07 57.79
N VAL A 2260 19.74 -37.36 58.33
CA VAL A 2260 19.91 -36.64 59.60
C VAL A 2260 19.18 -37.32 60.74
N GLY A 2261 18.17 -38.15 60.47
CA GLY A 2261 17.44 -38.81 61.54
C GLY A 2261 15.94 -38.77 61.38
N LEU A 2262 15.41 -37.70 60.79
CA LEU A 2262 13.98 -37.58 60.59
C LEU A 2262 13.54 -38.42 59.40
N SER A 2263 12.22 -38.48 59.19
CA SER A 2263 11.63 -39.22 58.09
C SER A 2263 10.66 -38.33 57.33
N LEU A 2264 10.16 -38.86 56.21
CA LEU A 2264 9.22 -38.11 55.38
C LEU A 2264 7.87 -37.92 56.05
N ASP A 2265 7.52 -38.74 57.05
CA ASP A 2265 6.25 -38.63 57.74
C ASP A 2265 6.19 -37.44 58.68
N VAL A 2266 7.33 -36.82 58.98
CA VAL A 2266 7.33 -35.66 59.88
C VAL A 2266 6.61 -34.50 59.22
N SER A 2267 5.93 -33.69 60.04
CA SER A 2267 5.20 -32.54 59.53
C SER A 2267 6.14 -31.55 58.86
N ARG A 2268 5.66 -30.90 57.80
CA ARG A 2268 6.47 -29.93 57.07
C ARG A 2268 6.90 -28.78 57.97
N ARG A 2269 6.07 -28.41 58.96
CA ARG A 2269 6.43 -27.31 59.85
C ARG A 2269 7.65 -27.66 60.70
N ASP A 2270 7.76 -28.90 61.16
CA ASP A 2270 8.89 -29.33 61.97
C ASP A 2270 9.97 -29.94 61.07
N TRP A 2271 10.58 -29.06 60.26
CA TRP A 2271 11.63 -29.45 59.34
C TRP A 2271 12.86 -28.60 59.61
N PRO A 2272 14.04 -29.21 59.62
CA PRO A 2272 15.28 -28.44 59.87
C PRO A 2272 15.51 -27.40 58.77
N LEU A 2273 16.02 -26.24 59.17
CA LEU A 2273 16.28 -25.18 58.20
C LEU A 2273 17.51 -25.49 57.36
N HIS A 2274 18.53 -26.09 57.97
CA HIS A 2274 19.74 -26.42 57.22
C HIS A 2274 19.46 -27.40 56.09
N VAL A 2275 18.57 -28.36 56.32
CA VAL A 2275 18.23 -29.33 55.29
C VAL A 2275 17.59 -28.64 54.09
N MET A 2276 16.63 -27.74 54.37
CA MET A 2276 15.97 -27.02 53.29
C MET A 2276 16.95 -26.13 52.54
N LYS A 2277 17.85 -25.45 53.26
CA LYS A 2277 18.80 -24.59 52.59
C LYS A 2277 19.75 -25.41 51.72
N ALA A 2278 20.16 -26.59 52.21
CA ALA A 2278 21.06 -27.44 51.43
C ALA A 2278 20.38 -27.95 50.18
N VAL A 2279 19.11 -28.36 50.29
CA VAL A 2279 18.42 -28.86 49.10
C VAL A 2279 18.22 -27.72 48.10
N LEU A 2280 17.93 -26.51 48.59
CA LEU A 2280 17.73 -25.39 47.69
C LEU A 2280 19.04 -25.06 46.97
N GLU A 2281 20.15 -25.08 47.71
CA GLU A 2281 21.45 -24.80 47.10
C GLU A 2281 21.80 -25.85 46.07
N GLU A 2282 21.52 -27.12 46.36
CA GLU A 2282 21.83 -28.18 45.40
C GLU A 2282 20.97 -28.05 44.15
N LEU A 2283 19.72 -27.60 44.30
CA LEU A 2283 18.85 -27.44 43.15
C LEU A 2283 19.24 -26.24 42.30
N MET A 2284 19.70 -25.16 42.93
CA MET A 2284 20.09 -23.97 42.17
C MET A 2284 21.34 -24.23 41.33
N GLU A 2285 22.29 -25.01 41.86
CA GLU A 2285 23.52 -25.31 41.13
C GLU A 2285 23.29 -26.19 39.90
N ALA A 2286 22.17 -26.92 39.84
CA ALA A 2286 21.88 -27.77 38.70
C ALA A 2286 21.13 -27.08 37.57
N THR A 2287 20.56 -25.90 37.82
CA THR A 2287 19.83 -25.22 36.76
C THR A 2287 20.60 -24.00 36.28
N PRO A 2288 20.69 -23.78 34.96
CA PRO A 2288 21.40 -22.62 34.44
C PRO A 2288 20.66 -21.34 34.77
N PRO A 2289 21.37 -20.31 35.21
CA PRO A 2289 20.72 -19.03 35.56
C PRO A 2289 20.53 -18.04 34.42
N ASN A 2290 20.89 -18.37 33.17
CA ASN A 2290 20.71 -17.43 32.08
C ASN A 2290 19.70 -17.89 31.03
N LEU A 2291 18.68 -18.66 31.41
CA LEU A 2291 17.69 -19.10 30.44
C LEU A 2291 16.94 -17.92 29.84
N LEU A 2292 16.37 -17.07 30.70
CA LEU A 2292 15.63 -15.90 30.25
C LEU A 2292 16.52 -14.91 29.51
N ALA A 2293 17.73 -14.67 30.02
CA ALA A 2293 18.65 -13.74 29.36
C ALA A 2293 19.01 -14.23 27.97
N LYS A 2294 19.33 -15.51 27.83
CA LYS A 2294 19.68 -16.04 26.52
C LYS A 2294 18.49 -16.02 25.58
N GLU A 2295 17.28 -16.30 26.10
CA GLU A 2295 16.11 -16.28 25.22
C GLU A 2295 15.87 -14.87 24.69
N LEU A 2296 15.96 -13.88 25.58
CA LEU A 2296 15.76 -12.49 25.17
C LEU A 2296 16.82 -12.08 24.16
N TRP A 2297 18.07 -12.49 24.39
CA TRP A 2297 19.15 -12.14 23.47
C TRP A 2297 18.93 -12.76 22.11
N SER A 2298 18.50 -14.03 22.07
CA SER A 2298 18.27 -14.69 20.78
C SER A 2298 17.04 -14.16 20.07
N SER A 2299 16.10 -13.56 20.79
CA SER A 2299 14.91 -13.03 20.13
C SER A 2299 15.19 -11.72 19.38
N CYS A 2300 16.09 -10.90 19.90
CA CYS A 2300 16.42 -9.63 19.27
C CYS A 2300 17.18 -9.83 17.95
N THR A 2301 17.06 -8.82 17.09
CA THR A 2301 17.69 -8.81 15.77
C THR A 2301 19.02 -8.06 15.73
N THR A 2302 19.11 -6.88 16.35
CA THR A 2302 20.33 -6.09 16.38
C THR A 2302 20.72 -5.72 17.80
N PRO A 2303 21.99 -5.37 18.02
CA PRO A 2303 22.41 -4.98 19.38
C PRO A 2303 21.60 -3.83 19.97
N ASP A 2304 21.21 -2.87 19.13
CA ASP A 2304 20.41 -1.75 19.62
C ASP A 2304 19.08 -2.26 20.17
N GLU A 2305 18.47 -3.20 19.46
CA GLU A 2305 17.20 -3.77 19.90
C GLU A 2305 17.41 -4.54 21.20
N TRP A 2306 18.55 -5.22 21.32
CA TRP A 2306 18.84 -5.98 22.53
C TRP A 2306 18.93 -5.04 23.72
N TRP A 2307 19.60 -3.91 23.56
CA TRP A 2307 19.72 -2.94 24.65
C TRP A 2307 18.36 -2.37 25.02
N ARG A 2308 17.56 -2.01 24.01
CA ARG A 2308 16.23 -1.45 24.27
C ARG A 2308 15.36 -2.45 25.03
N VAL A 2309 15.34 -3.70 24.59
CA VAL A 2309 14.54 -4.74 25.24
C VAL A 2309 15.03 -5.00 26.66
N THR A 2310 16.35 -5.03 26.88
CA THR A 2310 16.87 -5.27 28.23
C THR A 2310 16.46 -4.15 29.17
N GLN A 2311 16.58 -2.90 28.73
CA GLN A 2311 16.19 -1.80 29.60
C GLN A 2311 14.69 -1.83 29.88
N SER A 2312 13.89 -2.15 28.86
CA SER A 2312 12.45 -2.22 29.05
C SER A 2312 12.10 -3.30 30.07
N TYR A 2313 12.77 -4.45 29.98
CA TYR A 2313 12.51 -5.54 30.91
C TYR A 2313 12.86 -5.14 32.33
N ALA A 2314 14.02 -4.50 32.51
CA ALA A 2314 14.42 -4.09 33.86
C ALA A 2314 13.42 -3.11 34.46
N ARG A 2315 13.02 -2.08 33.70
CA ARG A 2315 12.07 -1.12 34.24
C ARG A 2315 10.70 -1.75 34.52
N SER A 2316 10.19 -2.58 33.62
CA SER A 2316 8.89 -3.21 33.86
C SER A 2316 8.94 -4.10 35.08
N THR A 2317 10.03 -4.87 35.25
CA THR A 2317 10.13 -5.73 36.41
C THR A 2317 10.13 -4.92 37.69
N ALA A 2318 10.86 -3.79 37.70
CA ALA A 2318 10.90 -2.97 38.91
C ALA A 2318 9.51 -2.40 39.23
N VAL A 2319 8.82 -1.89 38.21
CA VAL A 2319 7.49 -1.31 38.41
C VAL A 2319 6.53 -2.36 38.96
N MET A 2320 6.49 -3.54 38.34
CA MET A 2320 5.56 -4.56 38.84
C MET A 2320 5.96 -5.06 40.22
N SER A 2321 7.26 -5.13 40.52
CA SER A 2321 7.66 -5.59 41.84
C SER A 2321 7.14 -4.64 42.91
N MET A 2322 7.30 -3.34 42.68
CA MET A 2322 6.81 -2.39 43.68
C MET A 2322 5.28 -2.38 43.76
N VAL A 2323 4.60 -2.50 42.62
CA VAL A 2323 3.13 -2.51 42.66
C VAL A 2323 2.65 -3.72 43.44
N GLY A 2324 3.21 -4.89 43.14
CA GLY A 2324 2.81 -6.10 43.85
C GLY A 2324 3.11 -6.04 45.33
N TYR A 2325 4.24 -5.44 45.70
CA TYR A 2325 4.55 -5.36 47.12
C TYR A 2325 3.61 -4.39 47.83
N ILE A 2326 3.21 -3.31 47.15
CA ILE A 2326 2.31 -2.34 47.77
C ILE A 2326 0.91 -2.93 47.95
N ILE A 2327 0.36 -3.55 46.90
CA ILE A 2327 -0.98 -4.12 47.04
C ILE A 2327 -0.95 -5.39 47.89
N GLY A 2328 0.09 -6.19 47.74
CA GLY A 2328 0.22 -7.42 48.51
C GLY A 2328 -0.01 -8.64 47.65
N LEU A 2329 0.33 -8.55 46.37
CA LEU A 2329 0.16 -9.65 45.44
C LEU A 2329 1.02 -10.85 45.84
N GLY A 2330 0.43 -12.04 45.72
CA GLY A 2330 1.12 -13.27 46.05
C GLY A 2330 0.94 -14.33 44.99
N ASP A 2331 1.44 -15.54 45.25
CA ASP A 2331 1.34 -16.66 44.31
C ASP A 2331 1.98 -16.32 42.97
N ARG A 2332 3.23 -15.88 43.02
CA ARG A 2332 3.98 -15.49 41.82
C ARG A 2332 4.82 -16.65 41.29
N HIS A 2333 4.14 -17.71 40.84
CA HIS A 2333 4.88 -18.84 40.31
C HIS A 2333 5.18 -18.62 38.83
N LEU A 2334 5.91 -19.57 38.24
CA LEU A 2334 6.28 -19.47 36.82
C LEU A 2334 5.09 -19.44 35.87
N ASP A 2335 3.94 -20.00 36.23
CA ASP A 2335 2.80 -19.98 35.34
C ASP A 2335 1.99 -18.69 35.43
N ASN A 2336 2.26 -17.85 36.42
CA ASN A 2336 1.56 -16.59 36.59
C ASN A 2336 2.34 -15.38 36.09
N VAL A 2337 3.57 -15.58 35.62
CA VAL A 2337 4.41 -14.50 35.12
C VAL A 2337 4.65 -14.74 33.64
N LEU A 2338 4.30 -13.75 32.81
CA LEU A 2338 4.47 -13.81 31.38
C LEU A 2338 5.49 -12.76 30.93
N ILE A 2339 6.10 -13.02 29.77
CA ILE A 2339 7.11 -12.12 29.22
C ILE A 2339 6.82 -11.90 27.74
N ASP A 2340 6.86 -10.64 27.32
CA ASP A 2340 6.63 -10.26 25.92
C ASP A 2340 7.99 -10.07 25.27
N MET A 2341 8.41 -11.02 24.45
CA MET A 2341 9.70 -10.93 23.79
C MET A 2341 9.78 -9.76 22.82
N THR A 2342 8.64 -9.33 22.28
CA THR A 2342 8.64 -8.22 21.33
C THR A 2342 9.12 -6.92 21.98
N THR A 2343 8.65 -6.61 23.19
CA THR A 2343 9.04 -5.39 23.88
C THR A 2343 9.87 -5.63 25.13
N GLY A 2344 9.81 -6.81 25.74
CA GLY A 2344 10.56 -7.08 26.94
C GLY A 2344 9.81 -6.86 28.23
N GLU A 2345 8.59 -6.35 28.17
CA GLU A 2345 7.79 -6.09 29.36
C GLU A 2345 7.22 -7.39 29.92
N VAL A 2346 6.91 -7.36 31.22
CA VAL A 2346 6.34 -8.50 31.92
C VAL A 2346 4.89 -8.16 32.27
N VAL A 2347 4.09 -9.20 32.48
CA VAL A 2347 2.67 -9.03 32.81
C VAL A 2347 2.21 -10.18 33.69
N HIS A 2348 1.42 -9.87 34.71
CA HIS A 2348 0.88 -10.85 35.64
C HIS A 2348 -0.58 -11.09 35.25
N ILE A 2349 -1.13 -12.24 35.63
CA ILE A 2349 -2.51 -12.59 35.30
C ILE A 2349 -3.37 -12.87 36.53
N ASP A 2350 -2.98 -13.86 37.33
CA ASP A 2350 -3.75 -14.22 38.52
C ASP A 2350 -3.60 -13.19 39.64
N TYR A 2351 -4.74 -12.78 40.21
CA TYR A 2351 -4.82 -11.80 41.29
C TYR A 2351 -5.75 -12.24 42.41
N ASN A 2352 -5.88 -13.55 42.65
CA ASN A 2352 -6.76 -14.03 43.71
C ASN A 2352 -6.06 -14.14 45.05
N VAL A 2353 -4.74 -13.96 45.08
CA VAL A 2353 -3.99 -14.07 46.33
C VAL A 2353 -3.44 -12.70 46.72
N CYS A 2354 -4.17 -11.64 46.37
CA CYS A 2354 -3.74 -10.29 46.68
C CYS A 2354 -4.08 -9.94 48.14
N PHE A 2355 -3.59 -8.77 48.56
CA PHE A 2355 -3.81 -8.24 49.92
C PHE A 2355 -3.26 -9.16 51.01
N GLU A 2356 -2.02 -9.61 50.81
CA GLU A 2356 -1.30 -10.48 51.74
C GLU A 2356 -2.04 -11.78 52.08
N LYS A 2357 -2.83 -12.33 51.16
CA LYS A 2357 -3.50 -13.57 51.49
C LYS A 2357 -2.56 -14.77 51.48
N GLY A 2358 -1.42 -14.67 50.79
CA GLY A 2358 -0.48 -15.76 50.75
C GLY A 2358 0.31 -15.97 52.01
N LYS A 2359 0.25 -15.01 52.94
CA LYS A 2359 0.97 -15.13 54.19
C LYS A 2359 0.31 -16.09 55.16
N SER A 2360 -0.98 -16.38 54.98
CA SER A 2360 -1.72 -17.28 55.85
C SER A 2360 -2.30 -18.41 54.99
N LEU A 2361 -1.48 -19.41 54.73
CA LEU A 2361 -1.84 -20.59 53.94
C LEU A 2361 -1.16 -21.79 54.56
N ARG A 2362 -1.32 -22.96 53.93
CA ARG A 2362 -0.69 -24.16 54.46
C ARG A 2362 0.82 -24.00 54.46
N VAL A 2363 1.37 -23.35 53.44
CA VAL A 2363 2.79 -23.09 53.28
C VAL A 2363 2.89 -21.58 53.11
N PRO A 2364 3.13 -20.83 54.18
CA PRO A 2364 3.22 -19.36 54.07
C PRO A 2364 4.37 -18.91 53.19
N GLU A 2365 4.20 -17.70 52.67
CA GLU A 2365 5.17 -17.05 51.79
C GLU A 2365 5.77 -15.86 52.54
N LYS A 2366 7.09 -15.70 52.46
CA LYS A 2366 7.78 -14.62 53.14
C LYS A 2366 8.48 -13.65 52.19
N VAL A 2367 8.24 -13.72 50.89
CA VAL A 2367 8.88 -12.82 49.94
C VAL A 2367 7.87 -11.81 49.42
N PRO A 2368 8.28 -10.55 49.20
CA PRO A 2368 7.34 -9.55 48.70
C PRO A 2368 7.08 -9.69 47.21
N PHE A 2369 8.07 -10.17 46.47
CA PHE A 2369 7.95 -10.36 45.03
C PHE A 2369 8.93 -11.46 44.62
N ARG A 2370 8.91 -11.81 43.34
CA ARG A 2370 9.79 -12.86 42.82
C ARG A 2370 11.09 -12.25 42.31
N MET A 2371 12.20 -12.64 42.94
CA MET A 2371 13.54 -12.18 42.59
C MET A 2371 14.48 -13.39 42.60
N THR A 2372 14.10 -14.43 41.89
CA THR A 2372 14.89 -15.66 41.82
C THR A 2372 16.15 -15.48 40.98
N GLN A 2373 16.85 -16.58 40.76
CA GLN A 2373 18.10 -16.61 39.99
C GLN A 2373 17.92 -16.15 38.55
N ASN A 2374 16.96 -16.74 37.83
CA ASN A 2374 16.74 -16.35 36.44
C ASN A 2374 16.22 -14.92 36.30
N ILE A 2375 15.44 -14.44 37.27
CA ILE A 2375 14.93 -13.08 37.19
C ILE A 2375 16.04 -12.06 37.36
N GLU A 2376 16.97 -12.30 38.28
CA GLU A 2376 18.08 -11.39 38.53
C GLU A 2376 19.15 -11.38 37.44
N THR A 2377 19.44 -12.54 36.82
CA THR A 2377 20.44 -12.59 35.77
C THR A 2377 20.03 -11.82 34.53
N ALA A 2378 18.74 -11.77 34.21
CA ALA A 2378 18.27 -11.06 33.03
C ALA A 2378 18.42 -9.55 33.15
N LEU A 2379 18.73 -9.03 34.34
CA LEU A 2379 18.90 -7.60 34.57
C LEU A 2379 20.30 -7.12 34.22
N GLY A 2380 21.22 -8.02 33.90
CA GLY A 2380 22.58 -7.64 33.55
C GLY A 2380 23.62 -8.15 34.54
N VAL A 2381 24.85 -7.68 34.39
CA VAL A 2381 25.94 -8.11 35.27
C VAL A 2381 25.80 -7.54 36.67
N THR A 2382 25.27 -6.32 36.81
CA THR A 2382 25.12 -5.73 38.14
C THR A 2382 23.91 -6.27 38.89
N GLY A 2383 22.93 -6.83 38.19
CA GLY A 2383 21.74 -7.37 38.84
C GLY A 2383 20.73 -6.33 39.25
N VAL A 2384 20.49 -6.21 40.56
CA VAL A 2384 19.53 -5.25 41.08
C VAL A 2384 20.22 -4.00 41.64
N GLU A 2385 21.48 -3.78 41.29
CA GLU A 2385 22.22 -2.62 41.78
C GLU A 2385 22.19 -1.41 40.86
N GLY A 2386 21.63 -1.52 39.66
CA GLY A 2386 21.60 -0.38 38.77
C GLY A 2386 20.26 0.25 38.44
N VAL A 2387 19.77 -0.04 37.23
CA VAL A 2387 18.49 0.49 36.76
C VAL A 2387 17.32 -0.03 37.58
N PHE A 2388 17.37 -1.28 38.04
CA PHE A 2388 16.27 -1.84 38.82
C PHE A 2388 16.05 -1.11 40.13
N ARG A 2389 17.10 -0.93 40.93
CA ARG A 2389 16.95 -0.23 42.21
C ARG A 2389 16.51 1.21 42.04
N LEU A 2390 17.12 1.94 41.10
CA LEU A 2390 16.73 3.33 40.88
C LEU A 2390 15.29 3.44 40.39
N SER A 2391 14.88 2.53 39.49
CA SER A 2391 13.51 2.56 39.00
C SER A 2391 12.55 2.29 40.14
N CYS A 2392 12.91 1.34 41.01
CA CYS A 2392 12.06 1.01 42.16
C CYS A 2392 11.90 2.23 43.05
N GLU A 2393 12.99 2.94 43.30
CA GLU A 2393 12.94 4.13 44.14
C GLU A 2393 12.05 5.19 43.52
N GLN A 2394 12.17 5.39 42.20
CA GLN A 2394 11.34 6.38 41.52
C GLN A 2394 9.86 6.03 41.64
N VAL A 2395 9.54 4.75 41.45
CA VAL A 2395 8.15 4.29 41.53
C VAL A 2395 7.62 4.53 42.94
N LEU A 2396 8.41 4.18 43.96
CA LEU A 2396 7.94 4.39 45.33
C LEU A 2396 7.76 5.87 45.61
N HIS A 2397 8.62 6.72 45.06
CA HIS A 2397 8.48 8.16 45.28
C HIS A 2397 7.17 8.66 44.71
N ILE A 2398 6.85 8.24 43.48
CA ILE A 2398 5.60 8.67 42.86
C ILE A 2398 4.39 8.17 43.65
N MET A 2399 4.42 6.91 44.09
CA MET A 2399 3.31 6.37 44.86
C MET A 2399 3.16 7.08 46.19
N ARG A 2400 4.27 7.35 46.88
CA ARG A 2400 4.19 8.03 48.16
C ARG A 2400 3.64 9.44 47.98
N ARG A 2401 3.94 10.08 46.85
CA ARG A 2401 3.43 11.42 46.62
C ARG A 2401 1.94 11.42 46.28
N GLY A 2402 1.48 10.44 45.51
CA GLY A 2402 0.09 10.36 45.15
C GLY A 2402 -0.77 9.38 45.92
N ARG A 2403 -0.31 8.97 47.10
CA ARG A 2403 -1.04 8.01 47.92
C ARG A 2403 -2.43 8.49 48.34
N GLU A 2404 -2.70 9.80 48.33
CA GLU A 2404 -4.02 10.27 48.72
C GLU A 2404 -5.10 9.69 47.81
N THR A 2405 -4.88 9.77 46.49
CA THR A 2405 -5.85 9.25 45.54
C THR A 2405 -5.99 7.73 45.66
N LEU A 2406 -4.87 7.02 45.86
CA LEU A 2406 -4.93 5.57 46.00
C LEU A 2406 -5.73 5.17 47.23
N LEU A 2407 -5.52 5.85 48.36
CA LEU A 2407 -6.26 5.54 49.57
C LEU A 2407 -7.73 5.87 49.39
N THR A 2408 -8.03 6.97 48.70
CA THR A 2408 -9.43 7.34 48.49
C THR A 2408 -10.13 6.28 47.65
N LEU A 2409 -9.46 5.78 46.61
CA LEU A 2409 -10.04 4.75 45.76
C LEU A 2409 -10.21 3.44 46.54
N LEU A 2410 -9.23 3.12 47.38
CA LEU A 2410 -9.32 1.90 48.18
C LEU A 2410 -10.50 1.97 49.13
N GLU A 2411 -10.73 3.15 49.73
CA GLU A 2411 -11.85 3.29 50.64
C GLU A 2411 -13.16 3.02 49.92
N ALA A 2412 -13.28 3.50 48.68
CA ALA A 2412 -14.50 3.27 47.90
C ALA A 2412 -14.64 1.79 47.61
N PHE A 2413 -13.52 1.11 47.33
CA PHE A 2413 -13.56 -0.32 47.05
C PHE A 2413 -14.04 -1.09 48.26
N VAL A 2414 -13.61 -0.68 49.45
CA VAL A 2414 -14.01 -1.35 50.69
C VAL A 2414 -15.52 -1.26 50.88
N TYR A 2415 -16.07 -0.05 50.77
CA TYR A 2415 -17.50 0.18 50.95
C TYR A 2415 -18.22 0.02 49.60
N ASP A 2416 -18.24 -1.23 49.13
CA ASP A 2416 -18.88 -1.57 47.86
C ASP A 2416 -19.76 -2.79 48.10
N PRO A 2417 -21.08 -2.68 47.86
CA PRO A 2417 -21.95 -3.84 48.08
C PRO A 2417 -21.75 -4.96 47.06
N LEU A 2418 -21.09 -4.70 45.93
CA LEU A 2418 -20.87 -5.71 44.90
C LEU A 2418 -19.51 -6.40 45.05
N VAL A 2419 -18.77 -6.09 46.10
CA VAL A 2419 -17.46 -6.69 46.33
C VAL A 2419 -17.55 -7.62 47.53
N ASP A 2420 -17.25 -8.89 47.33
CA ASP A 2420 -17.30 -9.90 48.39
C ASP A 2420 -15.89 -10.06 48.94
N TRP A 2421 -15.62 -9.40 50.08
CA TRP A 2421 -14.29 -9.49 50.69
C TRP A 2421 -14.09 -10.86 51.34
N THR A 2422 -15.14 -11.41 51.94
CA THR A 2422 -15.05 -12.71 52.59
C THR A 2422 -15.18 -13.85 51.58
N SER A 3603 -14.06 -7.15 60.23
CA SER A 3603 -13.54 -5.95 59.58
C SER A 3603 -12.27 -6.26 58.79
N TYR A 3604 -12.36 -7.23 57.88
CA TYR A 3604 -11.24 -7.64 57.05
C TYR A 3604 -10.81 -6.55 56.08
N ALA A 3605 -11.79 -5.87 55.46
CA ALA A 3605 -11.48 -4.81 54.51
C ALA A 3605 -10.78 -3.65 55.21
N VAL A 3606 -11.21 -3.33 56.44
CA VAL A 3606 -10.58 -2.24 57.17
C VAL A 3606 -9.12 -2.58 57.44
N SER A 3607 -8.85 -3.84 57.79
CA SER A 3607 -7.48 -4.26 58.05
C SER A 3607 -6.65 -4.16 56.79
N VAL A 3608 -7.23 -4.55 55.65
CA VAL A 3608 -6.50 -4.49 54.38
C VAL A 3608 -6.16 -3.03 54.05
N TRP A 3609 -7.13 -2.13 54.22
CA TRP A 3609 -6.91 -0.72 53.95
C TRP A 3609 -5.82 -0.15 54.85
N LYS A 3610 -5.85 -0.53 56.14
CA LYS A 3610 -4.84 -0.04 57.07
C LYS A 3610 -3.47 -0.54 56.69
N ARG A 3611 -3.37 -1.81 56.26
CA ARG A 3611 -2.08 -2.37 55.86
C ARG A 3611 -1.52 -1.61 54.66
N VAL A 3612 -2.38 -1.35 53.66
CA VAL A 3612 -1.93 -0.64 52.47
C VAL A 3612 -1.48 0.78 52.85
N LYS A 3613 -2.24 1.43 53.73
CA LYS A 3613 -1.89 2.79 54.15
C LYS A 3613 -0.54 2.79 54.86
N ALA A 3614 -0.31 1.80 55.73
CA ALA A 3614 0.96 1.73 56.46
C ALA A 3614 2.11 1.52 55.49
N LYS A 3615 1.92 0.66 54.48
CA LYS A 3615 2.99 0.43 53.51
C LYS A 3615 3.27 1.70 52.70
N LEU A 3616 2.23 2.43 52.32
CA LEU A 3616 2.43 3.65 51.53
C LEU A 3616 3.05 4.75 52.37
N GLU A 3617 2.81 4.76 53.69
CA GLU A 3617 3.39 5.79 54.54
C GLU A 3617 4.79 5.48 55.01
N GLY A 3618 5.36 4.34 54.61
CA GLY A 3618 6.69 3.95 55.00
C GLY A 3618 6.77 3.23 56.33
N ARG A 3619 5.66 3.13 57.05
CA ARG A 3619 5.60 2.46 58.35
C ARG A 3619 5.18 1.00 58.20
N ASP A 3620 5.88 0.27 57.33
CA ASP A 3620 5.55 -1.14 57.11
C ASP A 3620 5.90 -1.99 58.33
N VAL A 3621 7.18 -2.05 58.68
CA VAL A 3621 7.63 -2.84 59.83
C VAL A 3621 8.45 -1.93 60.74
N ASP A 3622 7.77 -1.26 61.67
CA ASP A 3622 8.38 -0.34 62.61
C ASP A 3622 7.35 0.11 63.63
N PRO A 3623 7.72 0.27 64.90
CA PRO A 3623 6.74 0.71 65.90
C PRO A 3623 6.33 2.16 65.66
N ASN A 3624 7.33 3.04 65.58
CA ASN A 3624 7.09 4.47 65.36
C ASN A 3624 8.11 5.10 64.42
N ARG A 3625 9.02 4.31 63.85
CA ARG A 3625 10.04 4.85 62.95
C ARG A 3625 9.51 4.86 61.52
N ARG A 3626 9.71 5.96 60.82
CA ARG A 3626 9.27 6.12 59.44
C ARG A 3626 10.48 6.00 58.53
N MET A 3627 10.55 4.91 57.77
CA MET A 3627 11.66 4.68 56.87
C MET A 3627 11.59 5.60 55.65
N SER A 3628 12.67 5.59 54.88
CA SER A 3628 12.81 6.38 53.67
C SER A 3628 12.60 5.47 52.45
N VAL A 3629 12.50 6.11 51.29
CA VAL A 3629 12.30 5.34 50.07
C VAL A 3629 13.48 4.42 49.80
N ALA A 3630 14.71 4.93 49.93
CA ALA A 3630 15.88 4.10 49.70
C ALA A 3630 15.95 2.96 50.69
N GLU A 3631 15.71 3.25 51.98
CA GLU A 3631 15.75 2.20 52.99
C GLU A 3631 14.66 1.16 52.76
N GLN A 3632 13.46 1.61 52.38
CA GLN A 3632 12.37 0.66 52.13
C GLN A 3632 12.71 -0.24 50.95
N VAL A 3633 13.27 0.34 49.88
CA VAL A 3633 13.62 -0.45 48.71
C VAL A 3633 14.69 -1.47 49.08
N ASP A 3634 15.69 -1.04 49.85
CA ASP A 3634 16.76 -1.95 50.27
C ASP A 3634 16.23 -3.08 51.13
N TYR A 3635 15.33 -2.75 52.08
CA TYR A 3635 14.78 -3.77 52.94
C TYR A 3635 13.95 -4.79 52.17
N VAL A 3636 13.11 -4.31 51.24
CA VAL A 3636 12.29 -5.22 50.46
C VAL A 3636 13.16 -6.11 49.57
N ILE A 3637 14.20 -5.53 48.93
CA ILE A 3637 15.07 -6.31 48.07
C ILE A 3637 15.80 -7.36 48.89
N LYS A 3638 16.31 -7.00 50.06
CA LYS A 3638 17.02 -7.95 50.90
C LYS A 3638 16.10 -9.07 51.36
N GLU A 3639 14.86 -8.74 51.72
CA GLU A 3639 13.93 -9.77 52.16
C GLU A 3639 13.49 -10.67 51.01
N ALA A 3640 13.53 -10.16 49.79
CA ALA A 3640 13.13 -10.94 48.62
C ALA A 3640 14.28 -11.67 47.95
N THR A 3641 15.52 -11.44 48.36
CA THR A 3641 16.66 -12.11 47.73
C THR A 3641 17.44 -13.00 48.68
N ASN A 3642 17.01 -13.14 49.93
CA ASN A 3642 17.72 -13.99 50.88
C ASN A 3642 17.31 -15.45 50.74
N LEU A 3643 18.30 -16.34 50.86
CA LEU A 3643 18.07 -17.78 50.75
C LEU A 3643 17.28 -18.36 51.91
N ASP A 3644 17.29 -17.71 53.07
CA ASP A 3644 16.55 -18.23 54.22
C ASP A 3644 15.05 -18.25 53.98
N ASN A 3645 14.52 -17.31 53.21
CA ASN A 3645 13.10 -17.26 52.91
C ASN A 3645 12.71 -18.08 51.70
N LEU A 3646 13.58 -18.16 50.68
CA LEU A 3646 13.29 -18.92 49.49
C LEU A 3646 13.37 -20.43 49.70
N ALA A 3647 14.08 -20.88 50.73
CA ALA A 3647 14.20 -22.32 50.99
C ALA A 3647 12.92 -22.89 51.60
N GLN A 3648 12.29 -22.16 52.51
CA GLN A 3648 11.06 -22.64 53.16
C GLN A 3648 9.83 -22.12 52.42
N LEU A 3649 9.76 -22.44 51.13
CA LEU A 3649 8.66 -22.05 50.27
C LEU A 3649 8.09 -23.30 49.60
N TYR A 3650 6.87 -23.16 49.08
CA TYR A 3650 6.20 -24.25 48.40
C TYR A 3650 7.01 -24.72 47.21
N GLU A 3651 7.08 -26.04 47.02
CA GLU A 3651 7.81 -26.63 45.91
C GLU A 3651 7.22 -26.30 44.55
N GLY A 3652 5.95 -25.91 44.50
CA GLY A 3652 5.31 -25.58 43.24
C GLY A 3652 5.73 -24.20 42.77
N TRP A 3653 6.31 -23.42 43.69
CA TRP A 3653 6.77 -22.08 43.38
C TRP A 3653 8.06 -22.10 42.57
N THR A 3654 8.84 -23.17 42.68
CA THR A 3654 10.11 -23.35 41.97
C THR A 3654 11.08 -22.20 42.24
N ALA A 3655 11.49 -22.10 43.50
CA ALA A 3655 12.41 -21.06 43.92
C ALA A 3655 13.82 -21.24 43.37
N TRP A 3656 14.16 -22.41 42.83
CA TRP A 3656 15.49 -22.66 42.27
C TRP A 3656 15.61 -22.22 40.82
N VAL A 3657 14.53 -21.73 40.23
CA VAL A 3657 14.55 -21.28 38.85
C VAL A 3657 13.74 -19.99 38.72
N PRO B 4 -29.35 -12.61 -42.80
CA PRO B 4 -28.37 -13.51 -42.15
C PRO B 4 -29.04 -14.70 -41.47
N VAL B 5 -29.12 -15.83 -42.18
CA VAL B 5 -29.73 -17.04 -41.66
C VAL B 5 -28.80 -18.22 -41.94
N SER B 6 -29.05 -19.32 -41.24
CA SER B 6 -28.24 -20.52 -41.41
C SER B 6 -28.43 -21.08 -42.82
N LEU B 7 -27.38 -21.74 -43.31
CA LEU B 7 -27.43 -22.33 -44.64
C LEU B 7 -28.50 -23.40 -44.75
N ARG B 8 -28.71 -24.19 -43.69
CA ARG B 8 -29.73 -25.23 -43.74
C ARG B 8 -31.14 -24.63 -43.77
N ASP B 9 -31.32 -23.50 -43.10
CA ASP B 9 -32.62 -22.82 -43.06
C ASP B 9 -32.90 -21.99 -44.31
N LEU B 10 -31.94 -21.88 -45.22
CA LEU B 10 -32.11 -21.11 -46.44
C LEU B 10 -32.34 -21.98 -47.67
N LEU B 11 -31.81 -23.20 -47.69
CA LEU B 11 -32.01 -24.08 -48.84
C LEU B 11 -33.41 -24.65 -48.86
N MET B 12 -34.04 -24.79 -47.69
CA MET B 12 -35.40 -25.34 -47.63
C MET B 12 -36.39 -24.43 -48.34
N GLY B 13 -36.26 -23.13 -48.14
CA GLY B 13 -37.15 -22.16 -48.77
C GLY B 13 -36.78 -21.86 -50.21
N GLU B 39 -37.54 -15.41 -52.24
CA GLU B 39 -36.90 -16.02 -53.41
C GLU B 39 -37.48 -15.55 -54.75
N PRO B 40 -38.81 -15.51 -54.91
CA PRO B 40 -39.39 -15.06 -56.18
C PRO B 40 -38.92 -13.67 -56.60
N PRO B 41 -38.79 -12.70 -55.68
CA PRO B 41 -38.33 -11.37 -56.12
C PRO B 41 -36.93 -11.36 -56.71
N TRP B 42 -36.08 -12.33 -56.38
CA TRP B 42 -34.72 -12.36 -56.92
C TRP B 42 -34.32 -13.75 -57.39
N ARG B 43 -35.29 -14.55 -57.85
CA ARG B 43 -34.99 -15.90 -58.30
C ARG B 43 -34.07 -15.91 -59.52
N GLU B 44 -34.30 -15.03 -60.48
CA GLU B 44 -33.50 -14.94 -61.70
C GLU B 44 -32.54 -13.76 -61.53
N ASP B 45 -31.37 -14.03 -60.96
CA ASP B 45 -30.37 -12.99 -60.73
C ASP B 45 -28.99 -13.63 -60.70
N GLU B 46 -28.06 -13.09 -61.49
CA GLU B 46 -26.70 -13.61 -61.53
C GLU B 46 -25.99 -13.24 -60.23
N ILE B 47 -25.63 -14.24 -59.44
CA ILE B 47 -24.95 -14.00 -58.17
C ILE B 47 -23.57 -14.64 -58.17
N CYS B 48 -22.73 -14.17 -57.26
CA CYS B 48 -21.36 -14.64 -57.09
C CYS B 48 -21.22 -15.08 -55.63
N VAL B 49 -20.83 -16.33 -55.42
CA VAL B 49 -20.69 -16.85 -54.07
C VAL B 49 -19.27 -16.64 -53.57
N VAL B 50 -19.17 -16.17 -52.32
CA VAL B 50 -17.89 -15.90 -51.67
C VAL B 50 -17.89 -16.61 -50.31
N GLY B 51 -16.86 -17.40 -50.05
CA GLY B 51 -16.75 -18.13 -48.80
C GLY B 51 -15.71 -17.51 -47.86
N ILE B 52 -15.93 -17.70 -46.56
CA ILE B 52 -15.03 -17.17 -45.53
C ILE B 52 -14.76 -18.26 -44.51
N PHE B 53 -13.49 -18.43 -44.14
CA PHE B 53 -13.07 -19.42 -43.17
C PHE B 53 -11.70 -19.03 -42.64
N GLY B 54 -11.30 -19.63 -41.51
CA GLY B 54 -10.03 -19.37 -40.87
C GLY B 54 -10.15 -19.42 -39.37
N LYS B 55 -9.08 -19.00 -38.71
CA LYS B 55 -9.00 -18.97 -37.25
C LYS B 55 -9.32 -17.58 -36.72
N THR B 56 -9.96 -17.54 -35.57
CA THR B 56 -10.34 -16.29 -34.93
C THR B 56 -10.02 -16.37 -33.44
N ALA B 57 -9.48 -15.28 -32.90
CA ALA B 57 -9.12 -15.22 -31.49
C ALA B 57 -10.35 -14.99 -30.63
N LEU B 58 -10.19 -15.20 -29.32
CA LEU B 58 -11.28 -15.02 -28.35
C LEU B 58 -11.53 -13.53 -28.15
N ARG B 59 -12.31 -12.96 -29.06
CA ARG B 59 -12.66 -11.55 -29.04
C ARG B 59 -14.18 -11.41 -28.97
N LEU B 60 -14.63 -10.22 -28.59
CA LEU B 60 -16.07 -9.96 -28.50
C LEU B 60 -16.74 -9.99 -29.86
N ASN B 61 -16.10 -9.42 -30.88
CA ASN B 61 -16.63 -9.38 -32.23
C ASN B 61 -15.69 -10.16 -33.14
N SER B 62 -16.22 -11.19 -33.79
CA SER B 62 -15.41 -12.01 -34.69
C SER B 62 -14.99 -11.19 -35.90
N GLU B 63 -13.79 -11.47 -36.40
CA GLU B 63 -13.27 -10.77 -37.56
C GLU B 63 -14.04 -11.09 -38.84
N LYS B 64 -14.70 -12.25 -38.90
CA LYS B 64 -15.45 -12.62 -40.09
C LYS B 64 -16.69 -11.75 -40.26
N PHE B 65 -17.37 -11.41 -39.17
CA PHE B 65 -18.56 -10.57 -39.26
C PHE B 65 -18.19 -9.15 -39.69
N SER B 66 -17.05 -8.64 -39.18
CA SER B 66 -16.62 -7.30 -39.55
C SER B 66 -16.35 -7.19 -41.04
N LEU B 67 -15.80 -8.25 -41.64
CA LEU B 67 -15.51 -8.22 -43.07
C LEU B 67 -16.79 -8.00 -43.87
N VAL B 68 -17.84 -8.78 -43.55
CA VAL B 68 -19.11 -8.65 -44.25
C VAL B 68 -19.73 -7.29 -43.97
N ASN B 69 -19.61 -6.80 -42.74
CA ASN B 69 -20.19 -5.50 -42.42
C ASN B 69 -19.51 -4.36 -43.19
N THR B 70 -18.19 -4.43 -43.35
CA THR B 70 -17.49 -3.38 -44.08
C THR B 70 -17.67 -3.48 -45.60
N VAL B 71 -17.70 -4.70 -46.15
CA VAL B 71 -17.86 -4.81 -47.60
C VAL B 71 -19.27 -4.39 -48.03
N CYS B 72 -20.28 -4.69 -47.24
CA CYS B 72 -21.66 -4.33 -47.57
C CYS B 72 -22.02 -2.92 -47.15
N ASP B 73 -21.14 -2.23 -46.41
CA ASP B 73 -21.32 -0.87 -45.91
C ASP B 73 -22.48 -0.73 -44.94
N ARG B 74 -23.08 -1.82 -44.49
CA ARG B 74 -24.19 -1.77 -43.55
C ARG B 74 -23.96 -2.79 -42.45
N GLN B 75 -24.61 -2.54 -41.30
CA GLN B 75 -24.49 -3.42 -40.13
C GLN B 75 -25.31 -4.68 -40.35
N VAL B 76 -24.76 -5.59 -41.16
CA VAL B 76 -25.45 -6.85 -41.45
C VAL B 76 -25.55 -7.67 -40.18
N PHE B 77 -24.46 -7.75 -39.42
CA PHE B 77 -24.43 -8.49 -38.18
C PHE B 77 -24.46 -7.50 -37.03
N PRO B 78 -25.56 -7.38 -36.30
CA PRO B 78 -25.61 -6.42 -35.20
C PRO B 78 -24.72 -6.81 -34.04
N LEU B 79 -24.25 -5.79 -33.32
CA LEU B 79 -23.38 -5.99 -32.18
C LEU B 79 -24.21 -6.39 -30.96
N PHE B 80 -23.56 -7.05 -30.00
CA PHE B 80 -24.20 -7.51 -28.77
C PHE B 80 -25.35 -8.46 -29.08
N ARG B 81 -25.06 -9.46 -29.90
CA ARG B 81 -26.05 -10.46 -30.29
C ARG B 81 -25.49 -11.87 -30.17
N GLN B 133 -22.97 -31.54 -29.25
CA GLN B 133 -22.52 -32.64 -30.10
C GLN B 133 -21.72 -32.11 -31.29
N ASP B 134 -22.31 -31.14 -31.99
CA ASP B 134 -21.69 -30.53 -33.16
C ASP B 134 -21.36 -29.07 -32.85
N TYR B 135 -20.12 -28.68 -33.15
CA TYR B 135 -19.65 -27.32 -32.91
C TYR B 135 -19.21 -26.66 -34.22
N SER B 136 -20.01 -26.84 -35.26
CA SER B 136 -19.75 -26.29 -36.58
C SER B 136 -21.03 -25.63 -37.09
N LEU B 137 -20.88 -24.55 -37.83
CA LEU B 137 -22.06 -23.87 -38.34
C LEU B 137 -21.72 -23.15 -39.64
N LEU B 138 -22.71 -23.08 -40.54
CA LEU B 138 -22.59 -22.43 -41.83
C LEU B 138 -23.71 -21.42 -41.95
N GLN B 139 -23.37 -20.17 -42.21
CA GLN B 139 -24.34 -19.09 -42.35
C GLN B 139 -24.28 -18.52 -43.77
N ALA B 140 -25.37 -17.89 -44.16
CA ALA B 140 -25.46 -17.29 -45.50
C ALA B 140 -26.12 -15.93 -45.43
N TYR B 141 -25.83 -15.11 -46.43
CA TYR B 141 -26.38 -13.77 -46.53
C TYR B 141 -26.28 -13.32 -47.99
N TYR B 142 -27.35 -12.75 -48.51
CA TYR B 142 -27.40 -12.28 -49.89
C TYR B 142 -27.56 -10.77 -49.90
N SER B 143 -26.74 -10.09 -50.69
CA SER B 143 -26.76 -8.64 -50.83
C SER B 143 -27.28 -8.33 -52.23
N GLN B 144 -28.48 -7.75 -52.31
CA GLN B 144 -29.05 -7.42 -53.60
C GLN B 144 -28.32 -6.27 -54.29
N GLU B 145 -27.79 -5.31 -53.52
CA GLU B 145 -27.09 -4.18 -54.13
C GLU B 145 -25.82 -4.61 -54.85
N SER B 146 -25.21 -5.73 -54.46
CA SER B 146 -24.00 -6.20 -55.10
C SER B 146 -24.13 -7.56 -55.78
N LYS B 147 -25.26 -8.25 -55.61
CA LYS B 147 -25.49 -9.57 -56.22
C LYS B 147 -24.38 -10.56 -55.86
N VAL B 148 -24.03 -10.57 -54.58
CA VAL B 148 -22.98 -11.45 -54.06
C VAL B 148 -23.52 -12.22 -52.86
N LEU B 149 -23.32 -13.53 -52.85
CA LEU B 149 -23.78 -14.39 -51.77
C LEU B 149 -22.58 -14.70 -50.88
N TYR B 150 -22.70 -14.42 -49.59
CA TYR B 150 -21.64 -14.65 -48.63
C TYR B 150 -21.94 -15.87 -47.77
N LEU B 151 -20.94 -16.72 -47.57
CA LEU B 151 -21.04 -17.93 -46.78
C LEU B 151 -19.96 -17.90 -45.71
N LEU B 152 -20.35 -18.04 -44.45
CA LEU B 152 -19.42 -18.03 -43.34
C LEU B 152 -19.36 -19.39 -42.68
N LEU B 153 -18.15 -19.76 -42.24
CA LEU B 153 -17.94 -21.05 -41.59
C LEU B 153 -17.27 -20.85 -40.24
N THR B 154 -17.90 -21.40 -39.20
CA THR B 154 -17.41 -21.34 -37.83
C THR B 154 -17.27 -22.76 -37.32
N SER B 155 -16.10 -23.08 -36.76
CA SER B 155 -15.85 -24.43 -36.26
C SER B 155 -14.95 -24.32 -35.03
N ILE B 156 -14.34 -25.44 -34.64
CA ILE B 156 -13.46 -25.48 -33.49
C ILE B 156 -12.26 -24.53 -33.62
N CYS B 157 -11.83 -24.24 -34.85
CA CYS B 157 -10.69 -23.33 -35.03
C CYS B 157 -10.98 -21.95 -34.47
N ASP B 158 -12.27 -21.60 -34.32
CA ASP B 158 -12.65 -20.31 -33.79
C ASP B 158 -12.79 -20.45 -32.28
N ASN B 159 -12.22 -19.51 -31.53
CA ASN B 159 -12.27 -19.57 -30.08
C ASN B 159 -13.70 -19.52 -29.56
N SER B 160 -14.65 -19.03 -30.37
CA SER B 160 -16.04 -18.96 -29.92
C SER B 160 -16.60 -20.36 -29.67
N GLN B 161 -16.37 -21.29 -30.61
CA GLN B 161 -16.87 -22.65 -30.45
C GLN B 161 -16.00 -23.47 -29.50
N LEU B 162 -14.69 -23.21 -29.47
CA LEU B 162 -13.81 -23.96 -28.59
C LEU B 162 -14.16 -23.69 -27.14
N LEU B 163 -14.56 -22.46 -26.82
CA LEU B 163 -14.92 -22.14 -25.44
C LEU B 163 -16.14 -22.96 -25.02
N ARG B 164 -17.12 -23.08 -25.92
CA ARG B 164 -18.31 -23.86 -25.61
C ARG B 164 -17.95 -25.33 -25.46
N ALA B 165 -17.08 -25.84 -26.32
CA ALA B 165 -16.67 -27.23 -26.23
C ALA B 165 -15.98 -27.51 -24.90
N CYS B 166 -15.07 -26.63 -24.48
CA CYS B 166 -14.38 -26.82 -23.21
C CYS B 166 -15.35 -26.73 -22.06
N ARG B 167 -16.31 -25.80 -22.14
CA ARG B 167 -17.29 -25.65 -21.08
C ARG B 167 -18.13 -26.92 -20.95
N ALA B 168 -18.51 -27.52 -22.08
CA ALA B 168 -19.30 -28.73 -22.04
C ALA B 168 -18.49 -29.90 -21.51
N LEU B 169 -17.19 -29.95 -21.86
CA LEU B 169 -16.34 -31.04 -21.38
C LEU B 169 -16.08 -30.91 -19.89
N GLN B 170 -16.08 -29.68 -19.36
CA GLN B 170 -15.85 -29.49 -17.94
C GLN B 170 -16.96 -30.12 -17.10
N SER B 171 -18.20 -29.99 -17.54
CA SER B 171 -19.34 -30.57 -16.81
C SER B 171 -19.68 -31.97 -17.30
N GLY B 172 -19.97 -32.11 -18.59
CA GLY B 172 -20.30 -33.40 -19.16
C GLY B 172 -21.43 -33.34 -20.17
N PRO B 181 -11.82 -39.68 -19.27
CA PRO B 181 -10.99 -40.73 -19.87
C PRO B 181 -10.06 -40.18 -20.95
N HIS B 182 -8.79 -40.61 -20.91
CA HIS B 182 -7.81 -40.15 -21.89
C HIS B 182 -8.13 -40.58 -23.30
N ALA B 183 -8.91 -41.65 -23.48
CA ALA B 183 -9.27 -42.14 -24.81
C ALA B 183 -10.53 -41.49 -25.37
N GLU B 184 -11.46 -41.09 -24.51
CA GLU B 184 -12.70 -40.46 -24.99
C GLU B 184 -12.44 -39.06 -25.51
N ALA B 185 -11.61 -38.28 -24.82
CA ALA B 185 -11.31 -36.92 -25.26
C ALA B 185 -10.63 -36.92 -26.63
N HIS B 186 -9.70 -37.86 -26.84
CA HIS B 186 -9.01 -37.94 -28.12
C HIS B 186 -10.01 -38.16 -29.24
N GLU B 187 -10.95 -39.09 -29.04
CA GLU B 187 -11.96 -39.37 -30.06
C GLU B 187 -12.86 -38.16 -30.27
N PHE B 188 -13.19 -37.44 -29.20
CA PHE B 188 -14.05 -36.27 -29.32
C PHE B 188 -13.38 -35.21 -30.19
N TRP B 189 -12.11 -34.92 -29.91
CA TRP B 189 -11.39 -33.91 -30.70
C TRP B 189 -11.25 -34.38 -32.14
N LYS B 190 -11.00 -35.68 -32.35
CA LYS B 190 -10.86 -36.21 -33.70
C LYS B 190 -12.16 -36.05 -34.47
N HIS B 191 -13.29 -36.30 -33.81
CA HIS B 191 -14.58 -36.16 -34.46
C HIS B 191 -14.81 -34.70 -34.84
N GLN B 192 -14.46 -33.77 -33.95
CA GLN B 192 -14.64 -32.36 -34.27
C GLN B 192 -13.79 -31.98 -35.49
N GLU B 193 -12.55 -32.47 -35.54
CA GLU B 193 -11.68 -32.17 -36.66
C GLU B 193 -12.28 -32.72 -37.95
N LYS B 194 -12.82 -33.94 -37.90
CA LYS B 194 -13.42 -34.53 -39.10
C LYS B 194 -14.62 -33.73 -39.57
N LEU B 195 -15.45 -33.25 -38.63
CA LEU B 195 -16.61 -32.45 -39.02
C LEU B 195 -16.15 -31.17 -39.70
N GLN B 196 -15.12 -30.52 -39.14
CA GLN B 196 -14.61 -29.30 -39.73
C GLN B 196 -14.08 -29.57 -41.13
N CYS B 197 -13.38 -30.70 -41.30
CA CYS B 197 -12.83 -31.04 -42.60
C CYS B 197 -13.95 -31.24 -43.62
N LEU B 198 -15.02 -31.92 -43.22
CA LEU B 198 -16.14 -32.13 -44.14
C LEU B 198 -16.77 -30.81 -44.54
N SER B 199 -16.96 -29.91 -43.57
CA SER B 199 -17.55 -28.62 -43.89
C SER B 199 -16.66 -27.84 -44.84
N LEU B 200 -15.34 -27.87 -44.61
CA LEU B 200 -14.42 -27.16 -45.48
C LEU B 200 -14.47 -27.74 -46.88
N LEU B 201 -14.60 -29.07 -46.99
CA LEU B 201 -14.68 -29.71 -48.29
C LEU B 201 -15.92 -29.24 -49.03
N TYR B 202 -17.04 -29.12 -48.32
CA TYR B 202 -18.27 -28.67 -48.96
C TYR B 202 -18.17 -27.22 -49.40
N LEU B 203 -17.49 -26.39 -48.61
CA LEU B 203 -17.35 -24.97 -48.94
C LEU B 203 -16.56 -24.76 -50.23
N PHE B 204 -15.55 -25.60 -50.49
CA PHE B 204 -14.75 -25.45 -51.70
C PHE B 204 -15.48 -25.92 -52.96
N SER B 205 -16.65 -26.55 -52.81
CA SER B 205 -17.36 -27.02 -53.99
C SER B 205 -18.50 -26.08 -54.42
N VAL B 206 -18.91 -25.15 -53.55
CA VAL B 206 -19.99 -24.25 -53.91
C VAL B 206 -19.59 -22.78 -53.80
N CYS B 207 -18.33 -22.45 -54.06
CA CYS B 207 -17.90 -21.06 -53.97
C CYS B 207 -16.98 -20.68 -55.13
N HIS B 208 -16.98 -19.38 -55.44
CA HIS B 208 -16.16 -18.80 -56.50
C HIS B 208 -14.87 -18.21 -55.96
N ILE B 209 -14.95 -17.51 -54.82
CA ILE B 209 -13.83 -16.87 -54.18
C ILE B 209 -13.86 -17.24 -52.70
N LEU B 210 -12.71 -17.66 -52.17
CA LEU B 210 -12.61 -18.03 -50.78
C LEU B 210 -11.60 -17.14 -50.09
N LEU B 211 -11.91 -16.75 -48.85
CA LEU B 211 -11.05 -15.89 -48.06
C LEU B 211 -10.57 -16.61 -46.81
N LEU B 212 -9.30 -16.43 -46.48
CA LEU B 212 -8.68 -17.04 -45.31
C LEU B 212 -8.24 -15.92 -44.38
N VAL B 213 -8.71 -15.95 -43.14
CA VAL B 213 -8.36 -14.93 -42.16
C VAL B 213 -7.43 -15.54 -41.12
N HIS B 214 -6.59 -14.69 -40.54
CA HIS B 214 -5.63 -15.10 -39.53
C HIS B 214 -5.40 -13.93 -38.58
N PRO B 215 -5.25 -14.19 -37.28
CA PRO B 215 -5.03 -13.09 -36.31
C PRO B 215 -3.66 -12.44 -36.35
N THR B 216 -2.67 -12.99 -37.06
CA THR B 216 -1.34 -12.39 -37.13
C THR B 216 -0.85 -12.41 -38.57
N CYS B 217 0.21 -11.65 -38.84
CA CYS B 217 0.79 -11.57 -40.17
C CYS B 217 1.57 -12.81 -40.55
N SER B 218 2.11 -13.54 -39.57
CA SER B 218 2.87 -14.74 -39.87
C SER B 218 1.97 -15.80 -40.49
N PHE B 219 2.48 -16.45 -41.54
CA PHE B 219 1.73 -17.49 -42.23
C PHE B 219 1.84 -18.80 -41.47
N ASP B 220 0.72 -19.50 -41.34
CA ASP B 220 0.69 -20.79 -40.64
C ASP B 220 0.98 -21.87 -41.69
N ILE B 221 1.99 -22.70 -41.42
CA ILE B 221 2.35 -23.77 -42.36
C ILE B 221 1.50 -25.01 -42.23
N THR B 222 0.64 -25.09 -41.21
CA THR B 222 -0.20 -26.28 -41.07
C THR B 222 -1.22 -26.36 -42.20
N TYR B 223 -1.53 -25.21 -42.81
CA TYR B 223 -2.49 -25.20 -43.91
C TYR B 223 -1.98 -26.01 -45.09
N ASP B 224 -0.65 -26.13 -45.23
CA ASP B 224 -0.11 -26.91 -46.32
C ASP B 224 -0.54 -28.36 -46.20
N ARG B 225 -0.50 -28.91 -44.99
CA ARG B 225 -0.91 -30.29 -44.75
C ARG B 225 -2.42 -30.41 -44.82
N VAL B 226 -3.14 -29.40 -44.31
CA VAL B 226 -4.60 -29.44 -44.33
C VAL B 226 -5.10 -29.50 -45.78
N PHE B 227 -4.52 -28.67 -46.65
CA PHE B 227 -4.93 -28.65 -48.05
C PHE B 227 -4.59 -29.97 -48.74
N ARG B 228 -3.43 -30.54 -48.44
CA ARG B 228 -3.06 -31.81 -49.06
C ARG B 228 -4.04 -32.90 -48.63
N ALA B 229 -4.46 -32.88 -47.37
CA ALA B 229 -5.40 -33.88 -46.89
C ALA B 229 -6.79 -33.66 -47.48
N LEU B 230 -7.15 -32.40 -47.74
CA LEU B 230 -8.45 -32.08 -48.32
C LEU B 230 -8.52 -32.50 -49.79
N ASP B 231 -7.42 -32.30 -50.53
CA ASP B 231 -7.39 -32.67 -51.94
C ASP B 231 -7.59 -34.17 -52.12
N GLY B 232 -6.94 -34.97 -51.27
CA GLY B 232 -7.08 -36.41 -51.37
C GLY B 232 -8.50 -36.86 -51.15
N LEU B 233 -9.18 -36.28 -50.16
CA LEU B 233 -10.56 -36.64 -49.89
C LEU B 233 -11.48 -36.17 -51.00
N ARG B 234 -11.20 -34.99 -51.56
CA ARG B 234 -12.02 -34.45 -52.63
C ARG B 234 -11.92 -35.31 -53.88
N GLN B 235 -10.72 -35.81 -54.20
CA GLN B 235 -10.52 -36.64 -55.38
C GLN B 235 -11.07 -38.06 -55.20
N LYS B 236 -11.48 -38.44 -54.00
CA LYS B 236 -12.01 -39.78 -53.76
C LYS B 236 -13.52 -39.84 -53.68
N VAL B 237 -14.18 -38.81 -53.13
CA VAL B 237 -15.63 -38.80 -53.02
C VAL B 237 -16.23 -38.08 -54.23
N LEU B 238 -15.42 -37.88 -55.26
CA LEU B 238 -15.90 -37.20 -56.46
C LEU B 238 -17.08 -37.91 -57.14
N PRO B 239 -17.08 -39.24 -57.34
CA PRO B 239 -18.23 -39.86 -58.00
C PRO B 239 -19.54 -39.63 -57.27
N LEU B 240 -19.55 -39.73 -55.94
CA LEU B 240 -20.79 -39.52 -55.19
C LEU B 240 -21.27 -38.08 -55.33
N LEU B 241 -20.33 -37.13 -55.24
CA LEU B 241 -20.69 -35.72 -55.35
C LEU B 241 -21.25 -35.41 -56.74
N LYS B 242 -20.64 -35.97 -57.79
CA LYS B 242 -21.16 -35.70 -59.13
C LYS B 242 -22.51 -36.36 -59.35
N THR B 243 -22.70 -37.59 -58.83
CA THR B 243 -23.99 -38.24 -59.02
C THR B 243 -25.09 -37.53 -58.24
N ALA B 244 -24.72 -36.85 -57.15
CA ALA B 244 -25.72 -36.13 -56.36
C ALA B 244 -26.33 -34.98 -57.15
N ILE B 245 -25.51 -34.26 -57.92
CA ILE B 245 -25.98 -33.15 -58.72
C ILE B 245 -26.16 -33.53 -60.19
N LYS B 246 -26.11 -34.82 -60.51
CA LYS B 246 -26.27 -35.27 -61.89
C LYS B 246 -27.53 -34.69 -62.52
N ASP B 247 -28.64 -34.65 -61.79
CA ASP B 247 -29.88 -34.11 -62.30
C ASP B 247 -30.07 -32.67 -61.79
N CYS B 248 -29.30 -31.77 -62.40
CA CYS B 248 -29.34 -30.36 -62.04
C CYS B 248 -29.13 -29.53 -63.29
N PRO B 249 -29.66 -28.31 -63.33
CA PRO B 249 -29.48 -27.45 -64.52
C PRO B 249 -28.20 -26.63 -64.46
N VAL B 250 -27.27 -27.05 -63.60
CA VAL B 250 -26.00 -26.32 -63.45
C VAL B 250 -25.29 -26.18 -64.78
N GLY B 251 -25.16 -27.26 -65.54
CA GLY B 251 -24.49 -27.19 -66.82
C GLY B 251 -23.71 -28.43 -67.20
N LYS B 252 -22.84 -28.31 -68.20
CA LYS B 252 -22.03 -29.44 -68.65
C LYS B 252 -20.73 -29.55 -67.85
N ASP B 253 -19.94 -28.47 -67.85
CA ASP B 253 -18.67 -28.49 -67.13
C ASP B 253 -18.89 -28.63 -65.62
N TRP B 254 -19.97 -28.02 -65.10
CA TRP B 254 -20.25 -28.11 -63.67
C TRP B 254 -20.49 -29.55 -63.26
N LYS B 255 -21.22 -30.31 -64.08
CA LYS B 255 -21.51 -31.70 -63.76
C LYS B 255 -20.27 -32.58 -63.78
N LEU B 256 -19.26 -32.23 -64.57
CA LEU B 256 -18.03 -33.00 -64.65
C LEU B 256 -17.03 -32.64 -63.56
N ASN B 257 -16.86 -31.34 -63.28
CA ASN B 257 -15.92 -30.89 -62.25
C ASN B 257 -16.56 -30.74 -60.88
N CYS B 258 -17.88 -30.83 -60.77
CA CYS B 258 -18.60 -30.71 -59.50
C CYS B 258 -18.29 -29.38 -58.81
N ARG B 259 -18.08 -28.34 -59.62
CA ARG B 259 -17.77 -27.01 -59.10
C ARG B 259 -18.00 -25.97 -60.20
N PRO B 260 -18.41 -24.75 -59.85
CA PRO B 260 -18.64 -23.74 -60.90
C PRO B 260 -17.39 -23.42 -61.70
N CYS B 261 -16.24 -23.30 -61.05
CA CYS B 261 -14.97 -22.99 -61.67
C CYS B 261 -13.87 -23.07 -60.61
N PRO B 262 -12.61 -23.18 -61.00
CA PRO B 262 -11.54 -23.25 -59.99
C PRO B 262 -11.58 -22.02 -59.10
N PRO B 263 -11.85 -22.20 -57.81
CA PRO B 263 -11.93 -21.06 -56.89
C PRO B 263 -10.58 -20.38 -56.72
N ARG B 264 -10.66 -19.09 -56.37
CA ARG B 264 -9.51 -18.24 -56.15
C ARG B 264 -9.39 -18.03 -54.64
N LEU B 265 -8.19 -18.27 -54.11
CA LEU B 265 -7.94 -18.11 -52.69
C LEU B 265 -7.32 -16.74 -52.38
N LEU B 266 -7.87 -16.09 -51.36
CA LEU B 266 -7.42 -14.78 -50.90
C LEU B 266 -7.03 -14.88 -49.44
N PHE B 267 -5.98 -14.16 -49.05
CA PHE B 267 -5.49 -14.17 -47.68
C PHE B 267 -5.66 -12.80 -47.03
N LEU B 268 -6.04 -12.81 -45.76
CA LEU B 268 -6.24 -11.60 -44.98
C LEU B 268 -5.52 -11.77 -43.65
N PHE B 269 -4.56 -10.88 -43.38
CA PHE B 269 -3.78 -10.92 -42.16
C PHE B 269 -4.03 -9.68 -41.32
N GLN B 270 -3.78 -9.81 -40.02
CA GLN B 270 -3.95 -8.73 -39.06
C GLN B 270 -2.59 -8.24 -38.62
N LEU B 271 -2.41 -6.91 -38.61
CA LEU B 271 -1.14 -6.32 -38.22
C LEU B 271 -0.73 -6.75 -36.82
N ASN B 272 -1.66 -6.68 -35.87
CA ASN B 272 -1.41 -7.07 -34.47
C ASN B 272 -0.22 -6.31 -33.88
N GLY B 273 -0.16 -5.01 -34.19
CA GLY B 273 0.90 -4.16 -33.70
C GLY B 273 2.22 -4.25 -34.43
N ALA B 274 2.32 -5.07 -35.46
CA ALA B 274 3.57 -5.20 -36.19
C ALA B 274 3.82 -3.94 -37.02
N LEU B 275 5.06 -3.78 -37.47
CA LEU B 275 5.48 -2.65 -38.28
C LEU B 275 5.22 -1.33 -37.55
N SER B 295 6.05 1.72 -49.10
CA SER B 295 5.42 1.56 -47.79
C SER B 295 5.70 0.18 -47.22
N PRO B 296 5.90 0.10 -45.90
CA PRO B 296 6.17 -1.21 -45.28
C PRO B 296 5.07 -2.22 -45.50
N LYS B 297 3.79 -1.79 -45.52
CA LYS B 297 2.71 -2.74 -45.73
C LYS B 297 2.81 -3.41 -47.09
N ARG B 298 3.12 -2.63 -48.14
CA ARG B 298 3.24 -3.21 -49.47
C ARG B 298 4.37 -4.21 -49.53
N ARG B 299 5.52 -3.87 -48.92
CA ARG B 299 6.65 -4.78 -48.93
C ARG B 299 6.31 -6.07 -48.21
N LEU B 300 5.63 -5.96 -47.06
CA LEU B 300 5.25 -7.15 -46.30
C LEU B 300 4.27 -7.99 -47.10
N GLN B 301 3.34 -7.35 -47.80
CA GLN B 301 2.36 -8.08 -48.60
C GLN B 301 3.05 -8.85 -49.71
N HIS B 302 4.00 -8.21 -50.40
CA HIS B 302 4.71 -8.88 -51.48
C HIS B 302 5.54 -10.04 -50.94
N ALA B 303 6.22 -9.84 -49.80
CA ALA B 303 7.01 -10.90 -49.22
C ALA B 303 6.13 -12.09 -48.83
N LEU B 304 4.97 -11.81 -48.24
CA LEU B 304 4.06 -12.87 -47.85
C LEU B 304 3.54 -13.61 -49.07
N GLU B 305 3.23 -12.87 -50.14
CA GLU B 305 2.73 -13.51 -51.35
C GLU B 305 3.78 -14.45 -51.92
N ASP B 306 5.02 -14.00 -51.99
CA ASP B 306 6.09 -14.83 -52.52
C ASP B 306 6.32 -16.06 -51.65
N GLN B 307 6.32 -15.89 -50.33
CA GLN B 307 6.51 -17.01 -49.42
C GLN B 307 5.42 -18.05 -49.57
N ILE B 308 4.16 -17.60 -49.60
CA ILE B 308 3.03 -18.51 -49.74
C ILE B 308 3.10 -19.23 -51.07
N TYR B 309 3.40 -18.51 -52.16
CA TYR B 309 3.48 -19.12 -53.48
C TYR B 309 4.56 -20.20 -53.51
N ARG B 310 5.75 -19.89 -52.98
CA ARG B 310 6.83 -20.87 -53.00
C ARG B 310 6.51 -22.10 -52.15
N ILE B 311 5.98 -21.89 -50.95
CA ILE B 311 5.66 -23.01 -50.07
C ILE B 311 4.59 -23.91 -50.70
N PHE B 312 3.53 -23.30 -51.24
CA PHE B 312 2.48 -24.10 -51.85
C PHE B 312 2.95 -24.76 -53.14
N ARG B 313 3.91 -24.15 -53.84
CA ARG B 313 4.39 -24.74 -55.08
C ARG B 313 5.27 -25.95 -54.81
N LYS B 314 6.14 -25.85 -53.80
CA LYS B 314 7.03 -26.98 -53.49
C LYS B 314 6.24 -28.18 -53.00
N SER B 315 5.21 -27.95 -52.18
CA SER B 315 4.40 -29.04 -51.65
C SER B 315 3.43 -29.62 -52.69
N ARG B 316 3.52 -29.19 -53.94
CA ARG B 316 2.70 -29.62 -55.07
C ARG B 316 1.23 -29.22 -54.92
N VAL B 317 0.90 -28.30 -54.01
CA VAL B 317 -0.49 -27.90 -53.86
C VAL B 317 -0.95 -27.14 -55.10
N LEU B 318 -0.06 -26.32 -55.67
CA LEU B 318 -0.36 -25.53 -56.86
C LEU B 318 0.43 -26.09 -58.03
N THR B 319 -0.26 -26.44 -59.10
CA THR B 319 0.36 -27.00 -60.30
C THR B 319 0.16 -26.04 -61.47
N ASN B 320 0.73 -26.42 -62.62
CA ASN B 320 0.62 -25.59 -63.81
C ASN B 320 -0.81 -25.56 -64.35
N GLN B 321 -1.51 -26.69 -64.32
CA GLN B 321 -2.87 -26.77 -64.81
C GLN B 321 -3.84 -26.42 -63.69
N SER B 322 -4.69 -25.42 -63.93
CA SER B 322 -5.68 -24.95 -62.97
C SER B 322 -6.87 -25.90 -62.81
N ILE B 323 -6.87 -27.05 -63.46
CA ILE B 323 -7.99 -27.97 -63.34
C ILE B 323 -7.77 -28.98 -62.22
N ASN B 324 -6.55 -29.52 -62.10
CA ASN B 324 -6.24 -30.49 -61.05
C ASN B 324 -6.05 -29.85 -59.69
N CYS B 325 -5.69 -28.57 -59.64
CA CYS B 325 -5.48 -27.88 -58.38
C CYS B 325 -6.80 -27.63 -57.66
N LEU B 326 -6.74 -27.64 -56.33
CA LEU B 326 -7.92 -27.41 -55.51
C LEU B 326 -8.35 -25.94 -55.52
N PHE B 327 -7.41 -25.03 -55.76
CA PHE B 327 -7.66 -23.60 -55.81
C PHE B 327 -6.51 -22.96 -56.56
N THR B 328 -6.72 -21.73 -57.02
CA THR B 328 -5.71 -21.00 -57.77
C THR B 328 -5.51 -19.63 -57.15
N VAL B 329 -4.40 -18.99 -57.50
CA VAL B 329 -4.05 -17.66 -57.01
C VAL B 329 -3.77 -16.77 -58.22
N PRO B 330 -4.00 -15.47 -58.12
CA PRO B 330 -3.75 -14.58 -59.27
C PRO B 330 -2.27 -14.55 -59.63
N ALA B 331 -2.03 -14.38 -60.93
CA ALA B 331 -0.66 -14.33 -61.45
C ALA B 331 -0.14 -12.91 -61.62
N ASN B 332 -1.03 -11.91 -61.64
CA ASN B 332 -0.63 -10.51 -61.80
C ASN B 332 -1.26 -9.57 -60.80
N GLN B 333 -2.33 -9.98 -60.12
CA GLN B 333 -3.03 -9.17 -59.14
C GLN B 333 -2.60 -9.59 -57.74
N ALA B 334 -3.00 -8.79 -56.75
CA ALA B 334 -2.69 -9.05 -55.36
C ALA B 334 -3.75 -9.95 -54.73
N PHE B 335 -3.30 -10.88 -53.88
CA PHE B 335 -4.21 -11.81 -53.21
C PHE B 335 -3.97 -11.84 -51.71
N VAL B 336 -3.13 -10.94 -51.19
CA VAL B 336 -2.84 -10.88 -49.76
C VAL B 336 -3.15 -9.48 -49.28
N TYR B 337 -3.99 -9.36 -48.25
CA TYR B 337 -4.38 -8.09 -47.67
C TYR B 337 -4.07 -8.07 -46.19
N ILE B 338 -3.49 -6.97 -45.73
CA ILE B 338 -3.13 -6.79 -44.33
C ILE B 338 -4.05 -5.73 -43.75
N VAL B 339 -4.78 -6.10 -42.70
CA VAL B 339 -5.72 -5.19 -42.04
C VAL B 339 -4.97 -4.37 -40.99
N PRO B 340 -4.89 -3.05 -41.13
CA PRO B 340 -4.18 -2.24 -40.13
C PRO B 340 -4.99 -2.04 -38.86
N GLY B 341 -4.33 -1.66 -37.78
CA GLY B 341 -5.02 -1.44 -36.53
C GLY B 341 -5.88 -0.20 -36.55
N SER B 342 -6.92 -0.21 -35.72
CA SER B 342 -7.84 0.92 -35.64
C SER B 342 -8.53 0.91 -34.29
N GLN B 343 -9.28 1.98 -34.02
CA GLN B 343 -10.01 2.11 -32.76
C GLN B 343 -11.41 1.53 -32.84
N GLU B 344 -11.78 0.91 -33.96
CA GLU B 344 -13.11 0.33 -34.10
C GLU B 344 -13.37 -0.74 -33.06
N GLU B 345 -12.43 -1.66 -32.87
CA GLU B 345 -12.62 -2.72 -31.90
C GLU B 345 -12.53 -2.13 -30.49
N ASP B 346 -13.00 -2.91 -29.51
CA ASP B 346 -13.00 -2.50 -28.11
C ASP B 346 -13.79 -1.20 -27.99
N PRO B 347 -15.12 -1.25 -28.10
CA PRO B 347 -15.93 -0.03 -27.98
C PRO B 347 -15.73 0.73 -26.68
N VAL B 348 -15.38 0.03 -25.60
CA VAL B 348 -15.17 0.71 -24.32
C VAL B 348 -14.02 1.70 -24.43
N GLY B 349 -12.91 1.28 -25.06
CA GLY B 349 -11.78 2.16 -25.20
C GLY B 349 -12.10 3.37 -26.05
N MET B 350 -12.83 3.16 -27.15
CA MET B 350 -13.20 4.27 -28.02
C MET B 350 -14.10 5.25 -27.28
N LEU B 351 -15.06 4.73 -26.50
CA LEU B 351 -15.95 5.60 -25.75
C LEU B 351 -15.16 6.38 -24.71
N LEU B 352 -14.19 5.74 -24.06
CA LEU B 352 -13.39 6.43 -23.05
C LEU B 352 -12.58 7.54 -23.70
N ASP B 353 -12.01 7.28 -24.88
CA ASP B 353 -11.22 8.31 -25.56
C ASP B 353 -12.12 9.49 -25.94
N GLN B 354 -13.31 9.19 -26.45
CA GLN B 354 -14.23 10.26 -26.83
C GLN B 354 -14.63 11.06 -25.61
N LEU B 355 -14.85 10.38 -24.48
CA LEU B 355 -15.22 11.06 -23.25
C LEU B 355 -14.09 11.98 -22.80
N ARG B 356 -12.85 11.51 -22.92
CA ARG B 356 -11.71 12.32 -22.53
C ARG B 356 -11.61 13.56 -23.41
N SER B 357 -11.90 13.42 -24.70
CA SER B 357 -11.84 14.57 -25.61
C SER B 357 -12.98 15.55 -25.39
N HIS B 358 -14.06 15.13 -24.71
CA HIS B 358 -15.20 16.00 -24.46
C HIS B 358 -15.08 16.80 -23.16
N CYS B 359 -14.20 16.39 -22.24
CA CYS B 359 -14.02 17.11 -20.98
C CYS B 359 -12.92 18.15 -21.01
N THR B 360 -12.18 18.26 -22.12
CA THR B 360 -11.11 19.24 -22.22
C THR B 360 -11.65 20.59 -22.65
N PHE B 408 -5.07 0.86 -51.48
CA PHE B 408 -6.35 0.20 -51.69
C PHE B 408 -7.13 0.03 -50.38
N THR B 409 -8.34 -0.53 -50.52
CA THR B 409 -9.22 -0.77 -49.39
C THR B 409 -9.72 -2.20 -49.48
N LEU B 410 -10.34 -2.68 -48.41
CA LEU B 410 -10.85 -4.05 -48.41
C LEU B 410 -11.90 -4.24 -49.49
N ARG B 411 -12.81 -3.26 -49.62
CA ARG B 411 -13.85 -3.38 -50.64
C ARG B 411 -13.24 -3.40 -52.03
N GLU B 412 -12.26 -2.54 -52.29
CA GLU B 412 -11.61 -2.52 -53.60
C GLU B 412 -10.80 -3.80 -53.83
N PHE B 413 -10.13 -4.28 -52.78
CA PHE B 413 -9.34 -5.50 -52.88
C PHE B 413 -10.21 -6.68 -53.25
N LEU B 414 -11.46 -6.71 -52.76
CA LEU B 414 -12.36 -7.80 -53.08
C LEU B 414 -13.08 -7.59 -54.41
N TRP B 415 -13.36 -6.33 -54.74
CA TRP B 415 -14.05 -6.03 -55.99
C TRP B 415 -13.17 -6.30 -57.20
N GLN B 416 -11.85 -6.10 -57.07
CA GLN B 416 -10.98 -6.36 -58.23
C GLN B 416 -11.08 -7.80 -58.67
N HIS B 417 -11.52 -8.70 -57.80
CA HIS B 417 -11.68 -10.12 -58.11
C HIS B 417 -13.12 -10.49 -58.37
N VAL B 418 -14.07 -9.82 -57.70
CA VAL B 418 -15.49 -10.11 -57.92
C VAL B 418 -15.94 -9.63 -59.29
N GLU B 419 -15.38 -8.52 -59.78
CA GLU B 419 -15.75 -8.00 -61.08
C GLU B 419 -15.48 -8.99 -62.20
N LEU B 420 -14.40 -9.77 -62.10
CA LEU B 420 -14.09 -10.75 -63.13
C LEU B 420 -15.19 -11.80 -63.25
N VAL B 421 -15.69 -12.29 -62.11
CA VAL B 421 -16.75 -13.29 -62.11
C VAL B 421 -18.07 -12.69 -62.55
N LEU B 422 -18.36 -11.46 -62.11
CA LEU B 422 -19.62 -10.81 -62.49
C LEU B 422 -19.63 -10.36 -63.94
N SER B 423 -18.51 -10.39 -64.64
CA SER B 423 -18.43 -9.97 -66.03
C SER B 423 -18.26 -11.14 -66.99
N LYS B 424 -18.49 -12.37 -66.53
CA LYS B 424 -18.37 -13.59 -67.32
C LYS B 424 -16.97 -13.86 -67.84
N LYS B 425 -15.98 -13.05 -67.46
CA LYS B 425 -14.63 -13.28 -67.95
C LYS B 425 -14.01 -14.53 -67.31
N GLY B 426 -14.16 -14.66 -66.00
CA GLY B 426 -13.63 -15.80 -65.29
C GLY B 426 -12.22 -15.58 -64.77
N PHE B 427 -11.58 -16.68 -64.40
CA PHE B 427 -10.21 -16.67 -63.86
C PHE B 427 -9.33 -17.50 -64.79
N ASP B 428 -8.25 -16.89 -65.26
CA ASP B 428 -7.29 -17.54 -66.15
C ASP B 428 -5.92 -17.46 -65.48
N ASP B 429 -5.48 -18.57 -64.87
CA ASP B 429 -4.20 -18.63 -64.19
C ASP B 429 -3.50 -19.94 -64.55
N SER B 430 -2.42 -19.82 -65.32
CA SER B 430 -1.63 -20.99 -65.74
C SER B 430 -0.31 -20.49 -66.30
N VAL B 431 0.79 -21.04 -65.80
CA VAL B 431 2.13 -20.66 -66.24
C VAL B 431 2.96 -21.86 -66.64
N GLY B 432 2.33 -22.93 -67.13
CA GLY B 432 3.09 -24.11 -67.53
C GLY B 432 3.56 -24.08 -68.97
N ARG B 433 3.55 -22.89 -69.59
CA ARG B 433 3.95 -22.61 -70.97
C ARG B 433 2.94 -23.14 -71.98
N ASN B 434 1.93 -23.88 -71.52
CA ASN B 434 0.89 -24.43 -72.40
C ASN B 434 -0.41 -24.49 -71.61
N PRO B 435 -1.01 -23.34 -71.35
CA PRO B 435 -2.27 -23.31 -70.58
C PRO B 435 -3.45 -23.91 -71.34
N GLN B 436 -4.35 -24.54 -70.58
CA GLN B 436 -5.53 -25.16 -71.13
C GLN B 436 -6.76 -24.36 -70.70
N PRO B 437 -7.84 -24.41 -71.48
CA PRO B 437 -9.05 -23.65 -71.12
C PRO B 437 -9.60 -24.11 -69.78
N SER B 438 -10.08 -23.14 -69.00
CA SER B 438 -10.65 -23.40 -67.69
C SER B 438 -12.15 -23.16 -67.75
N HIS B 439 -12.91 -24.09 -67.18
CA HIS B 439 -14.37 -23.97 -67.17
C HIS B 439 -14.82 -22.85 -66.25
N PHE B 440 -15.97 -22.27 -66.59
CA PHE B 440 -16.56 -21.17 -65.83
C PHE B 440 -18.03 -21.09 -66.17
N GLU B 441 -18.84 -20.73 -65.18
CA GLU B 441 -20.28 -20.61 -65.40
C GLU B 441 -20.88 -19.74 -64.30
N LEU B 442 -21.65 -18.72 -64.69
CA LEU B 442 -22.29 -17.83 -63.74
C LEU B 442 -23.74 -18.25 -63.60
N PRO B 443 -24.14 -18.86 -62.48
CA PRO B 443 -25.53 -19.28 -62.33
C PRO B 443 -26.42 -18.23 -61.68
N THR B 444 -27.70 -18.57 -61.53
CA THR B 444 -28.69 -17.69 -60.92
C THR B 444 -28.97 -18.17 -59.50
N TYR B 445 -29.87 -17.47 -58.81
CA TYR B 445 -30.21 -17.84 -57.44
C TYR B 445 -30.82 -19.24 -57.38
N GLN B 446 -31.87 -19.47 -58.17
CA GLN B 446 -32.52 -20.78 -58.17
C GLN B 446 -31.58 -21.86 -58.72
N LYS B 447 -30.83 -21.54 -59.78
CA LYS B 447 -29.91 -22.52 -60.35
C LYS B 447 -28.84 -22.92 -59.35
N TRP B 448 -28.29 -21.96 -58.60
CA TRP B 448 -27.27 -22.28 -57.62
C TRP B 448 -27.86 -23.07 -56.45
N ILE B 449 -29.06 -22.70 -56.00
CA ILE B 449 -29.69 -23.42 -54.90
C ILE B 449 -30.00 -24.85 -55.29
N SER B 450 -30.38 -25.08 -56.55
CA SER B 450 -30.70 -26.44 -56.99
C SER B 450 -29.54 -27.40 -56.76
N ALA B 451 -28.30 -26.92 -56.90
CA ALA B 451 -27.13 -27.76 -56.67
C ALA B 451 -26.66 -27.71 -55.23
N ALA B 452 -26.76 -26.55 -54.59
CA ALA B 452 -26.33 -26.42 -53.20
C ALA B 452 -27.16 -27.31 -52.27
N SER B 453 -28.48 -27.35 -52.49
CA SER B 453 -29.32 -28.18 -51.65
C SER B 453 -28.98 -29.66 -51.80
N LYS B 454 -28.74 -30.12 -53.03
CA LYS B 454 -28.39 -31.51 -53.24
C LYS B 454 -27.03 -31.85 -52.65
N LEU B 455 -26.06 -30.94 -52.78
CA LEU B 455 -24.73 -31.22 -52.23
C LEU B 455 -24.72 -31.17 -50.71
N TYR B 456 -25.59 -30.35 -50.11
CA TYR B 456 -25.64 -30.25 -48.65
C TYR B 456 -26.21 -31.51 -48.01
N GLU B 457 -27.15 -32.17 -48.67
CA GLU B 457 -27.75 -33.39 -48.13
C GLU B 457 -26.83 -34.60 -48.21
N VAL B 458 -25.75 -34.52 -48.98
CA VAL B 458 -24.83 -35.64 -49.10
C VAL B 458 -23.67 -35.48 -48.13
N SER B 476 -24.21 -41.19 -48.85
CA SER B 476 -24.35 -42.23 -47.84
C SER B 476 -23.00 -42.87 -47.51
N LYS B 477 -22.15 -43.00 -48.53
CA LYS B 477 -20.83 -43.59 -48.36
C LYS B 477 -19.77 -42.56 -47.98
N ILE B 478 -20.14 -41.29 -47.81
CA ILE B 478 -19.18 -40.26 -47.45
C ILE B 478 -18.61 -40.52 -46.06
N LEU B 479 -19.44 -41.04 -45.14
CA LEU B 479 -18.97 -41.31 -43.79
C LEU B 479 -17.85 -42.34 -43.79
N SER B 480 -17.98 -43.40 -44.58
CA SER B 480 -16.96 -44.43 -44.65
C SER B 480 -15.70 -43.93 -45.37
N SER B 481 -15.86 -43.07 -46.38
CA SER B 481 -14.72 -42.55 -47.10
C SER B 481 -13.94 -41.52 -46.30
N ILE B 482 -14.61 -40.81 -45.39
CA ILE B 482 -13.94 -39.81 -44.58
C ILE B 482 -13.25 -40.40 -43.36
N LYS B 483 -13.47 -41.67 -43.06
CA LYS B 483 -12.86 -42.33 -41.91
C LYS B 483 -11.47 -42.89 -42.20
N VAL B 484 -10.95 -42.74 -43.43
CA VAL B 484 -9.64 -43.24 -43.77
C VAL B 484 -8.61 -42.14 -43.58
N LEU B 485 -9.05 -40.89 -43.64
CA LEU B 485 -8.17 -39.75 -43.47
C LEU B 485 -7.78 -39.56 -42.01
N PHE B 488 -3.09 -33.90 -37.79
CA PHE B 488 -4.19 -34.84 -37.65
C PHE B 488 -3.97 -35.78 -36.47
N LEU B 489 -5.03 -36.04 -35.70
CA LEU B 489 -4.93 -36.92 -34.55
C LEU B 489 -4.76 -38.38 -34.95
N ASP B 490 -5.03 -38.72 -36.22
CA ASP B 490 -4.89 -40.10 -36.67
C ASP B 490 -3.44 -40.55 -36.57
N ILE B 491 -2.49 -39.70 -36.97
CA ILE B 491 -1.08 -40.06 -36.89
C ILE B 491 -0.66 -40.28 -35.44
N ASP B 492 -1.10 -39.39 -34.55
CA ASP B 492 -0.74 -39.53 -33.14
C ASP B 492 -1.31 -40.82 -32.57
N THR B 493 -2.56 -41.14 -32.90
CA THR B 493 -3.18 -42.37 -32.40
C THR B 493 -2.44 -43.59 -32.93
N LYS B 494 -2.07 -43.57 -34.21
CA LYS B 494 -1.36 -44.71 -34.79
C LYS B 494 0.01 -44.88 -34.11
N PHE B 495 0.72 -43.77 -33.88
CA PHE B 495 2.02 -43.84 -33.23
C PHE B 495 1.89 -44.40 -31.82
N SER B 496 0.88 -43.93 -31.08
CA SER B 496 0.69 -44.42 -29.71
C SER B 496 0.36 -45.91 -29.72
N GLU B 497 -0.50 -46.34 -30.64
CA GLU B 497 -0.86 -47.75 -30.71
C GLU B 497 0.36 -48.60 -31.05
N ASN B 498 1.18 -48.14 -32.00
CA ASN B 498 2.37 -48.90 -32.37
C ASN B 498 3.34 -49.00 -31.20
N ARG B 499 3.53 -47.89 -30.48
CA ARG B 499 4.43 -47.89 -29.33
C ARG B 499 3.93 -48.84 -28.26
N CYS B 500 2.62 -48.81 -27.98
CA CYS B 500 2.06 -49.68 -26.97
C CYS B 500 2.21 -51.15 -27.36
N GLN B 501 1.95 -51.47 -28.64
CA GLN B 501 2.08 -52.84 -29.10
C GLN B 501 3.53 -53.31 -29.00
N LYS B 502 4.48 -52.45 -29.36
CA LYS B 502 5.88 -52.83 -29.28
C LYS B 502 6.33 -53.01 -27.84
N ALA B 503 5.81 -52.19 -26.92
CA ALA B 503 6.19 -52.29 -25.52
C ALA B 503 5.54 -53.50 -24.84
N LEU B 504 4.37 -53.92 -25.33
CA LEU B 504 3.71 -55.08 -24.73
C LEU B 504 4.56 -56.34 -24.73
N PRO B 505 5.29 -56.68 -25.80
CA PRO B 505 6.11 -57.90 -25.76
C PRO B 505 7.15 -57.89 -24.66
N MET B 506 7.73 -56.73 -24.36
CA MET B 506 8.74 -56.65 -23.31
C MET B 506 8.14 -56.97 -21.95
N ALA B 507 6.93 -56.47 -21.66
CA ALA B 507 6.29 -56.74 -20.38
C ALA B 507 5.79 -58.17 -20.31
N HIS B 508 5.29 -58.71 -21.44
CA HIS B 508 4.79 -60.08 -21.45
C HIS B 508 5.91 -61.10 -21.29
N SER B 509 7.15 -60.71 -21.54
CA SER B 509 8.30 -61.60 -21.43
C SER B 509 9.16 -61.29 -20.19
N ALA B 510 8.54 -60.72 -19.16
CA ALA B 510 9.24 -60.36 -17.93
C ALA B 510 8.80 -61.19 -16.73
N TYR B 511 7.52 -61.49 -16.62
CA TYR B 511 7.01 -62.27 -15.49
C TYR B 511 7.08 -63.77 -15.81
N VAL B 523 2.38 -63.20 -4.11
CA VAL B 523 2.94 -64.17 -5.06
C VAL B 523 3.11 -63.51 -6.43
N HIS B 524 2.08 -63.64 -7.28
CA HIS B 524 2.12 -63.06 -8.61
C HIS B 524 1.97 -61.55 -8.61
N LYS B 525 1.60 -60.96 -7.46
CA LYS B 525 1.44 -59.51 -7.40
C LYS B 525 2.75 -58.79 -7.68
N ASN B 526 3.86 -59.29 -7.13
CA ASN B 526 5.15 -58.65 -7.35
C ASN B 526 5.53 -58.70 -8.83
N GLN B 527 5.34 -59.86 -9.47
CA GLN B 527 5.67 -60.00 -10.88
C GLN B 527 4.80 -59.09 -11.73
N LEU B 528 3.50 -59.01 -11.40
CA LEU B 528 2.59 -58.17 -12.16
C LEU B 528 3.00 -56.70 -12.02
N ALA B 529 3.35 -56.28 -10.81
CA ALA B 529 3.76 -54.89 -10.59
C ALA B 529 5.04 -54.58 -11.36
N GLN B 530 6.00 -55.51 -11.33
CA GLN B 530 7.25 -55.28 -12.05
C GLN B 530 7.00 -55.18 -13.55
N ALA B 531 6.15 -56.06 -14.08
CA ALA B 531 5.84 -56.02 -15.51
C ALA B 531 5.15 -54.73 -15.88
N LEU B 532 4.21 -54.28 -15.04
CA LEU B 532 3.49 -53.04 -15.31
C LEU B 532 4.45 -51.85 -15.31
N ARG B 533 5.36 -51.83 -14.33
CA ARG B 533 6.33 -50.73 -14.26
C ARG B 533 7.23 -50.73 -15.49
N VAL B 534 7.68 -51.92 -15.91
CA VAL B 534 8.56 -52.01 -17.07
C VAL B 534 7.82 -51.52 -18.32
N TYR B 535 6.56 -51.92 -18.47
CA TYR B 535 5.77 -51.49 -19.62
C TYR B 535 5.56 -49.98 -19.61
N SER B 536 5.27 -49.42 -18.44
CA SER B 536 5.06 -47.98 -18.33
C SER B 536 6.33 -47.22 -18.66
N GLN B 537 7.49 -47.71 -18.21
CA GLN B 537 8.75 -47.04 -18.48
C GLN B 537 9.28 -47.30 -19.89
N HIS B 538 8.73 -48.29 -20.59
CA HIS B 538 9.16 -48.59 -21.94
C HIS B 538 8.54 -47.66 -22.98
N ALA B 539 7.22 -47.57 -23.01
CA ALA B 539 6.53 -46.70 -23.96
C ALA B 539 5.15 -46.36 -23.41
N ARG B 540 4.58 -45.29 -23.96
CA ARG B 540 3.26 -44.82 -23.54
C ARG B 540 2.72 -43.91 -24.65
N GLY B 541 1.47 -43.49 -24.46
CA GLY B 541 0.82 -42.62 -25.41
C GLY B 541 -0.65 -42.40 -25.08
N PRO B 542 -1.47 -42.24 -26.11
CA PRO B 542 -2.91 -42.01 -25.91
C PRO B 542 -3.75 -43.27 -25.77
N ALA B 543 -3.18 -44.46 -25.96
CA ALA B 543 -3.89 -45.72 -25.86
C ALA B 543 -3.15 -46.67 -24.93
N PHE B 544 -2.72 -46.15 -23.78
CA PHE B 544 -1.99 -46.97 -22.82
C PHE B 544 -2.92 -47.77 -21.92
N HIS B 545 -4.14 -47.30 -21.69
CA HIS B 545 -5.08 -48.01 -20.82
C HIS B 545 -5.47 -49.36 -21.43
N LYS B 546 -5.75 -49.39 -22.74
CA LYS B 546 -6.13 -50.64 -23.39
C LYS B 546 -5.01 -51.67 -23.31
N TYR B 547 -3.80 -51.26 -23.66
CA TYR B 547 -2.66 -52.18 -23.61
C TYR B 547 -2.38 -52.64 -22.19
N ALA B 548 -2.49 -51.74 -21.22
CA ALA B 548 -2.24 -52.11 -19.82
C ALA B 548 -3.27 -53.14 -19.36
N MET B 549 -4.54 -52.93 -19.70
CA MET B 549 -5.58 -53.87 -19.31
C MET B 549 -5.36 -55.22 -19.98
N GLN B 550 -4.98 -55.22 -21.26
CA GLN B 550 -4.74 -56.47 -21.96
C GLN B 550 -3.59 -57.23 -21.34
N LEU B 551 -2.50 -56.51 -21.01
CA LEU B 551 -1.35 -57.16 -20.38
C LEU B 551 -1.72 -57.73 -19.02
N HIS B 552 -2.48 -56.97 -18.23
CA HIS B 552 -2.88 -57.45 -16.91
C HIS B 552 -3.75 -58.70 -17.03
N GLU B 553 -4.68 -58.70 -17.98
CA GLU B 553 -5.55 -59.86 -18.16
C GLU B 553 -4.74 -61.06 -18.60
N ASP B 554 -3.79 -60.87 -19.52
CA ASP B 554 -2.97 -61.98 -19.99
C ASP B 554 -2.12 -62.54 -18.86
N CYS B 555 -1.54 -61.67 -18.02
CA CYS B 555 -0.72 -62.12 -16.91
C CYS B 555 -1.56 -62.87 -15.87
N TYR B 556 -2.77 -62.38 -15.61
CA TYR B 556 -3.63 -63.05 -14.62
C TYR B 556 -4.15 -64.38 -15.14
N LYS B 557 -4.38 -64.49 -16.45
CA LYS B 557 -4.87 -65.73 -17.03
C LYS B 557 -3.80 -66.80 -17.15
N PHE B 558 -2.52 -66.46 -16.94
CA PHE B 558 -1.43 -67.41 -17.03
C PHE B 558 -1.05 -67.98 -15.67
N TRP B 559 -1.78 -67.63 -14.61
CA TRP B 559 -1.49 -68.13 -13.27
C TRP B 559 -2.74 -68.72 -12.63
N LYS C 170 41.45 -12.85 -3.53
CA LYS C 170 41.65 -14.27 -3.81
C LYS C 170 40.33 -14.93 -4.21
N LEU C 171 39.24 -14.55 -3.54
CA LEU C 171 37.91 -15.09 -3.82
C LEU C 171 37.23 -14.25 -4.91
N LEU C 172 37.95 -14.10 -6.02
CA LEU C 172 37.48 -13.34 -7.16
C LEU C 172 36.34 -14.07 -7.88
N PRO C 173 35.48 -13.34 -8.58
CA PRO C 173 34.36 -13.99 -9.30
C PRO C 173 34.88 -14.77 -10.49
N PRO C 174 34.13 -15.77 -10.96
CA PRO C 174 34.60 -16.55 -12.12
C PRO C 174 34.80 -15.72 -13.38
N GLU C 175 33.72 -15.12 -13.89
CA GLU C 175 33.77 -14.30 -15.10
C GLU C 175 32.41 -13.65 -15.34
N ARG C 176 32.29 -12.92 -16.44
CA ARG C 176 31.05 -12.24 -16.80
C ARG C 176 30.85 -12.35 -18.30
N MET C 177 29.57 -12.36 -18.70
CA MET C 177 29.19 -12.46 -20.10
C MET C 177 28.45 -11.19 -20.52
N LYS C 178 28.84 -10.64 -21.67
CA LYS C 178 28.21 -9.44 -22.20
C LYS C 178 27.20 -9.75 -23.28
N HIS C 179 27.29 -10.93 -23.90
CA HIS C 179 26.38 -11.36 -24.95
C HIS C 179 26.27 -12.87 -24.88
N SER C 180 25.19 -13.39 -25.44
CA SER C 180 24.97 -14.83 -25.44
C SER C 180 25.85 -15.51 -26.49
N ILE C 181 26.02 -16.82 -26.32
CA ILE C 181 26.82 -17.64 -27.22
C ILE C 181 25.92 -18.76 -27.73
N LYS C 182 26.30 -19.32 -28.88
CA LYS C 182 25.54 -20.39 -29.50
C LYS C 182 25.86 -21.74 -28.89
N LEU C 183 24.82 -22.48 -28.50
CA LEU C 183 24.95 -23.81 -27.92
C LEU C 183 24.79 -24.90 -28.96
N VAL C 184 24.03 -24.62 -30.01
CA VAL C 184 23.77 -25.55 -31.12
C VAL C 184 23.93 -24.75 -32.40
N ASP C 185 24.73 -25.27 -33.33
CA ASP C 185 24.94 -24.58 -34.60
C ASP C 185 23.68 -24.57 -35.45
N ASP C 186 23.74 -23.82 -36.55
CA ASP C 186 22.61 -23.72 -37.47
C ASP C 186 22.27 -25.06 -38.11
N GLN C 187 23.26 -25.94 -38.27
CA GLN C 187 23.05 -27.25 -38.88
C GLN C 187 22.80 -28.33 -37.83
N MET C 188 22.29 -27.95 -36.66
CA MET C 188 22.00 -28.87 -35.56
C MET C 188 23.26 -29.60 -35.11
N ASN C 189 24.32 -28.82 -34.91
CA ASN C 189 25.62 -29.33 -34.48
C ASN C 189 25.92 -28.78 -33.09
N TRP C 190 26.37 -29.65 -32.20
CA TRP C 190 26.70 -29.25 -30.84
C TRP C 190 27.94 -28.36 -30.83
N CYS C 191 27.89 -27.30 -30.02
CA CYS C 191 29.00 -26.35 -29.89
C CYS C 191 29.54 -26.45 -28.47
N ASP C 192 30.82 -26.84 -28.34
CA ASP C 192 31.45 -26.97 -27.03
C ASP C 192 32.28 -25.72 -26.74
N SER C 193 31.57 -24.64 -26.38
CA SER C 193 32.23 -23.38 -26.09
C SER C 193 31.67 -22.71 -24.83
N ALA C 194 30.67 -23.32 -24.20
CA ALA C 194 30.06 -22.76 -23.00
C ALA C 194 30.68 -23.30 -21.71
N ILE C 195 31.54 -24.31 -21.81
CA ILE C 195 32.18 -24.87 -20.61
C ILE C 195 33.15 -23.88 -19.98
N GLU C 196 33.59 -22.86 -20.72
CA GLU C 196 34.52 -21.88 -20.19
C GLU C 196 33.89 -20.95 -19.16
N TYR C 197 32.56 -20.98 -19.01
CA TYR C 197 31.86 -20.13 -18.06
C TYR C 197 31.17 -20.91 -16.95
N LEU C 198 31.33 -22.24 -16.91
CA LEU C 198 30.70 -23.05 -15.88
C LEU C 198 31.67 -23.40 -14.77
N LEU C 199 31.14 -23.55 -13.55
CA LEU C 199 31.90 -23.87 -12.36
C LEU C 199 31.49 -25.25 -11.84
N ASP C 200 32.01 -25.61 -10.67
CA ASP C 200 31.73 -26.88 -10.02
C ASP C 200 30.64 -26.73 -8.96
N GLN C 201 29.83 -25.69 -9.09
CA GLN C 201 28.75 -25.38 -8.17
C GLN C 201 27.49 -26.18 -8.54
N THR C 202 26.77 -26.60 -7.51
CA THR C 202 25.54 -27.38 -7.66
C THR C 202 24.32 -26.48 -7.48
N ASP C 203 23.14 -27.09 -7.62
CA ASP C 203 21.85 -26.41 -7.47
C ASP C 203 21.68 -25.29 -8.51
N VAL C 204 21.78 -25.66 -9.78
CA VAL C 204 21.65 -24.72 -10.88
C VAL C 204 20.21 -24.74 -11.38
N LEU C 205 19.80 -23.64 -12.02
CA LEU C 205 18.45 -23.48 -12.56
C LEU C 205 18.57 -23.21 -14.06
N VAL C 206 17.87 -24.01 -14.86
CA VAL C 206 17.88 -23.89 -16.32
C VAL C 206 16.49 -23.50 -16.79
N VAL C 207 16.41 -22.47 -17.63
CA VAL C 207 15.15 -21.97 -18.17
C VAL C 207 15.17 -22.03 -19.69
N GLY C 208 14.06 -22.47 -20.28
CA GLY C 208 13.91 -22.58 -21.71
C GLY C 208 12.73 -21.77 -22.21
N VAL C 209 12.68 -21.62 -23.54
CA VAL C 209 11.61 -20.85 -24.18
C VAL C 209 11.17 -21.54 -25.45
N LEU C 210 9.89 -21.39 -25.78
CA LEU C 210 9.28 -21.97 -26.97
C LEU C 210 8.24 -21.01 -27.50
N GLY C 211 8.14 -20.88 -28.82
CA GLY C 211 7.16 -19.99 -29.40
C GLY C 211 7.21 -20.01 -30.91
N LEU C 212 6.32 -19.21 -31.51
CA LEU C 212 6.21 -19.10 -32.95
C LEU C 212 7.28 -18.16 -33.51
N GLN C 213 7.10 -17.79 -34.79
CA GLN C 213 8.06 -16.91 -35.47
C GLN C 213 8.24 -15.56 -34.78
N GLY C 214 7.19 -14.75 -34.71
CA GLY C 214 7.34 -13.44 -34.08
C GLY C 214 6.62 -13.17 -32.77
N THR C 215 6.63 -14.13 -31.85
CA THR C 215 5.96 -13.92 -30.57
C THR C 215 6.76 -13.03 -29.63
N GLY C 216 8.08 -13.04 -29.74
CA GLY C 216 8.91 -12.22 -28.88
C GLY C 216 9.70 -13.00 -27.84
N LYS C 217 10.19 -14.17 -28.23
CA LYS C 217 10.96 -15.01 -27.31
C LYS C 217 12.28 -14.35 -26.92
N SER C 218 12.99 -13.77 -27.88
CA SER C 218 14.27 -13.13 -27.59
C SER C 218 14.13 -11.95 -26.64
N MET C 219 13.14 -11.08 -26.87
CA MET C 219 12.97 -9.94 -25.99
C MET C 219 12.64 -10.37 -24.57
N VAL C 220 11.77 -11.36 -24.41
CA VAL C 220 11.39 -11.85 -23.08
C VAL C 220 12.58 -12.47 -22.37
N MET C 221 13.35 -13.29 -23.08
CA MET C 221 14.52 -13.92 -22.46
C MET C 221 15.54 -12.87 -22.05
N SER C 222 15.75 -11.84 -22.89
CA SER C 222 16.71 -10.80 -22.56
C SER C 222 16.25 -9.99 -21.36
N LEU C 223 14.97 -9.60 -21.33
CA LEU C 223 14.46 -8.84 -20.20
C LEU C 223 14.41 -9.66 -18.93
N LEU C 224 14.39 -10.98 -19.04
CA LEU C 224 14.36 -11.82 -17.84
C LEU C 224 15.75 -12.21 -17.37
N SER C 225 16.76 -12.17 -18.23
CA SER C 225 18.10 -12.56 -17.81
C SER C 225 19.00 -11.39 -17.38
N ALA C 226 19.37 -10.51 -18.31
CA ALA C 226 20.23 -9.39 -17.94
C ALA C 226 19.88 -8.10 -18.67
N ASN C 227 18.60 -7.75 -18.76
CA ASN C 227 18.24 -6.52 -19.44
C ASN C 227 17.03 -5.90 -18.77
N THR C 228 16.85 -4.60 -19.02
CA THR C 228 15.77 -3.81 -18.47
C THR C 228 15.04 -3.09 -19.60
N PRO C 229 13.75 -2.80 -19.43
CA PRO C 229 13.00 -2.11 -20.50
C PRO C 229 13.54 -0.74 -20.85
N GLU C 230 14.18 -0.04 -19.91
CA GLU C 230 14.72 1.29 -20.17
C GLU C 230 15.94 1.27 -21.10
N GLU C 231 16.50 0.10 -21.38
CA GLU C 231 17.66 0.01 -22.26
C GLU C 231 17.20 -0.01 -23.71
N ASP C 232 18.15 -0.14 -24.63
CA ASP C 232 17.88 -0.18 -26.06
C ASP C 232 17.94 -1.61 -26.55
N GLN C 233 17.15 -1.91 -27.59
CA GLN C 233 17.13 -3.26 -28.14
C GLN C 233 18.48 -3.71 -28.70
N ARG C 234 19.38 -2.79 -28.97
CA ARG C 234 20.69 -3.13 -29.51
C ARG C 234 21.64 -3.71 -28.47
N THR C 235 21.36 -3.51 -27.18
CA THR C 235 22.21 -4.05 -26.12
C THR C 235 21.68 -5.34 -25.52
N TYR C 236 20.62 -5.90 -26.08
CA TYR C 236 20.05 -7.15 -25.56
C TYR C 236 21.01 -8.31 -25.72
N VAL C 237 21.06 -9.18 -24.72
CA VAL C 237 21.95 -10.33 -24.78
C VAL C 237 21.48 -11.31 -25.84
N PHE C 238 20.19 -11.28 -26.17
CA PHE C 238 19.58 -12.14 -27.19
C PHE C 238 19.09 -11.20 -28.27
N ARG C 239 19.77 -11.22 -29.41
CA ARG C 239 19.42 -10.34 -30.53
C ARG C 239 17.95 -10.46 -30.91
N ALA C 240 17.29 -9.31 -31.01
CA ALA C 240 15.88 -9.23 -31.36
C ALA C 240 15.75 -8.90 -32.86
N GLN C 241 14.52 -8.93 -33.37
CA GLN C 241 14.27 -8.64 -34.78
C GLN C 241 14.40 -7.15 -35.06
N SER C 242 14.98 -6.84 -36.21
CA SER C 242 15.19 -5.47 -36.64
C SER C 242 14.00 -4.98 -37.45
N ALA C 243 13.95 -3.66 -37.67
CA ALA C 243 12.85 -3.08 -38.43
C ALA C 243 12.85 -3.58 -39.88
N GLU C 244 14.02 -3.83 -40.45
CA GLU C 244 14.10 -4.32 -41.82
C GLU C 244 13.78 -5.79 -41.94
N MET C 245 13.96 -6.57 -40.87
CA MET C 245 13.68 -8.00 -40.89
C MET C 245 12.18 -8.28 -40.93
N LYS C 246 11.37 -7.48 -40.25
CA LYS C 246 9.93 -7.70 -40.24
C LYS C 246 9.32 -7.42 -41.61
N GLU C 247 9.94 -6.53 -42.39
CA GLU C 247 9.44 -6.19 -43.71
C GLU C 247 9.50 -7.36 -44.68
N ARG C 248 10.47 -8.26 -44.51
CA ARG C 248 10.63 -9.41 -45.37
C ARG C 248 9.99 -10.68 -44.81
N GLY C 249 9.41 -10.62 -43.61
CA GLY C 249 8.79 -11.78 -43.02
C GLY C 249 9.78 -12.87 -42.68
N GLY C 250 10.93 -12.48 -42.14
CA GLY C 250 11.97 -13.44 -41.78
C GLY C 250 12.23 -13.54 -40.28
N ASN C 251 12.89 -14.63 -39.87
CA ASN C 251 13.21 -14.85 -38.48
C ASN C 251 14.59 -14.28 -38.15
N GLN C 252 14.87 -14.17 -36.86
CA GLN C 252 16.15 -13.62 -36.41
C GLN C 252 17.01 -14.64 -35.67
N THR C 253 16.46 -15.29 -34.65
CA THR C 253 17.21 -16.28 -33.88
C THR C 253 17.21 -17.64 -34.58
N SER C 254 18.36 -18.29 -34.55
CA SER C 254 18.54 -19.59 -35.17
C SER C 254 19.34 -20.48 -34.22
N GLY C 255 19.02 -21.78 -34.22
CA GLY C 255 19.73 -22.68 -33.33
C GLY C 255 19.30 -22.48 -31.89
N ILE C 256 20.22 -22.78 -30.97
CA ILE C 256 19.96 -22.63 -29.54
C ILE C 256 21.05 -21.76 -28.93
N ASP C 257 20.64 -20.74 -28.19
CA ASP C 257 21.55 -19.81 -27.55
C ASP C 257 21.73 -20.17 -26.07
N PHE C 258 22.86 -19.74 -25.52
CA PHE C 258 23.20 -20.02 -24.13
C PHE C 258 23.63 -18.72 -23.45
N PHE C 259 23.30 -18.61 -22.16
CA PHE C 259 23.65 -17.43 -21.38
C PHE C 259 23.45 -17.73 -19.90
N ILE C 260 24.35 -17.22 -19.07
CA ILE C 260 24.28 -17.42 -17.62
C ILE C 260 24.46 -16.05 -16.97
N THR C 261 23.62 -15.75 -15.98
CA THR C 261 23.71 -14.47 -15.29
C THR C 261 24.61 -14.58 -14.06
N GLN C 262 24.78 -13.43 -13.38
CA GLN C 262 25.63 -13.40 -12.19
C GLN C 262 25.03 -14.20 -11.04
N GLU C 263 23.76 -14.59 -11.14
CA GLU C 263 23.09 -15.36 -10.13
C GLU C 263 23.20 -16.86 -10.38
N ARG C 264 23.96 -17.25 -11.41
CA ARG C 264 24.18 -18.65 -11.79
C ARG C 264 22.90 -19.31 -12.28
N ILE C 265 22.20 -18.63 -13.18
CA ILE C 265 20.95 -19.11 -13.76
C ILE C 265 21.16 -19.22 -15.26
N VAL C 266 20.90 -20.40 -15.81
CA VAL C 266 21.07 -20.65 -17.24
C VAL C 266 19.80 -20.28 -18.00
N PHE C 267 19.98 -19.59 -19.12
CA PHE C 267 18.89 -19.14 -19.98
C PHE C 267 19.16 -19.68 -21.38
N LEU C 268 18.17 -20.33 -21.98
CA LEU C 268 18.30 -20.90 -23.32
C LEU C 268 17.27 -20.30 -24.26
N ASP C 269 17.74 -19.79 -25.39
CA ASP C 269 16.90 -19.18 -26.41
C ASP C 269 16.97 -20.06 -27.66
N THR C 270 15.82 -20.45 -28.19
CA THR C 270 15.77 -21.29 -29.37
C THR C 270 15.07 -20.59 -30.53
N GLN C 271 15.25 -21.18 -31.72
CA GLN C 271 14.67 -20.72 -32.96
C GLN C 271 13.18 -21.00 -33.00
N PRO C 272 12.42 -20.27 -33.81
CA PRO C 272 10.97 -20.50 -33.88
C PRO C 272 10.64 -21.89 -34.43
N ILE C 273 9.52 -22.43 -33.96
CA ILE C 273 9.05 -23.74 -34.37
C ILE C 273 8.05 -23.59 -35.52
N LEU C 274 8.18 -24.45 -36.52
CA LEU C 274 7.31 -24.46 -37.69
C LEU C 274 7.30 -23.08 -38.37
N SER C 275 8.47 -22.47 -38.40
CA SER C 275 8.76 -21.15 -38.97
C SER C 275 8.65 -21.17 -40.50
N PRO C 276 7.91 -20.20 -41.06
CA PRO C 276 7.77 -20.15 -42.51
C PRO C 276 9.06 -19.64 -43.16
N SER C 277 9.78 -18.77 -42.44
CA SER C 277 11.03 -18.24 -42.96
C SER C 277 12.07 -19.33 -43.12
N ILE C 278 12.19 -20.22 -42.13
CA ILE C 278 13.15 -21.32 -42.21
C ILE C 278 12.80 -22.24 -43.36
N LEU C 279 11.51 -22.56 -43.52
CA LEU C 279 11.10 -23.43 -44.60
C LEU C 279 11.40 -22.79 -45.95
N ASP C 280 11.09 -21.49 -46.09
CA ASP C 280 11.35 -20.79 -47.35
C ASP C 280 12.84 -20.80 -47.64
N HIS C 281 13.67 -20.59 -46.62
CA HIS C 281 15.11 -20.59 -46.82
C HIS C 281 15.58 -21.96 -47.29
N LEU C 282 15.00 -23.02 -46.73
CA LEU C 282 15.39 -24.37 -47.13
C LEU C 282 14.89 -24.71 -48.53
N ILE C 283 13.84 -24.03 -49.01
CA ILE C 283 13.33 -24.31 -50.35
C ILE C 283 14.40 -23.97 -51.39
N ASN C 284 15.07 -22.84 -51.23
CA ASN C 284 16.11 -22.41 -52.17
C ASN C 284 17.44 -23.07 -51.85
N ASN C 285 17.41 -24.41 -51.86
CA ASN C 285 18.60 -25.20 -51.57
C ASN C 285 18.52 -26.57 -52.24
N TYR C 293 13.55 -36.21 -45.84
CA TYR C 293 14.06 -36.55 -47.15
C TYR C 293 12.99 -36.39 -48.23
N ASN C 294 11.74 -36.66 -47.86
CA ASN C 294 10.63 -36.54 -48.81
C ASN C 294 10.41 -35.08 -49.20
N LEU C 295 10.06 -34.25 -48.22
CA LEU C 295 9.81 -32.84 -48.45
C LEU C 295 10.39 -32.03 -47.30
N PRO C 296 10.80 -30.79 -47.56
CA PRO C 296 11.37 -29.96 -46.46
C PRO C 296 10.39 -29.69 -45.34
N HIS C 297 9.08 -29.76 -45.61
CA HIS C 297 8.09 -29.52 -44.56
C HIS C 297 8.24 -30.52 -43.43
N THR C 298 8.44 -31.79 -43.77
CA THR C 298 8.60 -32.82 -42.73
C THR C 298 9.86 -32.55 -41.92
N TYR C 299 10.93 -32.12 -42.58
CA TYR C 299 12.19 -31.84 -41.88
C TYR C 299 12.00 -30.69 -40.89
N VAL C 300 11.31 -29.63 -41.33
CA VAL C 300 11.07 -28.48 -40.46
C VAL C 300 10.19 -28.90 -39.28
N GLU C 301 9.23 -29.79 -39.52
CA GLU C 301 8.37 -30.25 -38.46
C GLU C 301 9.11 -31.12 -37.45
N MET C 302 10.03 -31.96 -37.93
CA MET C 302 10.79 -32.82 -37.04
C MET C 302 11.80 -32.04 -36.22
N GLN C 303 12.39 -30.99 -36.79
CA GLN C 303 13.37 -30.20 -36.05
C GLN C 303 12.73 -29.58 -34.81
N SER C 304 11.52 -29.06 -34.96
CA SER C 304 10.81 -28.45 -33.84
C SER C 304 10.57 -29.47 -32.74
N LEU C 305 10.16 -30.68 -33.12
CA LEU C 305 9.91 -31.72 -32.12
C LEU C 305 11.20 -32.10 -31.40
N GLN C 306 12.31 -32.18 -32.14
CA GLN C 306 13.59 -32.53 -31.53
C GLN C 306 13.98 -31.48 -30.51
N ILE C 307 13.87 -30.21 -30.87
CA ILE C 307 14.23 -29.12 -29.95
C ILE C 307 13.32 -29.15 -28.73
N ALA C 308 12.02 -29.35 -28.93
CA ALA C 308 11.08 -29.39 -27.81
C ALA C 308 11.42 -30.54 -26.86
N ALA C 309 11.72 -31.72 -27.40
CA ALA C 309 12.05 -32.86 -26.54
C ALA C 309 13.33 -32.59 -25.76
N PHE C 310 14.34 -32.03 -26.42
CA PHE C 310 15.60 -31.75 -25.74
C PHE C 310 15.36 -30.77 -24.60
N LEU C 311 14.59 -29.71 -24.86
CA LEU C 311 14.31 -28.73 -23.81
C LEU C 311 13.52 -29.36 -22.68
N PHE C 312 12.55 -30.22 -23.01
CA PHE C 312 11.73 -30.86 -21.99
C PHE C 312 12.55 -31.80 -21.10
N THR C 313 13.64 -32.36 -21.61
CA THR C 313 14.45 -33.26 -20.79
C THR C 313 15.68 -32.61 -20.15
N VAL C 314 16.08 -31.41 -20.56
CA VAL C 314 17.26 -30.81 -19.94
C VAL C 314 16.96 -29.48 -19.24
N CYS C 315 15.70 -29.08 -19.15
CA CYS C 315 15.35 -27.82 -18.50
C CYS C 315 14.40 -28.05 -17.34
N HIS C 316 14.44 -27.11 -16.40
CA HIS C 316 13.60 -27.14 -15.20
C HIS C 316 12.24 -26.51 -15.46
N VAL C 317 12.21 -25.44 -16.25
CA VAL C 317 10.98 -24.72 -16.58
C VAL C 317 11.06 -24.35 -18.06
N VAL C 318 9.92 -24.48 -18.75
CA VAL C 318 9.83 -24.16 -20.17
C VAL C 318 8.71 -23.14 -20.32
N ILE C 319 9.01 -22.01 -20.94
CA ILE C 319 8.04 -20.95 -21.16
C ILE C 319 7.57 -20.97 -22.60
N VAL C 320 6.26 -20.88 -22.80
CA VAL C 320 5.64 -20.89 -24.12
C VAL C 320 5.15 -19.47 -24.37
N VAL C 321 5.61 -18.86 -25.46
CA VAL C 321 5.23 -17.49 -25.82
C VAL C 321 4.24 -17.54 -26.97
N GLN C 322 3.13 -16.80 -26.83
CA GLN C 322 2.09 -16.75 -27.85
C GLN C 322 1.69 -15.31 -28.11
N ASP C 323 1.33 -15.01 -29.37
CA ASP C 323 0.92 -13.65 -29.73
C ASP C 323 -0.58 -13.46 -29.47
N TRP C 324 -1.37 -14.48 -29.81
CA TRP C 324 -2.81 -14.44 -29.62
C TRP C 324 -3.18 -15.65 -28.77
N PHE C 325 -4.31 -15.57 -28.08
CA PHE C 325 -4.78 -16.63 -27.21
C PHE C 325 -5.46 -17.78 -27.96
N THR C 326 -5.12 -19.01 -27.55
CA THR C 326 -5.61 -20.29 -28.06
C THR C 326 -5.43 -20.60 -29.54
N ASP C 327 -4.19 -20.85 -29.97
CA ASP C 327 -3.95 -21.18 -31.37
C ASP C 327 -4.62 -22.51 -31.72
N LEU C 328 -4.82 -23.36 -30.70
CA LEU C 328 -5.44 -24.69 -30.75
C LEU C 328 -4.52 -25.71 -31.42
N SER C 329 -3.44 -25.23 -32.04
CA SER C 329 -2.50 -26.12 -32.69
C SER C 329 -1.21 -26.28 -31.91
N LEU C 330 -0.95 -25.38 -30.96
CA LEU C 330 0.25 -25.45 -30.16
C LEU C 330 0.14 -26.52 -29.08
N TYR C 331 -1.06 -26.73 -28.55
CA TYR C 331 -1.25 -27.73 -27.51
C TYR C 331 -0.99 -29.13 -28.05
N ARG C 332 -1.45 -29.41 -29.27
CA ARG C 332 -1.23 -30.72 -29.87
C ARG C 332 0.27 -30.95 -30.06
N PHE C 333 0.99 -29.91 -30.51
CA PHE C 333 2.42 -30.02 -30.72
C PHE C 333 3.14 -30.27 -29.40
N LEU C 334 2.71 -29.58 -28.33
CA LEU C 334 3.33 -29.77 -27.03
C LEU C 334 3.10 -31.17 -26.51
N GLN C 335 1.88 -31.71 -26.71
CA GLN C 335 1.60 -33.06 -26.24
C GLN C 335 2.33 -34.12 -27.07
N THR C 336 2.48 -33.91 -28.37
CA THR C 336 3.18 -34.91 -29.17
C THR C 336 4.69 -34.84 -28.95
N ALA C 337 5.21 -33.66 -28.58
CA ALA C 337 6.64 -33.53 -28.34
C ALA C 337 7.07 -34.33 -27.12
N GLU C 338 6.19 -34.41 -26.13
CA GLU C 338 6.38 -35.12 -24.87
C GLU C 338 6.33 -36.63 -25.04
N MET C 339 5.60 -37.10 -26.03
CA MET C 339 5.46 -38.52 -26.31
C MET C 339 6.66 -39.11 -27.04
N VAL C 340 7.55 -38.28 -27.58
CA VAL C 340 8.73 -38.74 -28.30
C VAL C 340 10.02 -38.36 -27.59
N LYS C 341 9.97 -38.16 -26.27
CA LYS C 341 11.18 -37.80 -25.53
C LYS C 341 12.14 -38.99 -25.48
N PRO C 342 13.42 -38.72 -25.20
CA PRO C 342 14.41 -39.82 -25.13
C PRO C 342 14.04 -40.91 -24.13
N SER C 343 13.88 -40.53 -22.86
CA SER C 343 13.53 -41.49 -21.83
C SER C 343 13.02 -40.80 -20.58
N THR C 361 9.72 -43.60 -12.53
CA THR C 361 9.90 -42.19 -12.15
C THR C 361 10.40 -41.37 -13.33
N GLU C 362 9.48 -40.88 -14.14
CA GLU C 362 9.80 -40.07 -15.31
C GLU C 362 9.80 -38.59 -14.92
N TYR C 363 10.81 -37.87 -15.40
CA TYR C 363 10.94 -36.45 -15.10
C TYR C 363 10.13 -35.61 -16.07
N TYR C 364 9.41 -34.63 -15.53
CA TYR C 364 8.57 -33.73 -16.31
C TYR C 364 8.82 -32.32 -15.80
N PRO C 365 9.24 -31.40 -16.66
CA PRO C 365 9.50 -30.03 -16.21
C PRO C 365 8.22 -29.22 -16.07
N HIS C 366 8.38 -28.02 -15.52
CA HIS C 366 7.25 -27.13 -15.33
C HIS C 366 6.96 -26.38 -16.63
N LEU C 367 5.70 -26.03 -16.83
CA LEU C 367 5.30 -25.32 -18.03
C LEU C 367 4.65 -24.00 -17.65
N VAL C 368 5.00 -22.95 -18.38
CA VAL C 368 4.48 -21.61 -18.15
C VAL C 368 3.89 -21.09 -19.45
N PHE C 369 2.64 -20.62 -19.39
CA PHE C 369 1.93 -20.08 -20.54
C PHE C 369 2.01 -18.56 -20.47
N LEU C 370 2.76 -17.97 -21.39
CA LEU C 370 2.93 -16.52 -21.44
C LEU C 370 2.23 -15.94 -22.67
N GLN C 371 1.27 -15.06 -22.42
CA GLN C 371 0.51 -14.41 -23.48
C GLN C 371 1.13 -13.03 -23.69
N ASN C 372 1.84 -12.87 -24.80
CA ASN C 372 2.48 -11.61 -25.14
C ASN C 372 1.54 -10.68 -25.88
N LYS C 373 1.81 -9.38 -25.76
CA LYS C 373 1.01 -8.33 -26.41
C LYS C 373 -0.45 -8.38 -25.98
N ALA C 374 -0.68 -8.55 -24.69
CA ALA C 374 -2.03 -8.61 -24.16
C ALA C 374 -2.68 -7.23 -24.21
N ARG C 375 -3.97 -7.22 -24.51
CA ARG C 375 -4.74 -5.99 -24.61
C ARG C 375 -5.60 -5.80 -23.35
N ARG C 376 -6.28 -4.65 -23.30
CA ARG C 376 -7.14 -4.31 -22.17
C ARG C 376 -8.27 -5.33 -21.98
N GLU C 377 -8.87 -5.79 -23.08
CA GLU C 377 -9.96 -6.76 -22.98
C GLU C 377 -9.52 -8.10 -22.39
N ASP C 378 -8.21 -8.37 -22.36
CA ASP C 378 -7.70 -9.62 -21.81
C ASP C 378 -7.41 -9.55 -20.32
N PHE C 379 -7.51 -8.37 -19.70
CA PHE C 379 -7.26 -8.21 -18.27
C PHE C 379 -8.54 -8.17 -17.45
N CYS C 380 -9.65 -8.61 -18.02
CA CYS C 380 -10.93 -8.63 -17.33
C CYS C 380 -11.11 -9.97 -16.64
N PRO C 381 -11.66 -10.00 -15.42
CA PRO C 381 -11.85 -11.28 -14.73
C PRO C 381 -12.70 -12.27 -15.50
N ARG C 382 -13.70 -11.77 -16.23
CA ARG C 382 -14.58 -12.64 -17.00
C ARG C 382 -13.78 -13.41 -18.05
N LYS C 383 -12.89 -12.73 -18.77
CA LYS C 383 -12.09 -13.39 -19.78
C LYS C 383 -10.98 -14.23 -19.15
N LEU C 384 -10.46 -13.79 -18.00
CA LEU C 384 -9.41 -14.54 -17.33
C LEU C 384 -9.91 -15.91 -16.92
N ARG C 385 -11.14 -15.98 -16.39
CA ARG C 385 -11.71 -17.27 -16.00
C ARG C 385 -11.85 -18.18 -17.20
N GLN C 386 -12.30 -17.64 -18.34
CA GLN C 386 -12.46 -18.45 -19.53
C GLN C 386 -11.12 -18.97 -20.02
N MET C 387 -10.08 -18.12 -19.96
CA MET C 387 -8.77 -18.54 -20.39
C MET C 387 -8.26 -19.69 -19.53
N HIS C 388 -8.43 -19.57 -18.21
CA HIS C 388 -8.00 -20.62 -17.30
C HIS C 388 -8.76 -21.91 -17.57
N LEU C 389 -10.06 -21.81 -17.78
CA LEU C 389 -10.87 -22.99 -18.04
C LEU C 389 -10.43 -23.69 -19.33
N MET C 390 -10.21 -22.91 -20.39
CA MET C 390 -9.79 -23.50 -21.65
C MET C 390 -8.42 -24.17 -21.52
N ILE C 391 -7.49 -23.54 -20.80
CA ILE C 391 -6.17 -24.14 -20.63
C ILE C 391 -6.28 -25.44 -19.86
N ASP C 392 -7.05 -25.44 -18.77
CA ASP C 392 -7.22 -26.65 -17.96
C ASP C 392 -7.86 -27.78 -18.75
N GLN C 393 -8.86 -27.46 -19.58
CA GLN C 393 -9.51 -28.51 -20.36
C GLN C 393 -8.71 -28.97 -21.56
N LEU C 394 -7.80 -28.15 -22.10
CA LEU C 394 -7.02 -28.56 -23.26
C LEU C 394 -5.81 -29.41 -22.93
N MET C 395 -5.43 -29.52 -21.65
CA MET C 395 -4.27 -30.32 -21.24
C MET C 395 -4.61 -31.15 -20.01
N ALA C 396 -5.77 -31.82 -20.04
CA ALA C 396 -6.20 -32.64 -18.91
C ALA C 396 -5.36 -33.90 -18.74
N HIS C 397 -4.68 -34.35 -19.80
CA HIS C 397 -3.85 -35.55 -19.74
C HIS C 397 -2.49 -35.28 -20.36
N SER C 398 -1.85 -34.19 -19.95
CA SER C 398 -0.54 -33.83 -20.48
C SER C 398 0.63 -34.35 -19.64
N HIS C 399 0.42 -34.58 -18.34
CA HIS C 399 1.45 -35.08 -17.42
C HIS C 399 2.48 -34.01 -17.10
N LEU C 400 2.41 -32.85 -17.75
CA LEU C 400 3.36 -31.78 -17.50
C LEU C 400 2.89 -30.94 -16.31
N ARG C 401 3.83 -30.31 -15.65
CA ARG C 401 3.52 -29.47 -14.49
C ARG C 401 3.16 -28.07 -14.97
N TYR C 402 1.93 -27.95 -15.48
CA TYR C 402 1.40 -26.70 -15.98
C TYR C 402 0.52 -25.96 -14.97
N LYS C 403 0.40 -26.48 -13.75
CA LYS C 403 -0.42 -25.84 -12.74
C LYS C 403 0.22 -26.08 -11.38
N GLY C 404 -0.18 -25.25 -10.40
CA GLY C 404 0.31 -25.34 -9.05
C GLY C 404 1.25 -24.23 -8.62
N THR C 405 1.94 -23.59 -9.56
CA THR C 405 2.86 -22.51 -9.21
C THR C 405 2.69 -21.37 -10.20
N LEU C 406 3.39 -20.27 -9.93
CA LEU C 406 3.36 -19.07 -10.76
C LEU C 406 1.92 -18.62 -10.99
N SER C 407 1.30 -18.19 -9.90
CA SER C 407 -0.08 -17.73 -9.91
C SER C 407 -0.06 -16.21 -9.94
N MET C 408 -0.48 -15.62 -11.07
CA MET C 408 -0.50 -14.17 -11.18
C MET C 408 -1.55 -13.53 -10.28
N LEU C 409 -2.44 -14.33 -9.69
CA LEU C 409 -3.47 -13.80 -8.80
C LEU C 409 -2.86 -13.37 -7.47
N GLN C 410 -1.78 -14.02 -7.06
CA GLN C 410 -1.10 -13.71 -5.81
C GLN C 410 -0.06 -12.61 -5.96
N CYS C 411 0.23 -12.18 -7.19
CA CYS C 411 1.20 -11.14 -7.46
C CYS C 411 0.57 -9.75 -7.44
N ASN C 412 -0.68 -9.67 -6.96
CA ASN C 412 -1.43 -8.42 -6.86
C ASN C 412 -1.84 -7.86 -8.22
N VAL C 413 -1.91 -8.71 -9.25
CA VAL C 413 -2.29 -8.22 -10.56
C VAL C 413 -3.77 -7.80 -10.55
N PHE C 414 -4.60 -8.54 -9.82
CA PHE C 414 -6.03 -8.27 -9.67
C PHE C 414 -6.24 -8.10 -8.18
N PRO C 415 -6.06 -6.88 -7.66
CA PRO C 415 -6.23 -6.61 -6.23
C PRO C 415 -7.44 -7.21 -5.51
N GLY C 416 -8.65 -6.93 -5.97
CA GLY C 416 -9.81 -7.47 -5.29
C GLY C 416 -10.41 -8.78 -5.77
N LEU C 417 -9.75 -9.48 -6.69
CA LEU C 417 -10.30 -10.74 -7.18
C LEU C 417 -10.08 -11.84 -6.14
N PRO C 418 -11.14 -12.49 -5.65
CA PRO C 418 -10.96 -13.54 -4.66
C PRO C 418 -10.42 -14.81 -5.30
N PRO C 419 -9.64 -15.59 -4.56
CA PRO C 419 -9.08 -16.83 -5.13
C PRO C 419 -10.14 -17.85 -5.55
N ASP C 420 -11.30 -17.87 -4.91
CA ASP C 420 -12.36 -18.81 -5.26
C ASP C 420 -13.00 -18.52 -6.60
N PHE C 421 -12.73 -17.36 -7.20
CA PHE C 421 -13.31 -17.02 -8.50
C PHE C 421 -12.83 -17.94 -9.60
N LEU C 422 -11.65 -18.54 -9.43
CA LEU C 422 -11.07 -19.45 -10.41
C LEU C 422 -11.18 -20.89 -9.92
N ASP C 423 -11.73 -21.75 -10.78
CA ASP C 423 -11.87 -23.16 -10.40
C ASP C 423 -10.51 -23.84 -10.32
N SER C 424 -9.59 -23.45 -11.19
CA SER C 424 -8.25 -24.01 -11.24
C SER C 424 -7.33 -22.95 -11.83
N GLU C 425 -6.21 -22.67 -11.17
CA GLU C 425 -5.27 -21.67 -11.65
C GLU C 425 -4.07 -22.34 -12.29
N VAL C 426 -3.92 -22.14 -13.60
CA VAL C 426 -2.83 -22.71 -14.39
C VAL C 426 -1.68 -21.70 -14.41
N ASN C 427 -0.50 -22.13 -14.84
CA ASN C 427 0.65 -21.25 -14.92
C ASN C 427 0.45 -20.31 -16.10
N LEU C 428 -0.21 -19.18 -15.86
CA LEU C 428 -0.49 -18.20 -16.91
C LEU C 428 -0.09 -16.80 -16.45
N PHE C 429 0.48 -16.04 -17.38
CA PHE C 429 0.92 -14.67 -17.13
C PHE C 429 0.63 -13.86 -18.38
N LEU C 430 0.37 -12.56 -18.21
CA LEU C 430 0.06 -11.68 -19.32
C LEU C 430 1.06 -10.54 -19.41
N VAL C 431 1.54 -10.28 -20.63
CA VAL C 431 2.50 -9.22 -20.92
C VAL C 431 1.86 -8.32 -21.98
N PRO C 432 1.59 -7.05 -21.68
CA PRO C 432 0.97 -6.18 -22.68
C PRO C 432 1.96 -5.52 -23.64
N PHE C 433 1.45 -4.64 -24.48
CA PHE C 433 2.27 -3.92 -25.45
C PHE C 433 3.20 -2.96 -24.74
N MET C 434 4.42 -2.83 -25.25
CA MET C 434 5.38 -1.93 -24.65
C MET C 434 4.94 -0.48 -24.83
N ASP C 435 5.21 0.35 -23.84
CA ASP C 435 4.83 1.75 -23.88
C ASP C 435 5.57 2.50 -24.99
N PRO C 452 -5.63 22.51 -13.74
CA PRO C 452 -4.32 22.47 -14.35
C PRO C 452 -3.78 21.04 -14.49
N LEU C 453 -3.85 20.27 -13.41
CA LEU C 453 -3.37 18.90 -13.45
C LEU C 453 -4.34 17.97 -14.16
N PHE C 454 -5.60 18.39 -14.30
CA PHE C 454 -6.59 17.54 -14.96
C PHE C 454 -6.28 17.37 -16.45
N SER C 455 -5.85 18.44 -17.11
CA SER C 455 -5.53 18.37 -18.54
C SER C 455 -4.33 17.49 -18.84
N LEU C 456 -3.49 17.19 -17.86
CA LEU C 456 -2.33 16.36 -18.07
C LEU C 456 -2.55 14.89 -17.70
N LEU C 457 -3.78 14.51 -17.36
CA LEU C 457 -4.04 13.14 -17.00
C LEU C 457 -3.78 12.22 -18.18
N PRO C 458 -3.13 11.07 -17.97
CA PRO C 458 -2.86 10.16 -19.09
C PRO C 458 -4.10 9.37 -19.47
N GLY C 459 -4.01 8.73 -20.64
CA GLY C 459 -5.12 7.94 -21.13
C GLY C 459 -5.32 6.68 -20.30
N TYR C 460 -6.53 6.14 -20.38
CA TYR C 460 -6.86 4.93 -19.64
C TYR C 460 -6.42 3.70 -20.42
N ARG C 461 -5.64 2.83 -19.79
CA ARG C 461 -5.17 1.62 -20.45
C ARG C 461 -5.85 0.35 -19.93
N GLY C 462 -6.30 0.34 -18.69
CA GLY C 462 -6.96 -0.83 -18.14
C GLY C 462 -6.08 -2.00 -17.74
N HIS C 463 -4.79 -1.77 -17.52
CA HIS C 463 -3.88 -2.84 -17.13
C HIS C 463 -2.62 -2.21 -16.54
N PRO C 464 -1.87 -2.97 -15.74
CA PRO C 464 -0.65 -2.42 -15.15
C PRO C 464 0.41 -2.12 -16.21
N SER C 465 1.42 -1.36 -15.79
CA SER C 465 2.51 -0.98 -16.68
C SER C 465 3.30 -2.19 -17.15
N PHE C 466 3.94 -2.04 -18.30
CA PHE C 466 4.76 -3.11 -18.88
C PHE C 466 5.95 -3.44 -18.00
N GLN C 467 6.62 -2.41 -17.46
CA GLN C 467 7.78 -2.64 -16.60
C GLN C 467 7.40 -3.39 -15.33
N SER C 468 6.26 -3.04 -14.72
CA SER C 468 5.83 -3.70 -13.50
C SER C 468 5.57 -5.19 -13.74
N LEU C 469 4.85 -5.51 -14.82
CA LEU C 469 4.56 -6.91 -15.12
C LEU C 469 5.83 -7.68 -15.43
N VAL C 470 6.76 -7.06 -16.17
CA VAL C 470 8.01 -7.74 -16.50
C VAL C 470 8.79 -8.03 -15.22
N SER C 471 8.83 -7.05 -14.31
CA SER C 471 9.55 -7.24 -13.05
C SER C 471 8.92 -8.36 -12.23
N LYS C 472 7.58 -8.40 -12.18
CA LYS C 472 6.91 -9.45 -11.42
C LYS C 472 7.22 -10.82 -12.00
N LEU C 473 7.16 -10.93 -13.33
CA LEU C 473 7.46 -12.21 -13.97
C LEU C 473 8.90 -12.64 -13.70
N ARG C 474 9.84 -11.69 -13.78
CA ARG C 474 11.23 -12.03 -13.53
C ARG C 474 11.42 -12.47 -12.08
N SER C 475 10.73 -11.80 -11.15
CA SER C 475 10.83 -12.17 -9.74
C SER C 475 10.30 -13.57 -9.50
N GLN C 476 9.19 -13.93 -10.16
CA GLN C 476 8.63 -15.27 -9.97
C GLN C 476 9.44 -16.35 -10.66
N VAL C 477 10.03 -16.07 -11.82
CA VAL C 477 10.82 -17.08 -12.52
C VAL C 477 12.09 -17.42 -11.73
N MET C 478 12.68 -16.44 -11.06
CA MET C 478 13.89 -16.69 -10.27
C MET C 478 13.63 -17.58 -9.06
N SER C 479 12.37 -17.69 -8.62
CA SER C 479 12.01 -18.51 -7.47
C SER C 479 11.43 -19.87 -7.85
N MET C 480 11.61 -20.31 -9.09
CA MET C 480 11.08 -21.60 -9.50
C MET C 480 11.82 -22.73 -8.81
N ALA C 481 11.14 -23.87 -8.68
CA ALA C 481 11.72 -25.04 -8.04
C ALA C 481 12.87 -25.58 -8.88
N ARG C 482 13.80 -26.28 -8.22
CA ARG C 482 14.95 -26.87 -8.89
C ARG C 482 15.06 -28.36 -8.56
N PRO C 483 14.20 -29.19 -9.16
CA PRO C 483 14.26 -30.62 -8.89
C PRO C 483 15.48 -31.27 -9.52
N GLN C 484 15.61 -32.59 -9.39
CA GLN C 484 16.75 -33.30 -9.95
C GLN C 484 16.40 -33.85 -11.33
N LEU C 485 17.27 -33.57 -12.30
CA LEU C 485 17.04 -34.04 -13.67
C LEU C 485 17.21 -35.55 -13.76
N SER C 486 18.36 -36.05 -13.32
CA SER C 486 18.67 -37.48 -13.34
C SER C 486 18.86 -37.98 -11.92
N HIS C 487 19.26 -39.24 -11.80
CA HIS C 487 19.47 -39.87 -10.49
C HIS C 487 20.91 -39.66 -10.02
N THR C 488 21.33 -38.41 -10.04
CA THR C 488 22.67 -38.00 -9.63
C THR C 488 22.71 -36.50 -9.50
N ILE C 489 23.30 -36.02 -8.40
CA ILE C 489 23.41 -34.59 -8.16
C ILE C 489 24.39 -34.02 -9.18
N LEU C 490 23.90 -33.16 -10.06
CA LEU C 490 24.73 -32.56 -11.09
C LEU C 490 25.17 -31.15 -10.74
N THR C 491 26.33 -30.77 -11.25
CA THR C 491 26.91 -29.46 -11.04
C THR C 491 26.75 -28.65 -12.32
N GLU C 492 27.30 -27.43 -12.31
CA GLU C 492 27.20 -26.61 -13.51
C GLU C 492 27.96 -27.22 -14.68
N LYS C 493 29.13 -27.80 -14.43
CA LYS C 493 29.92 -28.43 -15.49
C LYS C 493 29.37 -29.78 -15.90
N ASN C 494 28.81 -30.55 -14.97
CA ASN C 494 28.27 -31.85 -15.30
C ASN C 494 27.01 -31.74 -16.15
N TRP C 495 26.20 -30.69 -15.92
CA TRP C 495 24.99 -30.51 -16.70
C TRP C 495 25.32 -30.33 -18.18
N PHE C 496 26.46 -29.71 -18.46
CA PHE C 496 26.86 -29.51 -19.85
C PHE C 496 27.06 -30.86 -20.55
N HIS C 497 27.77 -31.79 -19.90
CA HIS C 497 27.99 -33.09 -20.48
C HIS C 497 26.69 -33.87 -20.59
N TYR C 498 25.83 -33.76 -19.57
CA TYR C 498 24.55 -34.46 -19.62
C TYR C 498 23.72 -33.98 -20.80
N ALA C 499 23.67 -32.66 -20.99
CA ALA C 499 22.92 -32.07 -22.09
C ALA C 499 23.52 -32.48 -23.43
N ALA C 500 24.84 -32.53 -23.53
CA ALA C 500 25.47 -32.93 -24.78
C ALA C 500 25.09 -34.36 -25.13
N ARG C 501 25.12 -35.26 -24.13
CA ARG C 501 24.76 -36.64 -24.39
C ARG C 501 23.30 -36.74 -24.79
N ILE C 502 22.43 -35.94 -24.15
CA ILE C 502 21.01 -35.96 -24.47
C ILE C 502 20.80 -35.50 -25.90
N TRP C 503 21.48 -34.43 -26.32
CA TRP C 503 21.32 -33.94 -27.69
C TRP C 503 21.79 -34.99 -28.68
N ASP C 504 22.92 -35.64 -28.40
CA ASP C 504 23.44 -36.67 -29.30
C ASP C 504 22.45 -37.82 -29.41
N GLY C 505 21.83 -38.22 -28.29
CA GLY C 505 20.87 -39.30 -28.34
C GLY C 505 19.58 -38.92 -29.02
N VAL C 506 19.18 -37.65 -28.91
CA VAL C 506 17.94 -37.19 -29.55
C VAL C 506 18.11 -37.16 -31.05
N ARG C 507 19.27 -36.70 -31.53
CA ARG C 507 19.49 -36.64 -32.97
C ARG C 507 19.34 -38.02 -33.60
N LYS C 508 20.05 -39.00 -33.05
CA LYS C 508 19.99 -40.38 -33.54
C LYS C 508 19.05 -41.24 -32.71
N SER C 509 17.78 -40.83 -32.63
CA SER C 509 16.79 -41.56 -31.85
C SER C 509 15.93 -42.44 -32.75
N SER C 510 15.12 -43.29 -32.10
CA SER C 510 14.22 -44.21 -32.80
C SER C 510 12.77 -43.74 -32.82
N ALA C 511 12.27 -43.18 -31.71
CA ALA C 511 10.89 -42.71 -31.68
C ALA C 511 10.67 -41.59 -32.70
N LEU C 512 11.62 -40.66 -32.78
CA LEU C 512 11.48 -39.56 -33.72
C LEU C 512 11.47 -40.09 -35.16
N ALA C 513 12.33 -41.06 -35.46
CA ALA C 513 12.37 -41.62 -36.81
C ALA C 513 11.06 -42.33 -37.12
N GLU C 514 10.51 -43.05 -36.13
CA GLU C 514 9.25 -43.76 -36.34
C GLU C 514 8.14 -42.76 -36.64
N TYR C 515 8.10 -41.65 -35.91
CA TYR C 515 7.07 -40.64 -36.14
C TYR C 515 7.26 -39.98 -37.50
N SER C 516 8.52 -39.75 -37.89
CA SER C 516 8.80 -39.13 -39.19
C SER C 516 8.35 -40.02 -40.33
N ARG C 517 8.53 -41.33 -40.19
CA ARG C 517 8.13 -42.24 -41.26
C ARG C 517 6.62 -42.32 -41.43
N LEU C 518 5.84 -41.83 -40.45
CA LEU C 518 4.39 -41.85 -40.54
C LEU C 518 3.81 -40.67 -41.31
N LEU C 519 4.65 -39.71 -41.70
CA LEU C 519 4.18 -38.54 -42.45
C LEU C 519 4.61 -38.64 -43.91
C1 IHP D . 9.44 23.60 36.47
C2 IHP D . 8.68 24.15 35.26
C3 IHP D . 7.64 23.18 34.67
C4 IHP D . 6.86 22.31 35.69
C5 IHP D . 7.73 21.75 36.83
C6 IHP D . 9.21 22.10 36.74
O11 IHP D . 10.81 23.80 36.27
P1 IHP D . 11.77 24.18 37.55
O21 IHP D . 11.52 25.62 37.96
O31 IHP D . 11.46 23.27 38.71
O41 IHP D . 13.22 24.01 37.15
O12 IHP D . 9.63 24.43 34.26
P2 IHP D . 9.77 25.97 33.68
O22 IHP D . 10.94 26.66 34.33
O32 IHP D . 9.98 25.92 32.19
O42 IHP D . 8.51 26.73 33.98
O13 IHP D . 6.78 23.84 33.75
P3 IHP D . 5.75 25.08 34.11
O23 IHP D . 6.08 25.75 35.43
O33 IHP D . 5.82 26.12 33.01
O43 IHP D . 4.34 24.55 34.18
O14 IHP D . 5.78 23.00 36.27
P4 IHP D . 4.39 22.15 36.54
O24 IHP D . 3.55 22.89 37.56
O34 IHP D . 3.62 22.03 35.25
O44 IHP D . 4.71 20.77 37.06
O15 IHP D . 7.23 22.25 38.05
P5 IHP D . 7.15 21.23 39.35
O25 IHP D . 7.92 21.83 40.50
O35 IHP D . 5.71 21.04 39.75
O45 IHP D . 7.76 19.91 38.98
O16 IHP D . 9.84 21.33 35.74
P6 IHP D . 10.09 19.72 36.02
O26 IHP D . 8.85 18.95 35.64
O36 IHP D . 11.25 19.25 35.19
O46 IHP D . 10.37 19.51 37.49
PG ANP E . -6.65 -19.59 39.21
O1G ANP E . -7.85 -20.41 39.58
O2G ANP E . -7.04 -18.59 38.04
O3G ANP E . -6.15 -18.77 40.47
PB ANP E . -6.04 -21.87 37.76
O1B ANP E . -5.27 -23.12 38.03
O2B ANP E . -7.53 -22.09 38.14
N3B ANP E . -5.41 -20.60 38.67
PA ANP E . -7.07 -20.63 35.57
O1A ANP E . -8.40 -20.97 36.11
O2A ANP E . -6.66 -19.17 35.75
O3A ANP E . -5.93 -21.52 36.25
O5' ANP E . -7.04 -21.07 34.05
C5' ANP E . -6.79 -20.12 33.00
C4' ANP E . -5.58 -20.57 32.22
O4' ANP E . -5.23 -19.56 31.25
C3' ANP E . -4.31 -20.76 33.05
O3' ANP E . -3.41 -21.65 32.40
C2' ANP E . -3.75 -19.34 33.10
O2' ANP E . -2.32 -19.33 33.19
C1' ANP E . -4.20 -18.75 31.76
N9 ANP E . -4.71 -17.38 31.86
C8 ANP E . -5.50 -16.88 32.86
N7 ANP E . -5.82 -15.62 32.70
C5 ANP E . -5.21 -15.27 31.51
C6 ANP E . -5.17 -14.07 30.77
N6 ANP E . -5.79 -12.94 31.15
N1 ANP E . -4.47 -14.07 29.62
C2 ANP E . -3.85 -15.19 29.23
N3 ANP E . -3.82 -16.37 29.84
C4 ANP E . -4.53 -16.35 30.97
PG ATP F . 12.63 -14.93 -33.85
O1G ATP F . 14.11 -15.12 -33.90
O2G ATP F . 12.10 -14.05 -34.98
O3G ATP F . 11.86 -16.24 -33.82
PB ATP F . 10.92 -13.56 -31.85
O1B ATP F . 10.02 -13.01 -32.87
O2B ATP F . 10.37 -14.59 -30.88
O3B ATP F . 12.21 -14.17 -32.52
PA ATP F . 11.83 -10.84 -31.18
O1A ATP F . 13.16 -10.65 -31.80
O2A ATP F . 11.60 -10.15 -29.84
O3A ATP F . 11.53 -12.37 -30.98
O5' ATP F . 10.70 -10.38 -32.19
C5' ATP F . 9.50 -9.71 -31.73
C4' ATP F . 9.42 -8.34 -32.35
O4' ATP F . 8.23 -7.68 -31.87
C3' ATP F . 10.56 -7.40 -31.98
O3' ATP F . 10.74 -6.40 -32.98
C2' ATP F . 10.07 -6.80 -30.66
O2' ATP F . 10.60 -5.49 -30.46
C1' ATP F . 8.56 -6.73 -30.87
N9 ATP F . 7.78 -7.02 -29.69
C8 ATP F . 7.61 -8.25 -29.10
N7 ATP F . 6.85 -8.24 -28.03
C5 ATP F . 6.50 -6.90 -27.89
C6 ATP F . 5.71 -6.21 -26.95
N6 ATP F . 5.10 -6.81 -25.93
N1 ATP F . 5.56 -4.89 -27.11
C2 ATP F . 6.17 -4.29 -28.14
N3 ATP F . 6.93 -4.83 -29.08
C4 ATP F . 7.06 -6.14 -28.91
MG MG G . 14.41 -14.96 -31.41
#